data_3ETD
#
_entry.id   3ETD
#
_cell.length_a   122.380
_cell.length_b   101.300
_cell.length_c   166.590
_cell.angle_alpha   90.000
_cell.angle_beta   102.460
_cell.angle_gamma   90.000
#
_symmetry.space_group_name_H-M   'P 1 21 1'
#
loop_
_entity.id
_entity.type
_entity.pdbx_description
1 polymer 'GLUD1 protein'
2 non-polymer 'GLUTAMIC ACID'
3 non-polymer 'NADPH DIHYDRO-NICOTINAMIDE-ADENINE-DINUCLEOTIDE PHOSPHATE'
4 non-polymer "GUANOSINE-5'-TRIPHOSPHATE"
5 non-polymer "2,2'-sulfanediylbis(4,6-dichlorophenol)"
6 water water
#
_entity_poly.entity_id   1
_entity_poly.type   'polypeptide(L)'
_entity_poly.pdbx_seq_one_letter_code
;ADREDDPNFFKMVEGFFDRGASIVEDKLVEDLKTRETEEQKRNRVRGILRIIKPCNHVLSLSFPIRRDDGSWEVIEGYRA
QHSQHRTPCKGGIRYSTDVSVDEVKALASLMTYKCAVVDVPFGGAKAGVKINPKNYTDNELEKITRRFTMELAKKGFIGP
GVDVPAPDMSTGEREMSWIADTYASTIGHYDINAHACVTGKPISQGGIHGRISATGRGVFHGIENFINEASYMSILGMTP
GFGDKTFAVQGFGNVGLHSMRYLHRFGAKCVAVGESDGSIWNPDGIDPKELEDFKLQHGTILGFPKAKIYEGSILEVDCD
ILIPAASEKQLTKSNAPRVKAKIIAEGANGPTTPEADKIFLERNIMVIPDLYLNAGGVTVSYFEWLKNLNHVSYGRLTFK
YERDSNYHLLMSVQESLERKFGKHGGTIPIVPTAEFQDRISGASEKDIVHSGLAYTMERSARQIMRTAMKYNLGLDLRTA
AYVNAIEKVFRVYNEAGVTFT
;
_entity_poly.pdbx_strand_id   A,B,C,D,E,F
#
# COMPACT_ATOMS: atom_id res chain seq x y z
N ALA A 1 -15.84 40.26 -16.81
CA ALA A 1 -15.62 40.59 -18.25
C ALA A 1 -15.73 42.11 -18.54
N ASP A 2 -16.39 42.85 -17.66
CA ASP A 2 -16.62 44.30 -17.81
C ASP A 2 -15.55 45.23 -17.19
N ARG A 3 -14.88 46.00 -18.03
CA ARG A 3 -13.84 46.93 -17.58
C ARG A 3 -14.35 48.04 -16.66
N GLU A 4 -15.68 48.26 -16.61
CA GLU A 4 -16.22 49.26 -15.69
C GLU A 4 -16.24 48.51 -14.36
N ASP A 5 -16.60 47.23 -14.44
CA ASP A 5 -16.70 46.38 -13.26
C ASP A 5 -16.38 44.91 -13.53
N ASP A 6 -15.12 44.55 -13.30
CA ASP A 6 -14.63 43.19 -13.49
C ASP A 6 -13.82 42.71 -12.28
N PRO A 7 -14.50 42.39 -11.16
CA PRO A 7 -13.76 41.93 -9.97
C PRO A 7 -12.99 40.61 -10.15
N ASN A 8 -12.06 40.32 -9.24
CA ASN A 8 -11.32 39.07 -9.28
C ASN A 8 -12.33 38.06 -8.71
N PHE A 9 -12.58 36.99 -9.45
CA PHE A 9 -13.58 36.00 -9.04
C PHE A 9 -13.38 35.50 -7.60
N PHE A 10 -12.14 35.21 -7.18
CA PHE A 10 -11.88 34.73 -5.82
C PHE A 10 -12.21 35.78 -4.78
N LYS A 11 -11.68 37.00 -4.94
CA LYS A 11 -11.94 38.11 -4.01
C LYS A 11 -13.45 38.38 -3.93
N MET A 12 -14.12 38.26 -5.06
CA MET A 12 -15.55 38.46 -5.18
C MET A 12 -16.32 37.52 -4.25
N VAL A 13 -15.91 36.26 -4.24
CA VAL A 13 -16.56 35.27 -3.40
C VAL A 13 -16.18 35.55 -1.94
N GLU A 14 -14.94 35.95 -1.72
CA GLU A 14 -14.51 36.26 -0.36
C GLU A 14 -15.37 37.41 0.16
N GLY A 15 -15.79 38.28 -0.76
CA GLY A 15 -16.63 39.40 -0.39
C GLY A 15 -17.96 38.85 0.07
N PHE A 16 -18.54 37.97 -0.74
CA PHE A 16 -19.82 37.37 -0.39
C PHE A 16 -19.67 36.71 0.99
N PHE A 17 -18.55 36.03 1.21
CA PHE A 17 -18.30 35.34 2.48
C PHE A 17 -18.26 36.31 3.65
N ASP A 18 -17.35 37.28 3.56
CA ASP A 18 -17.19 38.28 4.61
C ASP A 18 -18.48 38.97 5.01
N ARG A 19 -19.39 39.12 4.05
CA ARG A 19 -20.66 39.76 4.32
C ARG A 19 -21.44 38.91 5.32
N GLY A 20 -21.55 37.62 5.03
CA GLY A 20 -22.28 36.74 5.92
C GLY A 20 -21.53 36.53 7.23
N ALA A 21 -20.20 36.57 7.15
CA ALA A 21 -19.37 36.41 8.34
C ALA A 21 -19.77 37.46 9.38
N SER A 22 -20.11 38.66 8.91
CA SER A 22 -20.50 39.73 9.83
C SER A 22 -21.86 39.45 10.45
N ILE A 23 -22.82 39.12 9.60
CA ILE A 23 -24.17 38.83 10.03
C ILE A 23 -24.27 37.73 11.11
N VAL A 24 -23.48 36.67 11.01
CA VAL A 24 -23.58 35.57 11.99
C VAL A 24 -22.54 35.54 13.09
N GLU A 25 -21.53 36.39 12.97
CA GLU A 25 -20.47 36.42 13.97
C GLU A 25 -20.97 36.36 15.41
N ASP A 26 -22.15 36.92 15.66
CA ASP A 26 -22.70 36.91 17.01
C ASP A 26 -23.29 35.56 17.40
N LYS A 27 -24.08 34.97 16.52
CA LYS A 27 -24.69 33.68 16.84
C LYS A 27 -23.59 32.65 17.03
N LEU A 28 -22.40 32.95 16.52
CA LEU A 28 -21.27 32.05 16.65
C LEU A 28 -20.57 32.16 18.00
N VAL A 29 -20.43 33.37 18.52
CA VAL A 29 -19.78 33.57 19.80
C VAL A 29 -20.74 33.07 20.88
N GLU A 30 -22.00 33.00 20.50
CA GLU A 30 -23.06 32.53 21.37
C GLU A 30 -22.91 30.99 21.48
N ASP A 31 -23.05 30.32 20.32
CA ASP A 31 -22.94 28.87 20.24
C ASP A 31 -21.51 28.35 20.47
N LEU A 32 -20.57 29.26 20.65
CA LEU A 32 -19.20 28.85 20.90
C LEU A 32 -19.19 28.06 22.19
N LYS A 33 -18.68 26.84 22.11
CA LYS A 33 -18.61 25.93 23.26
C LYS A 33 -17.30 26.15 24.03
N THR A 34 -17.09 27.39 24.49
CA THR A 34 -15.89 27.72 25.24
C THR A 34 -16.17 28.15 26.66
N ARG A 35 -15.26 27.78 27.55
CA ARG A 35 -15.34 28.11 28.98
C ARG A 35 -14.78 29.51 29.16
N GLU A 36 -13.95 29.93 28.22
CA GLU A 36 -13.36 31.26 28.25
C GLU A 36 -14.49 32.21 27.88
N THR A 37 -14.19 33.50 27.74
CA THR A 37 -15.25 34.44 27.39
C THR A 37 -14.85 35.71 26.66
N GLU A 38 -15.84 36.59 26.47
CA GLU A 38 -15.69 37.90 25.81
C GLU A 38 -14.93 37.96 24.49
N GLU A 39 -13.81 38.68 24.50
CA GLU A 39 -12.97 38.88 23.32
C GLU A 39 -12.25 37.63 22.85
N GLN A 40 -11.98 36.71 23.77
CA GLN A 40 -11.31 35.48 23.41
C GLN A 40 -12.26 34.63 22.55
N LYS A 41 -13.55 34.68 22.87
CA LYS A 41 -14.55 33.94 22.12
C LYS A 41 -14.75 34.64 20.78
N ARG A 42 -14.69 35.96 20.81
CA ARG A 42 -14.85 36.80 19.63
C ARG A 42 -13.65 36.53 18.70
N ASN A 43 -12.46 36.47 19.30
CA ASN A 43 -11.22 36.23 18.58
C ASN A 43 -11.14 34.86 17.97
N ARG A 44 -11.57 33.85 18.72
CA ARG A 44 -11.52 32.48 18.25
C ARG A 44 -12.37 32.28 16.99
N VAL A 45 -13.55 32.91 16.98
CA VAL A 45 -14.42 32.81 15.84
C VAL A 45 -13.71 33.40 14.63
N ARG A 46 -13.10 34.57 14.81
CA ARG A 46 -12.38 35.20 13.73
C ARG A 46 -11.24 34.33 13.19
N GLY A 47 -10.54 33.64 14.10
CA GLY A 47 -9.45 32.80 13.69
C GLY A 47 -9.95 31.64 12.84
N ILE A 48 -11.02 31.01 13.30
CA ILE A 48 -11.59 29.88 12.58
C ILE A 48 -12.06 30.33 11.19
N LEU A 49 -12.71 31.49 11.12
CA LEU A 49 -13.20 31.98 9.85
C LEU A 49 -12.05 32.31 8.92
N ARG A 50 -10.92 32.71 9.48
CA ARG A 50 -9.76 33.02 8.67
C ARG A 50 -9.18 31.72 8.09
N ILE A 51 -9.53 30.57 8.67
CA ILE A 51 -9.02 29.30 8.16
C ILE A 51 -9.85 28.78 6.98
N ILE A 52 -11.17 28.95 7.12
CA ILE A 52 -12.15 28.51 6.13
C ILE A 52 -12.05 29.25 4.78
N LYS A 53 -11.79 30.56 4.80
CA LYS A 53 -11.70 31.34 3.56
C LYS A 53 -10.63 30.90 2.55
N PRO A 54 -9.37 30.77 2.98
CA PRO A 54 -8.40 30.35 1.96
C PRO A 54 -8.49 28.88 1.58
N CYS A 55 -8.20 28.60 0.30
CA CYS A 55 -8.16 27.24 -0.21
C CYS A 55 -6.97 26.57 0.45
N ASN A 56 -7.15 25.32 0.86
CA ASN A 56 -6.06 24.60 1.50
C ASN A 56 -5.00 24.15 0.49
N HIS A 57 -5.43 23.62 -0.65
CA HIS A 57 -4.49 23.14 -1.66
C HIS A 57 -4.80 23.58 -3.10
N VAL A 58 -3.76 23.87 -3.85
CA VAL A 58 -3.93 24.21 -5.25
C VAL A 58 -2.78 23.60 -6.00
N LEU A 59 -3.10 22.78 -6.99
CA LEU A 59 -2.10 22.14 -7.81
C LEU A 59 -2.17 22.74 -9.21
N SER A 60 -1.04 23.24 -9.69
CA SER A 60 -0.92 23.81 -11.03
C SER A 60 -0.12 22.78 -11.81
N LEU A 61 -0.59 22.41 -12.99
CA LEU A 61 0.11 21.40 -13.80
C LEU A 61 0.43 21.89 -15.19
N SER A 62 1.51 21.35 -15.72
CA SER A 62 1.97 21.67 -17.06
C SER A 62 2.45 20.34 -17.62
N PHE A 63 1.65 19.71 -18.47
CA PHE A 63 2.03 18.43 -19.04
C PHE A 63 1.93 18.43 -20.58
N PRO A 64 2.80 17.66 -21.24
CA PRO A 64 2.77 17.61 -22.70
C PRO A 64 1.87 16.52 -23.26
N ILE A 65 1.39 16.74 -24.48
CA ILE A 65 0.58 15.74 -25.17
C ILE A 65 0.96 15.78 -26.65
N ARG A 66 0.93 14.63 -27.27
CA ARG A 66 1.27 14.50 -28.68
C ARG A 66 0.00 14.71 -29.50
N ARG A 67 -0.04 15.83 -30.23
CA ARG A 67 -1.18 16.19 -31.09
C ARG A 67 -1.31 15.18 -32.22
N ASP A 68 -2.46 15.15 -32.87
CA ASP A 68 -2.65 14.19 -33.96
C ASP A 68 -1.67 14.34 -35.13
N ASP A 69 -1.23 15.56 -35.40
CA ASP A 69 -0.31 15.77 -36.50
C ASP A 69 1.16 15.57 -36.10
N GLY A 70 1.39 14.76 -35.07
CA GLY A 70 2.75 14.49 -34.62
C GLY A 70 3.40 15.51 -33.70
N SER A 71 2.98 16.77 -33.77
CA SER A 71 3.56 17.84 -32.94
C SER A 71 3.34 17.73 -31.44
N TRP A 72 4.20 18.41 -30.70
CA TRP A 72 4.12 18.42 -29.24
C TRP A 72 3.51 19.71 -28.74
N GLU A 73 2.69 19.58 -27.70
CA GLU A 73 2.03 20.75 -27.13
C GLU A 73 1.96 20.66 -25.60
N VAL A 74 2.16 21.79 -24.93
CA VAL A 74 2.09 21.82 -23.48
C VAL A 74 0.75 22.41 -23.04
N ILE A 75 -0.04 21.66 -22.27
CA ILE A 75 -1.30 22.22 -21.82
C ILE A 75 -1.27 22.45 -20.30
N GLU A 76 -1.95 23.50 -19.86
CA GLU A 76 -1.97 23.86 -18.45
C GLU A 76 -3.26 23.43 -17.78
N GLY A 77 -3.14 23.03 -16.52
CA GLY A 77 -4.29 22.60 -15.76
C GLY A 77 -4.14 22.91 -14.29
N TYR A 78 -5.26 22.98 -13.60
CA TYR A 78 -5.26 23.25 -12.17
C TYR A 78 -6.39 22.54 -11.45
N ARG A 79 -6.17 22.25 -10.19
CA ARG A 79 -7.22 21.70 -9.36
C ARG A 79 -6.96 22.25 -7.97
N ALA A 80 -7.97 22.93 -7.46
CA ALA A 80 -7.87 23.51 -6.15
C ALA A 80 -8.79 22.74 -5.21
N GLN A 81 -8.37 22.58 -3.97
CA GLN A 81 -9.21 21.93 -2.96
C GLN A 81 -9.32 23.01 -1.91
N HIS A 82 -10.52 23.56 -1.78
CA HIS A 82 -10.76 24.64 -0.82
C HIS A 82 -10.76 24.16 0.62
N SER A 83 -11.55 23.13 0.90
CA SER A 83 -11.69 22.63 2.25
C SER A 83 -11.73 21.11 2.35
N GLN A 84 -11.18 20.59 3.45
CA GLN A 84 -11.21 19.15 3.69
C GLN A 84 -11.97 18.94 4.99
N HIS A 85 -12.79 19.91 5.39
CA HIS A 85 -13.52 19.77 6.64
C HIS A 85 -14.44 18.55 6.57
N ARG A 86 -14.72 18.10 5.34
CA ARG A 86 -15.51 16.91 5.05
C ARG A 86 -14.56 16.20 4.09
N THR A 87 -14.10 15.02 4.51
CA THR A 87 -13.09 14.24 3.79
C THR A 87 -13.04 14.20 2.29
N PRO A 88 -14.12 13.77 1.60
CA PRO A 88 -13.95 13.78 0.13
C PRO A 88 -14.24 15.17 -0.43
N CYS A 89 -13.30 15.73 -1.17
CA CYS A 89 -13.51 17.04 -1.79
C CYS A 89 -14.38 16.72 -2.98
N LYS A 90 -15.14 17.71 -3.44
CA LYS A 90 -16.03 17.48 -4.58
C LYS A 90 -16.06 18.72 -5.46
N GLY A 91 -15.99 18.52 -6.76
CA GLY A 91 -16.01 19.65 -7.68
C GLY A 91 -15.72 19.23 -9.11
N GLY A 92 -16.33 19.93 -10.06
CA GLY A 92 -16.17 19.60 -11.46
C GLY A 92 -14.87 20.02 -12.11
N ILE A 93 -14.79 19.73 -13.40
CA ILE A 93 -13.63 20.03 -14.23
C ILE A 93 -14.08 20.84 -15.43
N ARG A 94 -13.54 22.05 -15.56
CA ARG A 94 -13.87 22.92 -16.67
C ARG A 94 -12.81 22.94 -17.76
N TYR A 95 -13.23 22.93 -19.02
CA TYR A 95 -12.30 23.02 -20.14
C TYR A 95 -12.56 24.34 -20.84
N SER A 96 -11.65 25.29 -20.65
CA SER A 96 -11.80 26.60 -21.26
C SER A 96 -10.52 27.42 -21.19
N THR A 97 -10.38 28.39 -22.10
CA THR A 97 -9.20 29.25 -22.09
C THR A 97 -9.39 30.29 -20.98
N ASP A 98 -10.62 30.47 -20.53
CA ASP A 98 -10.86 31.42 -19.45
C ASP A 98 -10.35 30.88 -18.10
N VAL A 99 -10.01 29.59 -18.02
CA VAL A 99 -9.57 29.08 -16.72
C VAL A 99 -8.22 29.61 -16.25
N SER A 100 -8.10 29.78 -14.93
CA SER A 100 -6.88 30.26 -14.31
C SER A 100 -6.90 29.89 -12.83
N VAL A 101 -5.75 30.01 -12.20
CA VAL A 101 -5.61 29.70 -10.78
C VAL A 101 -6.76 30.33 -9.97
N ASP A 102 -6.99 31.61 -10.15
CA ASP A 102 -8.06 32.31 -9.41
C ASP A 102 -9.47 31.88 -9.73
N GLU A 103 -9.76 31.62 -10.99
CA GLU A 103 -11.09 31.19 -11.36
C GLU A 103 -11.39 29.85 -10.68
N VAL A 104 -10.42 28.95 -10.70
CA VAL A 104 -10.57 27.64 -10.09
C VAL A 104 -10.69 27.72 -8.56
N LYS A 105 -9.90 28.59 -7.93
CA LYS A 105 -9.96 28.77 -6.47
C LYS A 105 -11.35 29.27 -6.07
N ALA A 106 -11.85 30.23 -6.81
CA ALA A 106 -13.17 30.79 -6.55
C ALA A 106 -14.24 29.71 -6.68
N LEU A 107 -14.24 29.02 -7.81
CA LEU A 107 -15.20 27.94 -8.05
C LEU A 107 -15.12 26.86 -6.94
N ALA A 108 -13.90 26.56 -6.52
CA ALA A 108 -13.65 25.56 -5.50
C ALA A 108 -14.30 25.95 -4.18
N SER A 109 -14.13 27.21 -3.78
CA SER A 109 -14.73 27.65 -2.53
C SER A 109 -16.26 27.73 -2.67
N LEU A 110 -16.75 28.08 -3.86
CA LEU A 110 -18.20 28.11 -4.05
C LEU A 110 -18.76 26.70 -3.86
N MET A 111 -17.98 25.70 -4.26
CA MET A 111 -18.40 24.32 -4.12
C MET A 111 -18.58 23.94 -2.65
N THR A 112 -17.66 24.34 -1.78
CA THR A 112 -17.82 23.96 -0.38
C THR A 112 -18.95 24.70 0.29
N TYR A 113 -19.16 25.97 -0.06
CA TYR A 113 -20.27 26.69 0.55
C TYR A 113 -21.61 26.12 0.03
N LYS A 114 -21.66 25.77 -1.25
CA LYS A 114 -22.88 25.23 -1.80
C LYS A 114 -23.21 23.84 -1.22
N CYS A 115 -22.18 23.02 -0.99
CA CYS A 115 -22.39 21.68 -0.43
C CYS A 115 -22.94 21.84 0.99
N ALA A 116 -22.44 22.83 1.69
CA ALA A 116 -22.88 23.10 3.05
C ALA A 116 -24.36 23.52 3.04
N VAL A 117 -24.72 24.43 2.14
CA VAL A 117 -26.09 24.91 2.03
C VAL A 117 -27.06 23.75 1.81
N VAL A 118 -26.67 22.87 0.92
CA VAL A 118 -27.49 21.73 0.50
C VAL A 118 -27.25 20.44 1.31
N ASP A 119 -26.44 20.55 2.37
CA ASP A 119 -26.11 19.44 3.30
C ASP A 119 -25.47 18.19 2.71
N VAL A 120 -24.56 18.41 1.76
CA VAL A 120 -23.83 17.33 1.12
C VAL A 120 -22.48 17.35 1.80
N PRO A 121 -22.08 16.22 2.42
CA PRO A 121 -20.82 16.09 3.14
C PRO A 121 -19.51 16.07 2.35
N PHE A 122 -19.26 17.11 1.56
CA PHE A 122 -18.02 17.21 0.79
C PHE A 122 -17.45 18.59 0.94
N GLY A 123 -16.12 18.68 0.99
CA GLY A 123 -15.46 19.98 1.03
C GLY A 123 -15.36 20.32 -0.45
N GLY A 124 -15.25 21.59 -0.81
CA GLY A 124 -15.20 21.94 -2.22
C GLY A 124 -13.87 21.84 -2.93
N ALA A 125 -13.96 21.55 -4.23
CA ALA A 125 -12.77 21.44 -5.09
C ALA A 125 -13.19 21.81 -6.52
N LYS A 126 -12.19 22.11 -7.36
CA LYS A 126 -12.48 22.46 -8.75
C LYS A 126 -11.24 22.32 -9.62
N ALA A 127 -11.46 21.92 -10.86
CA ALA A 127 -10.35 21.76 -11.79
C ALA A 127 -10.64 22.48 -13.09
N GLY A 128 -9.56 22.87 -13.76
CA GLY A 128 -9.68 23.54 -15.02
C GLY A 128 -8.48 23.23 -15.89
N VAL A 129 -8.76 22.97 -17.16
CA VAL A 129 -7.72 22.70 -18.14
C VAL A 129 -7.88 23.82 -19.17
N LYS A 130 -6.82 24.60 -19.37
CA LYS A 130 -6.83 25.75 -20.29
C LYS A 130 -6.78 25.43 -21.78
N ILE A 131 -7.91 25.01 -22.32
CA ILE A 131 -8.00 24.68 -23.73
C ILE A 131 -9.40 25.00 -24.21
N ASN A 132 -9.53 25.14 -25.53
CA ASN A 132 -10.83 25.38 -26.14
C ASN A 132 -10.99 24.02 -26.78
N PRO A 133 -11.90 23.21 -26.24
CA PRO A 133 -12.18 21.86 -26.72
C PRO A 133 -12.43 21.75 -28.24
N LYS A 134 -13.04 22.78 -28.81
CA LYS A 134 -13.36 22.81 -30.23
C LYS A 134 -12.16 22.82 -31.16
N ASN A 135 -10.96 23.07 -30.62
CA ASN A 135 -9.75 23.11 -31.43
C ASN A 135 -8.95 21.81 -31.33
N TYR A 136 -9.59 20.76 -30.81
CA TYR A 136 -8.93 19.46 -30.67
C TYR A 136 -9.87 18.36 -31.16
N THR A 137 -9.29 17.23 -31.54
CA THR A 137 -10.08 16.08 -32.00
C THR A 137 -10.51 15.25 -30.80
N ASP A 138 -11.41 14.29 -30.99
CA ASP A 138 -11.86 13.48 -29.88
C ASP A 138 -10.67 12.72 -29.32
N ASN A 139 -9.82 12.24 -30.20
CA ASN A 139 -8.65 11.48 -29.80
C ASN A 139 -7.67 12.31 -28.98
N GLU A 140 -7.53 13.58 -29.33
CA GLU A 140 -6.60 14.43 -28.58
C GLU A 140 -7.24 14.75 -27.22
N LEU A 141 -8.53 15.03 -27.21
CA LEU A 141 -9.22 15.31 -25.96
C LEU A 141 -9.10 14.13 -24.98
N GLU A 142 -9.24 12.90 -25.50
CA GLU A 142 -9.11 11.73 -24.65
C GLU A 142 -7.74 11.67 -24.00
N LYS A 143 -6.70 11.88 -24.81
CA LYS A 143 -5.34 11.86 -24.31
C LYS A 143 -5.21 12.95 -23.25
N ILE A 144 -5.81 14.11 -23.52
CA ILE A 144 -5.72 15.20 -22.58
C ILE A 144 -6.37 14.85 -21.24
N THR A 145 -7.60 14.35 -21.25
CA THR A 145 -8.23 14.07 -19.97
C THR A 145 -7.61 12.88 -19.23
N ARG A 146 -7.21 11.85 -19.96
CA ARG A 146 -6.62 10.68 -19.33
C ARG A 146 -5.28 11.07 -18.67
N ARG A 147 -4.47 11.83 -19.38
CA ARG A 147 -3.20 12.25 -18.83
C ARG A 147 -3.41 13.16 -17.62
N PHE A 148 -4.40 14.02 -17.70
CA PHE A 148 -4.69 14.96 -16.61
C PHE A 148 -5.11 14.16 -15.38
N THR A 149 -5.84 13.08 -15.58
CA THR A 149 -6.29 12.25 -14.47
C THR A 149 -5.10 11.65 -13.73
N MET A 150 -4.18 11.04 -14.49
CA MET A 150 -3.00 10.44 -13.90
C MET A 150 -2.18 11.45 -13.07
N GLU A 151 -1.98 12.65 -13.60
CA GLU A 151 -1.20 13.66 -12.87
C GLU A 151 -1.93 14.04 -11.58
N LEU A 152 -3.26 14.07 -11.61
CA LEU A 152 -4.02 14.40 -10.42
C LEU A 152 -3.94 13.23 -9.43
N ALA A 153 -4.06 12.03 -9.96
CA ALA A 153 -4.00 10.84 -9.14
C ALA A 153 -2.67 10.67 -8.40
N LYS A 154 -1.54 10.93 -9.08
CA LYS A 154 -0.24 10.78 -8.44
C LYS A 154 0.03 11.80 -7.32
N LYS A 155 -0.70 12.90 -7.34
CA LYS A 155 -0.50 13.93 -6.36
C LYS A 155 -1.64 14.02 -5.34
N GLY A 156 -2.51 13.02 -5.38
CA GLY A 156 -3.64 12.99 -4.46
C GLY A 156 -4.75 14.00 -4.72
N PHE A 157 -5.04 14.26 -5.99
CA PHE A 157 -6.11 15.19 -6.32
C PHE A 157 -7.30 14.50 -6.97
N ILE A 158 -7.38 13.18 -6.76
CA ILE A 158 -8.51 12.40 -7.23
C ILE A 158 -8.48 11.02 -6.59
N GLY A 159 -9.64 10.59 -6.11
CA GLY A 159 -9.77 9.29 -5.47
C GLY A 159 -11.11 9.24 -4.75
N PRO A 160 -11.72 8.05 -4.66
CA PRO A 160 -13.01 7.91 -3.99
C PRO A 160 -13.13 8.61 -2.65
N GLY A 161 -12.09 8.53 -1.84
CA GLY A 161 -12.12 9.16 -0.53
C GLY A 161 -11.31 10.43 -0.38
N VAL A 162 -10.65 10.90 -1.45
CA VAL A 162 -9.88 12.14 -1.33
C VAL A 162 -10.50 13.30 -2.14
N ASP A 163 -10.82 13.06 -3.41
CA ASP A 163 -11.35 14.12 -4.25
C ASP A 163 -12.13 13.53 -5.44
N VAL A 164 -13.39 13.90 -5.57
CA VAL A 164 -14.24 13.35 -6.62
C VAL A 164 -14.74 14.39 -7.64
N PRO A 165 -14.12 14.43 -8.84
CA PRO A 165 -14.52 15.39 -9.86
C PRO A 165 -15.91 15.10 -10.46
N ALA A 166 -16.27 15.90 -11.45
CA ALA A 166 -17.55 15.79 -12.14
C ALA A 166 -17.52 16.75 -13.35
N PRO A 167 -18.62 16.79 -14.14
CA PRO A 167 -18.59 17.70 -15.28
C PRO A 167 -18.75 19.16 -14.90
N ASP A 168 -18.50 20.03 -15.87
CA ASP A 168 -18.67 21.47 -15.72
C ASP A 168 -18.62 21.98 -17.16
N MET A 169 -18.11 23.19 -17.38
CA MET A 169 -18.07 23.71 -18.74
C MET A 169 -17.25 22.90 -19.74
N SER A 170 -17.94 22.47 -20.81
CA SER A 170 -17.35 21.71 -21.89
C SER A 170 -16.86 20.31 -21.54
N THR A 171 -17.44 19.72 -20.51
CA THR A 171 -17.09 18.36 -20.13
C THR A 171 -18.39 17.66 -19.79
N GLY A 172 -18.47 16.37 -20.05
CA GLY A 172 -19.70 15.66 -19.74
C GLY A 172 -19.42 14.21 -19.46
N GLU A 173 -20.44 13.38 -19.68
CA GLU A 173 -20.33 11.94 -19.49
C GLU A 173 -19.07 11.35 -20.10
N ARG A 174 -18.79 11.73 -21.34
CA ARG A 174 -17.64 11.21 -22.06
C ARG A 174 -16.35 11.39 -21.28
N GLU A 175 -16.05 12.63 -20.88
CA GLU A 175 -14.83 12.89 -20.12
C GLU A 175 -14.83 12.14 -18.79
N MET A 176 -15.96 12.14 -18.10
CA MET A 176 -16.07 11.44 -16.82
C MET A 176 -15.74 9.95 -16.99
N SER A 177 -16.15 9.39 -18.13
CA SER A 177 -15.91 7.99 -18.42
C SER A 177 -14.40 7.77 -18.57
N TRP A 178 -13.75 8.67 -19.29
CA TRP A 178 -12.32 8.55 -19.46
C TRP A 178 -11.63 8.63 -18.09
N ILE A 179 -12.06 9.57 -17.26
CA ILE A 179 -11.46 9.73 -15.95
C ILE A 179 -11.59 8.46 -15.11
N ALA A 180 -12.80 7.91 -15.02
CA ALA A 180 -13.05 6.72 -14.24
C ALA A 180 -12.20 5.59 -14.73
N ASP A 181 -12.17 5.41 -16.04
CA ASP A 181 -11.41 4.33 -16.64
C ASP A 181 -9.92 4.43 -16.36
N THR A 182 -9.37 5.64 -16.47
CA THR A 182 -7.94 5.83 -16.22
C THR A 182 -7.62 5.51 -14.76
N TYR A 183 -8.45 6.00 -13.86
CA TYR A 183 -8.23 5.76 -12.44
C TYR A 183 -8.33 4.29 -12.07
N ALA A 184 -9.42 3.66 -12.49
CA ALA A 184 -9.69 2.26 -12.17
C ALA A 184 -8.71 1.29 -12.81
N SER A 185 -8.17 1.64 -13.97
CA SER A 185 -7.20 0.78 -14.68
C SER A 185 -5.77 0.93 -14.15
N THR A 186 -5.50 1.99 -13.40
CA THR A 186 -4.16 2.18 -12.88
C THR A 186 -4.11 2.17 -11.37
N ILE A 187 -4.08 3.35 -10.77
CA ILE A 187 -4.01 3.48 -9.32
C ILE A 187 -5.10 2.73 -8.55
N GLY A 188 -6.36 2.88 -8.93
CA GLY A 188 -7.41 2.20 -8.20
C GLY A 188 -7.78 0.80 -8.68
N HIS A 189 -6.90 0.11 -9.37
CA HIS A 189 -7.26 -1.23 -9.86
C HIS A 189 -7.59 -2.27 -8.79
N TYR A 190 -7.18 -2.05 -7.55
CA TYR A 190 -7.49 -3.00 -6.46
C TYR A 190 -8.66 -2.48 -5.63
N ASP A 191 -8.97 -1.19 -5.77
CA ASP A 191 -10.05 -0.52 -5.02
C ASP A 191 -11.48 -0.93 -5.40
N ILE A 192 -12.18 -1.54 -4.46
CA ILE A 192 -13.54 -1.97 -4.68
C ILE A 192 -14.44 -0.76 -5.04
N ASN A 193 -14.07 0.44 -4.57
CA ASN A 193 -14.83 1.67 -4.85
C ASN A 193 -14.18 2.55 -5.91
N ALA A 194 -13.30 1.99 -6.75
CA ALA A 194 -12.61 2.77 -7.77
C ALA A 194 -13.50 3.67 -8.64
N HIS A 195 -14.68 3.18 -9.02
CA HIS A 195 -15.54 3.97 -9.88
C HIS A 195 -16.24 5.12 -9.23
N ALA A 196 -16.09 5.24 -7.90
CA ALA A 196 -16.67 6.36 -7.17
C ALA A 196 -15.64 7.49 -7.15
N CYS A 197 -14.57 7.36 -7.95
CA CYS A 197 -13.56 8.41 -8.00
C CYS A 197 -14.08 9.62 -8.74
N VAL A 198 -15.15 9.45 -9.50
CA VAL A 198 -15.70 10.57 -10.23
C VAL A 198 -17.20 10.42 -10.40
N THR A 199 -17.91 11.53 -10.58
CA THR A 199 -19.37 11.43 -10.81
C THR A 199 -19.78 12.07 -12.14
N GLY A 200 -21.05 11.90 -12.49
CA GLY A 200 -21.53 12.42 -13.74
C GLY A 200 -21.15 11.42 -14.81
N LYS A 201 -20.89 10.18 -14.38
CA LYS A 201 -20.51 9.14 -15.33
C LYS A 201 -21.71 8.68 -16.14
N PRO A 202 -21.48 8.03 -17.29
CA PRO A 202 -22.61 7.56 -18.09
C PRO A 202 -23.31 6.47 -17.26
N ILE A 203 -24.63 6.39 -17.36
CA ILE A 203 -25.38 5.41 -16.60
C ILE A 203 -24.86 3.98 -16.72
N SER A 204 -24.44 3.59 -17.93
CA SER A 204 -23.92 2.25 -18.15
C SER A 204 -22.54 2.03 -17.49
N GLN A 205 -21.91 3.11 -17.01
CA GLN A 205 -20.61 2.99 -16.36
C GLN A 205 -20.70 3.23 -14.86
N GLY A 206 -21.91 3.16 -14.31
CA GLY A 206 -22.03 3.40 -12.89
C GLY A 206 -22.54 4.79 -12.58
N GLY A 207 -23.01 5.50 -13.61
CA GLY A 207 -23.56 6.83 -13.41
C GLY A 207 -24.96 6.66 -12.83
N ILE A 208 -25.62 7.76 -12.51
CA ILE A 208 -26.95 7.67 -11.93
C ILE A 208 -28.05 8.37 -12.76
N HIS A 209 -29.25 7.82 -12.70
CA HIS A 209 -30.41 8.37 -13.42
C HIS A 209 -30.57 9.85 -13.13
N GLY A 210 -30.87 10.63 -14.17
CA GLY A 210 -31.10 12.05 -14.01
C GLY A 210 -29.97 12.94 -13.55
N ARG A 211 -28.72 12.51 -13.71
CA ARG A 211 -27.61 13.37 -13.29
C ARG A 211 -27.40 14.49 -14.31
N ILE A 212 -27.51 14.16 -15.60
CA ILE A 212 -27.33 15.14 -16.66
C ILE A 212 -28.29 16.32 -16.50
N SER A 213 -29.56 16.02 -16.25
CA SER A 213 -30.56 17.08 -16.10
C SER A 213 -30.74 17.49 -14.65
N ALA A 214 -29.94 16.93 -13.74
CA ALA A 214 -30.09 17.26 -12.33
C ALA A 214 -30.00 18.75 -11.99
N THR A 215 -29.12 19.49 -12.64
CA THR A 215 -29.02 20.91 -12.32
C THR A 215 -30.27 21.68 -12.76
N GLY A 216 -30.76 21.37 -13.95
CA GLY A 216 -31.96 22.02 -14.45
C GLY A 216 -33.16 21.75 -13.55
N ARG A 217 -33.33 20.48 -13.16
CA ARG A 217 -34.43 20.06 -12.29
C ARG A 217 -34.30 20.83 -10.97
N GLY A 218 -33.08 20.97 -10.48
CA GLY A 218 -32.83 21.67 -9.24
C GLY A 218 -33.09 23.15 -9.37
N VAL A 219 -32.80 23.70 -10.55
CA VAL A 219 -33.04 25.13 -10.80
C VAL A 219 -34.56 25.34 -10.74
N PHE A 220 -35.32 24.42 -11.32
CA PHE A 220 -36.77 24.48 -11.30
C PHE A 220 -37.26 24.54 -9.86
N HIS A 221 -36.82 23.59 -9.05
CA HIS A 221 -37.23 23.51 -7.65
C HIS A 221 -36.87 24.74 -6.84
N GLY A 222 -35.67 25.26 -7.08
CA GLY A 222 -35.24 26.43 -6.35
C GLY A 222 -36.11 27.63 -6.63
N ILE A 223 -36.53 27.77 -7.88
CA ILE A 223 -37.39 28.89 -8.28
C ILE A 223 -38.80 28.65 -7.75
N GLU A 224 -39.23 27.39 -7.78
CA GLU A 224 -40.55 27.01 -7.30
C GLU A 224 -40.74 27.36 -5.83
N ASN A 225 -39.75 27.03 -5.02
CA ASN A 225 -39.78 27.28 -3.59
C ASN A 225 -39.99 28.75 -3.22
N PHE A 226 -39.48 29.66 -4.05
CA PHE A 226 -39.65 31.07 -3.75
C PHE A 226 -40.82 31.70 -4.51
N ILE A 227 -41.02 31.25 -5.74
CA ILE A 227 -42.08 31.78 -6.58
C ILE A 227 -43.49 31.40 -6.12
N ASN A 228 -43.57 30.63 -5.04
CA ASN A 228 -44.87 30.23 -4.50
C ASN A 228 -45.05 30.63 -3.05
N GLU A 229 -44.37 31.71 -2.63
CA GLU A 229 -44.45 32.19 -1.25
C GLU A 229 -45.36 33.38 -1.00
N ALA A 230 -45.60 34.18 -2.03
CA ALA A 230 -46.44 35.37 -1.93
C ALA A 230 -45.79 36.40 -1.02
N SER A 231 -45.26 35.94 0.11
CA SER A 231 -44.58 36.81 1.05
C SER A 231 -43.33 37.36 0.38
N TYR A 232 -43.00 36.79 -0.78
CA TYR A 232 -41.82 37.21 -1.56
C TYR A 232 -42.26 37.80 -2.89
N MET A 233 -43.28 37.20 -3.50
CA MET A 233 -43.79 37.66 -4.79
C MET A 233 -44.54 38.99 -4.69
N SER A 234 -45.06 39.29 -3.50
CA SER A 234 -45.79 40.52 -3.31
C SER A 234 -44.81 41.68 -3.42
N ILE A 235 -43.57 41.42 -3.00
CA ILE A 235 -42.52 42.43 -3.01
C ILE A 235 -41.94 42.69 -4.39
N LEU A 236 -42.17 41.75 -5.30
CA LEU A 236 -41.68 41.85 -6.67
C LEU A 236 -42.79 42.37 -7.57
N GLY A 237 -44.03 42.24 -7.08
CA GLY A 237 -45.19 42.67 -7.83
C GLY A 237 -45.65 41.57 -8.79
N MET A 238 -45.45 40.32 -8.38
CA MET A 238 -45.81 39.17 -9.18
C MET A 238 -46.79 38.25 -8.48
N THR A 239 -47.47 37.42 -9.26
CA THR A 239 -48.40 36.46 -8.72
C THR A 239 -47.64 35.16 -8.59
N PRO A 240 -47.98 34.33 -7.60
CA PRO A 240 -47.25 33.06 -7.45
C PRO A 240 -47.55 32.10 -8.60
N GLY A 241 -46.62 31.20 -8.87
CA GLY A 241 -46.84 30.22 -9.92
C GLY A 241 -46.02 30.40 -11.16
N PHE A 242 -46.07 29.41 -12.04
CA PHE A 242 -45.31 29.43 -13.29
C PHE A 242 -46.20 29.70 -14.50
N GLY A 243 -47.46 29.31 -14.40
CA GLY A 243 -48.42 29.46 -15.49
C GLY A 243 -48.44 30.72 -16.32
N ASP A 244 -48.23 31.85 -15.68
CA ASP A 244 -48.26 33.13 -16.40
C ASP A 244 -46.90 33.82 -16.41
N LYS A 245 -45.83 33.05 -16.32
CA LYS A 245 -44.49 33.61 -16.31
C LYS A 245 -43.74 33.37 -17.63
N THR A 246 -42.81 34.28 -17.92
CA THR A 246 -41.95 34.18 -19.10
C THR A 246 -40.51 34.17 -18.58
N PHE A 247 -39.59 33.53 -19.30
CA PHE A 247 -38.20 33.50 -18.86
C PHE A 247 -37.22 33.56 -20.02
N ALA A 248 -35.97 33.88 -19.71
CA ALA A 248 -34.91 33.93 -20.73
C ALA A 248 -33.67 33.33 -20.08
N VAL A 249 -33.04 32.40 -20.78
CA VAL A 249 -31.85 31.75 -20.25
C VAL A 249 -30.64 32.03 -21.12
N GLN A 250 -29.54 32.39 -20.47
CA GLN A 250 -28.28 32.64 -21.17
C GLN A 250 -27.48 31.35 -21.01
N GLY A 251 -27.34 30.60 -22.08
CA GLY A 251 -26.63 29.35 -22.05
C GLY A 251 -27.64 28.28 -22.44
N PHE A 252 -27.24 27.37 -23.31
CA PHE A 252 -28.13 26.30 -23.77
C PHE A 252 -27.42 24.97 -23.70
N GLY A 253 -26.69 24.76 -22.60
CA GLY A 253 -25.97 23.53 -22.39
C GLY A 253 -26.65 22.70 -21.32
N ASN A 254 -25.89 21.89 -20.60
CA ASN A 254 -26.46 21.03 -19.57
C ASN A 254 -27.36 21.78 -18.56
N VAL A 255 -26.94 22.96 -18.13
CA VAL A 255 -27.76 23.75 -17.18
C VAL A 255 -28.93 24.43 -17.89
N GLY A 256 -28.58 25.29 -18.85
CA GLY A 256 -29.59 26.02 -19.59
C GLY A 256 -30.65 25.19 -20.26
N LEU A 257 -30.25 24.17 -21.02
CA LEU A 257 -31.22 23.34 -21.72
C LEU A 257 -32.24 22.72 -20.79
N HIS A 258 -31.78 22.13 -19.69
CA HIS A 258 -32.71 21.49 -18.78
C HIS A 258 -33.50 22.43 -17.90
N SER A 259 -32.93 23.58 -17.57
CA SER A 259 -33.65 24.56 -16.76
C SER A 259 -34.86 24.95 -17.60
N MET A 260 -34.58 25.21 -18.87
CA MET A 260 -35.60 25.58 -19.85
C MET A 260 -36.63 24.45 -20.00
N ARG A 261 -36.17 23.21 -20.14
CA ARG A 261 -37.11 22.10 -20.27
C ARG A 261 -38.10 22.04 -19.09
N TYR A 262 -37.58 22.09 -17.87
CA TYR A 262 -38.42 21.99 -16.69
C TYR A 262 -39.36 23.19 -16.46
N LEU A 263 -38.89 24.40 -16.68
CA LEU A 263 -39.77 25.55 -16.49
C LEU A 263 -40.92 25.51 -17.52
N HIS A 264 -40.59 25.12 -18.74
CA HIS A 264 -41.58 25.04 -19.81
C HIS A 264 -42.63 24.00 -19.50
N ARG A 265 -42.24 22.96 -18.78
CA ARG A 265 -43.15 21.89 -18.41
C ARG A 265 -44.26 22.33 -17.49
N PHE A 266 -43.96 23.23 -16.56
CA PHE A 266 -44.97 23.69 -15.62
C PHE A 266 -45.70 24.99 -16.03
N GLY A 267 -45.76 25.26 -17.32
CA GLY A 267 -46.48 26.44 -17.81
C GLY A 267 -45.74 27.70 -18.18
N ALA A 268 -44.53 27.87 -17.67
CA ALA A 268 -43.75 29.06 -18.00
C ALA A 268 -43.33 28.96 -19.46
N LYS A 269 -43.28 30.10 -20.15
CA LYS A 269 -42.90 30.08 -21.56
C LYS A 269 -41.56 30.78 -21.77
N CYS A 270 -40.66 30.10 -22.49
CA CYS A 270 -39.33 30.63 -22.75
C CYS A 270 -39.40 31.66 -23.86
N VAL A 271 -39.00 32.87 -23.53
CA VAL A 271 -39.04 33.97 -24.45
C VAL A 271 -37.74 34.20 -25.23
N ALA A 272 -36.62 33.74 -24.68
CA ALA A 272 -35.35 33.91 -25.38
C ALA A 272 -34.23 33.00 -24.85
N VAL A 273 -33.43 32.50 -25.79
CA VAL A 273 -32.31 31.63 -25.47
C VAL A 273 -31.03 32.24 -26.00
N GLY A 274 -30.01 32.30 -25.16
CA GLY A 274 -28.76 32.89 -25.59
C GLY A 274 -27.55 31.98 -25.60
N GLU A 275 -26.59 32.33 -26.46
CA GLU A 275 -25.35 31.58 -26.60
C GLU A 275 -24.22 32.56 -26.87
N SER A 276 -23.03 32.02 -27.10
CA SER A 276 -21.85 32.86 -27.37
C SER A 276 -21.92 33.59 -28.70
N ASP A 277 -22.57 32.98 -29.69
CA ASP A 277 -22.70 33.58 -31.01
C ASP A 277 -23.65 34.76 -30.91
N GLY A 278 -24.74 34.53 -30.16
CA GLY A 278 -25.77 35.54 -29.98
C GLY A 278 -26.98 34.90 -29.34
N SER A 279 -28.16 35.45 -29.60
CA SER A 279 -29.38 34.89 -29.02
C SER A 279 -30.55 34.97 -30.00
N ILE A 280 -31.68 34.38 -29.61
CA ILE A 280 -32.89 34.40 -30.42
C ILE A 280 -34.03 34.85 -29.53
N TRP A 281 -35.17 35.20 -30.12
CA TRP A 281 -36.32 35.70 -29.36
C TRP A 281 -37.69 35.47 -29.99
N ASN A 282 -38.71 35.36 -29.16
CA ASN A 282 -40.09 35.16 -29.61
C ASN A 282 -41.00 35.34 -28.40
N PRO A 283 -41.81 36.41 -28.38
CA PRO A 283 -42.72 36.67 -27.27
C PRO A 283 -43.79 35.61 -27.02
N ASP A 284 -44.07 34.76 -28.01
CA ASP A 284 -45.07 33.72 -27.83
C ASP A 284 -44.46 32.46 -27.26
N GLY A 285 -43.14 32.51 -27.02
CA GLY A 285 -42.48 31.36 -26.48
C GLY A 285 -41.76 30.50 -27.50
N ILE A 286 -40.80 29.74 -27.00
CA ILE A 286 -40.00 28.85 -27.83
C ILE A 286 -40.08 27.49 -27.16
N ASP A 287 -40.22 26.44 -27.95
CA ASP A 287 -40.33 25.10 -27.41
C ASP A 287 -38.95 24.47 -27.22
N PRO A 288 -38.68 23.99 -26.00
CA PRO A 288 -37.38 23.36 -25.70
C PRO A 288 -37.01 22.16 -26.58
N LYS A 289 -37.97 21.30 -26.90
CA LYS A 289 -37.67 20.13 -27.72
C LYS A 289 -37.27 20.50 -29.16
N GLU A 290 -38.02 21.39 -29.79
CA GLU A 290 -37.68 21.79 -31.16
C GLU A 290 -36.32 22.50 -31.24
N LEU A 291 -36.08 23.41 -30.31
CA LEU A 291 -34.82 24.17 -30.23
C LEU A 291 -33.63 23.22 -30.05
N GLU A 292 -33.81 22.17 -29.27
CA GLU A 292 -32.73 21.21 -29.05
C GLU A 292 -32.41 20.45 -30.34
N ASP A 293 -33.45 20.14 -31.13
CA ASP A 293 -33.21 19.41 -32.38
C ASP A 293 -32.46 20.28 -33.38
N PHE A 294 -32.89 21.52 -33.49
CA PHE A 294 -32.26 22.46 -34.41
C PHE A 294 -30.79 22.57 -34.04
N LYS A 295 -30.53 22.83 -32.76
CA LYS A 295 -29.18 22.96 -32.24
C LYS A 295 -28.35 21.70 -32.50
N LEU A 296 -28.98 20.54 -32.30
CA LEU A 296 -28.34 19.26 -32.48
C LEU A 296 -27.90 19.04 -33.92
N GLN A 297 -28.77 19.36 -34.87
CA GLN A 297 -28.45 19.16 -36.27
C GLN A 297 -27.60 20.28 -36.89
N HIS A 298 -27.78 21.52 -36.43
CA HIS A 298 -27.04 22.65 -36.98
C HIS A 298 -25.87 23.20 -36.17
N GLY A 299 -25.71 22.71 -34.95
CA GLY A 299 -24.62 23.19 -34.12
C GLY A 299 -24.79 24.61 -33.58
N THR A 300 -25.94 25.23 -33.81
CA THR A 300 -26.20 26.58 -33.30
C THR A 300 -27.70 26.86 -33.20
N ILE A 301 -28.09 27.70 -32.25
CA ILE A 301 -29.50 28.04 -32.08
C ILE A 301 -29.90 29.15 -33.05
N LEU A 302 -28.91 29.94 -33.47
CA LEU A 302 -29.18 31.05 -34.37
C LEU A 302 -29.66 30.57 -35.73
N GLY A 303 -30.78 31.15 -36.17
CA GLY A 303 -31.35 30.78 -37.45
C GLY A 303 -32.54 29.85 -37.23
N PHE A 304 -32.91 29.64 -35.97
CA PHE A 304 -34.06 28.79 -35.65
C PHE A 304 -35.32 29.37 -36.28
N PRO A 305 -36.06 28.56 -37.05
CA PRO A 305 -37.27 29.06 -37.70
C PRO A 305 -38.40 29.62 -36.82
N LYS A 306 -38.76 28.96 -35.73
CA LYS A 306 -39.85 29.49 -34.90
C LYS A 306 -39.44 30.60 -33.94
N ALA A 307 -38.45 31.39 -34.34
CA ALA A 307 -37.97 32.51 -33.52
C ALA A 307 -37.12 33.45 -34.38
N LYS A 308 -36.75 34.62 -33.84
CA LYS A 308 -35.94 35.59 -34.58
C LYS A 308 -34.62 35.90 -33.88
N ILE A 309 -33.58 36.15 -34.69
CA ILE A 309 -32.26 36.47 -34.14
C ILE A 309 -32.36 37.81 -33.40
N TYR A 310 -32.25 37.75 -32.08
CA TYR A 310 -32.34 38.93 -31.22
C TYR A 310 -31.04 39.69 -31.24
N GLU A 311 -31.15 41.01 -31.21
CA GLU A 311 -29.95 41.84 -31.22
C GLU A 311 -30.02 42.82 -30.06
N GLY A 312 -29.47 42.42 -28.90
CA GLY A 312 -29.50 43.31 -27.75
C GLY A 312 -29.35 42.66 -26.38
N SER A 313 -28.31 41.85 -26.20
CA SER A 313 -28.02 41.19 -24.92
C SER A 313 -29.20 40.45 -24.30
N ILE A 314 -29.11 39.12 -24.31
CA ILE A 314 -30.10 38.22 -23.77
C ILE A 314 -30.47 38.55 -22.32
N LEU A 315 -29.52 39.16 -21.60
CA LEU A 315 -29.72 39.52 -20.21
C LEU A 315 -30.65 40.71 -20.00
N GLU A 316 -30.78 41.53 -21.03
CA GLU A 316 -31.62 42.73 -20.97
C GLU A 316 -33.02 42.53 -21.56
N VAL A 317 -33.27 41.35 -22.10
CA VAL A 317 -34.57 41.06 -22.69
C VAL A 317 -35.69 41.27 -21.66
N ASP A 318 -36.92 41.43 -22.13
CA ASP A 318 -38.06 41.65 -21.25
C ASP A 318 -38.69 40.32 -20.87
N CYS A 319 -38.69 40.04 -19.57
CA CYS A 319 -39.25 38.81 -19.03
C CYS A 319 -39.35 38.87 -17.52
N ASP A 320 -40.08 37.90 -16.98
CA ASP A 320 -40.30 37.76 -15.55
C ASP A 320 -39.07 37.18 -14.86
N ILE A 321 -38.53 36.11 -15.45
CA ILE A 321 -37.38 35.44 -14.86
C ILE A 321 -36.19 35.30 -15.81
N LEU A 322 -35.00 35.70 -15.34
CA LEU A 322 -33.76 35.61 -16.12
C LEU A 322 -32.85 34.57 -15.49
N ILE A 323 -32.48 33.58 -16.30
CA ILE A 323 -31.62 32.50 -15.86
C ILE A 323 -30.24 32.49 -16.52
N PRO A 324 -29.25 33.17 -15.91
CA PRO A 324 -27.94 33.12 -16.56
C PRO A 324 -27.33 31.74 -16.28
N ALA A 325 -27.08 30.95 -17.31
CA ALA A 325 -26.55 29.61 -17.14
C ALA A 325 -25.33 29.40 -18.03
N ALA A 326 -24.43 30.38 -18.02
CA ALA A 326 -23.21 30.29 -18.82
C ALA A 326 -22.00 30.42 -17.90
N SER A 327 -21.26 31.52 -18.01
CA SER A 327 -20.10 31.68 -17.16
C SER A 327 -20.28 32.80 -16.15
N GLU A 328 -19.26 33.06 -15.36
CA GLU A 328 -19.28 34.07 -14.32
C GLU A 328 -19.22 35.53 -14.81
N LYS A 329 -19.61 36.43 -13.91
CA LYS A 329 -19.59 37.88 -14.14
C LYS A 329 -20.26 38.32 -15.45
N GLN A 330 -21.49 37.90 -15.64
CA GLN A 330 -22.27 38.25 -16.82
C GLN A 330 -23.22 39.43 -16.53
N LEU A 331 -23.47 39.66 -15.25
CA LEU A 331 -24.32 40.74 -14.76
C LEU A 331 -23.46 41.62 -13.85
N THR A 332 -23.17 42.84 -14.33
CA THR A 332 -22.32 43.79 -13.62
C THR A 332 -22.97 45.15 -13.39
N LYS A 333 -22.21 46.09 -12.86
CA LYS A 333 -22.71 47.44 -12.60
C LYS A 333 -23.25 48.12 -13.87
N SER A 334 -22.67 47.78 -15.02
CA SER A 334 -23.08 48.37 -16.29
C SER A 334 -24.44 47.93 -16.81
N ASN A 335 -24.65 46.62 -16.97
CA ASN A 335 -25.92 46.14 -17.49
C ASN A 335 -27.03 45.91 -16.46
N ALA A 336 -26.67 45.90 -15.18
CA ALA A 336 -27.65 45.64 -14.12
C ALA A 336 -28.91 46.52 -14.14
N PRO A 337 -28.75 47.84 -14.33
CA PRO A 337 -29.94 48.70 -14.35
C PRO A 337 -30.90 48.39 -15.48
N ARG A 338 -30.51 47.46 -16.35
CA ARG A 338 -31.33 47.12 -17.51
C ARG A 338 -31.89 45.69 -17.59
N VAL A 339 -31.89 44.93 -16.48
CA VAL A 339 -32.37 43.54 -16.59
C VAL A 339 -33.84 43.29 -16.97
N LYS A 340 -34.74 44.19 -16.59
CA LYS A 340 -36.16 44.05 -16.89
C LYS A 340 -36.83 42.86 -16.17
N ALA A 341 -36.01 41.95 -15.63
CA ALA A 341 -36.56 40.78 -14.94
C ALA A 341 -36.65 41.05 -13.46
N LYS A 342 -37.65 40.47 -12.80
CA LYS A 342 -37.81 40.66 -11.36
C LYS A 342 -37.06 39.58 -10.59
N ILE A 343 -36.85 38.44 -11.23
CA ILE A 343 -36.15 37.33 -10.59
C ILE A 343 -34.90 36.88 -11.37
N ILE A 344 -33.75 36.89 -10.71
CA ILE A 344 -32.50 36.43 -11.33
C ILE A 344 -32.22 35.05 -10.70
N ALA A 345 -32.38 33.99 -11.49
CA ALA A 345 -32.13 32.63 -11.01
C ALA A 345 -30.76 32.20 -11.52
N GLU A 346 -29.76 32.26 -10.65
CA GLU A 346 -28.39 31.91 -11.01
C GLU A 346 -28.11 30.42 -11.25
N GLY A 347 -28.20 29.99 -12.51
CA GLY A 347 -27.93 28.60 -12.82
C GLY A 347 -26.41 28.42 -12.82
N ALA A 348 -25.70 29.39 -13.40
CA ALA A 348 -24.26 29.34 -13.46
C ALA A 348 -23.65 29.73 -12.14
N ASN A 349 -22.34 29.49 -12.01
CA ASN A 349 -21.60 29.88 -10.81
C ASN A 349 -21.09 31.31 -10.97
N GLY A 350 -21.31 32.14 -9.95
CA GLY A 350 -20.86 33.52 -9.97
C GLY A 350 -21.23 34.39 -11.16
N PRO A 351 -22.47 34.32 -11.67
CA PRO A 351 -22.80 35.16 -12.82
C PRO A 351 -23.03 36.65 -12.52
N THR A 352 -23.22 36.99 -11.26
CA THR A 352 -23.43 38.40 -10.92
C THR A 352 -22.37 38.96 -9.97
N THR A 353 -21.90 40.15 -10.29
CA THR A 353 -20.87 40.81 -9.48
C THR A 353 -21.44 41.38 -8.21
N PRO A 354 -20.59 41.66 -7.21
CA PRO A 354 -21.11 42.21 -5.96
C PRO A 354 -21.78 43.57 -6.20
N GLU A 355 -21.13 44.38 -7.03
CA GLU A 355 -21.63 45.70 -7.35
C GLU A 355 -22.98 45.61 -8.06
N ALA A 356 -23.19 44.55 -8.84
CA ALA A 356 -24.45 44.34 -9.53
C ALA A 356 -25.52 43.88 -8.54
N ASP A 357 -25.09 43.26 -7.46
CA ASP A 357 -26.02 42.80 -6.44
C ASP A 357 -26.73 43.96 -5.75
N LYS A 358 -26.02 45.06 -5.56
CA LYS A 358 -26.57 46.25 -4.92
C LYS A 358 -27.71 46.81 -5.75
N ILE A 359 -27.39 47.08 -7.01
CA ILE A 359 -28.38 47.62 -7.93
C ILE A 359 -29.62 46.73 -7.91
N PHE A 360 -29.41 45.41 -7.84
CA PHE A 360 -30.51 44.46 -7.81
C PHE A 360 -31.34 44.55 -6.53
N LEU A 361 -30.68 44.89 -5.42
CA LEU A 361 -31.35 45.04 -4.13
C LEU A 361 -32.18 46.31 -4.16
N GLU A 362 -31.65 47.36 -4.79
CA GLU A 362 -32.37 48.63 -4.87
C GLU A 362 -33.56 48.52 -5.80
N ARG A 363 -33.35 48.00 -7.01
CA ARG A 363 -34.46 47.86 -7.96
C ARG A 363 -35.46 46.79 -7.53
N ASN A 364 -35.30 46.28 -6.30
CA ASN A 364 -36.17 45.24 -5.77
C ASN A 364 -36.25 43.98 -6.65
N ILE A 365 -35.09 43.51 -7.08
CA ILE A 365 -34.97 42.32 -7.92
C ILE A 365 -34.46 41.20 -7.01
N MET A 366 -35.16 40.08 -6.96
CA MET A 366 -34.73 38.96 -6.11
C MET A 366 -33.69 38.09 -6.81
N VAL A 367 -32.52 37.94 -6.22
CA VAL A 367 -31.48 37.11 -6.80
C VAL A 367 -31.39 35.79 -6.00
N ILE A 368 -31.86 34.72 -6.60
CA ILE A 368 -31.81 33.40 -5.96
C ILE A 368 -30.36 32.99 -6.18
N PRO A 369 -29.57 32.99 -5.09
CA PRO A 369 -28.14 32.65 -5.19
C PRO A 369 -27.73 31.28 -5.72
N ASP A 370 -26.64 31.28 -6.47
CA ASP A 370 -26.06 30.08 -7.08
C ASP A 370 -25.70 28.93 -6.11
N LEU A 371 -25.16 29.27 -4.94
CA LEU A 371 -24.78 28.24 -3.99
C LEU A 371 -25.94 27.43 -3.44
N TYR A 372 -27.15 27.82 -3.81
CA TYR A 372 -28.33 27.09 -3.41
C TYR A 372 -29.01 26.63 -4.68
N LEU A 373 -29.30 27.59 -5.56
CA LEU A 373 -30.00 27.33 -6.81
C LEU A 373 -29.41 26.29 -7.77
N ASN A 374 -28.10 26.28 -7.97
CA ASN A 374 -27.57 25.29 -8.89
C ASN A 374 -27.07 24.00 -8.22
N ALA A 375 -27.15 23.93 -6.90
CA ALA A 375 -26.68 22.75 -6.16
C ALA A 375 -27.36 21.41 -6.46
N GLY A 376 -28.31 21.41 -7.40
CA GLY A 376 -28.96 20.16 -7.73
C GLY A 376 -27.98 19.18 -8.37
N GLY A 377 -26.99 19.73 -9.06
CA GLY A 377 -25.98 18.89 -9.68
C GLY A 377 -25.10 18.12 -8.70
N VAL A 378 -24.59 18.81 -7.69
CA VAL A 378 -23.74 18.18 -6.68
C VAL A 378 -24.56 17.22 -5.85
N THR A 379 -25.81 17.62 -5.56
CA THR A 379 -26.69 16.79 -4.76
C THR A 379 -26.86 15.42 -5.44
N VAL A 380 -27.16 15.42 -6.73
CA VAL A 380 -27.32 14.14 -7.38
C VAL A 380 -25.94 13.45 -7.58
N SER A 381 -24.86 14.23 -7.63
CA SER A 381 -23.52 13.63 -7.75
C SER A 381 -23.27 12.83 -6.47
N TYR A 382 -23.75 13.36 -5.34
CA TYR A 382 -23.61 12.71 -4.04
C TYR A 382 -24.38 11.38 -4.10
N PHE A 383 -25.55 11.39 -4.74
CA PHE A 383 -26.32 10.14 -4.85
C PHE A 383 -25.56 9.13 -5.72
N GLU A 384 -24.92 9.60 -6.79
CA GLU A 384 -24.15 8.71 -7.67
C GLU A 384 -23.01 8.05 -6.89
N TRP A 385 -22.29 8.85 -6.12
CA TRP A 385 -21.17 8.38 -5.31
C TRP A 385 -21.67 7.30 -4.34
N LEU A 386 -22.75 7.58 -3.63
CA LEU A 386 -23.36 6.63 -2.69
C LEU A 386 -23.75 5.31 -3.37
N LYS A 387 -24.31 5.42 -4.58
CA LYS A 387 -24.71 4.25 -5.34
C LYS A 387 -23.49 3.39 -5.66
N ASN A 388 -22.38 4.02 -6.05
CA ASN A 388 -21.16 3.32 -6.37
C ASN A 388 -20.60 2.60 -5.13
N LEU A 389 -20.73 3.19 -3.96
CA LEU A 389 -20.24 2.57 -2.73
C LEU A 389 -21.12 1.39 -2.30
N ASN A 390 -22.42 1.46 -2.58
CA ASN A 390 -23.33 0.36 -2.23
C ASN A 390 -23.36 -0.79 -3.24
N HIS A 391 -22.87 -0.58 -4.45
CA HIS A 391 -22.85 -1.63 -5.47
C HIS A 391 -24.17 -2.34 -5.80
N VAL A 392 -25.30 -1.66 -5.60
CA VAL A 392 -26.62 -2.22 -5.91
C VAL A 392 -27.56 -1.14 -6.48
N SER A 393 -28.55 -1.55 -7.29
CA SER A 393 -29.56 -0.63 -7.83
C SER A 393 -30.60 -0.47 -6.73
N TYR A 394 -30.92 0.77 -6.35
CA TYR A 394 -31.89 1.01 -5.30
C TYR A 394 -33.20 0.25 -5.57
N GLY A 395 -33.70 -0.46 -4.55
CA GLY A 395 -34.93 -1.22 -4.67
C GLY A 395 -34.82 -2.69 -5.09
N ARG A 396 -33.80 -3.01 -5.89
CA ARG A 396 -33.57 -4.37 -6.38
C ARG A 396 -33.77 -5.48 -5.34
N LEU A 397 -33.28 -5.29 -4.13
CA LEU A 397 -33.44 -6.33 -3.13
C LEU A 397 -34.78 -6.32 -2.43
N THR A 398 -35.51 -5.21 -2.56
CA THR A 398 -36.78 -5.07 -1.86
C THR A 398 -38.11 -4.96 -2.60
N PHE A 399 -38.09 -4.81 -3.91
CA PHE A 399 -39.31 -4.68 -4.71
C PHE A 399 -40.42 -5.70 -4.41
N LYS A 400 -40.13 -6.99 -4.57
CA LYS A 400 -41.12 -8.03 -4.30
C LYS A 400 -41.54 -8.03 -2.82
N TYR A 401 -40.60 -7.87 -1.92
CA TYR A 401 -40.96 -7.89 -0.50
C TYR A 401 -41.92 -6.75 -0.14
N GLU A 402 -41.62 -5.54 -0.58
CA GLU A 402 -42.50 -4.42 -0.23
C GLU A 402 -43.85 -4.50 -0.93
N ARG A 403 -43.86 -5.03 -2.14
CA ARG A 403 -45.10 -5.17 -2.89
C ARG A 403 -46.01 -6.14 -2.14
N ASP A 404 -45.51 -7.35 -1.91
CA ASP A 404 -46.28 -8.36 -1.21
C ASP A 404 -46.70 -7.83 0.15
N SER A 405 -45.81 -7.08 0.78
CA SER A 405 -46.05 -6.52 2.10
C SER A 405 -47.20 -5.52 2.12
N ASN A 406 -47.24 -4.60 1.15
CA ASN A 406 -48.30 -3.59 1.11
C ASN A 406 -49.67 -4.20 0.84
N TYR A 407 -49.71 -5.27 0.05
CA TYR A 407 -50.98 -5.92 -0.23
C TYR A 407 -51.52 -6.63 1.03
N HIS A 408 -50.63 -7.21 1.83
CA HIS A 408 -51.05 -7.86 3.06
C HIS A 408 -51.48 -6.83 4.10
N LEU A 409 -50.87 -5.63 4.04
CA LEU A 409 -51.23 -4.56 4.96
C LEU A 409 -52.63 -4.10 4.62
N LEU A 410 -52.88 -3.91 3.33
CA LEU A 410 -54.17 -3.49 2.83
C LEU A 410 -55.20 -4.61 3.07
N MET A 411 -54.74 -5.85 2.96
CA MET A 411 -55.64 -6.96 3.16
C MET A 411 -56.03 -7.04 4.65
N SER A 412 -55.12 -6.57 5.52
CA SER A 412 -55.38 -6.57 6.96
C SER A 412 -56.51 -5.61 7.33
N VAL A 413 -56.61 -4.52 6.60
CA VAL A 413 -57.66 -3.58 6.91
C VAL A 413 -58.94 -4.13 6.28
N GLN A 414 -58.81 -4.73 5.09
CA GLN A 414 -59.97 -5.31 4.41
C GLN A 414 -60.60 -6.39 5.27
N GLU A 415 -59.79 -7.34 5.73
CA GLU A 415 -60.31 -8.44 6.54
C GLU A 415 -60.84 -8.00 7.90
N SER A 416 -60.20 -6.99 8.49
CA SER A 416 -60.63 -6.51 9.80
C SER A 416 -62.03 -5.93 9.73
N LEU A 417 -62.30 -5.23 8.64
CA LEU A 417 -63.60 -4.60 8.42
C LEU A 417 -64.66 -5.60 8.02
N GLU A 418 -64.28 -6.63 7.25
CA GLU A 418 -65.25 -7.63 6.84
C GLU A 418 -65.59 -8.46 8.08
N ARG A 419 -64.64 -8.55 9.00
CA ARG A 419 -64.80 -9.29 10.25
C ARG A 419 -65.81 -8.54 11.09
N LYS A 420 -65.65 -7.22 11.17
CA LYS A 420 -66.55 -6.37 11.94
C LYS A 420 -67.91 -6.30 11.28
N PHE A 421 -67.98 -5.59 10.17
CA PHE A 421 -69.21 -5.43 9.40
C PHE A 421 -69.49 -6.75 8.64
N GLY A 422 -69.59 -7.85 9.39
CA GLY A 422 -69.83 -9.18 8.85
C GLY A 422 -70.47 -9.35 7.47
N LYS A 423 -71.79 -9.51 7.46
CA LYS A 423 -72.55 -9.68 6.23
C LYS A 423 -73.28 -8.40 5.85
N HIS A 424 -73.35 -7.46 6.79
CA HIS A 424 -73.99 -6.17 6.54
C HIS A 424 -73.28 -5.54 5.34
N GLY A 425 -71.96 -5.35 5.49
CA GLY A 425 -71.15 -4.76 4.44
C GLY A 425 -70.91 -5.61 3.19
N GLY A 426 -70.50 -6.87 3.38
CA GLY A 426 -70.22 -7.76 2.25
C GLY A 426 -68.74 -7.74 1.98
N THR A 427 -68.33 -7.73 0.70
CA THR A 427 -66.91 -7.66 0.41
C THR A 427 -66.55 -6.16 0.47
N ILE A 428 -65.43 -5.85 1.10
CA ILE A 428 -64.98 -4.47 1.23
C ILE A 428 -63.56 -4.38 0.67
N PRO A 429 -63.42 -4.39 -0.67
CA PRO A 429 -62.14 -4.32 -1.37
C PRO A 429 -61.34 -3.10 -0.95
N ILE A 430 -60.14 -3.34 -0.47
CA ILE A 430 -59.25 -2.27 -0.10
C ILE A 430 -58.18 -2.35 -1.17
N VAL A 431 -58.22 -1.40 -2.08
CA VAL A 431 -57.32 -1.38 -3.21
C VAL A 431 -56.47 -0.11 -3.29
N PRO A 432 -55.25 -0.21 -3.83
CA PRO A 432 -54.45 1.01 -3.91
C PRO A 432 -55.06 2.03 -4.87
N THR A 433 -54.80 3.30 -4.64
CA THR A 433 -55.24 4.34 -5.54
C THR A 433 -54.24 4.20 -6.71
N ALA A 434 -54.50 4.85 -7.83
CA ALA A 434 -53.58 4.76 -8.96
C ALA A 434 -52.18 5.23 -8.56
N GLU A 435 -52.12 6.31 -7.79
CA GLU A 435 -50.84 6.87 -7.32
C GLU A 435 -50.09 5.90 -6.43
N PHE A 436 -50.78 5.30 -5.46
CA PHE A 436 -50.11 4.36 -4.58
C PHE A 436 -49.72 3.09 -5.34
N GLN A 437 -50.43 2.78 -6.42
CA GLN A 437 -50.13 1.59 -7.22
C GLN A 437 -48.74 1.69 -7.83
N ASP A 438 -48.34 2.92 -8.16
CA ASP A 438 -47.03 3.21 -8.76
C ASP A 438 -45.94 3.25 -7.71
N ARG A 439 -46.35 3.25 -6.45
CA ARG A 439 -45.41 3.27 -5.35
C ARG A 439 -45.48 1.98 -4.57
N ILE A 440 -46.22 1.01 -5.10
CA ILE A 440 -46.43 -0.28 -4.43
C ILE A 440 -45.20 -1.13 -4.13
N SER A 441 -44.20 -1.09 -5.00
CA SER A 441 -43.00 -1.89 -4.76
C SER A 441 -41.89 -1.09 -4.08
N GLY A 442 -42.20 0.13 -3.66
CA GLY A 442 -41.20 0.95 -3.03
C GLY A 442 -40.43 1.75 -4.06
N ALA A 443 -39.53 2.60 -3.58
CA ALA A 443 -38.75 3.48 -4.43
C ALA A 443 -37.68 2.81 -5.29
N SER A 444 -37.52 3.34 -6.50
CA SER A 444 -36.51 2.84 -7.41
C SER A 444 -35.43 3.93 -7.44
N GLU A 445 -34.36 3.67 -8.18
CA GLU A 445 -33.27 4.64 -8.30
C GLU A 445 -33.82 5.99 -8.75
N LYS A 446 -34.59 5.97 -9.83
CA LYS A 446 -35.19 7.18 -10.36
C LYS A 446 -36.04 7.89 -9.30
N ASP A 447 -36.79 7.10 -8.54
CA ASP A 447 -37.64 7.64 -7.49
C ASP A 447 -36.84 8.39 -6.44
N ILE A 448 -35.79 7.75 -5.94
CA ILE A 448 -34.94 8.34 -4.91
C ILE A 448 -34.27 9.64 -5.37
N VAL A 449 -33.81 9.66 -6.61
CA VAL A 449 -33.16 10.85 -7.14
C VAL A 449 -34.13 12.02 -7.14
N HIS A 450 -35.30 11.82 -7.73
CA HIS A 450 -36.32 12.86 -7.80
C HIS A 450 -36.79 13.36 -6.45
N SER A 451 -37.26 12.44 -5.62
CA SER A 451 -37.75 12.81 -4.30
C SER A 451 -36.63 13.28 -3.38
N GLY A 452 -35.42 12.75 -3.59
CA GLY A 452 -34.29 13.14 -2.77
C GLY A 452 -33.88 14.57 -3.11
N LEU A 453 -33.88 14.89 -4.40
CA LEU A 453 -33.53 16.24 -4.83
C LEU A 453 -34.57 17.25 -4.36
N ALA A 454 -35.84 16.99 -4.68
CA ALA A 454 -36.93 17.89 -4.27
C ALA A 454 -36.85 18.17 -2.78
N TYR A 455 -36.65 17.11 -1.99
CA TYR A 455 -36.55 17.24 -0.54
C TYR A 455 -35.42 18.18 -0.14
N THR A 456 -34.26 17.98 -0.74
CA THR A 456 -33.10 18.79 -0.43
C THR A 456 -33.32 20.26 -0.76
N MET A 457 -33.80 20.54 -1.97
CA MET A 457 -34.06 21.92 -2.40
C MET A 457 -35.08 22.61 -1.52
N GLU A 458 -36.04 21.84 -1.03
CA GLU A 458 -37.06 22.37 -0.15
C GLU A 458 -36.50 22.64 1.25
N ARG A 459 -35.81 21.65 1.83
CA ARG A 459 -35.24 21.84 3.15
C ARG A 459 -34.33 23.06 3.19
N SER A 460 -33.44 23.17 2.20
CA SER A 460 -32.51 24.29 2.14
C SER A 460 -33.18 25.63 1.85
N ALA A 461 -34.26 25.59 1.08
CA ALA A 461 -34.99 26.80 0.76
C ALA A 461 -35.59 27.38 2.05
N ARG A 462 -36.25 26.56 2.85
CA ARG A 462 -36.83 27.01 4.12
C ARG A 462 -35.74 27.58 5.02
N GLN A 463 -34.63 26.86 5.11
CA GLN A 463 -33.50 27.29 5.93
C GLN A 463 -33.06 28.68 5.55
N ILE A 464 -33.05 28.95 4.25
CA ILE A 464 -32.63 30.25 3.76
C ILE A 464 -33.69 31.31 4.11
N MET A 465 -34.97 30.97 3.93
CA MET A 465 -36.03 31.90 4.26
C MET A 465 -36.00 32.27 5.74
N ARG A 466 -35.90 31.25 6.59
CA ARG A 466 -35.85 31.45 8.03
C ARG A 466 -34.72 32.39 8.41
N THR A 467 -33.60 32.26 7.70
CA THR A 467 -32.42 33.07 7.95
C THR A 467 -32.58 34.49 7.41
N ALA A 468 -33.21 34.63 6.24
CA ALA A 468 -33.42 35.94 5.68
C ALA A 468 -34.32 36.72 6.66
N MET A 469 -35.26 36.02 7.29
CA MET A 469 -36.18 36.63 8.25
C MET A 469 -35.48 37.04 9.53
N LYS A 470 -34.79 36.09 10.15
CA LYS A 470 -34.09 36.33 11.41
C LYS A 470 -33.13 37.51 11.37
N TYR A 471 -32.69 37.90 10.19
CA TYR A 471 -31.75 39.00 10.05
C TYR A 471 -32.28 40.14 9.19
N ASN A 472 -33.56 40.06 8.86
CA ASN A 472 -34.23 41.06 8.04
C ASN A 472 -33.35 41.41 6.81
N LEU A 473 -32.98 40.39 6.05
CA LEU A 473 -32.16 40.61 4.88
C LEU A 473 -32.99 40.88 3.62
N GLY A 474 -34.31 40.77 3.74
CA GLY A 474 -35.19 41.02 2.61
C GLY A 474 -34.92 40.12 1.41
N LEU A 475 -34.58 40.72 0.26
CA LEU A 475 -34.30 39.94 -0.95
C LEU A 475 -32.81 39.63 -1.12
N ASP A 476 -32.07 39.66 -0.01
CA ASP A 476 -30.65 39.37 -0.03
C ASP A 476 -30.50 37.91 0.37
N LEU A 477 -30.93 37.01 -0.51
CA LEU A 477 -30.88 35.60 -0.26
C LEU A 477 -29.46 35.05 -0.26
N ARG A 478 -28.61 35.65 -1.08
CA ARG A 478 -27.22 35.21 -1.16
C ARG A 478 -26.58 35.27 0.21
N THR A 479 -26.73 36.41 0.87
CA THR A 479 -26.17 36.58 2.19
C THR A 479 -26.79 35.58 3.19
N ALA A 480 -28.07 35.30 3.07
CA ALA A 480 -28.71 34.34 3.96
C ALA A 480 -28.07 32.95 3.74
N ALA A 481 -27.78 32.64 2.48
CA ALA A 481 -27.16 31.36 2.12
C ALA A 481 -25.76 31.23 2.72
N TYR A 482 -24.93 32.25 2.54
CA TYR A 482 -23.58 32.18 3.10
C TYR A 482 -23.62 32.09 4.63
N VAL A 483 -24.62 32.74 5.21
CA VAL A 483 -24.80 32.70 6.65
C VAL A 483 -25.04 31.25 7.06
N ASN A 484 -25.97 30.58 6.37
CA ASN A 484 -26.27 29.18 6.68
C ASN A 484 -25.03 28.31 6.47
N ALA A 485 -24.32 28.57 5.38
CA ALA A 485 -23.12 27.80 5.04
C ALA A 485 -21.99 27.95 6.06
N ILE A 486 -21.68 29.20 6.44
CA ILE A 486 -20.63 29.45 7.39
C ILE A 486 -20.99 28.76 8.71
N GLU A 487 -22.26 28.80 9.06
CA GLU A 487 -22.74 28.17 10.30
C GLU A 487 -22.42 26.68 10.27
N LYS A 488 -22.77 26.01 9.17
CA LYS A 488 -22.51 24.58 9.06
C LYS A 488 -21.04 24.21 8.99
N VAL A 489 -20.24 24.95 8.22
CA VAL A 489 -18.83 24.63 8.12
C VAL A 489 -18.18 24.87 9.47
N PHE A 490 -18.69 25.86 10.18
CA PHE A 490 -18.19 26.22 11.49
C PHE A 490 -18.46 25.11 12.50
N ARG A 491 -19.70 24.62 12.53
CA ARG A 491 -20.08 23.57 13.47
C ARG A 491 -19.03 22.45 13.52
N VAL A 492 -18.48 22.12 12.35
CA VAL A 492 -17.44 21.11 12.20
C VAL A 492 -16.14 21.61 12.78
N TYR A 493 -15.91 22.91 12.74
CA TYR A 493 -14.64 23.41 13.28
C TYR A 493 -14.72 23.65 14.76
N ASN A 494 -15.89 23.95 15.28
CA ASN A 494 -16.05 24.23 16.70
C ASN A 494 -15.65 23.07 17.60
N GLU A 495 -16.38 21.97 17.47
CA GLU A 495 -16.17 20.76 18.26
C GLU A 495 -14.79 20.13 18.19
N ALA A 496 -14.03 20.33 19.28
CA ALA A 496 -12.65 19.81 19.46
C ALA A 496 -11.62 20.04 18.33
N GLY A 497 -12.07 20.10 17.07
CA GLY A 497 -11.19 20.30 15.91
C GLY A 497 -9.68 20.13 16.11
N VAL A 498 -9.04 21.24 16.48
CA VAL A 498 -7.61 21.31 16.79
C VAL A 498 -7.63 22.50 17.76
N THR A 499 -8.82 23.11 17.87
CA THR A 499 -9.07 24.32 18.66
C THR A 499 -9.64 24.31 20.10
N PHE A 500 -9.86 23.14 20.72
CA PHE A 500 -10.42 23.13 22.09
C PHE A 500 -9.53 23.72 23.19
N THR A 501 -9.91 23.37 24.43
CA THR A 501 -9.24 23.80 25.64
C THR A 501 -10.05 23.12 26.74
N ALA B 1 -20.10 -35.14 -24.66
CA ALA B 1 -18.86 -35.97 -24.59
C ALA B 1 -19.17 -37.29 -25.31
N ASP B 2 -18.30 -37.73 -26.23
CA ASP B 2 -18.52 -38.99 -26.96
C ASP B 2 -17.23 -39.45 -27.64
N ARG B 3 -17.03 -38.89 -28.84
CA ARG B 3 -15.91 -39.10 -29.75
C ARG B 3 -16.52 -38.48 -31.01
N GLU B 4 -17.85 -38.51 -31.05
CA GLU B 4 -18.60 -37.91 -32.14
C GLU B 4 -18.74 -36.45 -31.72
N ASP B 5 -19.82 -36.08 -31.03
CA ASP B 5 -19.91 -34.69 -30.63
C ASP B 5 -19.53 -34.40 -29.18
N ASP B 6 -18.30 -33.95 -29.04
CA ASP B 6 -17.67 -33.55 -27.78
C ASP B 6 -16.93 -32.31 -28.25
N PRO B 7 -17.69 -31.27 -28.63
CA PRO B 7 -16.98 -30.08 -29.09
C PRO B 7 -16.13 -29.49 -27.99
N ASN B 8 -15.16 -28.68 -28.36
CA ASN B 8 -14.33 -28.05 -27.37
C ASN B 8 -15.34 -27.25 -26.53
N PHE B 9 -15.28 -27.38 -25.21
CA PHE B 9 -16.23 -26.69 -24.31
C PHE B 9 -16.24 -25.19 -24.61
N PHE B 10 -15.08 -24.56 -24.73
CA PHE B 10 -15.00 -23.13 -25.03
C PHE B 10 -15.63 -22.76 -26.39
N LYS B 11 -15.24 -23.48 -27.44
CA LYS B 11 -15.75 -23.24 -28.80
C LYS B 11 -17.26 -23.38 -28.81
N MET B 12 -17.76 -24.34 -28.05
CA MET B 12 -19.17 -24.63 -27.93
C MET B 12 -19.95 -23.40 -27.43
N VAL B 13 -19.41 -22.73 -26.43
CA VAL B 13 -20.05 -21.55 -25.87
C VAL B 13 -19.91 -20.40 -26.87
N GLU B 14 -18.77 -20.33 -27.55
CA GLU B 14 -18.58 -19.29 -28.55
C GLU B 14 -19.62 -19.48 -29.63
N GLY B 15 -20.02 -20.74 -29.86
CA GLY B 15 -21.03 -21.03 -30.85
C GLY B 15 -22.32 -20.42 -30.37
N PHE B 16 -22.69 -20.75 -29.13
CA PHE B 16 -23.91 -20.20 -28.55
C PHE B 16 -23.87 -18.67 -28.67
N PHE B 17 -22.71 -18.07 -28.38
CA PHE B 17 -22.57 -16.61 -28.45
C PHE B 17 -22.81 -16.09 -29.86
N ASP B 18 -22.02 -16.58 -30.81
CA ASP B 18 -22.12 -16.16 -32.21
C ASP B 18 -23.53 -16.25 -32.78
N ARG B 19 -24.30 -17.20 -32.26
CA ARG B 19 -25.67 -17.36 -32.73
C ARG B 19 -26.47 -16.13 -32.36
N GLY B 20 -26.41 -15.74 -31.09
CA GLY B 20 -27.12 -14.56 -30.62
C GLY B 20 -26.53 -13.28 -31.21
N ALA B 21 -25.23 -13.30 -31.46
CA ALA B 21 -24.56 -12.14 -32.03
C ALA B 21 -25.22 -11.79 -33.36
N SER B 22 -25.62 -12.81 -34.12
CA SER B 22 -26.27 -12.58 -35.40
C SER B 22 -27.64 -11.98 -35.21
N ILE B 23 -28.45 -12.63 -34.37
CA ILE B 23 -29.81 -12.18 -34.09
C ILE B 23 -29.92 -10.71 -33.63
N VAL B 24 -28.99 -10.21 -32.82
CA VAL B 24 -29.11 -8.83 -32.33
C VAL B 24 -28.24 -7.80 -33.02
N GLU B 25 -27.31 -8.25 -33.86
CA GLU B 25 -26.40 -7.34 -34.55
C GLU B 25 -27.08 -6.10 -35.11
N ASP B 26 -28.35 -6.23 -35.49
CA ASP B 26 -29.08 -5.10 -36.04
C ASP B 26 -29.56 -4.10 -34.97
N LYS B 27 -30.14 -4.61 -33.90
CA LYS B 27 -30.64 -3.75 -32.85
C LYS B 27 -29.45 -3.00 -32.25
N LEU B 28 -28.24 -3.53 -32.46
CA LEU B 28 -27.03 -2.89 -31.95
C LEU B 28 -26.54 -1.75 -32.81
N VAL B 29 -26.63 -1.89 -34.13
CA VAL B 29 -26.20 -0.84 -35.05
C VAL B 29 -27.22 0.29 -34.97
N GLU B 30 -28.41 -0.09 -34.51
CA GLU B 30 -29.51 0.84 -34.33
C GLU B 30 -29.21 1.70 -33.10
N ASP B 31 -29.09 1.04 -31.95
CA ASP B 31 -28.79 1.68 -30.67
C ASP B 31 -27.37 2.23 -30.58
N LEU B 32 -26.58 2.00 -31.61
CA LEU B 32 -25.20 2.49 -31.62
C LEU B 32 -25.27 4.01 -31.58
N LYS B 33 -24.62 4.58 -30.57
CA LYS B 33 -24.58 6.03 -30.36
C LYS B 33 -23.44 6.66 -31.15
N THR B 34 -23.45 6.46 -32.46
CA THR B 34 -22.41 7.01 -33.31
C THR B 34 -22.94 8.03 -34.32
N ARG B 35 -22.12 9.05 -34.58
CA ARG B 35 -22.44 10.11 -35.53
C ARG B 35 -22.09 9.58 -36.92
N GLU B 36 -21.18 8.61 -36.97
CA GLU B 36 -20.78 8.00 -38.25
C GLU B 36 -21.95 7.14 -38.68
N THR B 37 -21.80 6.39 -39.77
CA THR B 37 -22.92 5.56 -40.22
C THR B 37 -22.55 4.32 -41.05
N GLU B 38 -23.60 3.65 -41.53
CA GLU B 38 -23.52 2.45 -42.36
C GLU B 38 -22.60 1.31 -41.91
N GLU B 39 -21.60 1.03 -42.73
CA GLU B 39 -20.63 -0.04 -42.48
C GLU B 39 -19.71 0.23 -41.30
N GLN B 40 -19.48 1.50 -41.00
CA GLN B 40 -18.60 1.84 -39.88
C GLN B 40 -19.31 1.47 -38.59
N LYS B 41 -20.63 1.65 -38.56
CA LYS B 41 -21.41 1.29 -37.39
C LYS B 41 -21.52 -0.22 -37.31
N ARG B 42 -21.61 -0.85 -38.48
CA ARG B 42 -21.70 -2.31 -38.60
C ARG B 42 -20.37 -2.91 -38.12
N ASN B 43 -19.28 -2.27 -38.56
CA ASN B 43 -17.93 -2.71 -38.22
C ASN B 43 -17.61 -2.53 -36.75
N ARG B 44 -18.00 -1.40 -36.18
CA ARG B 44 -17.74 -1.13 -34.78
C ARG B 44 -18.37 -2.17 -33.87
N VAL B 45 -19.59 -2.58 -34.20
CA VAL B 45 -20.29 -3.57 -33.41
C VAL B 45 -19.49 -4.88 -33.46
N ARG B 46 -19.05 -5.24 -34.65
CA ARG B 46 -18.28 -6.48 -34.79
C ARG B 46 -16.99 -6.43 -33.98
N GLY B 47 -16.35 -5.26 -33.97
CA GLY B 47 -15.11 -5.12 -33.22
C GLY B 47 -15.33 -5.31 -31.73
N ILE B 48 -16.39 -4.68 -31.22
CA ILE B 48 -16.71 -4.77 -29.80
C ILE B 48 -17.03 -6.22 -29.42
N LEU B 49 -17.82 -6.89 -30.25
CA LEU B 49 -18.17 -8.29 -30.00
C LEU B 49 -16.93 -9.17 -30.03
N ARG B 50 -15.96 -8.80 -30.85
CA ARG B 50 -14.74 -9.59 -30.93
C ARG B 50 -13.94 -9.42 -29.62
N ILE B 51 -14.20 -8.35 -28.88
CA ILE B 51 -13.49 -8.12 -27.62
C ILE B 51 -14.10 -8.94 -26.47
N ILE B 52 -15.42 -9.01 -26.46
CA ILE B 52 -16.20 -9.70 -25.44
C ILE B 52 -16.00 -11.22 -25.43
N LYS B 53 -15.85 -11.82 -26.60
CA LYS B 53 -15.71 -13.28 -26.69
C LYS B 53 -14.48 -13.88 -26.02
N PRO B 54 -13.28 -13.36 -26.32
CA PRO B 54 -12.15 -14.00 -25.65
C PRO B 54 -11.99 -13.59 -24.19
N CYS B 55 -11.50 -14.54 -23.40
CA CYS B 55 -11.23 -14.31 -21.97
C CYS B 55 -10.08 -13.32 -21.91
N ASN B 56 -10.16 -12.35 -21.01
CA ASN B 56 -9.10 -11.37 -20.88
C ASN B 56 -7.87 -11.94 -20.18
N HIS B 57 -8.07 -12.71 -19.12
CA HIS B 57 -6.95 -13.30 -18.39
C HIS B 57 -7.10 -14.76 -17.98
N VAL B 58 -6.02 -15.51 -18.11
CA VAL B 58 -6.00 -16.90 -17.69
C VAL B 58 -4.68 -17.18 -17.00
N LEU B 59 -4.76 -17.64 -15.76
CA LEU B 59 -3.57 -17.96 -15.00
C LEU B 59 -3.56 -19.47 -14.81
N SER B 60 -2.43 -20.06 -15.22
CA SER B 60 -2.21 -21.50 -15.08
C SER B 60 -1.18 -21.61 -13.95
N LEU B 61 -1.43 -22.48 -12.99
CA LEU B 61 -0.53 -22.64 -11.85
C LEU B 61 -0.08 -24.06 -11.65
N SER B 62 1.12 -24.19 -11.09
CA SER B 62 1.71 -25.48 -10.81
C SER B 62 2.42 -25.26 -9.49
N PHE B 63 1.83 -25.74 -8.40
CA PHE B 63 2.45 -25.56 -7.09
C PHE B 63 2.55 -26.88 -6.33
N PRO B 64 3.58 -27.02 -5.49
CA PRO B 64 3.76 -28.26 -4.74
C PRO B 64 3.09 -28.27 -3.38
N ILE B 65 2.77 -29.46 -2.90
CA ILE B 65 2.19 -29.63 -1.57
C ILE B 65 2.77 -30.89 -0.96
N ARG B 66 2.99 -30.86 0.34
CA ARG B 66 3.52 -32.00 1.06
C ARG B 66 2.35 -32.88 1.50
N ARG B 67 2.27 -34.08 0.90
CA ARG B 67 1.23 -35.08 1.20
C ARG B 67 1.39 -35.54 2.64
N ASP B 68 0.36 -36.16 3.19
CA ASP B 68 0.43 -36.63 4.57
C ASP B 68 1.53 -37.66 4.83
N ASP B 69 1.85 -38.48 3.83
CA ASP B 69 2.89 -39.48 4.03
C ASP B 69 4.30 -38.97 3.74
N GLY B 70 4.49 -37.65 3.90
CA GLY B 70 5.79 -37.05 3.68
C GLY B 70 6.18 -36.71 2.24
N SER B 71 5.63 -37.44 1.27
CA SER B 71 5.96 -37.23 -0.13
C SER B 71 5.54 -35.88 -0.74
N TRP B 72 6.21 -35.50 -1.82
CA TRP B 72 5.93 -34.26 -2.53
C TRP B 72 5.09 -34.51 -3.76
N GLU B 73 4.15 -33.61 -4.03
CA GLU B 73 3.28 -33.73 -5.18
C GLU B 73 3.02 -32.36 -5.82
N VAL B 74 2.98 -32.33 -7.15
CA VAL B 74 2.71 -31.09 -7.86
C VAL B 74 1.28 -31.09 -8.34
N ILE B 75 0.49 -30.08 -7.95
CA ILE B 75 -0.89 -30.06 -8.42
C ILE B 75 -1.09 -28.89 -9.37
N GLU B 76 -1.96 -29.07 -10.36
CA GLU B 76 -2.23 -28.02 -11.34
C GLU B 76 -3.53 -27.30 -11.06
N GLY B 77 -3.55 -26.01 -11.38
CA GLY B 77 -4.74 -25.22 -11.17
C GLY B 77 -4.83 -24.09 -12.16
N TYR B 78 -6.03 -23.57 -12.36
CA TYR B 78 -6.25 -22.47 -13.29
C TYR B 78 -7.39 -21.57 -12.82
N ARG B 79 -7.30 -20.30 -13.20
CA ARG B 79 -8.39 -19.39 -12.96
C ARG B 79 -8.40 -18.44 -14.14
N ALA B 80 -9.54 -18.39 -14.80
CA ALA B 80 -9.70 -17.54 -15.93
C ALA B 80 -10.64 -16.41 -15.58
N GLN B 81 -10.36 -15.21 -16.10
CA GLN B 81 -11.24 -14.08 -15.90
C GLN B 81 -11.65 -13.71 -17.32
N HIS B 82 -12.92 -13.96 -17.64
CA HIS B 82 -13.42 -13.70 -18.97
C HIS B 82 -13.55 -12.21 -19.26
N SER B 83 -14.27 -11.51 -18.40
CA SER B 83 -14.51 -10.09 -18.58
C SER B 83 -14.34 -9.24 -17.32
N GLN B 84 -13.90 -8.00 -17.50
CA GLN B 84 -13.78 -7.06 -16.38
C GLN B 84 -14.70 -5.89 -16.68
N HIS B 85 -15.65 -6.07 -17.57
CA HIS B 85 -16.55 -4.97 -17.93
C HIS B 85 -17.30 -4.50 -16.68
N ARG B 86 -17.36 -5.36 -15.66
CA ARG B 86 -17.94 -5.05 -14.36
C ARG B 86 -16.80 -5.46 -13.45
N THR B 87 -16.25 -4.48 -12.72
CA THR B 87 -15.06 -4.64 -11.89
C THR B 87 -14.80 -5.93 -11.12
N PRO B 88 -15.71 -6.36 -10.22
CA PRO B 88 -15.32 -7.64 -9.57
C PRO B 88 -15.73 -8.84 -10.43
N CYS B 89 -14.77 -9.71 -10.75
CA CYS B 89 -15.05 -10.90 -11.53
C CYS B 89 -15.70 -11.83 -10.52
N LYS B 90 -16.50 -12.78 -11.00
CA LYS B 90 -17.18 -13.70 -10.11
C LYS B 90 -17.25 -15.08 -10.75
N GLY B 91 -16.99 -16.10 -9.94
CA GLY B 91 -17.04 -17.45 -10.47
C GLY B 91 -16.48 -18.45 -9.49
N GLY B 92 -17.05 -19.66 -9.51
CA GLY B 92 -16.62 -20.69 -8.60
C GLY B 92 -15.29 -21.38 -8.84
N ILE B 93 -15.03 -22.38 -8.01
CA ILE B 93 -13.81 -23.17 -8.05
C ILE B 93 -14.18 -24.64 -8.10
N ARG B 94 -13.76 -25.31 -9.16
CA ARG B 94 -14.05 -26.72 -9.34
C ARG B 94 -12.86 -27.64 -9.00
N TYR B 95 -13.11 -28.73 -8.30
CA TYR B 95 -12.03 -29.70 -7.99
C TYR B 95 -12.34 -30.98 -8.75
N SER B 96 -11.61 -31.21 -9.84
CA SER B 96 -11.83 -32.39 -10.64
C SER B 96 -10.67 -32.67 -11.59
N THR B 97 -10.54 -33.93 -12.01
CA THR B 97 -9.47 -34.27 -12.95
C THR B 97 -9.93 -33.84 -14.34
N ASP B 98 -11.23 -33.61 -14.51
CA ASP B 98 -11.74 -33.18 -15.81
C ASP B 98 -11.36 -31.72 -16.08
N VAL B 99 -10.87 -30.98 -15.09
CA VAL B 99 -10.56 -29.58 -15.35
C VAL B 99 -9.37 -29.36 -16.26
N SER B 100 -9.45 -28.29 -17.04
CA SER B 100 -8.39 -27.91 -17.98
C SER B 100 -8.57 -26.45 -18.37
N VAL B 101 -7.54 -25.88 -18.97
CA VAL B 101 -7.56 -24.50 -19.42
C VAL B 101 -8.89 -24.17 -20.16
N ASP B 102 -9.26 -25.00 -21.14
CA ASP B 102 -10.48 -24.77 -21.90
C ASP B 102 -11.78 -24.90 -21.13
N GLU B 103 -11.85 -25.89 -20.26
CA GLU B 103 -13.07 -26.08 -19.47
C GLU B 103 -13.28 -24.83 -18.60
N VAL B 104 -12.22 -24.35 -18.00
CA VAL B 104 -12.31 -23.19 -17.13
C VAL B 104 -12.64 -21.91 -17.92
N LYS B 105 -12.06 -21.76 -19.11
CA LYS B 105 -12.33 -20.59 -19.92
C LYS B 105 -13.81 -20.57 -20.29
N ALA B 106 -14.32 -21.74 -20.67
CA ALA B 106 -15.71 -21.86 -21.07
C ALA B 106 -16.62 -21.49 -19.92
N LEU B 107 -16.37 -22.09 -18.77
CA LEU B 107 -17.15 -21.85 -17.57
C LEU B 107 -17.11 -20.35 -17.19
N ALA B 108 -15.94 -19.76 -17.34
CA ALA B 108 -15.72 -18.37 -17.01
C ALA B 108 -16.59 -17.47 -17.88
N SER B 109 -16.62 -17.75 -19.17
CA SER B 109 -17.43 -16.93 -20.06
C SER B 109 -18.93 -17.16 -19.79
N LEU B 110 -19.29 -18.39 -19.43
CA LEU B 110 -20.69 -18.64 -19.12
C LEU B 110 -21.11 -17.81 -17.90
N MET B 111 -20.15 -17.60 -17.00
CA MET B 111 -20.41 -16.82 -15.80
C MET B 111 -20.76 -15.38 -16.14
N THR B 112 -20.02 -14.77 -17.07
CA THR B 112 -20.33 -13.39 -17.39
C THR B 112 -21.65 -13.25 -18.15
N TYR B 113 -21.93 -14.20 -19.04
CA TYR B 113 -23.19 -14.11 -19.77
C TYR B 113 -24.36 -14.36 -18.80
N LYS B 114 -24.19 -15.29 -17.87
CA LYS B 114 -25.25 -15.57 -16.92
C LYS B 114 -25.48 -14.38 -15.96
N CYS B 115 -24.39 -13.73 -15.53
CA CYS B 115 -24.53 -12.58 -14.62
C CYS B 115 -25.29 -11.46 -15.34
N ALA B 116 -25.03 -11.32 -16.63
CA ALA B 116 -25.68 -10.30 -17.43
C ALA B 116 -27.19 -10.62 -17.53
N VAL B 117 -27.52 -11.87 -17.80
CA VAL B 117 -28.92 -12.28 -17.92
C VAL B 117 -29.70 -11.95 -16.66
N VAL B 118 -29.07 -12.27 -15.53
CA VAL B 118 -29.66 -12.09 -14.23
C VAL B 118 -29.38 -10.74 -13.56
N ASP B 119 -28.76 -9.83 -14.30
CA ASP B 119 -28.45 -8.47 -13.83
C ASP B 119 -27.57 -8.32 -12.57
N VAL B 120 -26.59 -9.18 -12.47
CA VAL B 120 -25.64 -9.16 -11.36
C VAL B 120 -24.40 -8.49 -11.95
N PRO B 121 -23.97 -7.36 -11.36
CA PRO B 121 -22.81 -6.60 -11.82
C PRO B 121 -21.41 -7.18 -11.64
N PHE B 122 -21.17 -8.36 -12.20
CA PHE B 122 -19.86 -9.00 -12.12
C PHE B 122 -19.49 -9.53 -13.48
N GLY B 123 -18.19 -9.47 -13.80
CA GLY B 123 -17.74 -10.05 -15.05
C GLY B 123 -17.48 -11.48 -14.65
N GLY B 124 -17.45 -12.41 -15.59
CA GLY B 124 -17.24 -13.81 -15.24
C GLY B 124 -15.81 -14.31 -15.03
N ALA B 125 -15.67 -15.30 -14.16
CA ALA B 125 -14.39 -15.91 -13.83
C ALA B 125 -14.62 -17.35 -13.39
N LYS B 126 -13.58 -18.17 -13.41
CA LYS B 126 -13.72 -19.55 -13.00
C LYS B 126 -12.38 -20.17 -12.67
N ALA B 127 -12.38 -21.05 -11.68
CA ALA B 127 -11.14 -21.71 -11.32
C ALA B 127 -11.31 -23.22 -11.26
N GLY B 128 -10.21 -23.91 -11.46
CA GLY B 128 -10.24 -25.35 -11.41
C GLY B 128 -8.90 -25.87 -10.92
N VAL B 129 -8.98 -26.86 -10.03
CA VAL B 129 -7.78 -27.51 -9.50
C VAL B 129 -7.93 -28.97 -9.96
N LYS B 130 -6.95 -29.45 -10.71
CA LYS B 130 -6.98 -30.82 -11.25
C LYS B 130 -6.69 -31.94 -10.26
N ILE B 131 -7.67 -32.28 -9.43
CA ILE B 131 -7.52 -33.34 -8.46
C ILE B 131 -8.85 -34.02 -8.25
N ASN B 132 -8.82 -35.23 -7.72
CA ASN B 132 -10.04 -35.95 -7.41
C ASN B 132 -9.96 -35.86 -5.91
N PRO B 133 -10.81 -35.02 -5.31
CA PRO B 133 -10.87 -34.80 -3.87
C PRO B 133 -10.88 -36.07 -3.01
N LYS B 134 -11.55 -37.11 -3.50
CA LYS B 134 -11.65 -38.37 -2.77
C LYS B 134 -10.34 -39.11 -2.53
N ASN B 135 -9.28 -38.71 -3.23
CA ASN B 135 -7.98 -39.35 -3.08
C ASN B 135 -7.05 -38.56 -2.16
N TYR B 136 -7.63 -37.63 -1.40
CA TYR B 136 -6.86 -36.81 -0.46
C TYR B 136 -7.57 -36.73 0.88
N THR B 137 -6.82 -36.47 1.95
CA THR B 137 -7.39 -36.36 3.29
C THR B 137 -7.88 -34.92 3.49
N ASP B 138 -8.63 -34.68 4.55
CA ASP B 138 -9.12 -33.33 4.79
C ASP B 138 -7.94 -32.39 4.98
N ASN B 139 -6.91 -32.87 5.66
CA ASN B 139 -5.73 -32.07 5.92
C ASN B 139 -4.96 -31.70 4.64
N GLU B 140 -4.92 -32.62 3.68
CA GLU B 140 -4.22 -32.34 2.44
C GLU B 140 -5.07 -31.37 1.62
N LEU B 141 -6.39 -31.57 1.62
CA LEU B 141 -7.27 -30.68 0.89
C LEU B 141 -7.15 -29.24 1.40
N GLU B 142 -7.06 -29.09 2.73
CA GLU B 142 -6.91 -27.76 3.31
C GLU B 142 -5.64 -27.10 2.81
N LYS B 143 -4.54 -27.85 2.84
CA LYS B 143 -3.28 -27.31 2.37
C LYS B 143 -3.42 -26.94 0.90
N ILE B 144 -4.10 -27.79 0.13
CA ILE B 144 -4.29 -27.51 -1.27
C ILE B 144 -5.08 -26.23 -1.50
N THR B 145 -6.23 -26.05 -0.86
CA THR B 145 -6.98 -24.83 -1.13
C THR B 145 -6.29 -23.58 -0.56
N ARG B 146 -5.75 -23.65 0.64
CA ARG B 146 -5.07 -22.47 1.21
C ARG B 146 -3.88 -22.03 0.34
N ARG B 147 -3.09 -22.98 -0.11
CA ARG B 147 -1.96 -22.63 -0.96
C ARG B 147 -2.46 -22.06 -2.30
N PHE B 148 -3.54 -22.62 -2.82
CA PHE B 148 -4.07 -22.15 -4.10
C PHE B 148 -4.56 -20.70 -3.97
N THR B 149 -5.14 -20.37 -2.82
CA THR B 149 -5.63 -19.03 -2.56
C THR B 149 -4.48 -18.03 -2.62
N MET B 150 -3.41 -18.32 -1.87
CA MET B 150 -2.24 -17.44 -1.85
C MET B 150 -1.67 -17.18 -3.25
N GLU B 151 -1.54 -18.23 -4.06
CA GLU B 151 -1.01 -18.05 -5.41
C GLU B 151 -1.96 -17.16 -6.21
N LEU B 152 -3.26 -17.31 -6.01
CA LEU B 152 -4.21 -16.47 -6.74
C LEU B 152 -4.13 -15.03 -6.22
N ALA B 153 -4.02 -14.90 -4.90
CA ALA B 153 -3.93 -13.59 -4.30
C ALA B 153 -2.71 -12.80 -4.77
N LYS B 154 -1.56 -13.45 -4.85
CA LYS B 154 -0.34 -12.75 -5.25
C LYS B 154 -0.34 -12.26 -6.69
N LYS B 155 -1.17 -12.87 -7.52
CA LYS B 155 -1.24 -12.51 -8.93
C LYS B 155 -2.51 -11.75 -9.30
N GLY B 156 -3.25 -11.35 -8.27
CA GLY B 156 -4.48 -10.60 -8.49
C GLY B 156 -5.65 -11.39 -9.04
N PHE B 157 -5.82 -12.64 -8.57
CA PHE B 157 -6.92 -13.45 -9.02
C PHE B 157 -7.92 -13.75 -7.91
N ILE B 158 -7.88 -12.92 -6.88
CA ILE B 158 -8.83 -13.00 -5.78
C ILE B 158 -8.70 -11.77 -4.91
N GLY B 159 -9.85 -11.20 -4.54
CA GLY B 159 -9.90 -10.01 -3.71
C GLY B 159 -11.31 -9.46 -3.80
N PRO B 160 -11.79 -8.80 -2.73
CA PRO B 160 -13.15 -8.23 -2.70
C PRO B 160 -13.53 -7.43 -3.95
N GLY B 161 -12.60 -6.64 -4.44
CA GLY B 161 -12.90 -5.81 -5.59
C GLY B 161 -12.28 -6.23 -6.89
N VAL B 162 -11.57 -7.36 -6.91
CA VAL B 162 -10.97 -7.84 -8.15
C VAL B 162 -11.58 -9.14 -8.65
N ASP B 163 -11.73 -10.14 -7.78
CA ASP B 163 -12.26 -11.44 -8.21
C ASP B 163 -12.75 -12.22 -7.00
N VAL B 164 -14.03 -12.59 -7.00
CA VAL B 164 -14.66 -13.30 -5.87
C VAL B 164 -15.13 -14.72 -6.17
N PRO B 165 -14.34 -15.72 -5.77
CA PRO B 165 -14.72 -17.12 -6.03
C PRO B 165 -15.97 -17.58 -5.25
N ALA B 166 -16.29 -18.86 -5.39
CA ALA B 166 -17.44 -19.48 -4.74
C ALA B 166 -17.36 -21.00 -4.97
N PRO B 167 -18.32 -21.77 -4.44
CA PRO B 167 -18.23 -23.21 -4.67
C PRO B 167 -18.63 -23.62 -6.09
N ASP B 168 -18.37 -24.88 -6.41
CA ASP B 168 -18.71 -25.47 -7.70
C ASP B 168 -18.54 -26.98 -7.45
N MET B 169 -18.11 -27.71 -8.45
CA MET B 169 -17.96 -29.15 -8.28
C MET B 169 -16.93 -29.57 -7.25
N SER B 170 -17.41 -30.32 -6.25
CA SER B 170 -16.59 -30.85 -5.17
C SER B 170 -15.99 -29.82 -4.23
N THR B 171 -16.63 -28.65 -4.10
CA THR B 171 -16.17 -27.63 -3.18
C THR B 171 -17.43 -27.09 -2.52
N GLY B 172 -17.30 -26.67 -1.27
CA GLY B 172 -18.47 -26.14 -0.59
C GLY B 172 -18.06 -25.16 0.46
N GLU B 173 -18.92 -24.99 1.47
CA GLU B 173 -18.68 -24.09 2.57
C GLU B 173 -17.27 -24.24 3.15
N ARG B 174 -16.88 -25.49 3.39
CA ARG B 174 -15.59 -25.78 3.99
C ARG B 174 -14.45 -25.12 3.23
N GLU B 175 -14.35 -25.38 1.94
CA GLU B 175 -13.29 -24.78 1.12
C GLU B 175 -13.38 -23.24 1.13
N MET B 176 -14.59 -22.72 1.01
CA MET B 176 -14.80 -21.28 1.00
C MET B 176 -14.27 -20.66 2.29
N SER B 177 -14.47 -21.37 3.40
CA SER B 177 -14.01 -20.94 4.71
C SER B 177 -12.49 -20.86 4.69
N TRP B 178 -11.85 -21.89 4.16
CA TRP B 178 -10.41 -21.89 4.09
C TRP B 178 -9.91 -20.72 3.24
N ILE B 179 -10.56 -20.49 2.11
CA ILE B 179 -10.18 -19.37 1.23
C ILE B 179 -10.27 -18.01 1.96
N ALA B 180 -11.41 -17.75 2.56
CA ALA B 180 -11.63 -16.50 3.28
C ALA B 180 -10.58 -16.30 4.36
N ASP B 181 -10.33 -17.36 5.11
CA ASP B 181 -9.39 -17.31 6.18
C ASP B 181 -7.97 -17.02 5.71
N THR B 182 -7.56 -17.67 4.62
CA THR B 182 -6.23 -17.46 4.09
C THR B 182 -6.04 -16.03 3.62
N TYR B 183 -7.06 -15.51 2.91
CA TYR B 183 -7.01 -14.17 2.37
C TYR B 183 -6.98 -13.12 3.47
N ALA B 184 -7.92 -13.21 4.40
CA ALA B 184 -8.05 -12.27 5.49
C ALA B 184 -6.87 -12.29 6.47
N SER B 185 -6.24 -13.44 6.64
CA SER B 185 -5.10 -13.57 7.55
C SER B 185 -3.79 -13.11 6.92
N THR B 186 -3.76 -12.97 5.60
CA THR B 186 -2.54 -12.53 4.96
C THR B 186 -2.70 -11.21 4.24
N ILE B 187 -2.87 -11.28 2.93
CA ILE B 187 -3.01 -10.09 2.11
C ILE B 187 -4.11 -9.11 2.57
N GLY B 188 -5.31 -9.59 2.85
CA GLY B 188 -6.35 -8.67 3.27
C GLY B 188 -6.49 -8.42 4.75
N HIS B 189 -5.44 -8.63 5.54
CA HIS B 189 -5.57 -8.41 6.98
C HIS B 189 -5.91 -6.98 7.40
N TYR B 190 -5.70 -5.99 6.54
CA TYR B 190 -6.05 -4.61 6.90
C TYR B 190 -7.39 -4.21 6.25
N ASP B 191 -7.83 -5.00 5.26
CA ASP B 191 -9.08 -4.75 4.52
C ASP B 191 -10.36 -4.97 5.30
N ILE B 192 -11.12 -3.88 5.50
CA ILE B 192 -12.37 -3.95 6.20
C ILE B 192 -13.35 -4.89 5.48
N ASN B 193 -13.15 -5.08 4.17
CA ASN B 193 -14.03 -5.98 3.38
C ASN B 193 -13.36 -7.31 3.01
N ALA B 194 -12.31 -7.69 3.73
CA ALA B 194 -11.61 -8.92 3.46
C ALA B 194 -12.47 -10.18 3.27
N HIS B 195 -13.52 -10.32 4.08
CA HIS B 195 -14.34 -11.51 3.96
C HIS B 195 -15.27 -11.55 2.76
N ALA B 196 -15.30 -10.48 2.00
CA ALA B 196 -16.13 -10.44 0.80
C ALA B 196 -15.26 -10.94 -0.36
N CYS B 197 -14.09 -11.48 -0.04
CA CYS B 197 -13.19 -11.98 -1.10
C CYS B 197 -13.73 -13.26 -1.71
N VAL B 198 -14.67 -13.90 -1.03
CA VAL B 198 -15.24 -15.13 -1.54
C VAL B 198 -16.67 -15.31 -1.05
N THR B 199 -17.49 -16.04 -1.80
CA THR B 199 -18.86 -16.28 -1.36
C THR B 199 -19.16 -17.75 -1.18
N GLY B 200 -20.34 -18.05 -0.65
CA GLY B 200 -20.71 -19.43 -0.41
C GLY B 200 -20.05 -19.83 0.91
N LYS B 201 -19.73 -18.83 1.73
CA LYS B 201 -19.11 -19.13 3.01
C LYS B 201 -20.12 -19.67 4.00
N PRO B 202 -19.63 -20.31 5.07
CA PRO B 202 -20.58 -20.84 6.05
C PRO B 202 -21.27 -19.63 6.71
N ILE B 203 -22.53 -19.77 7.09
CA ILE B 203 -23.25 -18.66 7.68
C ILE B 203 -22.55 -18.01 8.88
N SER B 204 -21.92 -18.84 9.70
CA SER B 204 -21.21 -18.33 10.87
C SER B 204 -19.92 -17.57 10.51
N GLN B 205 -19.50 -17.66 9.24
CA GLN B 205 -18.29 -16.95 8.80
C GLN B 205 -18.64 -15.78 7.89
N GLY B 206 -19.89 -15.32 7.90
CA GLY B 206 -20.22 -14.22 7.02
C GLY B 206 -20.93 -14.69 5.76
N GLY B 207 -21.33 -15.96 5.73
CA GLY B 207 -22.06 -16.47 4.58
C GLY B 207 -23.50 -15.97 4.70
N ILE B 208 -24.35 -16.28 3.74
CA ILE B 208 -25.72 -15.81 3.78
C ILE B 208 -26.75 -16.94 3.76
N HIS B 209 -27.88 -16.71 4.42
CA HIS B 209 -28.96 -17.69 4.49
C HIS B 209 -29.35 -18.22 3.11
N GLY B 210 -29.58 -19.51 3.02
CA GLY B 210 -30.01 -20.10 1.77
C GLY B 210 -29.07 -20.08 0.56
N ARG B 211 -27.78 -19.89 0.78
CA ARG B 211 -26.87 -19.91 -0.35
C ARG B 211 -26.63 -21.33 -0.85
N ILE B 212 -26.56 -22.28 0.08
CA ILE B 212 -26.32 -23.67 -0.28
C ILE B 212 -27.43 -24.19 -1.20
N SER B 213 -28.68 -23.93 -0.83
CA SER B 213 -29.80 -24.37 -1.63
C SER B 213 -30.26 -23.32 -2.66
N ALA B 214 -29.52 -22.22 -2.76
CA ALA B 214 -29.92 -21.18 -3.69
C ALA B 214 -30.06 -21.64 -5.13
N THR B 215 -29.18 -22.51 -5.63
CA THR B 215 -29.31 -22.91 -7.02
C THR B 215 -30.56 -23.76 -7.24
N GLY B 216 -30.84 -24.67 -6.31
CA GLY B 216 -32.02 -25.49 -6.41
C GLY B 216 -33.28 -24.66 -6.39
N ARG B 217 -33.33 -23.69 -5.48
CA ARG B 217 -34.48 -22.80 -5.35
C ARG B 217 -34.66 -22.03 -6.65
N GLY B 218 -33.54 -21.60 -7.22
CA GLY B 218 -33.57 -20.87 -8.47
C GLY B 218 -34.01 -21.75 -9.64
N VAL B 219 -33.62 -23.03 -9.60
CA VAL B 219 -33.98 -23.96 -10.65
C VAL B 219 -35.51 -24.11 -10.60
N PHE B 220 -36.06 -24.18 -9.40
CA PHE B 220 -37.49 -24.31 -9.21
C PHE B 220 -38.20 -23.13 -9.85
N HIS B 221 -37.77 -21.93 -9.50
CA HIS B 221 -38.36 -20.71 -10.04
C HIS B 221 -38.26 -20.59 -11.55
N GLY B 222 -37.13 -20.98 -12.11
CA GLY B 222 -36.94 -20.90 -13.54
C GLY B 222 -37.90 -21.82 -14.27
N ILE B 223 -38.17 -22.98 -13.69
CA ILE B 223 -39.07 -23.94 -14.31
C ILE B 223 -40.51 -23.47 -14.13
N GLU B 224 -40.78 -22.89 -12.96
CA GLU B 224 -42.09 -22.37 -12.62
C GLU B 224 -42.55 -21.29 -13.59
N ASN B 225 -41.65 -20.35 -13.87
CA ASN B 225 -41.91 -19.23 -14.78
C ASN B 225 -42.35 -19.67 -16.19
N PHE B 226 -41.83 -20.79 -16.67
CA PHE B 226 -42.23 -21.27 -17.99
C PHE B 226 -43.35 -22.31 -17.94
N ILE B 227 -43.29 -23.18 -16.93
CA ILE B 227 -44.28 -24.24 -16.80
C ILE B 227 -45.68 -23.74 -16.43
N ASN B 228 -45.84 -22.42 -16.29
CA ASN B 228 -47.13 -21.82 -15.97
C ASN B 228 -47.58 -20.78 -16.99
N GLU B 229 -47.10 -20.93 -18.22
CA GLU B 229 -47.43 -19.99 -19.28
C GLU B 229 -48.52 -20.42 -20.26
N ALA B 230 -48.69 -21.72 -20.43
CA ALA B 230 -49.69 -22.28 -21.34
C ALA B 230 -49.30 -21.96 -22.78
N SER B 231 -48.87 -20.72 -23.02
CA SER B 231 -48.46 -20.29 -24.33
C SER B 231 -47.20 -21.07 -24.70
N TYR B 232 -46.63 -21.76 -23.71
CA TYR B 232 -45.43 -22.56 -23.91
C TYR B 232 -45.73 -24.05 -23.69
N MET B 233 -46.58 -24.35 -22.71
CA MET B 233 -46.95 -25.72 -22.39
C MET B 233 -47.87 -26.35 -23.44
N SER B 234 -48.59 -25.51 -24.17
CA SER B 234 -49.49 -26.01 -25.20
C SER B 234 -48.63 -26.62 -26.32
N ILE B 235 -47.45 -26.04 -26.53
CA ILE B 235 -46.55 -26.49 -27.58
C ILE B 235 -45.80 -27.76 -27.23
N LEU B 236 -45.80 -28.11 -25.95
CA LEU B 236 -45.11 -29.29 -25.47
C LEU B 236 -46.13 -30.40 -25.27
N GLY B 237 -47.39 -30.00 -25.16
CA GLY B 237 -48.46 -30.95 -24.95
C GLY B 237 -48.65 -31.25 -23.49
N MET B 238 -48.38 -30.26 -22.66
CA MET B 238 -48.49 -30.41 -21.21
C MET B 238 -49.43 -29.39 -20.59
N THR B 239 -49.89 -29.70 -19.40
CA THR B 239 -50.76 -28.82 -18.66
C THR B 239 -49.86 -28.01 -17.74
N PRO B 240 -50.24 -26.76 -17.43
CA PRO B 240 -49.38 -25.96 -16.55
C PRO B 240 -49.40 -26.48 -15.12
N GLY B 241 -48.34 -26.20 -14.37
CA GLY B 241 -48.29 -26.65 -12.98
C GLY B 241 -47.32 -27.76 -12.71
N PHE B 242 -47.13 -28.02 -11.42
CA PHE B 242 -46.20 -29.06 -10.96
C PHE B 242 -46.94 -30.30 -10.44
N GLY B 243 -48.15 -30.10 -9.93
CA GLY B 243 -48.94 -31.18 -9.36
C GLY B 243 -49.00 -32.54 -10.05
N ASP B 244 -49.00 -32.53 -11.37
CA ASP B 244 -49.09 -33.78 -12.13
C ASP B 244 -47.85 -34.04 -12.96
N LYS B 245 -46.72 -33.50 -12.52
CA LYS B 245 -45.47 -33.69 -13.23
C LYS B 245 -44.51 -34.64 -12.53
N THR B 246 -43.67 -35.30 -13.33
CA THR B 246 -42.65 -36.24 -12.84
C THR B 246 -41.31 -35.68 -13.34
N PHE B 247 -40.23 -35.93 -12.60
CA PHE B 247 -38.92 -35.43 -13.04
C PHE B 247 -37.78 -36.41 -12.70
N ALA B 248 -36.63 -36.21 -13.35
CA ALA B 248 -35.46 -37.05 -13.10
C ALA B 248 -34.27 -36.10 -13.13
N VAL B 249 -33.43 -36.20 -12.10
CA VAL B 249 -32.27 -35.35 -12.00
C VAL B 249 -30.98 -36.15 -12.03
N GLN B 250 -30.04 -35.71 -12.85
CA GLN B 250 -28.74 -36.38 -12.96
C GLN B 250 -27.81 -35.53 -12.09
N GLY B 251 -27.42 -36.08 -10.95
CA GLY B 251 -26.57 -35.38 -10.01
C GLY B 251 -27.36 -35.25 -8.72
N PHE B 252 -26.72 -35.52 -7.58
CA PHE B 252 -27.42 -35.44 -6.30
C PHE B 252 -26.57 -34.66 -5.31
N GLY B 253 -25.99 -33.57 -5.80
CA GLY B 253 -25.16 -32.72 -4.96
C GLY B 253 -25.88 -31.44 -4.63
N ASN B 254 -25.13 -30.35 -4.43
CA ASN B 254 -25.75 -29.07 -4.09
C ASN B 254 -26.85 -28.63 -5.06
N VAL B 255 -26.66 -28.81 -6.37
CA VAL B 255 -27.70 -28.44 -7.33
C VAL B 255 -28.83 -29.47 -7.36
N GLY B 256 -28.47 -30.69 -7.72
CA GLY B 256 -29.44 -31.77 -7.82
C GLY B 256 -30.29 -32.01 -6.58
N LEU B 257 -29.66 -32.12 -5.41
CA LEU B 257 -30.40 -32.38 -4.18
C LEU B 257 -31.45 -31.34 -3.92
N HIS B 258 -31.08 -30.07 -4.02
CA HIS B 258 -32.05 -29.02 -3.75
C HIS B 258 -33.07 -28.79 -4.84
N SER B 259 -32.70 -29.02 -6.09
CA SER B 259 -33.65 -28.86 -7.18
C SER B 259 -34.75 -29.87 -6.91
N MET B 260 -34.33 -31.07 -6.56
CA MET B 260 -35.23 -32.16 -6.23
C MET B 260 -36.09 -31.79 -5.01
N ARG B 261 -35.47 -31.26 -3.96
CA ARG B 261 -36.24 -30.89 -2.77
C ARG B 261 -37.35 -29.92 -3.10
N TYR B 262 -37.02 -28.85 -3.83
CA TYR B 262 -38.03 -27.83 -4.17
C TYR B 262 -39.13 -28.30 -5.13
N LEU B 263 -38.79 -29.06 -6.17
CA LEU B 263 -39.83 -29.55 -7.09
C LEU B 263 -40.79 -30.47 -6.36
N HIS B 264 -40.24 -31.31 -5.49
CA HIS B 264 -41.05 -32.26 -4.73
C HIS B 264 -42.01 -31.53 -3.78
N ARG B 265 -41.60 -30.36 -3.32
CA ARG B 265 -42.42 -29.58 -2.42
C ARG B 265 -43.70 -29.08 -3.04
N PHE B 266 -43.64 -28.70 -4.32
CA PHE B 266 -44.83 -28.19 -4.97
C PHE B 266 -45.63 -29.23 -5.77
N GLY B 267 -45.54 -30.50 -5.36
CA GLY B 267 -46.32 -31.55 -6.01
C GLY B 267 -45.69 -32.45 -7.05
N ALA B 268 -44.59 -32.02 -7.65
CA ALA B 268 -43.93 -32.85 -8.65
C ALA B 268 -43.30 -34.04 -7.93
N LYS B 269 -43.30 -35.20 -8.58
CA LYS B 269 -42.71 -36.37 -7.96
C LYS B 269 -41.44 -36.80 -8.69
N CYS B 270 -40.38 -37.04 -7.93
CA CYS B 270 -39.11 -37.46 -8.49
C CYS B 270 -39.14 -38.93 -8.83
N VAL B 271 -38.93 -39.22 -10.10
CA VAL B 271 -38.98 -40.57 -10.59
C VAL B 271 -37.61 -41.27 -10.64
N ALA B 272 -36.54 -40.49 -10.71
CA ALA B 272 -35.20 -41.09 -10.77
C ALA B 272 -34.08 -40.11 -10.43
N VAL B 273 -33.10 -40.61 -9.70
CA VAL B 273 -31.94 -39.83 -9.30
C VAL B 273 -30.68 -40.53 -9.79
N GLY B 274 -29.80 -39.75 -10.42
CA GLY B 274 -28.59 -40.34 -10.95
C GLY B 274 -27.28 -39.82 -10.38
N GLU B 275 -26.27 -40.67 -10.43
CA GLU B 275 -24.93 -40.32 -9.95
C GLU B 275 -23.90 -40.97 -10.86
N SER B 276 -22.63 -40.83 -10.51
CA SER B 276 -21.54 -41.40 -11.31
C SER B 276 -21.50 -42.92 -11.29
N ASP B 277 -21.93 -43.53 -10.16
CA ASP B 277 -21.94 -44.99 -10.03
C ASP B 277 -23.04 -45.54 -10.90
N GLY B 278 -24.18 -44.85 -10.89
CA GLY B 278 -25.33 -45.26 -11.66
C GLY B 278 -26.54 -44.47 -11.20
N SER B 279 -27.74 -45.05 -11.33
CA SER B 279 -28.95 -44.36 -10.93
C SER B 279 -29.96 -45.31 -10.29
N ILE B 280 -31.05 -44.75 -9.79
CA ILE B 280 -32.13 -45.53 -9.18
C ILE B 280 -33.44 -45.06 -9.80
N TRP B 281 -34.52 -45.82 -9.60
CA TRP B 281 -35.80 -45.47 -10.22
C TRP B 281 -37.03 -46.01 -9.47
N ASN B 282 -38.15 -45.30 -9.59
CA ASN B 282 -39.42 -45.68 -8.96
C ASN B 282 -40.50 -44.78 -9.53
N PRO B 283 -41.42 -45.35 -10.30
CA PRO B 283 -42.50 -44.57 -10.91
C PRO B 283 -43.46 -43.89 -9.93
N ASP B 284 -43.50 -44.36 -8.68
CA ASP B 284 -44.38 -43.75 -7.69
C ASP B 284 -43.71 -42.59 -6.99
N GLY B 285 -42.46 -42.32 -7.37
CA GLY B 285 -41.75 -41.23 -6.76
C GLY B 285 -40.78 -41.65 -5.68
N ILE B 286 -39.81 -40.78 -5.43
CA ILE B 286 -38.80 -40.99 -4.41
C ILE B 286 -38.81 -39.74 -3.54
N ASP B 287 -38.72 -39.93 -2.24
CA ASP B 287 -38.74 -38.79 -1.33
C ASP B 287 -37.33 -38.23 -1.14
N PRO B 288 -37.18 -36.90 -1.35
CA PRO B 288 -35.87 -36.24 -1.20
C PRO B 288 -35.22 -36.38 0.18
N LYS B 289 -36.02 -36.29 1.25
CA LYS B 289 -35.46 -36.40 2.60
C LYS B 289 -34.91 -37.80 2.90
N GLU B 290 -35.66 -38.85 2.57
CA GLU B 290 -35.19 -40.21 2.82
C GLU B 290 -33.93 -40.53 2.02
N LEU B 291 -33.94 -40.15 0.74
CA LEU B 291 -32.81 -40.39 -0.16
C LEU B 291 -31.55 -39.69 0.35
N GLU B 292 -31.71 -38.50 0.92
CA GLU B 292 -30.56 -37.77 1.43
C GLU B 292 -29.96 -38.48 2.64
N ASP B 293 -30.81 -39.07 3.48
CA ASP B 293 -30.33 -39.78 4.67
C ASP B 293 -29.55 -41.02 4.26
N PHE B 294 -30.12 -41.79 3.34
CA PHE B 294 -29.48 -43.00 2.87
C PHE B 294 -28.11 -42.62 2.33
N LYS B 295 -28.06 -41.64 1.44
CA LYS B 295 -26.82 -41.16 0.84
C LYS B 295 -25.82 -40.70 1.91
N LEU B 296 -26.33 -39.99 2.90
CA LEU B 296 -25.51 -39.47 3.99
C LEU B 296 -24.84 -40.57 4.78
N GLN B 297 -25.60 -41.61 5.12
CA GLN B 297 -25.06 -42.71 5.90
C GLN B 297 -24.28 -43.76 5.11
N HIS B 298 -24.66 -43.99 3.85
CA HIS B 298 -23.99 -44.99 3.02
C HIS B 298 -23.04 -44.47 1.94
N GLY B 299 -22.99 -43.16 1.74
CA GLY B 299 -22.11 -42.61 0.74
C GLY B 299 -22.52 -42.84 -0.70
N THR B 300 -23.70 -43.42 -0.92
CA THR B 300 -24.19 -43.67 -2.28
C THR B 300 -25.70 -43.84 -2.30
N ILE B 301 -26.33 -43.47 -3.41
CA ILE B 301 -27.77 -43.59 -3.53
C ILE B 301 -28.18 -45.00 -3.95
N LEU B 302 -27.25 -45.69 -4.59
CA LEU B 302 -27.51 -47.03 -5.06
C LEU B 302 -27.73 -48.01 -3.92
N GLY B 303 -28.83 -48.76 -4.02
CA GLY B 303 -29.17 -49.71 -2.99
C GLY B 303 -30.26 -49.14 -2.08
N PHE B 304 -30.78 -47.96 -2.42
CA PHE B 304 -31.84 -47.33 -1.64
C PHE B 304 -33.06 -48.25 -1.61
N PRO B 305 -33.58 -48.56 -0.42
CA PRO B 305 -34.74 -49.44 -0.31
C PRO B 305 -36.03 -49.04 -1.02
N LYS B 306 -36.46 -47.78 -0.91
CA LYS B 306 -37.71 -47.41 -1.58
C LYS B 306 -37.59 -47.11 -3.08
N ALA B 307 -36.65 -47.79 -3.74
CA ALA B 307 -36.43 -47.62 -5.18
C ALA B 307 -35.59 -48.77 -5.71
N LYS B 308 -35.45 -48.85 -7.04
CA LYS B 308 -34.66 -49.92 -7.66
C LYS B 308 -33.50 -49.39 -8.49
N ILE B 309 -32.40 -50.13 -8.50
CA ILE B 309 -31.24 -49.74 -9.27
C ILE B 309 -31.60 -49.77 -10.77
N TYR B 310 -31.68 -48.59 -11.38
CA TYR B 310 -32.03 -48.44 -12.79
C TYR B 310 -30.84 -48.75 -13.68
N GLU B 311 -31.10 -49.40 -14.80
CA GLU B 311 -30.04 -49.74 -15.72
C GLU B 311 -30.40 -49.23 -17.11
N GLY B 312 -29.98 -48.00 -17.41
CA GLY B 312 -30.29 -47.44 -18.71
C GLY B 312 -30.25 -45.93 -18.84
N SER B 313 -29.15 -45.31 -18.45
CA SER B 313 -28.98 -43.86 -18.55
C SER B 313 -30.13 -43.01 -17.98
N ILE B 314 -29.86 -42.37 -16.85
CA ILE B 314 -30.83 -41.51 -16.16
C ILE B 314 -31.44 -40.45 -17.08
N LEU B 315 -30.69 -40.08 -18.13
CA LEU B 315 -31.12 -39.05 -19.08
C LEU B 315 -32.23 -39.53 -20.02
N GLU B 316 -32.29 -40.85 -20.22
CA GLU B 316 -33.28 -41.43 -21.13
C GLU B 316 -34.53 -41.93 -20.41
N VAL B 317 -34.56 -41.82 -19.10
CA VAL B 317 -35.72 -42.27 -18.34
C VAL B 317 -36.98 -41.56 -18.81
N ASP B 318 -38.14 -42.15 -18.50
CA ASP B 318 -39.43 -41.58 -18.90
C ASP B 318 -39.94 -40.60 -17.84
N CYS B 319 -40.09 -39.34 -18.23
CA CYS B 319 -40.57 -38.32 -17.32
C CYS B 319 -40.89 -37.04 -18.07
N ASP B 320 -41.57 -36.15 -17.37
CA ASP B 320 -41.98 -34.85 -17.90
C ASP B 320 -40.80 -33.89 -17.96
N ILE B 321 -40.05 -33.81 -16.86
CA ILE B 321 -38.92 -32.89 -16.77
C ILE B 321 -37.59 -33.57 -16.42
N LEU B 322 -36.55 -33.28 -17.20
CA LEU B 322 -35.20 -33.83 -16.97
C LEU B 322 -34.28 -32.70 -16.53
N ILE B 323 -33.66 -32.87 -15.38
CA ILE B 323 -32.75 -31.88 -14.83
C ILE B 323 -31.31 -32.37 -14.74
N PRO B 324 -30.52 -32.12 -15.78
CA PRO B 324 -29.14 -32.59 -15.66
C PRO B 324 -28.41 -31.63 -14.70
N ALA B 325 -27.93 -32.12 -13.56
CA ALA B 325 -27.25 -31.28 -12.60
C ALA B 325 -25.90 -31.87 -12.21
N ALA B 326 -25.13 -32.25 -13.22
CA ALA B 326 -23.81 -32.84 -12.98
C ALA B 326 -22.77 -32.03 -13.74
N SER B 327 -22.15 -32.62 -14.76
CA SER B 327 -21.17 -31.89 -15.51
C SER B 327 -21.63 -31.59 -16.95
N GLU B 328 -20.76 -30.96 -17.72
CA GLU B 328 -21.06 -30.57 -19.08
C GLU B 328 -21.11 -31.71 -20.11
N LYS B 329 -21.75 -31.41 -21.25
CA LYS B 329 -21.87 -32.33 -22.37
C LYS B 329 -22.37 -33.72 -22.02
N GLN B 330 -23.52 -33.78 -21.35
CA GLN B 330 -24.14 -35.03 -20.93
C GLN B 330 -25.25 -35.41 -21.92
N LEU B 331 -25.73 -34.43 -22.68
CA LEU B 331 -26.76 -34.61 -23.69
C LEU B 331 -26.15 -34.21 -25.05
N THR B 332 -25.96 -35.19 -25.92
CA THR B 332 -25.34 -35.00 -27.22
C THR B 332 -26.19 -35.52 -28.38
N LYS B 333 -25.63 -35.51 -29.59
CA LYS B 333 -26.32 -35.98 -30.78
C LYS B 333 -26.76 -37.44 -30.65
N SER B 334 -25.98 -38.23 -29.90
CA SER B 334 -26.26 -39.65 -29.72
C SER B 334 -27.47 -39.97 -28.84
N ASN B 335 -27.49 -39.46 -27.62
CA ASN B 335 -28.61 -39.76 -26.73
C ASN B 335 -29.81 -38.83 -26.84
N ALA B 336 -29.64 -37.68 -27.50
CA ALA B 336 -30.73 -36.72 -27.62
C ALA B 336 -32.06 -37.25 -28.14
N PRO B 337 -32.06 -38.04 -29.23
CA PRO B 337 -33.32 -38.56 -29.75
C PRO B 337 -34.05 -39.47 -28.74
N ARG B 338 -33.43 -39.73 -27.58
CA ARG B 338 -34.02 -40.62 -26.59
C ARG B 338 -34.38 -40.01 -25.22
N VAL B 339 -34.47 -38.69 -25.11
CA VAL B 339 -34.75 -38.10 -23.79
C VAL B 339 -36.10 -38.41 -23.13
N LYS B 340 -37.15 -38.59 -23.93
CA LYS B 340 -38.50 -38.87 -23.40
C LYS B 340 -39.10 -37.70 -22.61
N ALA B 341 -38.27 -36.73 -22.23
CA ALA B 341 -38.76 -35.58 -21.48
C ALA B 341 -39.10 -34.43 -22.41
N LYS B 342 -40.10 -33.63 -22.04
CA LYS B 342 -40.48 -32.50 -22.87
C LYS B 342 -39.72 -31.25 -22.45
N ILE B 343 -39.28 -31.21 -21.20
CA ILE B 343 -38.54 -30.07 -20.69
C ILE B 343 -37.17 -30.45 -20.15
N ILE B 344 -36.12 -29.80 -20.67
CA ILE B 344 -34.77 -30.03 -20.20
C ILE B 344 -34.41 -28.78 -19.36
N ALA B 345 -34.33 -28.94 -18.04
CA ALA B 345 -34.00 -27.83 -17.15
C ALA B 345 -32.52 -27.95 -16.78
N GLU B 346 -31.67 -27.16 -17.44
CA GLU B 346 -30.22 -27.22 -17.20
C GLU B 346 -29.73 -26.66 -15.86
N GLY B 347 -29.58 -27.55 -14.88
CA GLY B 347 -29.09 -27.12 -13.58
C GLY B 347 -27.59 -26.93 -13.69
N ALA B 348 -26.94 -27.86 -14.37
CA ALA B 348 -25.49 -27.80 -14.56
C ALA B 348 -25.12 -26.80 -15.65
N ASN B 349 -23.83 -26.52 -15.77
CA ASN B 349 -23.33 -25.60 -16.78
C ASN B 349 -22.98 -26.42 -18.02
N GLY B 350 -23.45 -25.96 -19.17
CA GLY B 350 -23.20 -26.63 -20.45
C GLY B 350 -23.50 -28.13 -20.55
N PRO B 351 -24.62 -28.61 -20.01
CA PRO B 351 -24.88 -30.05 -20.12
C PRO B 351 -25.32 -30.55 -21.50
N THR B 352 -25.74 -29.64 -22.38
CA THR B 352 -26.17 -30.05 -23.72
C THR B 352 -25.34 -29.45 -24.85
N THR B 353 -24.94 -30.28 -25.79
CA THR B 353 -24.14 -29.85 -26.92
C THR B 353 -24.96 -29.07 -27.93
N PRO B 354 -24.30 -28.29 -28.80
CA PRO B 354 -25.08 -27.53 -29.77
C PRO B 354 -25.86 -28.46 -30.71
N GLU B 355 -25.20 -29.54 -31.11
CA GLU B 355 -25.81 -30.50 -32.01
C GLU B 355 -27.02 -31.16 -31.34
N ALA B 356 -26.98 -31.30 -30.02
CA ALA B 356 -28.08 -31.89 -29.28
C ALA B 356 -29.24 -30.89 -29.19
N ASP B 357 -28.89 -29.61 -29.24
CA ASP B 357 -29.89 -28.55 -29.18
C ASP B 357 -30.83 -28.57 -30.38
N LYS B 358 -30.28 -28.90 -31.56
CA LYS B 358 -31.07 -28.99 -32.78
C LYS B 358 -32.13 -30.07 -32.66
N ILE B 359 -31.69 -31.28 -32.33
CA ILE B 359 -32.58 -32.40 -32.17
C ILE B 359 -33.69 -32.02 -31.19
N PHE B 360 -33.33 -31.29 -30.14
CA PHE B 360 -34.30 -30.86 -29.13
C PHE B 360 -35.30 -29.85 -29.70
N LEU B 361 -34.85 -29.01 -30.63
CA LEU B 361 -35.73 -28.02 -31.27
C LEU B 361 -36.70 -28.74 -32.20
N GLU B 362 -36.21 -29.77 -32.90
CA GLU B 362 -37.06 -30.53 -33.81
C GLU B 362 -38.09 -31.36 -33.05
N ARG B 363 -37.65 -32.11 -32.06
CA ARG B 363 -38.58 -32.95 -31.30
C ARG B 363 -39.50 -32.10 -30.40
N ASN B 364 -39.45 -30.77 -30.58
CA ASN B 364 -40.25 -29.84 -29.78
C ASN B 364 -40.06 -29.99 -28.26
N ILE B 365 -38.79 -30.06 -27.85
CA ILE B 365 -38.41 -30.18 -26.45
C ILE B 365 -37.89 -28.79 -26.03
N MET B 366 -38.47 -28.22 -24.97
CA MET B 366 -38.03 -26.90 -24.50
C MET B 366 -36.80 -27.02 -23.60
N VAL B 367 -35.71 -26.35 -23.97
CA VAL B 367 -34.49 -26.38 -23.16
C VAL B 367 -34.34 -25.03 -22.43
N ILE B 368 -34.62 -25.03 -21.13
CA ILE B 368 -34.49 -23.81 -20.32
C ILE B 368 -33.00 -23.71 -20.10
N PRO B 369 -32.36 -22.73 -20.79
CA PRO B 369 -30.91 -22.55 -20.70
C PRO B 369 -30.27 -22.31 -19.33
N ASP B 370 -29.06 -22.85 -19.18
CA ASP B 370 -28.27 -22.74 -17.97
C ASP B 370 -27.93 -21.35 -17.50
N LEU B 371 -27.62 -20.45 -18.43
CA LEU B 371 -27.24 -19.09 -18.08
C LEU B 371 -28.36 -18.28 -17.45
N TYR B 372 -29.54 -18.88 -17.40
CA TYR B 372 -30.67 -18.25 -16.75
C TYR B 372 -31.10 -19.16 -15.62
N LEU B 373 -31.35 -20.42 -15.96
CA LEU B 373 -31.85 -21.41 -15.00
C LEU B 373 -31.02 -21.67 -13.76
N ASN B 374 -29.70 -21.76 -13.89
CA ASN B 374 -28.91 -22.02 -12.69
C ASN B 374 -28.34 -20.78 -12.01
N ALA B 375 -28.64 -19.60 -12.55
CA ALA B 375 -28.13 -18.35 -12.00
C ALA B 375 -28.59 -18.00 -10.58
N GLY B 376 -29.37 -18.86 -9.96
CA GLY B 376 -29.82 -18.58 -8.61
C GLY B 376 -28.65 -18.56 -7.64
N GLY B 377 -27.61 -19.34 -7.96
CA GLY B 377 -26.43 -19.42 -7.11
C GLY B 377 -25.62 -18.12 -7.05
N VAL B 378 -25.33 -17.56 -8.23
CA VAL B 378 -24.58 -16.32 -8.33
C VAL B 378 -25.39 -15.17 -7.78
N THR B 379 -26.70 -15.23 -8.00
CA THR B 379 -27.59 -14.18 -7.53
C THR B 379 -27.51 -14.08 -6.03
N VAL B 380 -27.58 -15.22 -5.36
CA VAL B 380 -27.51 -15.18 -3.92
C VAL B 380 -26.05 -14.93 -3.47
N SER B 381 -25.07 -15.27 -4.30
CA SER B 381 -23.68 -14.99 -3.97
C SER B 381 -23.51 -13.46 -3.95
N TYR B 382 -24.21 -12.79 -4.84
CA TYR B 382 -24.19 -11.33 -4.94
C TYR B 382 -24.76 -10.75 -3.63
N PHE B 383 -25.80 -11.38 -3.11
CA PHE B 383 -26.38 -10.90 -1.88
C PHE B 383 -25.38 -11.09 -0.72
N GLU B 384 -24.67 -12.21 -0.70
CA GLU B 384 -23.69 -12.51 0.35
C GLU B 384 -22.60 -11.42 0.34
N TRP B 385 -22.08 -11.12 -0.85
CA TRP B 385 -21.05 -10.11 -1.04
C TRP B 385 -21.55 -8.77 -0.48
N LEU B 386 -22.76 -8.36 -0.89
CA LEU B 386 -23.38 -7.10 -0.42
C LEU B 386 -23.51 -7.07 1.12
N LYS B 387 -23.89 -8.20 1.70
CA LYS B 387 -24.03 -8.31 3.14
C LYS B 387 -22.68 -8.07 3.82
N ASN B 388 -21.62 -8.65 3.26
CA ASN B 388 -20.29 -8.49 3.80
C ASN B 388 -19.85 -7.03 3.74
N LEU B 389 -20.20 -6.33 2.66
CA LEU B 389 -19.81 -4.93 2.54
C LEU B 389 -20.59 -4.02 3.51
N ASN B 390 -21.83 -4.38 3.81
CA ASN B 390 -22.63 -3.59 4.74
C ASN B 390 -22.39 -3.87 6.22
N HIS B 391 -21.75 -5.00 6.54
CA HIS B 391 -21.45 -5.37 7.93
C HIS B 391 -22.61 -5.38 8.92
N VAL B 392 -23.82 -5.60 8.43
CA VAL B 392 -25.01 -5.67 9.29
C VAL B 392 -25.94 -6.76 8.78
N SER B 393 -26.71 -7.36 9.67
CA SER B 393 -27.70 -8.36 9.28
C SER B 393 -28.90 -7.54 8.78
N TYR B 394 -29.42 -7.88 7.61
CA TYR B 394 -30.56 -7.15 7.08
C TYR B 394 -31.70 -7.09 8.12
N GLY B 395 -32.26 -5.90 8.34
CA GLY B 395 -33.35 -5.72 9.27
C GLY B 395 -33.00 -5.33 10.70
N ARG B 396 -31.82 -5.75 11.16
CA ARG B 396 -31.34 -5.49 12.52
C ARG B 396 -31.54 -4.06 13.01
N LEU B 397 -31.30 -3.08 12.17
CA LEU B 397 -31.47 -1.71 12.62
C LEU B 397 -32.91 -1.23 12.55
N THR B 398 -33.75 -1.94 11.79
CA THR B 398 -35.12 -1.49 11.58
C THR B 398 -36.32 -2.30 12.08
N PHE B 399 -36.09 -3.50 12.59
CA PHE B 399 -37.17 -4.35 13.09
C PHE B 399 -38.18 -3.66 14.04
N LYS B 400 -37.70 -3.12 15.16
CA LYS B 400 -38.58 -2.46 16.12
C LYS B 400 -39.23 -1.21 15.52
N TYR B 401 -38.48 -0.44 14.75
CA TYR B 401 -39.04 0.76 14.16
C TYR B 401 -40.19 0.44 13.20
N GLU B 402 -39.99 -0.50 12.27
CA GLU B 402 -41.06 -0.86 11.34
C GLU B 402 -42.25 -1.54 12.02
N ARG B 403 -41.99 -2.32 13.06
CA ARG B 403 -43.06 -2.98 13.78
C ARG B 403 -43.95 -1.90 14.42
N ASP B 404 -43.34 -1.07 15.26
CA ASP B 404 -44.07 -0.01 15.94
C ASP B 404 -44.77 0.86 14.90
N SER B 405 -44.11 1.09 13.79
CA SER B 405 -44.64 1.90 12.71
C SER B 405 -45.90 1.32 12.05
N ASN B 406 -45.90 0.03 11.75
CA ASN B 406 -47.06 -0.58 11.14
C ASN B 406 -48.28 -0.59 12.06
N TYR B 407 -48.04 -0.75 13.36
CA TYR B 407 -49.14 -0.77 14.30
C TYR B 407 -49.79 0.61 14.41
N HIS B 408 -48.98 1.67 14.34
CA HIS B 408 -49.50 3.04 14.40
C HIS B 408 -50.22 3.38 13.09
N LEU B 409 -49.78 2.78 12.00
CA LEU B 409 -50.40 3.00 10.69
C LEU B 409 -51.80 2.37 10.74
N LEU B 410 -51.85 1.14 11.25
CA LEU B 410 -53.09 0.40 11.39
C LEU B 410 -53.97 1.08 12.44
N MET B 411 -53.36 1.63 13.46
CA MET B 411 -54.13 2.31 14.48
C MET B 411 -54.73 3.60 13.91
N SER B 412 -54.07 4.18 12.92
CA SER B 412 -54.56 5.41 12.30
C SER B 412 -55.84 5.15 11.51
N VAL B 413 -55.97 3.96 10.94
CA VAL B 413 -57.17 3.68 10.19
C VAL B 413 -58.24 3.31 11.21
N GLN B 414 -57.85 2.58 12.26
CA GLN B 414 -58.80 2.22 13.31
C GLN B 414 -59.40 3.46 13.96
N GLU B 415 -58.56 4.40 14.40
CA GLU B 415 -59.04 5.62 15.03
C GLU B 415 -59.83 6.53 14.12
N SER B 416 -59.44 6.60 12.85
CA SER B 416 -60.16 7.42 11.90
C SER B 416 -61.60 6.96 11.72
N LEU B 417 -61.77 5.64 11.67
CA LEU B 417 -63.08 5.05 11.50
C LEU B 417 -63.93 5.11 12.78
N GLU B 418 -63.28 5.00 13.94
CA GLU B 418 -64.02 5.08 15.19
C GLU B 418 -64.45 6.54 15.38
N ARG B 419 -63.66 7.44 14.84
CA ARG B 419 -63.94 8.87 14.90
C ARG B 419 -65.17 9.15 14.04
N LYS B 420 -65.20 8.57 12.84
CA LYS B 420 -66.32 8.75 11.92
C LYS B 420 -67.55 8.04 12.46
N PHE B 421 -67.53 6.70 12.38
CA PHE B 421 -68.63 5.87 12.87
C PHE B 421 -68.60 5.84 14.40
N GLY B 422 -68.66 7.03 15.00
CA GLY B 422 -68.63 7.21 16.44
C GLY B 422 -69.01 6.06 17.36
N LYS B 423 -70.27 6.04 17.78
CA LYS B 423 -70.80 5.01 18.68
C LYS B 423 -71.63 3.99 17.90
N HIS B 424 -71.96 4.32 16.66
CA HIS B 424 -72.72 3.41 15.79
C HIS B 424 -71.91 2.11 15.70
N GLY B 425 -70.67 2.24 15.22
CA GLY B 425 -69.79 1.10 15.04
C GLY B 425 -69.24 0.47 16.33
N GLY B 426 -68.72 1.30 17.23
CA GLY B 426 -68.13 0.78 18.47
C GLY B 426 -66.63 0.65 18.28
N THR B 427 -66.02 -0.41 18.81
CA THR B 427 -64.59 -0.60 18.61
C THR B 427 -64.47 -1.24 17.25
N ILE B 428 -63.50 -0.79 16.46
CA ILE B 428 -63.27 -1.35 15.13
C ILE B 428 -61.80 -1.74 15.05
N PRO B 429 -61.45 -2.88 15.67
CA PRO B 429 -60.09 -3.42 15.69
C PRO B 429 -59.54 -3.61 14.29
N ILE B 430 -58.40 -2.98 14.02
CA ILE B 430 -57.74 -3.13 12.74
C ILE B 430 -56.51 -3.91 13.12
N VAL B 431 -56.50 -5.19 12.75
CA VAL B 431 -55.43 -6.11 13.10
C VAL B 431 -54.79 -6.75 11.89
N PRO B 432 -53.48 -7.06 11.99
CA PRO B 432 -52.86 -7.69 10.83
C PRO B 432 -53.41 -9.09 10.54
N THR B 433 -53.38 -9.49 9.28
CA THR B 433 -53.79 -10.84 8.92
C THR B 433 -52.60 -11.68 9.40
N ALA B 434 -52.75 -12.99 9.44
CA ALA B 434 -51.66 -13.86 9.89
C ALA B 434 -50.41 -13.63 9.04
N GLU B 435 -50.63 -13.52 7.72
CA GLU B 435 -49.55 -13.30 6.77
C GLU B 435 -48.82 -11.97 7.01
N PHE B 436 -49.58 -10.90 7.21
CA PHE B 436 -48.94 -9.61 7.45
C PHE B 436 -48.27 -9.59 8.82
N GLN B 437 -48.74 -10.43 9.74
CA GLN B 437 -48.16 -10.49 11.09
C GLN B 437 -46.71 -10.97 11.01
N ASP B 438 -46.43 -11.84 10.04
CA ASP B 438 -45.10 -12.39 9.82
C ASP B 438 -44.21 -11.41 9.08
N ARG B 439 -44.81 -10.37 8.56
CA ARG B 439 -44.08 -9.37 7.80
C ARG B 439 -44.11 -8.05 8.56
N ILE B 440 -44.63 -8.08 9.79
CA ILE B 440 -44.76 -6.87 10.60
C ILE B 440 -43.49 -6.09 10.92
N SER B 441 -42.38 -6.77 11.15
CA SER B 441 -41.14 -6.08 11.46
C SER B 441 -40.28 -5.80 10.25
N GLY B 442 -40.82 -6.08 9.06
CA GLY B 442 -40.06 -5.87 7.84
C GLY B 442 -39.24 -7.11 7.50
N ALA B 443 -38.57 -7.06 6.36
CA ALA B 443 -37.76 -8.17 5.87
C ALA B 443 -36.47 -8.47 6.66
N SER B 444 -36.17 -9.76 6.75
CA SER B 444 -34.98 -10.25 7.42
C SER B 444 -34.09 -10.75 6.31
N GLU B 445 -32.91 -11.22 6.68
CA GLU B 445 -31.95 -11.74 5.73
C GLU B 445 -32.60 -12.84 4.87
N LYS B 446 -33.19 -13.83 5.54
CA LYS B 446 -33.86 -14.92 4.85
C LYS B 446 -34.93 -14.40 3.90
N ASP B 447 -35.69 -13.41 4.35
CA ASP B 447 -36.74 -12.83 3.52
C ASP B 447 -36.21 -12.21 2.24
N ILE B 448 -35.16 -11.39 2.37
CA ILE B 448 -34.55 -10.72 1.22
C ILE B 448 -33.97 -11.72 0.21
N VAL B 449 -33.35 -12.79 0.70
CA VAL B 449 -32.79 -13.79 -0.19
C VAL B 449 -33.90 -14.43 -1.05
N HIS B 450 -34.93 -14.93 -0.38
CA HIS B 450 -36.06 -15.57 -1.06
C HIS B 450 -36.79 -14.68 -2.04
N SER B 451 -37.25 -13.54 -1.54
CA SER B 451 -37.96 -12.61 -2.40
C SER B 451 -37.06 -11.97 -3.44
N GLY B 452 -35.78 -11.81 -3.13
CA GLY B 452 -34.87 -11.20 -4.08
C GLY B 452 -34.59 -12.18 -5.20
N LEU B 453 -34.42 -13.46 -4.86
CA LEU B 453 -34.17 -14.48 -5.88
C LEU B 453 -35.41 -14.64 -6.79
N ALA B 454 -36.57 -14.88 -6.18
CA ALA B 454 -37.80 -15.04 -6.96
C ALA B 454 -37.97 -13.85 -7.93
N TYR B 455 -37.76 -12.64 -7.42
CA TYR B 455 -37.88 -11.43 -8.23
C TYR B 455 -36.95 -11.47 -9.44
N THR B 456 -35.70 -11.80 -9.20
CA THR B 456 -34.71 -11.87 -10.24
C THR B 456 -35.06 -12.91 -11.32
N MET B 457 -35.37 -14.14 -10.88
CA MET B 457 -35.72 -15.19 -11.82
C MET B 457 -36.95 -14.84 -12.65
N GLU B 458 -37.87 -14.08 -12.04
CA GLU B 458 -39.08 -13.66 -12.74
C GLU B 458 -38.75 -12.53 -13.72
N ARG B 459 -38.05 -11.50 -13.27
CA ARG B 459 -37.69 -10.41 -14.16
C ARG B 459 -36.95 -10.92 -15.39
N SER B 460 -35.95 -11.78 -15.19
CA SER B 460 -35.17 -12.32 -16.30
C SER B 460 -35.96 -13.26 -17.20
N ALA B 461 -36.90 -13.97 -16.61
CA ALA B 461 -37.73 -14.90 -17.36
C ALA B 461 -38.56 -14.11 -18.37
N ARG B 462 -39.23 -13.06 -17.92
CA ARG B 462 -40.05 -12.23 -18.82
C ARG B 462 -39.17 -11.66 -19.92
N GLN B 463 -38.00 -11.15 -19.54
CA GLN B 463 -37.07 -10.57 -20.48
C GLN B 463 -36.74 -11.57 -21.58
N ILE B 464 -36.59 -12.82 -21.21
CA ILE B 464 -36.27 -13.85 -22.18
C ILE B 464 -37.49 -14.13 -23.06
N MET B 465 -38.67 -14.21 -22.47
CA MET B 465 -39.89 -14.46 -23.23
C MET B 465 -40.12 -13.35 -24.26
N ARG B 466 -40.02 -12.10 -23.80
CA ARG B 466 -40.20 -10.94 -24.67
C ARG B 466 -39.25 -11.01 -25.85
N THR B 467 -38.03 -11.50 -25.60
CA THR B 467 -37.03 -11.60 -26.64
C THR B 467 -37.27 -12.78 -27.58
N ALA B 468 -37.75 -13.89 -27.03
CA ALA B 468 -38.03 -15.05 -27.85
C ALA B 468 -39.15 -14.66 -28.82
N MET B 469 -40.08 -13.82 -28.35
CA MET B 469 -41.20 -13.34 -29.17
C MET B 469 -40.74 -12.37 -30.26
N LYS B 470 -40.04 -11.32 -29.86
CA LYS B 470 -39.55 -10.30 -30.78
C LYS B 470 -38.74 -10.85 -31.95
N TYR B 471 -38.20 -12.05 -31.80
CA TYR B 471 -37.39 -12.65 -32.85
C TYR B 471 -37.93 -14.00 -33.33
N ASN B 472 -39.13 -14.33 -32.88
CA ASN B 472 -39.78 -15.58 -33.24
C ASN B 472 -38.81 -16.75 -33.12
N LEU B 473 -38.20 -16.89 -31.94
CA LEU B 473 -37.25 -17.96 -31.72
C LEU B 473 -37.91 -19.24 -31.21
N GLY B 474 -39.21 -19.17 -30.92
CA GLY B 474 -39.91 -20.35 -30.46
C GLY B 474 -39.38 -20.91 -29.16
N LEU B 475 -38.95 -22.17 -29.18
CA LEU B 475 -38.42 -22.81 -27.99
C LEU B 475 -36.90 -22.71 -27.91
N ASP B 476 -36.33 -21.74 -28.61
CA ASP B 476 -34.89 -21.52 -28.60
C ASP B 476 -34.61 -20.44 -27.54
N LEU B 477 -34.82 -20.78 -26.27
CA LEU B 477 -34.62 -19.85 -25.18
C LEU B 477 -33.16 -19.50 -24.95
N ARG B 478 -32.28 -20.44 -25.27
CA ARG B 478 -30.86 -20.22 -25.09
C ARG B 478 -30.45 -19.01 -25.89
N THR B 479 -30.82 -19.00 -27.15
CA THR B 479 -30.47 -17.89 -28.03
C THR B 479 -31.09 -16.58 -27.54
N ALA B 480 -32.30 -16.66 -26.99
CA ALA B 480 -32.96 -15.46 -26.48
C ALA B 480 -32.14 -14.92 -25.30
N ALA B 481 -31.61 -15.84 -24.49
CA ALA B 481 -30.80 -15.49 -23.33
C ALA B 481 -29.49 -14.82 -23.75
N TYR B 482 -28.78 -15.40 -24.71
CA TYR B 482 -27.52 -14.79 -25.15
C TYR B 482 -27.77 -13.42 -25.78
N VAL B 483 -28.93 -13.28 -26.42
CA VAL B 483 -29.28 -12.03 -27.05
C VAL B 483 -29.40 -10.97 -25.96
N ASN B 484 -30.13 -11.30 -24.91
CA ASN B 484 -30.30 -10.37 -23.80
C ASN B 484 -28.94 -10.04 -23.17
N ALA B 485 -28.11 -11.07 -22.99
CA ALA B 485 -26.80 -10.92 -22.38
C ALA B 485 -25.84 -10.06 -23.20
N ILE B 486 -25.77 -10.31 -24.50
CA ILE B 486 -24.90 -9.52 -25.36
C ILE B 486 -25.36 -8.08 -25.32
N GLU B 487 -26.67 -7.88 -25.29
CA GLU B 487 -27.24 -6.54 -25.24
C GLU B 487 -26.73 -5.79 -24.02
N LYS B 488 -26.83 -6.43 -22.85
CA LYS B 488 -26.39 -5.81 -21.61
C LYS B 488 -24.89 -5.60 -21.52
N VAL B 489 -24.09 -6.56 -21.96
CA VAL B 489 -22.64 -6.40 -21.89
C VAL B 489 -22.18 -5.36 -22.91
N PHE B 490 -22.81 -5.39 -24.10
CA PHE B 490 -22.48 -4.47 -25.18
C PHE B 490 -22.75 -3.04 -24.77
N ARG B 491 -23.79 -2.83 -23.97
CA ARG B 491 -24.13 -1.48 -23.51
C ARG B 491 -22.93 -0.86 -22.82
N VAL B 492 -22.24 -1.68 -22.03
CA VAL B 492 -21.07 -1.23 -21.30
C VAL B 492 -19.97 -0.78 -22.26
N TYR B 493 -19.89 -1.43 -23.41
CA TYR B 493 -18.89 -1.06 -24.41
C TYR B 493 -19.38 0.11 -25.28
N ASN B 494 -20.69 0.20 -25.50
CA ASN B 494 -21.22 1.28 -26.32
C ASN B 494 -21.15 2.62 -25.59
N GLU B 495 -20.13 2.78 -24.75
CA GLU B 495 -19.97 4.02 -23.97
C GLU B 495 -18.72 4.15 -23.07
N ALA B 496 -17.74 3.26 -23.21
CA ALA B 496 -16.54 3.33 -22.39
C ALA B 496 -15.25 3.57 -23.19
N GLY B 497 -15.09 4.79 -23.70
CA GLY B 497 -13.90 5.13 -24.48
C GLY B 497 -13.76 4.18 -25.66
N VAL B 498 -14.80 3.37 -25.85
CA VAL B 498 -14.83 2.38 -26.91
C VAL B 498 -15.54 2.93 -28.16
N THR B 499 -16.86 3.04 -28.16
CA THR B 499 -17.52 3.58 -29.36
C THR B 499 -16.98 5.00 -29.63
N PHE B 500 -16.59 5.70 -28.56
CA PHE B 500 -16.01 7.07 -28.68
C PHE B 500 -14.57 7.04 -29.21
N THR B 501 -14.10 8.22 -29.65
CA THR B 501 -12.75 8.39 -30.20
C THR B 501 -12.45 7.45 -31.36
N ALA C 1 17.52 -20.24 37.71
CA ALA C 1 18.93 -19.77 37.66
C ALA C 1 19.49 -19.29 39.01
N ASP C 2 18.74 -19.54 40.11
CA ASP C 2 19.11 -19.21 41.51
C ASP C 2 17.91 -18.93 42.44
N ARG C 3 18.22 -18.73 43.72
CA ARG C 3 17.20 -18.40 44.70
C ARG C 3 17.65 -17.16 45.48
N GLU C 4 18.80 -17.24 46.15
CA GLU C 4 19.30 -16.07 46.88
C GLU C 4 20.18 -15.24 45.93
N ASP C 5 19.56 -14.23 45.31
CA ASP C 5 20.12 -13.31 44.28
C ASP C 5 19.56 -13.85 42.95
N ASP C 6 18.32 -13.46 42.64
CA ASP C 6 17.58 -13.81 41.40
C ASP C 6 16.91 -12.49 41.04
N PRO C 7 17.71 -11.43 40.87
CA PRO C 7 17.09 -10.17 40.54
C PRO C 7 16.49 -10.30 39.15
N ASN C 8 15.40 -9.57 38.94
CA ASN C 8 14.66 -9.53 37.69
C ASN C 8 15.60 -9.08 36.56
N PHE C 9 15.87 -9.97 35.60
CA PHE C 9 16.80 -9.72 34.48
C PHE C 9 16.71 -8.30 33.92
N PHE C 10 15.49 -7.77 33.76
CA PHE C 10 15.35 -6.42 33.23
C PHE C 10 15.94 -5.39 34.20
N LYS C 11 15.55 -5.47 35.48
CA LYS C 11 16.06 -4.56 36.51
C LYS C 11 17.59 -4.67 36.59
N MET C 12 18.09 -5.89 36.43
CA MET C 12 19.52 -6.18 36.46
C MET C 12 20.29 -5.39 35.41
N VAL C 13 19.74 -5.35 34.21
CA VAL C 13 20.36 -4.62 33.11
C VAL C 13 20.21 -3.12 33.37
N GLU C 14 19.06 -2.71 33.90
CA GLU C 14 18.85 -1.30 34.22
C GLU C 14 19.90 -0.88 35.25
N GLY C 15 20.30 -1.82 36.11
CA GLY C 15 21.31 -1.53 37.08
C GLY C 15 22.61 -1.26 36.34
N PHE C 16 22.98 -2.17 35.44
CA PHE C 16 24.20 -2.01 34.67
C PHE C 16 24.15 -0.65 33.99
N PHE C 17 22.99 -0.29 33.44
CA PHE C 17 22.82 0.98 32.73
C PHE C 17 23.05 2.17 33.66
N ASP C 18 22.26 2.24 34.73
CA ASP C 18 22.35 3.32 35.70
C ASP C 18 23.77 3.55 36.21
N ARG C 19 24.55 2.49 36.30
CA ARG C 19 25.92 2.62 36.76
C ARG C 19 26.71 3.47 35.79
N GLY C 20 26.63 3.15 34.51
CA GLY C 20 27.34 3.93 33.51
C GLY C 20 26.73 5.30 33.34
N ALA C 21 25.42 5.41 33.58
CA ALA C 21 24.74 6.68 33.46
C ALA C 21 25.39 7.69 34.41
N SER C 22 25.81 7.22 35.57
CA SER C 22 26.45 8.09 36.55
C SER C 22 27.82 8.52 36.07
N ILE C 23 28.63 7.55 35.70
CA ILE C 23 29.98 7.79 35.22
C ILE C 23 30.07 8.80 34.06
N VAL C 24 29.15 8.79 33.10
CA VAL C 24 29.23 9.72 31.96
C VAL C 24 28.34 10.96 32.01
N GLU C 25 27.43 11.00 32.97
CA GLU C 25 26.51 12.12 33.10
C GLU C 25 27.18 13.49 32.93
N ASP C 26 28.44 13.59 33.32
CA ASP C 26 29.15 14.85 33.19
C ASP C 26 29.62 15.16 31.77
N LYS C 27 30.22 14.17 31.12
CA LYS C 27 30.69 14.36 29.75
C LYS C 27 29.48 14.66 28.87
N LEU C 28 28.30 14.31 29.33
CA LEU C 28 27.08 14.56 28.56
C LEU C 28 26.59 16.00 28.70
N VAL C 29 26.67 16.56 29.90
CA VAL C 29 26.22 17.93 30.14
C VAL C 29 27.22 18.85 29.47
N GLU C 30 28.41 18.30 29.26
CA GLU C 30 29.50 19.01 28.63
C GLU C 30 29.19 19.11 27.14
N ASP C 31 29.09 17.94 26.50
CA ASP C 31 28.78 17.83 25.07
C ASP C 31 27.36 18.24 24.72
N LEU C 32 26.56 18.56 25.73
CA LEU C 32 25.19 18.97 25.48
C LEU C 32 25.24 20.25 24.66
N LYS C 33 24.58 20.21 23.51
CA LYS C 33 24.53 21.33 22.58
C LYS C 33 23.38 22.26 22.92
N THR C 34 23.38 22.78 24.15
CA THR C 34 22.33 23.68 24.59
C THR C 34 22.86 25.06 24.92
N ARG C 35 22.02 26.07 24.63
CA ARG C 35 22.32 27.47 24.88
C ARG C 35 21.97 27.75 26.34
N GLU C 36 21.07 26.92 26.89
CA GLU C 36 20.67 27.07 28.28
C GLU C 36 21.84 26.59 29.11
N THR C 37 21.70 26.51 30.43
CA THR C 37 22.82 26.05 31.24
C THR C 37 22.48 25.41 32.59
N GLU C 38 23.54 25.10 33.35
CA GLU C 38 23.48 24.51 34.68
C GLU C 38 22.57 23.30 34.90
N GLU C 39 21.58 23.48 35.76
CA GLU C 39 20.63 22.41 36.10
C GLU C 39 19.70 22.01 34.96
N GLN C 40 19.44 22.93 34.03
CA GLN C 40 18.57 22.63 32.91
C GLN C 40 19.30 21.65 31.99
N LYS C 41 20.61 21.81 31.86
CA LYS C 41 21.41 20.91 31.03
C LYS C 41 21.53 19.58 31.78
N ARG C 42 21.62 19.65 33.09
CA ARG C 42 21.74 18.46 33.95
C ARG C 42 20.43 17.71 33.86
N ASN C 43 19.33 18.45 33.91
CA ASN C 43 17.98 17.89 33.85
C ASN C 43 17.64 17.24 32.53
N ARG C 44 18.04 17.91 31.45
CA ARG C 44 17.77 17.43 30.11
C ARG C 44 18.43 16.07 29.86
N VAL C 45 19.65 15.92 30.35
CA VAL C 45 20.36 14.67 30.19
C VAL C 45 19.60 13.58 30.92
N ARG C 46 19.15 13.86 32.13
CA ARG C 46 18.39 12.89 32.90
C ARG C 46 17.10 12.49 32.18
N GLY C 47 16.44 13.47 31.56
CA GLY C 47 15.20 13.19 30.85
C GLY C 47 15.42 12.25 29.68
N ILE C 48 16.47 12.54 28.91
CA ILE C 48 16.81 11.73 27.76
C ILE C 48 17.14 10.31 28.17
N LEU C 49 17.91 10.18 29.25
CA LEU C 49 18.30 8.86 29.74
C LEU C 49 17.08 8.10 30.24
N ARG C 50 16.10 8.82 30.77
CA ARG C 50 14.89 8.18 31.23
C ARG C 50 14.09 7.64 30.03
N ILE C 51 14.35 8.14 28.83
CA ILE C 51 13.64 7.69 27.63
C ILE C 51 14.24 6.39 27.07
N ILE C 52 15.57 6.37 27.06
CA ILE C 52 16.36 5.25 26.57
C ILE C 52 16.19 3.94 27.36
N LYS C 53 16.07 4.01 28.69
CA LYS C 53 15.93 2.82 29.53
C LYS C 53 14.70 1.95 29.27
N PRO C 54 13.51 2.53 29.26
CA PRO C 54 12.38 1.64 29.01
C PRO C 54 12.21 1.22 27.54
N CYS C 55 11.74 -0.01 27.35
CA CYS C 55 11.47 -0.56 26.03
C CYS C 55 10.29 0.24 25.48
N ASN C 56 10.37 0.60 24.21
CA ASN C 56 9.30 1.37 23.59
C ASN C 56 8.07 0.49 23.29
N HIS C 57 8.29 -0.72 22.79
CA HIS C 57 7.16 -1.61 22.47
C HIS C 57 7.35 -3.06 22.90
N VAL C 58 6.28 -3.66 23.41
CA VAL C 58 6.29 -5.06 23.78
C VAL C 58 4.98 -5.68 23.34
N LEU C 59 5.07 -6.72 22.51
CA LEU C 59 3.92 -7.43 22.02
C LEU C 59 3.88 -8.81 22.64
N SER C 60 2.77 -9.11 23.31
CA SER C 60 2.57 -10.41 23.94
C SER C 60 1.53 -11.12 23.04
N LEU C 61 1.80 -12.36 22.67
CA LEU C 61 0.89 -13.08 21.79
C LEU C 61 0.46 -14.42 22.36
N SER C 62 -0.74 -14.82 21.98
CA SER C 62 -1.30 -16.07 22.41
C SER C 62 -2.01 -16.60 21.16
N PHE C 63 -1.42 -17.58 20.49
CA PHE C 63 -2.03 -18.10 19.28
C PHE C 63 -2.12 -19.62 19.33
N PRO C 64 -3.13 -20.20 18.67
CA PRO C 64 -3.30 -21.65 18.68
C PRO C 64 -2.63 -22.35 17.51
N ILE C 65 -2.28 -23.61 17.72
CA ILE C 65 -1.70 -24.44 16.67
C ILE C 65 -2.25 -25.84 16.82
N ARG C 66 -2.46 -26.50 15.69
CA ARG C 66 -2.98 -27.86 15.67
C ARG C 66 -1.80 -28.83 15.75
N ARG C 67 -1.70 -29.54 16.88
CA ARG C 67 -0.64 -30.52 17.13
C ARG C 67 -0.81 -31.67 16.15
N ASP C 68 0.24 -32.48 16.00
CA ASP C 68 0.18 -33.60 15.07
C ASP C 68 -0.91 -34.63 15.36
N ASP C 69 -1.22 -34.82 16.64
CA ASP C 69 -2.26 -35.79 17.02
C ASP C 69 -3.67 -35.20 17.00
N GLY C 70 -3.87 -34.17 16.19
CA GLY C 70 -5.19 -33.56 16.08
C GLY C 70 -5.57 -32.52 17.11
N SER C 71 -5.01 -32.64 18.32
CA SER C 71 -5.34 -31.72 19.41
C SER C 71 -4.94 -30.25 19.22
N TRP C 72 -5.61 -29.37 19.96
CA TRP C 72 -5.36 -27.95 19.90
C TRP C 72 -4.52 -27.50 21.09
N GLU C 73 -3.59 -26.58 20.83
CA GLU C 73 -2.73 -26.07 21.89
C GLU C 73 -2.47 -24.59 21.74
N VAL C 74 -2.45 -23.87 22.85
CA VAL C 74 -2.21 -22.43 22.82
C VAL C 74 -0.77 -22.15 23.22
N ILE C 75 0.00 -21.51 22.35
CA ILE C 75 1.38 -21.21 22.73
C ILE C 75 1.57 -19.71 22.92
N GLU C 76 2.43 -19.33 23.86
CA GLU C 76 2.67 -17.92 24.16
C GLU C 76 3.97 -17.43 23.54
N GLY C 77 3.97 -16.17 23.13
CA GLY C 77 5.15 -15.58 22.53
C GLY C 77 5.21 -14.09 22.80
N TYR C 78 6.41 -13.55 22.71
CA TYR C 78 6.62 -12.13 22.92
C TYR C 78 7.75 -11.57 22.05
N ARG C 79 7.62 -10.30 21.70
CA ARG C 79 8.70 -9.64 21.01
C ARG C 79 8.69 -8.23 21.53
N ALA C 80 9.85 -7.83 22.06
CA ALA C 80 9.99 -6.49 22.59
C ALA C 80 10.93 -5.70 21.69
N GLN C 81 10.63 -4.42 21.52
CA GLN C 81 11.50 -3.53 20.74
C GLN C 81 11.89 -2.47 21.75
N HIS C 82 13.15 -2.49 22.16
CA HIS C 82 13.65 -1.57 23.15
C HIS C 82 13.76 -0.16 22.64
N SER C 83 14.45 -0.01 21.52
CA SER C 83 14.70 1.29 20.93
C SER C 83 14.54 1.37 19.41
N GLN C 84 14.08 2.52 18.91
CA GLN C 84 13.95 2.73 17.49
C GLN C 84 14.82 3.92 17.14
N HIS C 85 15.82 4.21 17.98
CA HIS C 85 16.67 5.37 17.71
C HIS C 85 17.41 5.14 16.40
N ARG C 86 17.48 3.87 15.97
CA ARG C 86 18.07 3.47 14.71
C ARG C 86 16.93 2.61 14.15
N THR C 87 16.39 3.06 13.01
CA THR C 87 15.20 2.47 12.39
C THR C 87 14.96 0.99 12.41
N PRO C 88 15.87 0.16 11.87
CA PRO C 88 15.51 -1.27 11.97
C PRO C 88 15.91 -1.84 13.33
N CYS C 89 14.95 -2.43 14.05
CA CYS C 89 15.25 -3.04 15.32
C CYS C 89 15.93 -4.36 14.95
N LYS C 90 16.75 -4.89 15.86
CA LYS C 90 17.45 -6.13 15.58
C LYS C 90 17.54 -6.97 16.84
N GLY C 91 17.29 -8.27 16.70
CA GLY C 91 17.33 -9.15 17.85
C GLY C 91 16.79 -10.52 17.52
N GLY C 92 17.37 -11.54 18.16
CA GLY C 92 16.97 -12.91 17.93
C GLY C 92 15.66 -13.38 18.52
N ILE C 93 15.40 -14.67 18.29
CA ILE C 93 14.21 -15.33 18.76
C ILE C 93 14.58 -16.56 19.56
N ARG C 94 14.18 -16.59 20.83
CA ARG C 94 14.48 -17.71 21.71
C ARG C 94 13.32 -18.68 21.90
N TYR C 95 13.58 -19.97 21.85
CA TYR C 95 12.53 -20.96 22.11
C TYR C 95 12.84 -21.65 23.43
N SER C 96 12.09 -21.33 24.48
CA SER C 96 12.33 -21.90 25.79
C SER C 96 11.18 -21.66 26.75
N THR C 97 11.06 -22.52 27.76
CA THR C 97 10.02 -22.35 28.76
C THR C 97 10.46 -21.24 29.72
N ASP C 98 11.75 -20.93 29.74
CA ASP C 98 12.24 -19.87 30.61
C ASP C 98 11.85 -18.49 30.08
N VAL C 99 11.34 -18.39 28.86
CA VAL C 99 11.02 -17.06 28.34
C VAL C 99 9.83 -16.41 29.02
N SER C 100 9.90 -15.09 29.13
CA SER C 100 8.83 -14.30 29.73
C SER C 100 8.98 -12.84 29.30
N VAL C 101 7.94 -12.07 29.52
CA VAL C 101 7.95 -10.65 29.18
C VAL C 101 9.26 -9.97 29.65
N ASP C 102 9.62 -10.16 30.91
CA ASP C 102 10.84 -9.55 31.44
C ASP C 102 12.15 -10.03 30.85
N GLU C 103 12.25 -11.34 30.60
CA GLU C 103 13.46 -11.89 30.02
C GLU C 103 13.68 -11.27 28.64
N VAL C 104 12.60 -11.19 27.87
CA VAL C 104 12.66 -10.64 26.52
C VAL C 104 12.95 -9.13 26.51
N LYS C 105 12.38 -8.39 27.46
CA LYS C 105 12.64 -6.96 27.55
C LYS C 105 14.11 -6.74 27.86
N ALA C 106 14.64 -7.52 28.81
CA ALA C 106 16.04 -7.43 29.20
C ALA C 106 16.95 -7.68 28.01
N LEU C 107 16.71 -8.80 27.33
CA LEU C 107 17.51 -9.20 26.19
C LEU C 107 17.43 -8.13 25.09
N ALA C 108 16.24 -7.56 24.94
CA ALA C 108 16.01 -6.54 23.92
C ALA C 108 16.86 -5.30 24.16
N SER C 109 16.91 -4.87 25.41
CA SER C 109 17.70 -3.69 25.75
C SER C 109 19.18 -4.04 25.65
N LEU C 110 19.57 -5.26 25.98
CA LEU C 110 20.98 -5.62 25.84
C LEU C 110 21.38 -5.55 24.38
N MET C 111 20.43 -5.86 23.49
CA MET C 111 20.69 -5.81 22.05
C MET C 111 21.03 -4.39 21.59
N THR C 112 20.27 -3.40 22.04
CA THR C 112 20.56 -2.06 21.60
C THR C 112 21.87 -1.54 22.20
N TYR C 113 22.17 -1.87 23.44
CA TYR C 113 23.43 -1.41 24.01
C TYR C 113 24.61 -2.07 23.31
N LYS C 114 24.46 -3.37 23.01
CA LYS C 114 25.53 -4.08 22.32
C LYS C 114 25.72 -3.55 20.90
N CYS C 115 24.63 -3.26 20.19
CA CYS C 115 24.75 -2.73 18.82
C CYS C 115 25.49 -1.40 18.84
N ALA C 116 25.23 -0.62 19.88
CA ALA C 116 25.87 0.67 20.02
C ALA C 116 27.38 0.48 20.26
N VAL C 117 27.73 -0.44 21.14
CA VAL C 117 29.11 -0.70 21.46
C VAL C 117 29.90 -1.06 20.22
N VAL C 118 29.29 -1.93 19.41
CA VAL C 118 29.88 -2.47 18.20
C VAL C 118 29.58 -1.68 16.91
N ASP C 119 28.95 -0.52 17.09
CA ASP C 119 28.60 0.42 15.99
C ASP C 119 27.73 -0.11 14.83
N VAL C 120 26.75 -0.91 15.20
CA VAL C 120 25.83 -1.49 14.26
C VAL C 120 24.57 -0.63 14.41
N PRO C 121 24.13 0.00 13.32
CA PRO C 121 22.95 0.87 13.32
C PRO C 121 21.56 0.24 13.47
N PHE C 122 21.36 -0.46 14.57
CA PHE C 122 20.05 -1.07 14.85
C PHE C 122 19.67 -0.81 16.29
N GLY C 123 18.39 -0.59 16.53
CA GLY C 123 17.91 -0.43 17.89
C GLY C 123 17.68 -1.90 18.28
N GLY C 124 17.67 -2.21 19.57
CA GLY C 124 17.48 -3.58 19.99
C GLY C 124 16.05 -4.12 20.08
N ALA C 125 15.94 -5.43 19.87
CA ALA C 125 14.66 -6.14 19.92
C ALA C 125 14.93 -7.60 20.28
N LYS C 126 13.91 -8.29 20.76
CA LYS C 126 14.06 -9.69 21.13
C LYS C 126 12.72 -10.40 21.18
N ALA C 127 12.73 -11.67 20.79
CA ALA C 127 11.50 -12.44 20.81
C ALA C 127 11.70 -13.75 21.53
N GLY C 128 10.61 -14.23 22.11
CA GLY C 128 10.66 -15.49 22.80
C GLY C 128 9.34 -16.22 22.66
N VAL C 129 9.43 -17.51 22.40
CA VAL C 129 8.25 -18.37 22.29
C VAL C 129 8.40 -19.39 23.44
N LYS C 130 7.42 -19.41 24.34
CA LYS C 130 7.47 -20.31 25.50
C LYS C 130 7.19 -21.78 25.25
N ILE C 131 8.17 -22.47 24.69
CA ILE C 131 8.04 -23.89 24.43
C ILE C 131 9.40 -24.56 24.61
N ASN C 132 9.38 -25.88 24.80
CA ASN C 132 10.61 -26.65 24.89
C ASN C 132 10.52 -27.34 23.55
N PRO C 133 11.37 -26.93 22.61
CA PRO C 133 11.42 -27.48 21.25
C PRO C 133 11.47 -29.01 21.18
N LYS C 134 12.14 -29.64 22.16
CA LYS C 134 12.28 -31.10 22.19
C LYS C 134 10.96 -31.87 22.37
N ASN C 135 9.90 -31.17 22.76
CA ASN C 135 8.60 -31.80 22.97
C ASN C 135 7.66 -31.62 21.78
N TYR C 136 8.22 -31.24 20.64
CA TYR C 136 7.44 -31.03 19.40
C TYR C 136 8.16 -31.66 18.22
N THR C 137 7.41 -31.98 17.18
CA THR C 137 7.98 -32.58 15.97
C THR C 137 8.46 -31.46 15.06
N ASP C 138 9.21 -31.79 14.02
CA ASP C 138 9.67 -30.76 13.10
C ASP C 138 8.48 -30.06 12.47
N ASN C 139 7.46 -30.86 12.15
CA ASN C 139 6.28 -30.32 11.51
C ASN C 139 5.52 -29.35 12.42
N GLU C 140 5.48 -29.65 13.70
CA GLU C 140 4.76 -28.77 14.63
C GLU C 140 5.60 -27.48 14.82
N LEU C 141 6.92 -27.63 14.91
CA LEU C 141 7.79 -26.49 15.08
C LEU C 141 7.64 -25.54 13.90
N GLU C 142 7.56 -26.08 12.68
CA GLU C 142 7.40 -25.26 11.49
C GLU C 142 6.10 -24.46 11.58
N LYS C 143 5.02 -25.12 11.94
CA LYS C 143 3.75 -24.44 12.07
C LYS C 143 3.88 -23.35 13.13
N ILE C 144 4.57 -23.66 14.22
CA ILE C 144 4.75 -22.68 15.27
C ILE C 144 5.52 -21.47 14.80
N THR C 145 6.67 -21.64 14.16
CA THR C 145 7.41 -20.47 13.74
C THR C 145 6.72 -19.69 12.61
N ARG C 146 6.15 -20.38 11.64
CA ARG C 146 5.47 -19.69 10.54
C ARG C 146 4.29 -18.86 11.05
N ARG C 147 3.50 -19.44 11.95
CA ARG C 147 2.37 -18.73 12.50
C ARG C 147 2.85 -17.53 13.33
N PHE C 148 3.93 -17.72 14.07
CA PHE C 148 4.46 -16.66 14.90
C PHE C 148 4.93 -15.48 14.03
N THR C 149 5.51 -15.80 12.88
CA THR C 149 5.98 -14.78 11.97
C THR C 149 4.81 -13.91 11.48
N MET C 150 3.76 -14.55 11.01
CA MET C 150 2.57 -13.83 10.55
C MET C 150 2.00 -12.89 11.61
N GLU C 151 1.88 -13.37 12.85
CA GLU C 151 1.34 -12.53 13.90
C GLU C 151 2.27 -11.33 14.12
N LEU C 152 3.58 -11.54 14.02
CA LEU C 152 4.52 -10.43 14.19
C LEU C 152 4.42 -9.48 13.01
N ALA C 153 4.31 -10.04 11.81
CA ALA C 153 4.20 -9.25 10.62
C ALA C 153 2.97 -8.35 10.61
N LYS C 154 1.82 -8.87 11.03
CA LYS C 154 0.60 -8.07 11.01
C LYS C 154 0.59 -6.90 11.99
N LYS C 155 1.43 -6.98 13.01
CA LYS C 155 1.48 -5.94 14.02
C LYS C 155 2.75 -5.10 13.93
N GLY C 156 3.50 -5.27 12.85
CA GLY C 156 4.70 -4.50 12.66
C GLY C 156 5.88 -4.89 13.52
N PHE C 157 6.06 -6.18 13.78
CA PHE C 157 7.19 -6.64 14.57
C PHE C 157 8.19 -7.46 13.76
N ILE C 158 8.13 -7.29 12.45
CA ILE C 158 9.09 -7.93 11.55
C ILE C 158 8.96 -7.31 10.16
N GLY C 159 10.10 -7.02 9.55
CA GLY C 159 10.13 -6.41 8.24
C GLY C 159 11.53 -5.86 8.01
N PRO C 160 12.02 -5.87 6.76
CA PRO C 160 13.36 -5.39 6.43
C PRO C 160 13.72 -4.05 7.05
N GLY C 161 12.78 -3.14 7.09
CA GLY C 161 13.05 -1.81 7.63
C GLY C 161 12.43 -1.52 8.98
N VAL C 162 11.74 -2.48 9.58
CA VAL C 162 11.15 -2.24 10.88
C VAL C 162 11.79 -3.08 11.99
N ASP C 163 11.94 -4.38 11.77
CA ASP C 163 12.48 -5.27 12.80
C ASP C 163 12.99 -6.57 12.16
N VAL C 164 14.28 -6.87 12.36
CA VAL C 164 14.91 -8.04 11.76
C VAL C 164 15.41 -9.09 12.77
N PRO C 165 14.63 -10.18 12.94
CA PRO C 165 15.03 -11.23 13.89
C PRO C 165 16.28 -12.00 13.44
N ALA C 166 16.61 -13.02 14.23
CA ALA C 166 17.77 -13.88 14.00
C ALA C 166 17.72 -15.05 14.99
N PRO C 167 18.69 -15.97 14.93
CA PRO C 167 18.63 -17.08 15.88
C PRO C 167 19.05 -16.66 17.31
N ASP C 168 18.80 -17.58 18.25
CA ASP C 168 19.14 -17.42 19.65
C ASP C 168 19.01 -18.83 20.21
N MET C 169 18.61 -18.95 21.47
CA MET C 169 18.46 -20.28 22.06
C MET C 169 17.43 -21.20 21.41
N SER C 170 17.91 -22.33 20.93
CA SER C 170 17.12 -23.38 20.28
C SER C 170 16.50 -22.99 18.96
N THR C 171 17.13 -22.05 18.25
CA THR C 171 16.65 -21.67 16.93
C THR C 171 17.89 -21.51 16.08
N GLY C 172 17.77 -21.80 14.79
CA GLY C 172 18.93 -21.67 13.92
C GLY C 172 18.51 -21.40 12.49
N GLU C 173 19.38 -21.74 11.55
CA GLU C 173 19.12 -21.57 10.13
C GLU C 173 17.71 -22.04 9.73
N ARG C 174 17.35 -23.24 10.17
CA ARG C 174 16.05 -23.81 9.82
C ARG C 174 14.90 -22.87 10.14
N GLU C 175 14.80 -22.43 11.39
CA GLU C 175 13.74 -21.50 11.78
C GLU C 175 13.80 -20.20 10.98
N MET C 176 14.99 -19.67 10.79
CA MET C 176 15.18 -18.43 10.04
C MET C 176 14.65 -18.59 8.62
N SER C 177 14.87 -19.76 8.06
CA SER C 177 14.41 -20.07 6.71
C SER C 177 12.89 -20.02 6.68
N TRP C 178 12.27 -20.63 7.68
CA TRP C 178 10.83 -20.62 7.74
C TRP C 178 10.31 -19.18 7.86
N ILE C 179 10.97 -18.38 8.70
CA ILE C 179 10.56 -17.00 8.88
C ILE C 179 10.63 -16.20 7.58
N ALA C 180 11.77 -16.28 6.89
CA ALA C 180 11.99 -15.57 5.64
C ALA C 180 10.92 -15.97 4.62
N ASP C 181 10.72 -17.27 4.49
CA ASP C 181 9.75 -17.81 3.57
C ASP C 181 8.32 -17.35 3.84
N THR C 182 7.94 -17.32 5.12
CA THR C 182 6.59 -16.90 5.46
C THR C 182 6.40 -15.43 5.11
N TYR C 183 7.39 -14.62 5.47
CA TYR C 183 7.32 -13.19 5.21
C TYR C 183 7.27 -12.87 3.71
N ALA C 184 8.21 -13.43 2.97
CA ALA C 184 8.33 -13.18 1.53
C ALA C 184 7.16 -13.71 0.72
N SER C 185 6.53 -14.79 1.19
CA SER C 185 5.39 -15.38 0.49
C SER C 185 4.09 -14.68 0.79
N THR C 186 4.06 -13.86 1.83
CA THR C 186 2.84 -13.18 2.16
C THR C 186 2.97 -11.68 2.09
N ILE C 187 3.15 -11.06 3.25
CA ILE C 187 3.26 -9.61 3.33
C ILE C 187 4.34 -8.99 2.43
N GLY C 188 5.55 -9.55 2.42
CA GLY C 188 6.59 -8.97 1.59
C GLY C 188 6.71 -9.53 0.19
N HIS C 189 5.66 -10.11 -0.37
CA HIS C 189 5.79 -10.66 -1.71
C HIS C 189 6.12 -9.66 -2.83
N TYR C 190 5.92 -8.37 -2.60
CA TYR C 190 6.24 -7.38 -3.63
C TYR C 190 7.56 -6.68 -3.29
N ASP C 191 8.02 -6.83 -2.05
CA ASP C 191 9.25 -6.20 -1.54
C ASP C 191 10.55 -6.77 -2.10
N ILE C 192 11.27 -5.93 -2.82
CA ILE C 192 12.54 -6.35 -3.40
C ILE C 192 13.52 -6.80 -2.29
N ASN C 193 13.36 -6.27 -1.08
CA ASN C 193 14.25 -6.62 0.06
C ASN C 193 13.60 -7.57 1.06
N ALA C 194 12.56 -8.29 0.62
CA ALA C 194 11.84 -9.20 1.51
C ALA C 194 12.70 -10.17 2.31
N HIS C 195 13.77 -10.67 1.71
CA HIS C 195 14.62 -11.61 2.42
C HIS C 195 15.53 -11.03 3.46
N ALA C 196 15.55 -9.71 3.56
CA ALA C 196 16.37 -9.05 4.56
C ALA C 196 15.49 -8.89 5.83
N CYS C 197 14.33 -9.54 5.85
CA CYS C 197 13.45 -9.42 6.99
C CYS C 197 14.01 -10.19 8.18
N VAL C 198 14.97 -11.06 7.92
CA VAL C 198 15.55 -11.83 9.00
C VAL C 198 17.00 -12.22 8.67
N THR C 199 17.81 -12.47 9.69
CA THR C 199 19.19 -12.88 9.43
C THR C 199 19.51 -14.22 10.07
N GLY C 200 20.69 -14.74 9.77
CA GLY C 200 21.07 -16.04 10.27
C GLY C 200 20.46 -17.08 9.36
N LYS C 201 20.09 -16.66 8.15
CA LYS C 201 19.49 -17.57 7.18
C LYS C 201 20.51 -18.53 6.61
N PRO C 202 20.02 -19.65 6.04
CA PRO C 202 20.98 -20.60 5.46
C PRO C 202 21.64 -19.89 4.29
N ILE C 203 22.91 -20.19 4.04
CA ILE C 203 23.63 -19.54 2.95
C ILE C 203 22.92 -19.62 1.59
N SER C 204 22.33 -20.77 1.30
CA SER C 204 21.60 -20.96 0.05
C SER C 204 20.30 -20.14 -0.03
N GLN C 205 19.86 -19.56 1.09
CA GLN C 205 18.65 -18.75 1.11
C GLN C 205 18.98 -17.27 1.29
N GLY C 206 20.22 -16.87 1.03
CA GLY C 206 20.55 -15.46 1.21
C GLY C 206 21.26 -15.19 2.51
N GLY C 207 21.68 -16.26 3.19
CA GLY C 207 22.40 -16.10 4.44
C GLY C 207 23.84 -15.72 4.08
N ILE C 208 24.69 -15.49 5.07
CA ILE C 208 26.06 -15.08 4.79
C ILE C 208 27.09 -16.00 5.40
N HIS C 209 28.22 -16.14 4.74
CA HIS C 209 29.32 -16.98 5.23
C HIS C 209 29.72 -16.68 6.69
N GLY C 210 29.97 -17.73 7.46
CA GLY C 210 30.38 -17.57 8.82
C GLY C 210 29.43 -16.94 9.83
N ARG C 211 28.13 -16.92 9.55
CA ARG C 211 27.21 -16.34 10.52
C ARG C 211 26.98 -17.28 11.69
N ILE C 212 26.92 -18.58 11.40
CA ILE C 212 26.70 -19.57 12.46
C ILE C 212 27.81 -19.51 13.51
N SER C 213 29.06 -19.45 13.05
CA SER C 213 30.20 -19.40 13.96
C SER C 213 30.62 -17.98 14.29
N ALA C 214 29.87 -16.99 13.80
CA ALA C 214 30.24 -15.60 14.04
C ALA C 214 30.38 -15.22 15.51
N THR C 215 29.53 -15.73 16.38
CA THR C 215 29.64 -15.35 17.79
C THR C 215 30.91 -15.92 18.42
N GLY C 216 31.20 -17.18 18.11
CA GLY C 216 32.40 -17.80 18.65
C GLY C 216 33.64 -17.09 18.17
N ARG C 217 33.69 -16.78 16.87
CA ARG C 217 34.84 -16.07 16.29
C ARG C 217 34.99 -14.73 17.02
N GLY C 218 33.87 -14.07 17.26
CA GLY C 218 33.90 -12.80 17.95
C GLY C 218 34.33 -12.94 19.40
N VAL C 219 33.95 -14.03 20.04
CA VAL C 219 34.32 -14.26 21.42
C VAL C 219 35.85 -14.41 21.45
N PHE C 220 36.39 -15.11 20.46
CA PHE C 220 37.83 -15.27 20.36
C PHE C 220 38.53 -13.92 20.29
N HIS C 221 38.09 -13.09 19.35
CA HIS C 221 38.66 -11.77 19.17
C HIS C 221 38.57 -10.88 20.40
N GLY C 222 37.43 -10.95 21.08
CA GLY C 222 37.24 -10.13 22.26
C GLY C 222 38.20 -10.49 23.36
N ILE C 223 38.49 -11.78 23.48
CA ILE C 223 39.40 -12.26 24.50
C ILE C 223 40.83 -11.94 24.09
N GLU C 224 41.09 -12.06 22.80
CA GLU C 224 42.40 -11.79 22.24
C GLU C 224 42.83 -10.34 22.49
N ASN C 225 41.92 -9.41 22.23
CA ASN C 225 42.17 -7.98 22.42
C ASN C 225 42.61 -7.61 23.84
N PHE C 226 42.11 -8.32 24.84
CA PHE C 226 42.49 -8.02 26.21
C PHE C 226 43.62 -8.91 26.72
N ILE C 227 43.60 -10.18 26.34
CA ILE C 227 44.60 -11.15 26.76
C ILE C 227 46.00 -10.88 26.20
N ASN C 228 46.12 -9.84 25.38
CA ASN C 228 47.42 -9.49 24.78
C ASN C 228 47.83 -8.05 25.10
N GLU C 229 47.36 -7.53 26.23
CA GLU C 229 47.67 -6.16 26.64
C GLU C 229 48.76 -6.00 27.70
N ALA C 230 48.94 -7.04 28.51
CA ALA C 230 49.94 -7.01 29.59
C ALA C 230 49.55 -5.99 30.66
N SER C 231 49.13 -4.82 30.21
CA SER C 231 48.67 -3.76 31.11
C SER C 231 47.43 -4.26 31.82
N TYR C 232 46.89 -5.37 31.35
CA TYR C 232 45.69 -5.97 31.94
C TYR C 232 46.01 -7.34 32.54
N MET C 233 46.86 -8.09 31.85
CA MET C 233 47.25 -9.42 32.31
C MET C 233 48.17 -9.39 33.53
N SER C 234 48.86 -8.27 33.72
CA SER C 234 49.75 -8.14 34.85
C SER C 234 48.92 -8.07 36.10
N ILE C 235 47.73 -7.50 35.98
CA ILE C 235 46.82 -7.34 37.11
C ILE C 235 46.10 -8.61 37.52
N LEU C 236 46.08 -9.58 36.60
CA LEU C 236 45.43 -10.87 36.82
C LEU C 236 46.47 -11.91 37.22
N GLY C 237 47.72 -11.60 36.92
CA GLY C 237 48.82 -12.49 37.23
C GLY C 237 49.01 -13.52 36.14
N MET C 238 48.71 -13.11 34.91
CA MET C 238 48.83 -14.00 33.75
C MET C 238 49.76 -13.45 32.69
N THR C 239 50.24 -14.35 31.84
CA THR C 239 51.12 -13.96 30.75
C THR C 239 50.21 -13.76 29.55
N PRO C 240 50.59 -12.87 28.62
CA PRO C 240 49.73 -12.66 27.45
C PRO C 240 49.76 -13.85 26.50
N GLY C 241 48.70 -14.02 25.72
CA GLY C 241 48.66 -15.13 24.78
C GLY C 241 47.70 -16.25 25.14
N PHE C 242 47.50 -17.13 24.16
CA PHE C 242 46.60 -18.27 24.33
C PHE C 242 47.35 -19.59 24.55
N GLY C 243 48.56 -19.69 23.99
CA GLY C 243 49.37 -20.89 24.08
C GLY C 243 49.44 -21.68 25.38
N ASP C 244 49.45 -20.98 26.51
CA ASP C 244 49.55 -21.66 27.80
C ASP C 244 48.31 -21.48 28.65
N LYS C 245 47.17 -21.25 28.00
CA LYS C 245 45.92 -21.04 28.71
C LYS C 245 44.98 -22.25 28.63
N THR C 246 44.13 -22.38 29.66
CA THR C 246 43.12 -23.44 29.73
C THR C 246 41.76 -22.73 29.86
N PHE C 247 40.70 -23.33 29.35
CA PHE C 247 39.38 -22.71 29.46
C PHE C 247 38.25 -23.73 29.70
N ALA C 248 37.11 -23.25 30.16
CA ALA C 248 35.95 -24.09 30.39
C ALA C 248 34.74 -23.29 29.90
N VAL C 249 33.91 -23.92 29.08
CA VAL C 249 32.74 -23.27 28.55
C VAL C 249 31.46 -23.96 29.00
N GLN C 250 30.51 -23.16 29.49
CA GLN C 250 29.22 -23.68 29.92
C GLN C 250 28.29 -23.44 28.72
N GLY C 251 27.91 -24.52 28.05
CA GLY C 251 27.07 -24.42 26.88
C GLY C 251 27.87 -24.97 25.71
N PHE C 252 27.25 -25.82 24.90
CA PHE C 252 27.93 -26.40 23.78
C PHE C 252 27.07 -26.29 22.52
N GLY C 253 26.46 -25.12 22.36
CA GLY C 253 25.64 -24.83 21.21
C GLY C 253 26.35 -23.91 20.25
N ASN C 254 25.59 -23.09 19.51
CA ASN C 254 26.19 -22.18 18.54
C ASN C 254 27.29 -21.27 19.14
N VAL C 255 27.09 -20.77 20.36
CA VAL C 255 28.10 -19.91 20.98
C VAL C 255 29.24 -20.74 21.54
N GLY C 256 28.89 -21.61 22.49
CA GLY C 256 29.87 -22.47 23.13
C GLY C 256 30.74 -23.30 22.22
N LEU C 257 30.13 -24.04 21.28
CA LEU C 257 30.88 -24.89 20.36
C LEU C 257 31.93 -24.11 19.57
N HIS C 258 31.53 -22.99 19.00
CA HIS C 258 32.48 -22.23 18.21
C HIS C 258 33.51 -21.43 19.01
N SER C 259 33.13 -20.97 20.20
CA SER C 259 34.06 -20.25 21.05
C SER C 259 35.19 -21.23 21.34
N MET C 260 34.78 -22.45 21.69
CA MET C 260 35.70 -23.55 21.97
C MET C 260 36.56 -23.88 20.75
N ARG C 261 35.95 -24.02 19.58
CA ARG C 261 36.72 -24.31 18.37
C ARG C 261 37.81 -23.25 18.15
N TYR C 262 37.46 -21.97 18.19
CA TYR C 262 38.44 -20.92 17.93
C TYR C 262 39.56 -20.80 19.00
N LEU C 263 39.21 -20.90 20.28
CA LEU C 263 40.25 -20.82 21.31
C LEU C 263 41.22 -21.99 21.18
N HIS C 264 40.70 -23.16 20.88
CA HIS C 264 41.53 -24.34 20.74
C HIS C 264 42.49 -24.20 19.56
N ARG C 265 42.06 -23.49 18.53
CA ARG C 265 42.87 -23.27 17.35
C ARG C 265 44.14 -22.50 17.61
N PHE C 266 44.08 -21.53 18.51
CA PHE C 266 45.26 -20.71 18.79
C PHE C 266 46.07 -21.17 20.02
N GLY C 267 45.99 -22.45 20.35
CA GLY C 267 46.79 -22.99 21.45
C GLY C 267 46.16 -23.23 22.80
N ALA C 268 45.05 -22.57 23.09
CA ALA C 268 44.39 -22.75 24.37
C ALA C 268 43.79 -24.15 24.39
N LYS C 269 43.79 -24.79 25.56
CA LYS C 269 43.22 -26.12 25.64
C LYS C 269 41.97 -26.12 26.50
N CYS C 270 40.90 -26.73 25.96
CA CYS C 270 39.63 -26.81 26.67
C CYS C 270 39.68 -27.89 27.75
N VAL C 271 39.44 -27.46 28.97
CA VAL C 271 39.51 -28.35 30.10
C VAL C 271 38.18 -28.93 30.52
N ALA C 272 37.09 -28.24 30.18
CA ALA C 272 35.77 -28.74 30.53
C ALA C 272 34.61 -28.10 29.75
N VAL C 273 33.65 -28.94 29.37
CA VAL C 273 32.48 -28.50 28.63
C VAL C 273 31.23 -28.85 29.40
N GLY C 274 30.34 -27.87 29.55
CA GLY C 274 29.13 -28.12 30.30
C GLY C 274 27.83 -27.99 29.54
N GLU C 275 26.82 -28.70 30.04
CA GLU C 275 25.48 -28.67 29.45
C GLU C 275 24.45 -28.77 30.57
N SER C 276 23.18 -28.84 30.19
CA SER C 276 22.10 -28.92 31.17
C SER C 276 22.09 -30.24 31.95
N ASP C 277 22.52 -31.32 31.32
CA ASP C 277 22.55 -32.64 31.97
C ASP C 277 23.65 -32.62 33.01
N GLY C 278 24.77 -32.02 32.64
CA GLY C 278 25.93 -31.94 33.50
C GLY C 278 27.12 -31.52 32.68
N SER C 279 28.33 -31.92 33.09
CA SER C 279 29.54 -31.53 32.38
C SER C 279 30.56 -32.65 32.36
N ILE C 280 31.64 -32.44 31.62
CA ILE C 280 32.73 -33.40 31.52
C ILE C 280 34.05 -32.67 31.78
N TRP C 281 35.14 -33.40 32.03
CA TRP C 281 36.41 -32.75 32.37
C TRP C 281 37.64 -33.59 32.00
N ASN C 282 38.75 -32.92 31.73
CA ASN C 282 40.02 -33.56 31.39
C ASN C 282 41.09 -32.48 31.40
N PRO C 283 42.03 -32.55 32.37
CA PRO C 283 43.10 -31.56 32.47
C PRO C 283 44.05 -31.48 31.27
N ASP C 284 44.09 -32.53 30.46
CA ASP C 284 44.98 -32.53 29.29
C ASP C 284 44.29 -31.92 28.09
N GLY C 285 43.05 -31.50 28.28
CA GLY C 285 42.29 -30.90 27.21
C GLY C 285 41.35 -31.84 26.49
N ILE C 286 40.36 -31.24 25.82
CA ILE C 286 39.37 -31.98 25.07
C ILE C 286 39.36 -31.38 23.68
N ASP C 287 39.28 -32.21 22.65
CA ASP C 287 39.30 -31.73 21.28
C ASP C 287 37.90 -31.37 20.82
N PRO C 288 37.71 -30.13 20.29
CA PRO C 288 36.40 -29.67 19.83
C PRO C 288 35.78 -30.52 18.72
N LYS C 289 36.57 -30.98 17.77
CA LYS C 289 36.03 -31.80 16.68
C LYS C 289 35.49 -33.15 17.18
N GLU C 290 36.25 -33.84 18.02
CA GLU C 290 35.80 -35.16 18.50
C GLU C 290 34.53 -35.02 19.35
N LEU C 291 34.52 -34.03 20.23
CA LEU C 291 33.39 -33.77 21.12
C LEU C 291 32.13 -33.46 20.33
N GLU C 292 32.27 -32.75 19.22
CA GLU C 292 31.12 -32.41 18.40
C GLU C 292 30.54 -33.66 17.74
N ASP C 293 31.41 -34.58 17.34
CA ASP C 293 30.95 -35.81 16.72
C ASP C 293 30.18 -36.67 17.72
N PHE C 294 30.75 -36.82 18.91
CA PHE C 294 30.12 -37.62 19.94
C PHE C 294 28.73 -37.05 20.21
N LYS C 295 28.68 -35.74 20.43
CA LYS C 295 27.42 -35.03 20.70
C LYS C 295 26.43 -35.22 19.55
N LEU C 296 26.92 -35.11 18.33
CA LEU C 296 26.10 -35.25 17.14
C LEU C 296 25.45 -36.62 17.04
N GLN C 297 26.22 -37.67 17.31
CA GLN C 297 25.71 -39.03 17.23
C GLN C 297 24.94 -39.51 18.45
N HIS C 298 25.32 -39.04 19.64
CA HIS C 298 24.67 -39.46 20.87
C HIS C 298 23.69 -38.49 21.51
N GLY C 299 23.64 -37.26 21.01
CA GLY C 299 22.73 -36.27 21.57
C GLY C 299 23.13 -35.70 22.93
N THR C 300 24.32 -36.06 23.41
CA THR C 300 24.81 -35.57 24.70
C THR C 300 26.32 -35.66 24.79
N ILE C 301 26.94 -34.77 25.56
CA ILE C 301 28.39 -34.78 25.71
C ILE C 301 28.80 -35.75 26.81
N LEU C 302 27.88 -36.01 27.71
CA LEU C 302 28.15 -36.90 28.81
C LEU C 302 28.39 -38.34 28.35
N GLY C 303 29.50 -38.90 28.82
CA GLY C 303 29.88 -40.25 28.44
C GLY C 303 30.96 -40.24 27.39
N PHE C 304 31.45 -39.05 27.06
CA PHE C 304 32.50 -38.91 26.05
C PHE C 304 33.73 -39.68 26.52
N PRO C 305 34.27 -40.57 25.65
CA PRO C 305 35.43 -41.36 26.04
C PRO C 305 36.72 -40.63 26.42
N LYS C 306 37.14 -39.61 25.67
CA LYS C 306 38.38 -38.93 26.03
C LYS C 306 38.25 -37.89 27.13
N ALA C 307 37.32 -38.12 28.05
CA ALA C 307 37.08 -37.22 29.20
C ALA C 307 36.25 -37.94 30.27
N LYS C 308 36.10 -37.31 31.43
CA LYS C 308 35.33 -37.90 32.53
C LYS C 308 34.16 -37.03 32.97
N ILE C 309 33.07 -37.67 33.37
CA ILE C 309 31.89 -36.93 33.82
C ILE C 309 32.24 -36.18 35.10
N TYR C 310 32.30 -34.86 35.00
CA TYR C 310 32.66 -33.98 36.13
C TYR C 310 31.47 -33.81 37.04
N GLU C 311 31.74 -33.76 38.34
CA GLU C 311 30.67 -33.57 39.31
C GLU C 311 31.01 -32.40 40.21
N GLY C 312 30.59 -31.20 39.82
CA GLY C 312 30.87 -30.04 40.64
C GLY C 312 30.80 -28.68 39.95
N SER C 313 29.69 -28.40 39.27
CA SER C 313 29.52 -27.11 38.59
C SER C 313 30.66 -26.68 37.68
N ILE C 314 30.42 -26.72 36.38
CA ILE C 314 31.36 -26.34 35.34
C ILE C 314 31.95 -24.93 35.57
N LEU C 315 31.18 -24.09 36.27
CA LEU C 315 31.60 -22.72 36.53
C LEU C 315 32.69 -22.60 37.59
N GLU C 316 32.78 -23.62 38.45
CA GLU C 316 33.77 -23.63 39.51
C GLU C 316 35.03 -24.41 39.17
N VAL C 317 35.07 -25.00 37.99
CA VAL C 317 36.23 -25.77 37.59
C VAL C 317 37.49 -24.90 37.63
N ASP C 318 38.66 -25.54 37.64
CA ASP C 318 39.92 -24.81 37.69
C ASP C 318 40.43 -24.55 36.29
N CYS C 319 40.56 -23.27 35.95
CA CYS C 319 41.03 -22.88 34.63
C CYS C 319 41.36 -21.40 34.60
N ASP C 320 42.02 -20.99 33.53
CA ASP C 320 42.41 -19.61 33.31
C ASP C 320 41.21 -18.78 32.85
N ILE C 321 40.48 -19.30 31.87
CA ILE C 321 39.33 -18.59 31.31
C ILE C 321 38.01 -19.37 31.35
N LEU C 322 36.97 -18.74 31.90
CA LEU C 322 35.63 -19.33 31.99
C LEU C 322 34.67 -18.62 31.02
N ILE C 323 34.07 -19.41 30.15
CA ILE C 323 33.15 -18.86 29.15
C ILE C 323 31.73 -19.33 29.32
N PRO C 324 30.93 -18.59 30.08
CA PRO C 324 29.54 -19.05 30.22
C PRO C 324 28.82 -18.73 28.89
N ALA C 325 28.36 -19.76 28.19
CA ALA C 325 27.66 -19.54 26.93
C ALA C 325 26.32 -20.27 26.90
N ALA C 326 25.56 -20.09 27.97
CA ALA C 326 24.25 -20.71 28.08
C ALA C 326 23.20 -19.65 28.32
N SER C 327 22.57 -19.64 29.48
CA SER C 327 21.57 -18.63 29.74
C SER C 327 22.02 -17.62 30.78
N GLU C 328 21.13 -16.70 31.13
CA GLU C 328 21.43 -15.64 32.08
C GLU C 328 21.49 -16.06 33.56
N LYS C 329 22.10 -15.20 34.39
CA LYS C 329 22.22 -15.39 35.81
C LYS C 329 22.76 -16.76 36.23
N GLN C 330 23.92 -17.11 35.69
CA GLN C 330 24.55 -18.39 35.98
C GLN C 330 25.66 -18.19 37.04
N LEU C 331 26.13 -16.95 37.16
CA LEU C 331 27.15 -16.56 38.12
C LEU C 331 26.52 -15.52 39.07
N THR C 332 26.35 -15.92 40.32
CA THR C 332 25.72 -15.07 41.33
C THR C 332 26.56 -14.90 42.60
N LYS C 333 25.99 -14.27 43.62
CA LYS C 333 26.69 -14.02 44.87
C LYS C 333 27.14 -15.32 45.53
N SER C 334 26.37 -16.39 45.33
CA SER C 334 26.68 -17.69 45.91
C SER C 334 27.90 -18.40 45.32
N ASN C 335 27.91 -18.62 44.01
CA ASN C 335 29.04 -19.32 43.40
C ASN C 335 30.22 -18.44 43.01
N ALA C 336 30.04 -17.14 42.98
CA ALA C 336 31.11 -16.23 42.56
C ALA C 336 32.46 -16.40 43.28
N PRO C 337 32.45 -16.51 44.62
CA PRO C 337 33.72 -16.65 45.34
C PRO C 337 34.48 -17.94 44.94
N ARG C 338 33.87 -18.78 44.13
CA ARG C 338 34.47 -20.05 43.72
C ARG C 338 34.83 -20.23 42.25
N VAL C 339 34.89 -19.17 41.45
CA VAL C 339 35.18 -19.38 40.03
C VAL C 339 36.55 -19.96 39.63
N LYS C 340 37.59 -19.67 40.40
CA LYS C 340 38.94 -20.19 40.09
C LYS C 340 39.53 -19.59 38.81
N ALA C 341 38.69 -18.97 37.98
CA ALA C 341 39.18 -18.39 36.74
C ALA C 341 39.49 -16.91 36.92
N LYS C 342 40.48 -16.41 36.18
CA LYS C 342 40.86 -15.01 36.29
C LYS C 342 40.09 -14.18 35.26
N ILE C 343 39.65 -14.84 34.18
CA ILE C 343 38.92 -14.13 33.15
C ILE C 343 37.54 -14.75 32.89
N ILE C 344 36.50 -13.94 33.00
CA ILE C 344 35.13 -14.40 32.72
C ILE C 344 34.77 -13.79 31.36
N ALA C 345 34.69 -14.61 30.32
CA ALA C 345 34.34 -14.14 28.98
C ALA C 345 32.86 -14.46 28.74
N GLU C 346 31.99 -13.46 28.88
CA GLU C 346 30.55 -13.65 28.71
C GLU C 346 30.06 -13.89 27.29
N GLY C 347 29.93 -15.15 26.89
CA GLY C 347 29.46 -15.48 25.56
C GLY C 347 27.94 -15.28 25.56
N ALA C 348 27.29 -15.71 26.63
CA ALA C 348 25.86 -15.58 26.77
C ALA C 348 25.48 -14.17 27.17
N ASN C 349 24.17 -13.88 27.11
CA ASN C 349 23.66 -12.59 27.51
C ASN C 349 23.30 -12.64 28.99
N GLY C 350 23.77 -11.63 29.74
CA GLY C 350 23.48 -11.55 31.16
C GLY C 350 23.81 -12.76 32.02
N PRO C 351 24.96 -13.44 31.82
CA PRO C 351 25.23 -14.61 32.66
C PRO C 351 25.68 -14.30 34.11
N THR C 352 26.08 -13.05 34.38
CA THR C 352 26.51 -12.70 35.74
C THR C 352 25.63 -11.60 36.37
N THR C 353 25.26 -11.80 37.63
CA THR C 353 24.44 -10.85 38.37
C THR C 353 25.26 -9.65 38.81
N PRO C 354 24.59 -8.53 39.15
CA PRO C 354 25.35 -7.35 39.58
C PRO C 354 26.14 -7.66 40.85
N GLU C 355 25.50 -8.39 41.76
CA GLU C 355 26.11 -8.71 43.02
C GLU C 355 27.34 -9.59 42.81
N ALA C 356 27.31 -10.41 41.76
CA ALA C 356 28.41 -11.29 41.44
C ALA C 356 29.54 -10.47 40.84
N ASP C 357 29.19 -9.35 40.21
CA ASP C 357 30.18 -8.49 39.60
C ASP C 357 31.12 -7.87 40.64
N LYS C 358 30.57 -7.54 41.80
CA LYS C 358 31.35 -6.96 42.88
C LYS C 358 32.43 -7.92 43.33
N ILE C 359 31.99 -9.12 43.70
CA ILE C 359 32.91 -10.14 44.15
C ILE C 359 34.01 -10.33 43.12
N PHE C 360 33.64 -10.26 41.84
CA PHE C 360 34.61 -10.41 40.77
C PHE C 360 35.61 -9.23 40.70
N LEU C 361 35.15 -8.03 41.07
CA LEU C 361 36.00 -6.85 41.07
C LEU C 361 36.99 -6.95 42.24
N GLU C 362 36.51 -7.46 43.37
CA GLU C 362 37.35 -7.62 44.55
C GLU C 362 38.39 -8.71 44.33
N ARG C 363 37.96 -9.90 43.90
CA ARG C 363 38.91 -10.99 43.67
C ARG C 363 39.82 -10.72 42.48
N ASN C 364 39.76 -9.50 41.94
CA ASN C 364 40.56 -9.12 40.77
C ASN C 364 40.38 -10.06 39.56
N ILE C 365 39.11 -10.35 39.25
CA ILE C 365 38.72 -11.18 38.12
C ILE C 365 38.19 -10.23 37.02
N MET C 366 38.78 -10.30 35.82
CA MET C 366 38.33 -9.43 34.73
C MET C 366 37.12 -10.02 34.02
N VAL C 367 36.02 -9.27 33.98
CA VAL C 367 34.80 -9.74 33.31
C VAL C 367 34.65 -8.99 32.00
N ILE C 368 34.94 -9.67 30.89
CA ILE C 368 34.79 -9.06 29.56
C ILE C 368 33.27 -9.09 29.34
N PRO C 369 32.61 -7.92 29.40
CA PRO C 369 31.18 -7.84 29.22
C PRO C 369 30.53 -8.36 27.93
N ASP C 370 29.34 -8.91 28.09
CA ASP C 370 28.55 -9.48 27.01
C ASP C 370 28.19 -8.53 25.88
N LEU C 371 27.87 -7.28 26.20
CA LEU C 371 27.48 -6.30 25.19
C LEU C 371 28.59 -5.95 24.23
N TYR C 372 29.78 -6.46 24.50
CA TYR C 372 30.90 -6.25 23.59
C TYR C 372 31.36 -7.62 23.12
N LEU C 373 31.61 -8.52 24.07
CA LEU C 373 32.13 -9.84 23.78
C LEU C 373 31.30 -10.74 22.87
N ASN C 374 29.98 -10.76 23.02
CA ASN C 374 29.21 -11.63 22.14
C ASN C 374 28.64 -10.93 20.89
N ALA C 375 28.89 -9.63 20.76
CA ALA C 375 28.38 -8.87 19.60
C ALA C 375 28.86 -9.31 18.22
N GLY C 376 29.65 -10.38 18.16
CA GLY C 376 30.10 -10.81 16.85
C GLY C 376 28.94 -11.32 16.02
N GLY C 377 27.92 -11.84 16.70
CA GLY C 377 26.75 -12.36 16.00
C GLY C 377 25.93 -11.30 15.29
N VAL C 378 25.62 -10.21 16.00
CA VAL C 378 24.85 -9.12 15.44
C VAL C 378 25.66 -8.42 14.37
N THR C 379 26.96 -8.31 14.59
CA THR C 379 27.84 -7.67 13.63
C THR C 379 27.75 -8.40 12.29
N VAL C 380 27.86 -9.71 12.32
CA VAL C 380 27.79 -10.41 11.06
C VAL C 380 26.31 -10.44 10.56
N SER C 381 25.34 -10.31 11.46
CA SER C 381 23.95 -10.26 11.02
C SER C 381 23.76 -8.99 10.19
N TYR C 382 24.46 -7.93 10.60
CA TYR C 382 24.41 -6.66 9.92
C TYR C 382 24.97 -6.84 8.53
N PHE C 383 26.03 -7.64 8.40
CA PHE C 383 26.62 -7.89 7.09
C PHE C 383 25.64 -8.68 6.22
N GLU C 384 24.92 -9.63 6.80
CA GLU C 384 23.95 -10.43 6.06
C GLU C 384 22.86 -9.52 5.49
N TRP C 385 22.35 -8.64 6.34
CA TRP C 385 21.30 -7.71 5.98
C TRP C 385 21.77 -6.85 4.79
N LEU C 386 22.98 -6.29 4.91
CA LEU C 386 23.57 -5.46 3.86
C LEU C 386 23.70 -6.23 2.54
N LYS C 387 24.09 -7.49 2.63
CA LYS C 387 24.25 -8.34 1.46
C LYS C 387 22.88 -8.51 0.76
N ASN C 388 21.83 -8.73 1.55
CA ASN C 388 20.49 -8.90 1.00
C ASN C 388 20.01 -7.61 0.31
N LEU C 389 20.38 -6.44 0.84
CA LEU C 389 19.99 -5.18 0.21
C LEU C 389 20.76 -4.91 -1.09
N ASN C 390 22.01 -5.38 -1.18
CA ASN C 390 22.80 -5.17 -2.38
C ASN C 390 22.57 -6.20 -3.49
N HIS C 391 21.95 -7.34 -3.17
CA HIS C 391 21.66 -8.38 -4.15
C HIS C 391 22.82 -8.89 -4.99
N VAL C 392 24.03 -8.79 -4.47
CA VAL C 392 25.20 -9.29 -5.18
C VAL C 392 26.15 -9.92 -4.21
N SER C 393 26.97 -10.76 -4.77
CA SER C 393 27.97 -11.38 -3.96
C SER C 393 29.13 -10.40 -3.96
N TYR C 394 29.63 -10.06 -2.78
CA TYR C 394 30.74 -9.12 -2.68
C TYR C 394 31.91 -9.57 -3.60
N GLY C 395 32.44 -8.64 -4.37
CA GLY C 395 33.55 -8.93 -5.28
C GLY C 395 33.21 -9.35 -6.71
N ARG C 396 32.06 -10.00 -6.88
CA ARG C 396 31.59 -10.47 -8.19
C ARG C 396 31.78 -9.49 -9.36
N LEU C 397 31.51 -8.21 -9.12
CA LEU C 397 31.67 -7.25 -10.20
C LEU C 397 33.11 -6.77 -10.37
N THR C 398 33.94 -7.01 -9.37
CA THR C 398 35.29 -6.47 -9.39
C THR C 398 36.52 -7.38 -9.41
N PHE C 399 36.32 -8.67 -9.24
CA PHE C 399 37.42 -9.63 -9.24
C PHE C 399 38.42 -9.49 -10.39
N LYS C 400 37.94 -9.62 -11.63
CA LYS C 400 38.85 -9.52 -12.76
C LYS C 400 39.47 -8.14 -12.88
N TYR C 401 38.69 -7.09 -12.61
CA TYR C 401 39.24 -5.75 -12.71
C TYR C 401 40.37 -5.51 -11.71
N GLU C 402 40.16 -5.87 -10.45
CA GLU C 402 41.22 -5.67 -9.46
C GLU C 402 42.43 -6.56 -9.68
N ARG C 403 42.20 -7.76 -10.19
CA ARG C 403 43.29 -8.68 -10.46
C ARG C 403 44.17 -8.07 -11.55
N ASP C 404 43.57 -7.78 -12.70
CA ASP C 404 44.30 -7.20 -13.81
C ASP C 404 44.97 -5.90 -13.36
N SER C 405 44.28 -5.17 -12.51
CA SER C 405 44.77 -3.91 -12.01
C SER C 405 46.04 -4.02 -11.15
N ASN C 406 46.06 -4.97 -10.23
CA ASN C 406 47.22 -5.17 -9.37
C ASN C 406 48.46 -5.64 -10.15
N TYR C 407 48.25 -6.44 -11.19
CA TYR C 407 49.36 -6.91 -11.98
C TYR C 407 49.98 -5.76 -12.78
N HIS C 408 49.15 -4.83 -13.24
CA HIS C 408 49.66 -3.67 -14.00
C HIS C 408 50.35 -2.69 -13.04
N LEU C 409 49.89 -2.67 -11.79
CA LEU C 409 50.51 -1.79 -10.80
C LEU C 409 51.92 -2.32 -10.50
N LEU C 410 52.00 -3.65 -10.29
CA LEU C 410 53.25 -4.33 -10.02
C LEU C 410 54.12 -4.25 -11.27
N MET C 411 53.51 -4.31 -12.44
CA MET C 411 54.29 -4.23 -13.66
C MET C 411 54.88 -2.83 -13.83
N SER C 412 54.19 -1.83 -13.28
CA SER C 412 54.65 -0.44 -13.35
C SER C 412 55.91 -0.23 -12.54
N VAL C 413 56.05 -0.96 -11.44
CA VAL C 413 57.24 -0.80 -10.63
C VAL C 413 58.34 -1.63 -11.33
N GLN C 414 57.96 -2.78 -11.87
CA GLN C 414 58.93 -3.61 -12.56
C GLN C 414 59.55 -2.85 -13.74
N GLU C 415 58.70 -2.30 -14.60
CA GLU C 415 59.18 -1.58 -15.77
C GLU C 415 59.95 -0.32 -15.45
N SER C 416 59.55 0.38 -14.39
CA SER C 416 60.21 1.60 -13.99
C SER C 416 61.65 1.32 -13.58
N LEU C 417 61.84 0.21 -12.88
CA LEU C 417 63.16 -0.19 -12.41
C LEU C 417 64.04 -0.74 -13.52
N GLU C 418 63.43 -1.44 -14.47
CA GLU C 418 64.19 -2.00 -15.57
C GLU C 418 64.59 -0.83 -16.47
N ARG C 419 63.77 0.22 -16.47
CA ARG C 419 64.02 1.42 -17.25
C ARG C 419 65.22 2.12 -16.64
N LYS C 420 65.24 2.21 -15.31
CA LYS C 420 66.33 2.87 -14.61
C LYS C 420 67.59 2.00 -14.70
N PHE C 421 67.58 0.91 -13.95
CA PHE C 421 68.71 -0.04 -13.94
C PHE C 421 68.71 -0.83 -15.25
N GLY C 422 68.78 -0.12 -16.37
CA GLY C 422 68.77 -0.71 -17.71
C GLY C 422 69.17 -2.16 -17.91
N LYS C 423 70.45 -2.36 -18.25
CA LYS C 423 71.01 -3.69 -18.48
C LYS C 423 71.84 -4.16 -17.29
N HIS C 424 72.14 -3.23 -16.38
CA HIS C 424 72.91 -3.55 -15.17
C HIS C 424 72.11 -4.64 -14.43
N GLY C 425 70.86 -4.30 -14.11
CA GLY C 425 69.98 -5.22 -13.39
C GLY C 425 69.46 -6.42 -14.17
N GLY C 426 68.93 -6.18 -15.37
CA GLY C 426 68.40 -7.26 -16.17
C GLY C 426 66.89 -7.32 -15.97
N THR C 427 66.32 -8.52 -15.88
CA THR C 427 64.87 -8.60 -15.64
C THR C 427 64.74 -8.48 -14.13
N ILE C 428 63.76 -7.71 -13.69
CA ILE C 428 63.51 -7.52 -12.26
C ILE C 428 62.04 -7.85 -11.99
N PRO C 429 61.72 -9.16 -11.96
CA PRO C 429 60.36 -9.66 -11.71
C PRO C 429 59.79 -9.13 -10.43
N ILE C 430 58.64 -8.47 -10.54
CA ILE C 430 57.96 -7.96 -9.37
C ILE C 430 56.74 -8.87 -9.30
N VAL C 431 56.77 -9.77 -8.35
CA VAL C 431 55.72 -10.77 -8.18
C VAL C 431 55.04 -10.70 -6.82
N PRO C 432 53.74 -11.06 -6.76
CA PRO C 432 53.10 -11.01 -5.44
C PRO C 432 53.66 -12.05 -4.49
N THR C 433 53.61 -11.75 -3.18
CA THR C 433 54.05 -12.73 -2.19
C THR C 433 52.89 -13.74 -2.19
N ALA C 434 53.06 -14.88 -1.53
CA ALA C 434 51.99 -15.87 -1.50
C ALA C 434 50.72 -15.27 -0.88
N GLU C 435 50.91 -14.49 0.18
CA GLU C 435 49.80 -13.83 0.88
C GLU C 435 49.08 -12.85 -0.01
N PHE C 436 49.82 -12.00 -0.72
CA PHE C 436 49.17 -11.04 -1.59
C PHE C 436 48.52 -11.73 -2.79
N GLN C 437 49.03 -12.90 -3.15
CA GLN C 437 48.46 -13.66 -4.27
C GLN C 437 47.01 -14.07 -3.98
N ASP C 438 46.73 -14.32 -2.70
CA ASP C 438 45.40 -14.72 -2.26
C ASP C 438 44.48 -13.52 -2.11
N ARG C 439 45.06 -12.34 -2.19
CA ARG C 439 44.29 -11.11 -2.07
C ARG C 439 44.31 -10.35 -3.37
N ILE C 440 44.85 -11.00 -4.42
CA ILE C 440 45.00 -10.37 -5.72
C ILE C 440 43.73 -9.88 -6.42
N SER C 441 42.63 -10.60 -6.27
CA SER C 441 41.36 -10.20 -6.91
C SER C 441 40.49 -9.37 -5.99
N GLY C 442 41.02 -9.00 -4.84
CA GLY C 442 40.23 -8.21 -3.89
C GLY C 442 39.43 -9.12 -2.98
N ALA C 443 38.73 -8.51 -2.04
CA ALA C 443 37.92 -9.23 -1.06
C ALA C 443 36.66 -9.92 -1.58
N SER C 444 36.39 -11.09 -1.03
CA SER C 444 35.21 -11.87 -1.35
C SER C 444 34.33 -11.74 -0.12
N GLU C 445 33.20 -12.43 -0.14
CA GLU C 445 32.29 -12.39 0.97
C GLU C 445 32.95 -12.86 2.26
N LYS C 446 33.55 -14.05 2.21
CA LYS C 446 34.23 -14.62 3.36
C LYS C 446 35.29 -13.66 3.90
N ASP C 447 36.03 -13.02 3.00
CA ASP C 447 37.08 -12.08 3.39
C ASP C 447 36.53 -10.91 4.19
N ILE C 448 35.48 -10.29 3.66
CA ILE C 448 34.83 -9.16 4.30
C ILE C 448 34.27 -9.48 5.68
N VAL C 449 33.68 -10.65 5.82
CA VAL C 449 33.11 -11.06 7.10
C VAL C 449 34.21 -11.16 8.15
N HIS C 450 35.27 -11.89 7.83
CA HIS C 450 36.39 -12.07 8.75
C HIS C 450 37.09 -10.80 9.12
N SER C 451 37.54 -10.06 8.12
CA SER C 451 38.26 -8.82 8.37
C SER C 451 37.33 -7.77 8.95
N GLY C 452 36.06 -7.80 8.57
CA GLY C 452 35.13 -6.82 9.07
C GLY C 452 34.86 -7.06 10.54
N LEU C 453 34.74 -8.33 10.91
CA LEU C 453 34.48 -8.67 12.30
C LEU C 453 35.70 -8.35 13.17
N ALA C 454 36.88 -8.80 12.75
CA ALA C 454 38.09 -8.54 13.51
C ALA C 454 38.26 -7.03 13.74
N TYR C 455 38.03 -6.26 12.68
CA TYR C 455 38.13 -4.81 12.76
C TYR C 455 37.18 -4.23 13.81
N THR C 456 35.94 -4.68 13.77
CA THR C 456 34.93 -4.19 14.69
C THR C 456 35.28 -4.53 16.14
N MET C 457 35.65 -5.78 16.40
CA MET C 457 36.00 -6.20 17.76
C MET C 457 37.22 -5.44 18.29
N GLU C 458 38.12 -5.08 17.39
CA GLU C 458 39.33 -4.36 17.75
C GLU C 458 38.99 -2.88 18.02
N ARG C 459 38.26 -2.25 17.10
CA ARG C 459 37.90 -0.85 17.29
C ARG C 459 37.14 -0.66 18.60
N SER C 460 36.16 -1.52 18.87
CA SER C 460 35.37 -1.42 20.09
C SER C 460 36.18 -1.75 21.35
N ALA C 461 37.14 -2.64 21.22
CA ALA C 461 37.98 -3.04 22.34
C ALA C 461 38.80 -1.84 22.80
N ARG C 462 39.44 -1.16 21.87
CA ARG C 462 40.24 0.03 22.21
C ARG C 462 39.34 1.08 22.87
N GLN C 463 38.17 1.31 22.27
CA GLN C 463 37.21 2.28 22.80
C GLN C 463 36.90 1.99 24.25
N ILE C 464 36.76 0.71 24.57
CA ILE C 464 36.45 0.32 25.93
C ILE C 464 37.67 0.55 26.84
N MET C 465 38.86 0.20 26.38
CA MET C 465 40.08 0.41 27.15
C MET C 465 40.28 1.89 27.44
N ARG C 466 40.18 2.72 26.41
CA ARG C 466 40.34 4.17 26.55
C ARG C 466 39.38 4.71 27.60
N THR C 467 38.17 4.14 27.64
CA THR C 467 37.16 4.58 28.58
C THR C 467 37.42 4.06 29.99
N ALA C 468 37.91 2.84 30.09
CA ALA C 468 38.21 2.28 31.40
C ALA C 468 39.32 3.14 32.03
N MET C 469 40.23 3.63 31.19
CA MET C 469 41.33 4.48 31.63
C MET C 469 40.87 5.84 32.07
N LYS C 470 40.15 6.54 31.19
CA LYS C 470 39.65 7.88 31.45
C LYS C 470 38.84 8.00 32.73
N TYR C 471 38.31 6.88 33.23
CA TYR C 471 37.50 6.92 34.45
C TYR C 471 38.05 6.01 35.55
N ASN C 472 39.26 5.51 35.32
CA ASN C 472 39.93 4.64 36.29
C ASN C 472 38.97 3.55 36.78
N LEU C 473 38.38 2.81 35.85
CA LEU C 473 37.44 1.77 36.22
C LEU C 473 38.12 0.43 36.46
N GLY C 474 39.42 0.36 36.17
CA GLY C 474 40.16 -0.87 36.38
C GLY C 474 39.64 -2.05 35.56
N LEU C 475 39.22 -3.11 36.24
CA LEU C 475 38.71 -4.29 35.56
C LEU C 475 37.17 -4.27 35.43
N ASP C 476 36.59 -3.08 35.52
CA ASP C 476 35.16 -2.93 35.38
C ASP C 476 34.87 -2.54 33.94
N LEU C 477 35.10 -3.49 33.02
CA LEU C 477 34.89 -3.26 31.61
C LEU C 477 33.41 -3.10 31.24
N ARG C 478 32.55 -3.77 31.99
CA ARG C 478 31.13 -3.69 31.72
C ARG C 478 30.68 -2.23 31.80
N THR C 479 31.04 -1.56 32.89
CA THR C 479 30.69 -0.17 33.06
C THR C 479 31.29 0.70 31.95
N ALA C 480 32.51 0.39 31.52
CA ALA C 480 33.15 1.16 30.45
C ALA C 480 32.32 0.98 29.17
N ALA C 481 31.82 -0.23 28.96
CA ALA C 481 31.01 -0.55 27.78
C ALA C 481 29.69 0.22 27.79
N TYR C 482 28.98 0.20 28.91
CA TYR C 482 27.72 0.94 28.97
C TYR C 482 27.95 2.43 28.81
N VAL C 483 29.10 2.89 29.29
CA VAL C 483 29.44 4.31 29.17
C VAL C 483 29.54 4.64 27.69
N ASN C 484 30.29 3.82 26.95
CA ASN C 484 30.44 4.03 25.52
C ASN C 484 29.09 3.97 24.80
N ALA C 485 28.28 3.00 25.18
CA ALA C 485 26.96 2.81 24.60
C ALA C 485 25.99 3.95 24.85
N ILE C 486 25.92 4.41 26.09
CA ILE C 486 25.03 5.51 26.43
C ILE C 486 25.47 6.73 25.63
N GLU C 487 26.76 6.92 25.51
CA GLU C 487 27.31 8.05 24.77
C GLU C 487 26.80 8.03 23.33
N LYS C 488 26.92 6.88 22.68
CA LYS C 488 26.48 6.76 21.29
C LYS C 488 24.97 6.86 21.10
N VAL C 489 24.19 6.25 21.98
CA VAL C 489 22.74 6.36 21.85
C VAL C 489 22.32 7.81 22.15
N PHE C 490 23.03 8.45 23.08
CA PHE C 490 22.77 9.86 23.46
C PHE C 490 22.91 10.75 22.22
N ARG C 491 24.01 10.60 21.48
CA ARG C 491 24.29 11.40 20.27
C ARG C 491 23.07 11.55 19.37
N VAL C 492 22.21 10.54 19.34
CA VAL C 492 21.04 10.55 18.49
C VAL C 492 19.84 11.35 19.01
N TYR C 493 19.61 11.33 20.32
CA TYR C 493 18.49 12.09 20.93
C TYR C 493 18.94 13.55 21.05
N ASN C 494 20.15 13.73 21.56
CA ASN C 494 20.80 15.03 21.76
C ASN C 494 20.70 15.88 20.49
N GLU C 495 21.75 15.81 19.70
CA GLU C 495 21.84 16.48 18.40
C GLU C 495 20.64 15.99 17.59
N ALA C 496 19.46 16.61 17.69
CA ALA C 496 18.38 16.01 16.91
C ALA C 496 17.10 16.78 16.65
N GLY C 497 17.10 18.08 16.88
CA GLY C 497 15.87 18.80 16.64
C GLY C 497 14.95 18.48 17.80
N VAL C 498 14.85 17.22 18.19
CA VAL C 498 14.02 16.89 19.34
C VAL C 498 15.03 17.20 20.46
N THR C 499 14.58 17.76 21.58
CA THR C 499 15.46 18.14 22.69
C THR C 499 16.10 19.56 22.52
N PHE C 500 15.70 20.32 21.50
CA PHE C 500 16.24 21.66 21.29
C PHE C 500 15.29 22.71 21.94
N THR C 501 14.87 22.40 23.17
CA THR C 501 13.96 23.24 23.96
C THR C 501 12.89 23.91 23.09
N ALA D 1 16.10 44.18 -3.94
CA ALA D 1 16.97 45.36 -3.67
C ALA D 1 16.65 46.58 -4.57
N ASP D 2 16.85 46.44 -5.87
CA ASP D 2 16.61 47.55 -6.80
C ASP D 2 15.13 47.74 -7.14
N ARG D 3 14.82 48.60 -8.10
CA ARG D 3 13.41 48.78 -8.44
C ARG D 3 13.06 49.34 -9.81
N GLU D 4 13.84 48.96 -10.82
CA GLU D 4 13.60 49.41 -12.17
C GLU D 4 14.11 48.36 -13.17
N ASP D 5 14.95 47.46 -12.67
CA ASP D 5 15.49 46.32 -13.41
C ASP D 5 15.33 45.26 -12.36
N ASP D 6 14.11 44.79 -12.24
CA ASP D 6 13.79 43.78 -11.26
C ASP D 6 12.82 42.84 -11.97
N PRO D 7 13.36 42.05 -12.91
CA PRO D 7 12.54 41.10 -13.66
C PRO D 7 11.85 40.06 -12.78
N ASN D 8 10.77 39.49 -13.29
CA ASN D 8 10.05 38.43 -12.61
C ASN D 8 11.09 37.27 -12.62
N PHE D 9 11.49 36.82 -11.44
CA PHE D 9 12.52 35.77 -11.25
C PHE D 9 12.42 34.60 -12.22
N PHE D 10 11.24 34.03 -12.35
CA PHE D 10 11.06 32.90 -13.27
C PHE D 10 11.41 33.27 -14.71
N LYS D 11 10.86 34.39 -15.19
CA LYS D 11 11.11 34.87 -16.56
C LYS D 11 12.61 35.09 -16.78
N MET D 12 13.27 35.59 -15.73
CA MET D 12 14.69 35.86 -15.75
C MET D 12 15.50 34.59 -16.06
N VAL D 13 15.13 33.50 -15.41
CA VAL D 13 15.81 32.23 -15.63
C VAL D 13 15.45 31.69 -17.00
N GLU D 14 14.19 31.88 -17.42
CA GLU D 14 13.78 31.46 -18.75
C GLU D 14 14.62 32.21 -19.78
N GLY D 15 14.99 33.45 -19.46
CA GLY D 15 15.83 34.22 -20.36
C GLY D 15 17.17 33.54 -20.45
N PHE D 16 17.77 33.25 -19.31
CA PHE D 16 19.06 32.57 -19.30
C PHE D 16 18.94 31.27 -20.13
N PHE D 17 17.85 30.53 -19.95
CA PHE D 17 17.64 29.28 -20.69
C PHE D 17 17.57 29.51 -22.19
N ASP D 18 16.65 30.36 -22.62
CA ASP D 18 16.48 30.67 -24.04
C ASP D 18 17.77 31.09 -24.73
N ARG D 19 18.64 31.76 -23.99
CA ARG D 19 19.90 32.19 -24.54
C ARG D 19 20.72 30.98 -24.97
N GLY D 20 20.87 30.02 -24.06
CA GLY D 20 21.61 28.80 -24.36
C GLY D 20 20.89 27.94 -25.38
N ALA D 21 19.55 27.99 -25.34
CA ALA D 21 18.75 27.22 -26.26
C ALA D 21 19.13 27.59 -27.70
N SER D 22 19.43 28.86 -27.92
CA SER D 22 19.81 29.32 -29.25
C SER D 22 21.18 28.77 -29.64
N ILE D 23 22.15 28.98 -28.76
CA ILE D 23 23.51 28.53 -28.97
C ILE D 23 23.66 27.02 -29.31
N VAL D 24 22.88 26.15 -28.67
CA VAL D 24 23.02 24.71 -28.93
C VAL D 24 22.00 24.09 -29.86
N GLU D 25 20.95 24.84 -30.19
CA GLU D 25 19.90 24.32 -31.07
C GLU D 25 20.43 23.54 -32.27
N ASP D 26 21.60 23.91 -32.77
CA ASP D 26 22.18 23.22 -33.93
C ASP D 26 22.81 21.88 -33.58
N LYS D 27 23.62 21.84 -32.53
CA LYS D 27 24.25 20.59 -32.11
C LYS D 27 23.15 19.59 -31.74
N LEU D 28 21.95 20.10 -31.46
CA LEU D 28 20.84 19.23 -31.10
C LEU D 28 20.16 18.59 -32.31
N VAL D 29 20.01 19.37 -33.39
CA VAL D 29 19.36 18.85 -34.61
C VAL D 29 20.34 17.89 -35.25
N GLU D 30 21.60 18.06 -34.89
CA GLU D 30 22.68 17.22 -35.38
C GLU D 30 22.57 15.87 -34.68
N ASP D 31 22.69 15.90 -33.35
CA ASP D 31 22.63 14.70 -32.53
C ASP D 31 21.23 14.09 -32.46
N LEU D 32 20.26 14.75 -33.10
CA LEU D 32 18.89 14.24 -33.09
C LEU D 32 18.91 12.89 -33.79
N LYS D 33 18.43 11.88 -33.08
CA LYS D 33 18.39 10.51 -33.60
C LYS D 33 17.11 10.26 -34.36
N THR D 34 16.87 11.07 -35.40
CA THR D 34 15.67 10.94 -36.20
C THR D 34 15.97 10.57 -37.65
N ARG D 35 15.08 9.76 -38.23
CA ARG D 35 15.17 9.31 -39.60
C ARG D 35 14.59 10.41 -40.48
N GLU D 36 13.71 11.23 -39.90
CA GLU D 36 13.10 12.34 -40.62
C GLU D 36 14.21 13.37 -40.79
N THR D 37 13.90 14.54 -41.35
CA THR D 37 14.93 15.55 -41.54
C THR D 37 14.47 17.01 -41.57
N GLU D 38 15.43 17.89 -41.87
CA GLU D 38 15.25 19.35 -41.97
C GLU D 38 14.48 20.08 -40.87
N GLU D 39 13.34 20.65 -41.26
CA GLU D 39 12.49 21.41 -40.35
C GLU D 39 11.80 20.56 -39.31
N GLN D 40 11.56 19.28 -39.62
CA GLN D 40 10.91 18.41 -38.65
C GLN D 40 11.86 18.14 -37.49
N LYS D 41 13.15 18.06 -37.80
CA LYS D 41 14.16 17.83 -36.77
C LYS D 41 14.33 19.14 -36.00
N ARG D 42 14.24 20.25 -36.72
CA ARG D 42 14.35 21.59 -36.13
C ARG D 42 13.15 21.80 -35.19
N ASN D 43 11.99 21.39 -35.67
CA ASN D 43 10.74 21.54 -34.92
C ASN D 43 10.68 20.67 -33.69
N ARG D 44 11.14 19.43 -33.81
CA ARG D 44 11.12 18.49 -32.69
C ARG D 44 11.96 19.01 -31.52
N VAL D 45 13.12 19.58 -31.84
CA VAL D 45 13.98 20.11 -30.81
C VAL D 45 13.24 21.24 -30.08
N ARG D 46 12.59 22.11 -30.84
CA ARG D 46 11.86 23.22 -30.24
C ARG D 46 10.75 22.71 -29.33
N GLY D 47 10.07 21.64 -29.75
CA GLY D 47 8.99 21.09 -28.96
C GLY D 47 9.48 20.54 -27.63
N ILE D 48 10.58 19.81 -27.69
CA ILE D 48 11.17 19.23 -26.49
C ILE D 48 11.59 20.33 -25.53
N LEU D 49 12.24 21.37 -26.06
CA LEU D 49 12.69 22.49 -25.24
C LEU D 49 11.52 23.21 -24.61
N ARG D 50 10.40 23.23 -25.31
CA ARG D 50 9.21 23.88 -24.78
C ARG D 50 8.67 23.07 -23.59
N ILE D 51 9.01 21.79 -23.51
CA ILE D 51 8.54 20.94 -22.41
C ILE D 51 9.38 21.14 -21.15
N ILE D 52 10.69 21.26 -21.35
CA ILE D 52 11.66 21.43 -20.30
C ILE D 52 11.52 22.74 -19.52
N LYS D 53 11.20 23.83 -20.20
CA LYS D 53 11.09 25.13 -19.56
C LYS D 53 10.03 25.26 -18.46
N PRO D 54 8.78 24.89 -18.75
CA PRO D 54 7.81 25.04 -17.66
C PRO D 54 7.92 23.98 -16.58
N CYS D 55 7.61 24.40 -15.34
CA CYS D 55 7.62 23.50 -14.20
C CYS D 55 6.46 22.55 -14.44
N ASN D 56 6.67 21.27 -14.14
CA ASN D 56 5.61 20.30 -14.31
C ASN D 56 4.54 20.40 -13.20
N HIS D 57 4.97 20.58 -11.95
CA HIS D 57 4.03 20.67 -10.82
C HIS D 57 4.32 21.77 -9.81
N VAL D 58 3.25 22.43 -9.35
CA VAL D 58 3.39 23.44 -8.32
C VAL D 58 2.22 23.26 -7.37
N LEU D 59 2.55 23.09 -6.09
CA LEU D 59 1.56 22.94 -5.06
C LEU D 59 1.62 24.16 -4.17
N SER D 60 0.48 24.82 -4.03
CA SER D 60 0.32 25.98 -3.18
C SER D 60 -0.48 25.50 -1.96
N LEU D 61 -0.01 25.81 -0.77
CA LEU D 61 -0.69 25.35 0.45
C LEU D 61 -1.04 26.46 1.39
N SER D 62 -2.12 26.25 2.15
CA SER D 62 -2.57 27.22 3.12
C SER D 62 -3.04 26.37 4.27
N PHE D 63 -2.25 26.30 5.34
CA PHE D 63 -2.62 25.49 6.47
C PHE D 63 -2.54 26.25 7.79
N PRO D 64 -3.39 25.90 8.76
CA PRO D 64 -3.37 26.62 10.03
C PRO D 64 -2.45 25.99 11.09
N ILE D 65 -2.00 26.83 12.01
CA ILE D 65 -1.18 26.37 13.12
C ILE D 65 -1.59 27.16 14.36
N ARG D 66 -1.54 26.50 15.50
CA ARG D 66 -1.91 27.11 16.76
C ARG D 66 -0.65 27.74 17.35
N ARG D 67 -0.64 29.08 17.40
CA ARG D 67 0.48 29.86 17.94
C ARG D 67 0.61 29.59 19.44
N ASP D 68 1.76 29.92 20.02
CA ASP D 68 1.97 29.68 21.44
C ASP D 68 0.98 30.38 22.37
N ASP D 69 0.49 31.55 21.97
CA ASP D 69 -0.45 32.27 22.81
C ASP D 69 -1.90 31.87 22.56
N GLY D 70 -2.11 30.65 22.09
CA GLY D 70 -3.45 30.14 21.85
C GLY D 70 -4.12 30.52 20.52
N SER D 71 -3.73 31.65 19.95
CA SER D 71 -4.32 32.12 18.70
C SER D 71 -4.07 31.25 17.47
N TRP D 72 -4.95 31.40 16.47
CA TRP D 72 -4.85 30.68 15.21
C TRP D 72 -4.24 31.54 14.10
N GLU D 73 -3.40 30.92 13.29
CA GLU D 73 -2.75 31.62 12.20
C GLU D 73 -2.66 30.76 10.95
N VAL D 74 -2.86 31.37 9.80
CA VAL D 74 -2.79 30.65 8.53
C VAL D 74 -1.48 30.98 7.84
N ILE D 75 -0.67 29.97 7.56
CA ILE D 75 0.59 30.23 6.90
C ILE D 75 0.56 29.65 5.48
N GLU D 76 1.24 30.33 4.56
CA GLU D 76 1.28 29.91 3.17
C GLU D 76 2.59 29.22 2.82
N GLY D 77 2.50 28.22 1.94
CA GLY D 77 3.68 27.51 1.52
C GLY D 77 3.52 27.01 0.10
N TYR D 78 4.64 26.73 -0.54
CA TYR D 78 4.65 26.22 -1.90
C TYR D 78 5.82 25.27 -2.16
N ARG D 79 5.61 24.34 -3.07
CA ARG D 79 6.69 23.48 -3.50
C ARG D 79 6.45 23.22 -4.96
N ALA D 80 7.45 23.55 -5.76
CA ALA D 80 7.35 23.36 -7.19
C ALA D 80 8.30 22.27 -7.59
N GLN D 81 7.89 21.46 -8.57
CA GLN D 81 8.75 20.42 -9.09
C GLN D 81 8.86 20.81 -10.55
N HIS D 82 10.05 21.24 -10.94
CA HIS D 82 10.29 21.67 -12.31
C HIS D 82 10.28 20.53 -13.30
N SER D 83 11.11 19.53 -13.02
CA SER D 83 11.27 18.38 -13.91
C SER D 83 11.33 17.03 -13.19
N GLN D 84 10.82 16.00 -13.87
CA GLN D 84 10.89 14.64 -13.34
C GLN D 84 11.66 13.79 -14.35
N HIS D 85 12.48 14.45 -15.18
CA HIS D 85 13.23 13.71 -16.19
C HIS D 85 14.17 12.71 -15.48
N ARG D 86 14.45 12.99 -14.21
CA ARG D 86 15.25 12.12 -13.35
C ARG D 86 14.30 12.00 -12.16
N THR D 87 13.86 10.76 -11.90
CA THR D 87 12.85 10.43 -10.88
C THR D 87 12.80 11.18 -9.55
N PRO D 88 13.88 11.18 -8.75
CA PRO D 88 13.68 11.95 -7.50
C PRO D 88 13.96 13.43 -7.75
N CYS D 89 13.00 14.28 -7.40
CA CYS D 89 13.17 15.72 -7.57
C CYS D 89 14.04 16.10 -6.37
N LYS D 90 14.76 17.21 -6.49
CA LYS D 90 15.64 17.62 -5.40
C LYS D 90 15.65 19.13 -5.29
N GLY D 91 15.60 19.63 -4.07
CA GLY D 91 15.60 21.07 -3.86
C GLY D 91 15.26 21.45 -2.43
N GLY D 92 15.85 22.56 -1.97
CA GLY D 92 15.64 23.01 -0.62
C GLY D 92 14.31 23.66 -0.27
N ILE D 93 14.23 24.07 0.99
CA ILE D 93 13.06 24.72 1.54
C ILE D 93 13.46 26.05 2.16
N ARG D 94 12.89 27.13 1.64
CA ARG D 94 13.19 28.48 2.12
C ARG D 94 12.13 29.03 3.06
N TYR D 95 12.56 29.68 4.14
CA TYR D 95 11.60 30.32 5.07
C TYR D 95 11.81 31.82 4.97
N SER D 96 10.89 32.51 4.29
CA SER D 96 11.01 33.95 4.12
C SER D 96 9.72 34.58 3.65
N THR D 97 9.54 35.86 3.94
CA THR D 97 8.34 36.58 3.50
C THR D 97 8.51 36.89 2.01
N ASP D 98 9.75 36.84 1.51
CA ASP D 98 9.99 37.10 0.10
C ASP D 98 9.50 35.94 -0.77
N VAL D 99 9.19 34.78 -0.19
CA VAL D 99 8.78 33.65 -1.03
C VAL D 99 7.42 33.83 -1.70
N SER D 100 7.30 33.28 -2.91
CA SER D 100 6.09 33.35 -3.69
C SER D 100 6.14 32.27 -4.77
N VAL D 101 4.99 32.01 -5.37
CA VAL D 101 4.88 31.02 -6.43
C VAL D 101 6.01 31.16 -7.44
N ASP D 102 6.23 32.37 -7.95
CA ASP D 102 7.29 32.60 -8.94
C ASP D 102 8.70 32.42 -8.45
N GLU D 103 9.00 32.86 -7.24
CA GLU D 103 10.33 32.71 -6.69
C GLU D 103 10.67 31.22 -6.58
N VAL D 104 9.70 30.45 -6.11
CA VAL D 104 9.89 29.01 -5.95
C VAL D 104 10.01 28.28 -7.30
N LYS D 105 9.22 28.69 -8.29
CA LYS D 105 9.30 28.09 -9.61
C LYS D 105 10.68 28.34 -10.20
N ALA D 106 11.14 29.58 -10.07
CA ALA D 106 12.46 29.96 -10.60
C ALA D 106 13.55 29.11 -9.96
N LEU D 107 13.56 29.08 -8.63
CA LEU D 107 14.55 28.32 -7.86
C LEU D 107 14.50 26.84 -8.25
N ALA D 108 13.28 26.33 -8.44
CA ALA D 108 13.08 24.93 -8.79
C ALA D 108 13.74 24.60 -10.13
N SER D 109 13.54 25.46 -11.11
CA SER D 109 14.14 25.21 -12.42
C SER D 109 15.66 25.39 -12.32
N LEU D 110 16.14 26.33 -11.52
CA LEU D 110 17.58 26.48 -11.37
C LEU D 110 18.19 25.20 -10.80
N MET D 111 17.43 24.52 -9.93
CA MET D 111 17.88 23.27 -9.34
C MET D 111 18.09 22.20 -10.40
N THR D 112 17.16 22.06 -11.34
CA THR D 112 17.36 21.04 -12.34
C THR D 112 18.50 21.36 -13.31
N TYR D 113 18.66 22.62 -13.65
CA TYR D 113 19.75 22.96 -14.55
C TYR D 113 21.08 22.77 -13.84
N LYS D 114 21.14 23.15 -12.56
CA LYS D 114 22.38 22.99 -11.80
C LYS D 114 22.73 21.50 -11.59
N CYS D 115 21.72 20.67 -11.31
CA CYS D 115 21.97 19.22 -11.12
C CYS D 115 22.53 18.64 -12.41
N ALA D 116 22.02 19.12 -13.55
CA ALA D 116 22.50 18.65 -14.83
C ALA D 116 23.98 19.04 -15.05
N VAL D 117 24.30 20.29 -14.74
CA VAL D 117 25.66 20.80 -14.91
C VAL D 117 26.64 19.93 -14.12
N VAL D 118 26.25 19.65 -12.88
CA VAL D 118 27.06 18.91 -11.95
C VAL D 118 26.86 17.39 -11.97
N ASP D 119 26.09 16.90 -12.94
CA ASP D 119 25.80 15.48 -13.14
C ASP D 119 25.18 14.69 -11.98
N VAL D 120 24.26 15.35 -11.29
CA VAL D 120 23.53 14.74 -10.20
C VAL D 120 22.17 14.36 -10.80
N PRO D 121 21.81 13.06 -10.72
CA PRO D 121 20.55 12.55 -11.28
C PRO D 121 19.22 12.90 -10.61
N PHE D 122 18.96 14.18 -10.46
CA PHE D 122 17.71 14.64 -9.85
C PHE D 122 17.11 15.74 -10.71
N GLY D 123 15.78 15.75 -10.80
CA GLY D 123 15.10 16.82 -11.48
C GLY D 123 14.97 17.87 -10.38
N GLY D 124 14.82 19.15 -10.74
CA GLY D 124 14.73 20.20 -9.74
C GLY D 124 13.40 20.46 -9.08
N ALA D 125 13.46 20.90 -7.83
CA ALA D 125 12.28 21.20 -7.01
C ALA D 125 12.68 22.25 -5.99
N LYS D 126 11.69 22.93 -5.41
CA LYS D 126 11.95 23.95 -4.42
C LYS D 126 10.70 24.25 -3.60
N ALA D 127 10.91 24.54 -2.32
CA ALA D 127 9.79 24.87 -1.46
C ALA D 127 10.05 26.17 -0.73
N GLY D 128 8.97 26.84 -0.37
CA GLY D 128 9.05 28.08 0.36
C GLY D 128 7.84 28.22 1.28
N VAL D 129 8.11 28.65 2.51
CA VAL D 129 7.07 28.91 3.48
C VAL D 129 7.19 30.41 3.78
N LYS D 130 6.10 31.14 3.56
CA LYS D 130 6.08 32.59 3.75
C LYS D 130 6.01 33.08 5.19
N ILE D 131 7.15 33.03 5.87
CA ILE D 131 7.21 33.49 7.24
C ILE D 131 8.59 34.05 7.50
N ASN D 132 8.69 34.88 8.52
CA ASN D 132 9.97 35.41 8.94
C ASN D 132 10.18 34.59 10.21
N PRO D 133 11.10 33.63 10.16
CA PRO D 133 11.41 32.74 11.29
C PRO D 133 11.64 33.44 12.64
N LYS D 134 12.21 34.63 12.58
CA LYS D 134 12.52 35.39 13.79
C LYS D 134 11.30 35.84 14.59
N ASN D 135 10.12 35.76 13.99
CA ASN D 135 8.90 36.19 14.66
C ASN D 135 8.13 35.00 15.24
N TYR D 136 8.78 33.85 15.35
CA TYR D 136 8.18 32.62 15.89
C TYR D 136 9.13 31.97 16.88
N THR D 137 8.58 31.17 17.80
CA THR D 137 9.38 30.46 18.79
C THR D 137 9.84 29.14 18.19
N ASP D 138 10.77 28.47 18.83
CA ASP D 138 11.24 27.19 18.31
C ASP D 138 10.09 26.22 18.23
N ASN D 139 9.23 26.26 19.24
CA ASN D 139 8.08 25.36 19.29
C ASN D 139 7.07 25.61 18.16
N GLU D 140 6.88 26.88 17.79
CA GLU D 140 5.96 27.19 16.71
C GLU D 140 6.62 26.78 15.38
N LEU D 141 7.91 27.01 15.24
CA LEU D 141 8.60 26.64 14.02
C LEU D 141 8.53 25.13 13.80
N GLU D 142 8.68 24.35 14.86
CA GLU D 142 8.60 22.91 14.75
C GLU D 142 7.23 22.51 14.22
N LYS D 143 6.18 23.07 14.82
CA LYS D 143 4.83 22.76 14.39
C LYS D 143 4.68 23.14 12.92
N ILE D 144 5.24 24.29 12.55
CA ILE D 144 5.15 24.73 11.17
C ILE D 144 5.82 23.75 10.21
N THR D 145 7.08 23.36 10.47
CA THR D 145 7.72 22.46 9.54
C THR D 145 7.12 21.06 9.53
N ARG D 146 6.78 20.53 10.70
CA ARG D 146 6.19 19.19 10.72
C ARG D 146 4.87 19.17 9.97
N ARG D 147 4.03 20.16 10.21
CA ARG D 147 2.76 20.20 9.52
C ARG D 147 2.95 20.37 8.00
N PHE D 148 3.93 21.17 7.61
CA PHE D 148 4.20 21.40 6.20
C PHE D 148 4.66 20.09 5.54
N THR D 149 5.43 19.29 6.25
CA THR D 149 5.91 18.02 5.74
C THR D 149 4.73 17.11 5.44
N MET D 150 3.82 16.96 6.40
CA MET D 150 2.65 16.10 6.22
C MET D 150 1.83 16.51 4.99
N GLU D 151 1.58 17.81 4.82
CA GLU D 151 0.82 18.28 3.67
C GLU D 151 1.55 17.94 2.38
N LEU D 152 2.87 18.04 2.38
CA LEU D 152 3.64 17.70 1.19
C LEU D 152 3.60 16.19 0.95
N ALA D 153 3.73 15.43 2.04
CA ALA D 153 3.70 13.98 1.95
C ALA D 153 2.38 13.44 1.38
N LYS D 154 1.25 13.98 1.83
CA LYS D 154 -0.04 13.51 1.36
C LYS D 154 -0.33 13.79 -0.11
N LYS D 155 0.36 14.76 -0.68
CA LYS D 155 0.15 15.12 -2.06
C LYS D 155 1.30 14.70 -2.97
N GLY D 156 2.22 13.90 -2.41
CA GLY D 156 3.35 13.42 -3.18
C GLY D 156 4.44 14.44 -3.49
N PHE D 157 4.71 15.33 -2.53
CA PHE D 157 5.76 16.32 -2.72
C PHE D 157 6.96 16.08 -1.81
N ILE D 158 7.08 14.87 -1.31
CA ILE D 158 8.21 14.46 -0.50
C ILE D 158 8.22 12.95 -0.31
N GLY D 159 9.39 12.35 -0.50
CA GLY D 159 9.56 10.92 -0.37
C GLY D 159 10.91 10.56 -0.96
N PRO D 160 11.55 9.50 -0.43
CA PRO D 160 12.86 9.08 -0.93
C PRO D 160 12.95 8.99 -2.45
N GLY D 161 11.91 8.47 -3.08
CA GLY D 161 11.95 8.32 -4.52
C GLY D 161 11.12 9.28 -5.34
N VAL D 162 10.47 10.23 -4.68
CA VAL D 162 9.68 11.21 -5.42
C VAL D 162 10.24 12.63 -5.32
N ASP D 163 10.57 13.09 -4.11
CA ASP D 163 11.06 14.45 -3.95
C ASP D 163 11.81 14.58 -2.64
N VAL D 164 13.09 14.99 -2.70
CA VAL D 164 13.93 15.09 -1.51
C VAL D 164 14.38 16.52 -1.18
N PRO D 165 13.74 17.15 -0.17
CA PRO D 165 14.11 18.51 0.22
C PRO D 165 15.50 18.61 0.87
N ALA D 166 15.84 19.82 1.32
CA ALA D 166 17.11 20.13 1.97
C ALA D 166 17.05 21.55 2.49
N PRO D 167 18.12 22.03 3.16
CA PRO D 167 18.05 23.41 3.66
C PRO D 167 18.18 24.46 2.56
N ASP D 168 17.90 25.70 2.95
CA ASP D 168 18.03 26.85 2.06
C ASP D 168 17.97 28.03 3.03
N MET D 169 17.39 29.15 2.60
CA MET D 169 17.34 30.31 3.48
C MET D 169 16.54 30.13 4.78
N SER D 170 17.24 30.32 5.89
CA SER D 170 16.66 30.22 7.23
C SER D 170 16.19 28.84 7.66
N THR D 171 16.80 27.80 7.09
CA THR D 171 16.47 26.43 7.46
C THR D 171 17.79 25.70 7.52
N GLY D 172 17.90 24.73 8.42
CA GLY D 172 19.14 24.00 8.52
C GLY D 172 18.91 22.61 9.03
N GLU D 173 19.93 22.03 9.66
CA GLU D 173 19.87 20.71 10.22
C GLU D 173 18.61 20.49 11.05
N ARG D 174 18.31 21.44 11.91
CA ARG D 174 17.16 21.33 12.81
C ARG D 174 15.87 21.05 12.04
N GLU D 175 15.56 21.91 11.07
CA GLU D 175 14.34 21.72 10.28
C GLU D 175 14.38 20.38 9.53
N MET D 176 15.52 20.05 8.95
CA MET D 176 15.66 18.79 8.21
C MET D 176 15.37 17.60 9.13
N SER D 177 15.80 17.72 10.39
CA SER D 177 15.57 16.68 11.36
C SER D 177 14.06 16.52 11.61
N TRP D 178 13.38 17.64 11.75
CA TRP D 178 11.94 17.60 11.97
C TRP D 178 11.26 16.93 10.77
N ILE D 179 11.69 17.30 9.56
CA ILE D 179 11.10 16.73 8.34
C ILE D 179 11.27 15.21 8.29
N ALA D 180 12.49 14.76 8.51
CA ALA D 180 12.80 13.35 8.46
C ALA D 180 11.96 12.58 9.47
N ASP D 181 11.90 13.14 10.67
CA ASP D 181 11.15 12.52 11.75
C ASP D 181 9.66 12.41 11.44
N THR D 182 9.08 13.47 10.91
CA THR D 182 7.67 13.48 10.59
C THR D 182 7.37 12.44 9.52
N TYR D 183 8.20 12.41 8.49
CA TYR D 183 8.00 11.47 7.41
C TYR D 183 8.14 10.01 7.85
N ALA D 184 9.24 9.70 8.51
CA ALA D 184 9.53 8.36 8.98
C ALA D 184 8.57 7.84 10.04
N SER D 185 7.98 8.73 10.82
CA SER D 185 7.05 8.35 11.87
C SER D 185 5.63 8.17 11.37
N THR D 186 5.35 8.67 10.17
CA THR D 186 4.01 8.53 9.63
C THR D 186 3.98 7.75 8.33
N ILE D 187 3.92 8.45 7.21
CA ILE D 187 3.87 7.80 5.92
C ILE D 187 4.99 6.78 5.63
N GLY D 188 6.24 7.14 5.89
CA GLY D 188 7.31 6.20 5.61
C GLY D 188 7.71 5.27 6.75
N HIS D 189 6.82 5.00 7.69
CA HIS D 189 7.20 4.12 8.82
C HIS D 189 7.57 2.69 8.44
N TYR D 190 7.16 2.21 7.26
CA TYR D 190 7.53 0.86 6.83
C TYR D 190 8.70 0.90 5.84
N ASP D 191 8.99 2.09 5.29
CA ASP D 191 10.06 2.30 4.30
C ASP D 191 11.49 2.19 4.83
N ILE D 192 12.21 1.19 4.33
CA ILE D 192 13.58 0.97 4.75
C ILE D 192 14.43 2.21 4.43
N ASN D 193 14.03 2.99 3.41
CA ASN D 193 14.75 4.20 3.02
C ASN D 193 14.09 5.51 3.47
N ALA D 194 13.22 5.43 4.46
CA ALA D 194 12.50 6.61 4.95
C ALA D 194 13.36 7.85 5.22
N HIS D 195 14.54 7.67 5.81
CA HIS D 195 15.38 8.82 6.13
C HIS D 195 16.08 9.48 4.96
N ALA D 196 15.94 8.90 3.77
CA ALA D 196 16.50 9.49 2.57
C ALA D 196 15.45 10.42 1.97
N CYS D 197 14.37 10.69 2.72
CA CYS D 197 13.33 11.56 2.21
C CYS D 197 13.81 13.02 2.22
N VAL D 198 14.90 13.28 2.93
CA VAL D 198 15.42 14.64 2.99
C VAL D 198 16.92 14.63 3.24
N THR D 199 17.60 15.69 2.82
CA THR D 199 19.04 15.75 3.05
C THR D 199 19.40 16.99 3.85
N GLY D 200 20.68 17.09 4.23
CA GLY D 200 21.13 18.20 5.04
C GLY D 200 20.77 17.87 6.49
N LYS D 201 20.54 16.60 6.77
CA LYS D 201 20.18 16.18 8.12
C LYS D 201 21.39 16.24 9.06
N PRO D 202 21.13 16.26 10.37
CA PRO D 202 22.27 16.31 11.29
C PRO D 202 22.99 14.98 11.14
N ILE D 203 24.31 14.99 11.29
CA ILE D 203 25.10 13.77 11.15
C ILE D 203 24.60 12.60 11.99
N SER D 204 24.17 12.88 13.22
CA SER D 204 23.68 11.83 14.11
C SER D 204 22.34 11.26 13.66
N GLN D 205 21.68 11.92 12.69
CA GLN D 205 20.38 11.45 12.19
C GLN D 205 20.49 10.89 10.78
N GLY D 206 21.70 10.55 10.33
CA GLY D 206 21.85 10.02 8.99
C GLY D 206 22.30 11.08 8.01
N GLY D 207 22.76 12.22 8.52
CA GLY D 207 23.27 13.27 7.66
C GLY D 207 24.68 12.86 7.26
N ILE D 208 25.35 13.66 6.43
CA ILE D 208 26.69 13.31 5.98
C ILE D 208 27.72 14.36 6.32
N HIS D 209 28.96 13.93 6.54
CA HIS D 209 30.07 14.84 6.85
C HIS D 209 30.21 15.97 5.84
N GLY D 210 30.45 17.19 6.34
CA GLY D 210 30.65 18.33 5.47
C GLY D 210 29.50 18.81 4.59
N ARG D 211 28.27 18.49 4.92
CA ARG D 211 27.16 18.97 4.12
C ARG D 211 26.87 20.44 4.44
N ILE D 212 27.02 20.80 5.71
CA ILE D 212 26.75 22.19 6.11
C ILE D 212 27.68 23.15 5.36
N SER D 213 28.97 22.81 5.33
CA SER D 213 29.95 23.66 4.66
C SER D 213 30.17 23.28 3.19
N ALA D 214 29.42 22.30 2.69
CA ALA D 214 29.59 21.86 1.32
C ALA D 214 29.46 22.96 0.26
N THR D 215 28.55 23.92 0.44
CA THR D 215 28.41 24.95 -0.57
C THR D 215 29.62 25.88 -0.57
N GLY D 216 30.09 26.25 0.61
CA GLY D 216 31.26 27.10 0.71
C GLY D 216 32.48 26.43 0.09
N ARG D 217 32.68 25.16 0.40
CA ARG D 217 33.82 24.37 -0.12
C ARG D 217 33.71 24.37 -1.64
N GLY D 218 32.48 24.17 -2.14
CA GLY D 218 32.25 24.14 -3.57
C GLY D 218 32.50 25.49 -4.21
N VAL D 219 32.14 26.56 -3.51
CA VAL D 219 32.35 27.90 -4.02
C VAL D 219 33.87 28.10 -4.16
N PHE D 220 34.64 27.63 -3.18
CA PHE D 220 36.08 27.73 -3.22
C PHE D 220 36.62 27.05 -4.48
N HIS D 221 36.23 25.81 -4.69
CA HIS D 221 36.68 25.03 -5.84
C HIS D 221 36.30 25.66 -7.18
N GLY D 222 35.09 26.20 -7.26
CA GLY D 222 34.64 26.81 -8.48
C GLY D 222 35.47 28.02 -8.85
N ILE D 223 35.88 28.79 -7.84
CA ILE D 223 36.67 29.97 -8.06
C ILE D 223 38.10 29.56 -8.39
N GLU D 224 38.57 28.51 -7.72
CA GLU D 224 39.91 27.98 -7.90
C GLU D 224 40.13 27.53 -9.35
N ASN D 225 39.16 26.77 -9.87
CA ASN D 225 39.23 26.26 -11.23
C ASN D 225 39.41 27.34 -12.31
N PHE D 226 38.87 28.53 -12.08
CA PHE D 226 39.00 29.59 -13.06
C PHE D 226 40.14 30.55 -12.72
N ILE D 227 40.32 30.83 -11.43
CA ILE D 227 41.34 31.76 -10.96
C ILE D 227 42.77 31.23 -11.16
N ASN D 228 42.89 30.02 -11.69
CA ASN D 228 44.21 29.43 -11.94
C ASN D 228 44.44 29.04 -13.39
N GLU D 229 43.74 29.71 -14.31
CA GLU D 229 43.83 29.43 -15.74
C GLU D 229 44.74 30.34 -16.56
N ALA D 230 44.92 31.57 -16.08
CA ALA D 230 45.73 32.56 -16.78
C ALA D 230 45.09 32.95 -18.08
N SER D 231 44.59 31.96 -18.82
CA SER D 231 43.92 32.18 -20.08
C SER D 231 42.63 32.97 -19.80
N TYR D 232 42.28 33.05 -18.52
CA TYR D 232 41.09 33.78 -18.08
C TYR D 232 41.46 34.99 -17.23
N MET D 233 42.50 34.82 -16.41
CA MET D 233 42.96 35.90 -15.54
C MET D 233 43.68 37.01 -16.29
N SER D 234 44.23 36.67 -17.46
CA SER D 234 44.93 37.66 -18.26
C SER D 234 43.91 38.68 -18.78
N ILE D 235 42.69 38.22 -18.99
CA ILE D 235 41.62 39.04 -19.53
C ILE D 235 41.00 39.94 -18.49
N LEU D 236 41.22 39.62 -17.23
CA LEU D 236 40.69 40.39 -16.12
C LEU D 236 41.76 41.33 -15.58
N GLY D 237 43.01 41.01 -15.92
CA GLY D 237 44.13 41.82 -15.48
C GLY D 237 44.61 41.39 -14.11
N MET D 238 44.46 40.10 -13.83
CA MET D 238 44.84 39.54 -12.53
C MET D 238 45.83 38.41 -12.67
N THR D 239 46.53 38.14 -11.57
CA THR D 239 47.49 37.06 -11.51
C THR D 239 46.75 35.85 -10.95
N PRO D 240 47.14 34.64 -11.36
CA PRO D 240 46.45 33.47 -10.84
C PRO D 240 46.75 33.24 -9.36
N GLY D 241 45.83 32.57 -8.67
CA GLY D 241 46.04 32.28 -7.28
C GLY D 241 45.18 33.07 -6.31
N PHE D 242 45.24 32.67 -5.04
CA PHE D 242 44.46 33.28 -3.99
C PHE D 242 45.31 34.19 -3.08
N GLY D 243 46.58 33.84 -2.94
CA GLY D 243 47.49 34.56 -2.06
C GLY D 243 47.46 36.08 -2.02
N ASP D 244 47.23 36.72 -3.16
CA ASP D 244 47.22 38.17 -3.21
C ASP D 244 45.86 38.73 -3.58
N LYS D 245 44.81 37.98 -3.27
CA LYS D 245 43.45 38.41 -3.57
C LYS D 245 42.67 38.86 -2.32
N THR D 246 41.71 39.76 -2.55
CA THR D 246 40.83 40.26 -1.50
C THR D 246 39.40 39.93 -1.96
N PHE D 247 38.49 39.72 -1.01
CA PHE D 247 37.11 39.41 -1.39
C PHE D 247 36.08 40.03 -0.43
N ALA D 248 34.83 40.12 -0.88
CA ALA D 248 33.74 40.65 -0.05
C ALA D 248 32.55 39.74 -0.31
N VAL D 249 31.93 39.29 0.76
CA VAL D 249 30.78 38.42 0.63
C VAL D 249 29.53 39.07 1.22
N GLN D 250 28.44 39.01 0.48
CA GLN D 250 27.18 39.55 0.95
C GLN D 250 26.40 38.33 1.45
N GLY D 251 26.25 38.24 2.77
CA GLY D 251 25.55 37.11 3.37
C GLY D 251 26.56 36.44 4.27
N PHE D 252 26.17 36.12 5.50
CA PHE D 252 27.08 35.47 6.43
C PHE D 252 26.40 34.25 7.06
N GLY D 253 25.70 33.50 6.22
CA GLY D 253 25.02 32.29 6.66
C GLY D 253 25.76 31.05 6.20
N ASN D 254 25.03 29.96 5.98
CA ASN D 254 25.66 28.71 5.55
C ASN D 254 26.56 28.86 4.30
N VAL D 255 26.13 29.64 3.31
CA VAL D 255 26.94 29.84 2.10
C VAL D 255 28.07 30.83 2.39
N GLY D 256 27.68 32.05 2.72
CA GLY D 256 28.65 33.09 3.00
C GLY D 256 29.74 32.78 4.03
N LEU D 257 29.34 32.30 5.20
CA LEU D 257 30.30 31.97 6.26
C LEU D 257 31.37 30.97 5.80
N HIS D 258 30.95 29.90 5.15
CA HIS D 258 31.91 28.90 4.71
C HIS D 258 32.70 29.29 3.47
N SER D 259 32.09 30.08 2.58
CA SER D 259 32.82 30.52 1.40
C SER D 259 34.00 31.33 1.91
N MET D 260 33.68 32.19 2.88
CA MET D 260 34.67 33.05 3.52
C MET D 260 35.73 32.21 4.24
N ARG D 261 35.32 31.20 5.00
CA ARG D 261 36.28 30.36 5.71
C ARG D 261 37.27 29.72 4.73
N TYR D 262 36.78 29.11 3.66
CA TYR D 262 37.66 28.44 2.70
C TYR D 262 38.57 29.38 1.90
N LEU D 263 38.06 30.53 1.45
CA LEU D 263 38.92 31.47 0.71
C LEU D 263 40.04 32.00 1.62
N HIS D 264 39.69 32.26 2.88
CA HIS D 264 40.66 32.78 3.83
C HIS D 264 41.75 31.77 4.10
N ARG D 265 41.41 30.49 4.02
CA ARG D 265 42.36 29.43 4.27
C ARG D 265 43.48 29.38 3.26
N PHE D 266 43.17 29.65 2.01
CA PHE D 266 44.19 29.58 0.98
C PHE D 266 44.87 30.93 0.67
N GLY D 267 44.89 31.83 1.64
CA GLY D 267 45.57 33.11 1.45
C GLY D 267 44.80 34.37 1.10
N ALA D 268 43.59 34.20 0.56
CA ALA D 268 42.77 35.36 0.22
C ALA D 268 42.31 36.01 1.52
N LYS D 269 42.24 37.35 1.53
CA LYS D 269 41.82 38.04 2.73
C LYS D 269 40.44 38.71 2.54
N CYS D 270 39.56 38.47 3.50
CA CYS D 270 38.21 39.02 3.45
C CYS D 270 38.23 40.48 3.87
N VAL D 271 37.79 41.33 2.96
CA VAL D 271 37.79 42.75 3.18
C VAL D 271 36.47 43.30 3.71
N ALA D 272 35.37 42.58 3.48
CA ALA D 272 34.06 43.03 3.95
C ALA D 272 32.99 41.97 3.96
N VAL D 273 32.18 41.97 5.01
CA VAL D 273 31.09 41.02 5.18
C VAL D 273 29.78 41.78 5.30
N GLY D 274 28.79 41.35 4.55
CA GLY D 274 27.53 42.05 4.61
C GLY D 274 26.33 41.24 5.07
N GLU D 275 25.35 41.94 5.63
CA GLU D 275 24.12 41.33 6.10
C GLU D 275 22.95 42.27 5.82
N SER D 276 21.76 41.88 6.28
CA SER D 276 20.56 42.69 6.06
C SER D 276 20.57 44.02 6.82
N ASP D 277 21.19 44.03 8.01
CA ASP D 277 21.28 45.25 8.82
C ASP D 277 22.23 46.22 8.13
N GLY D 278 23.31 45.67 7.59
CA GLY D 278 24.32 46.46 6.92
C GLY D 278 25.57 45.63 6.75
N SER D 279 26.74 46.28 6.68
CA SER D 279 27.99 45.56 6.49
C SER D 279 29.13 46.17 7.31
N ILE D 280 30.28 45.50 7.30
CA ILE D 280 31.47 45.97 8.00
C ILE D 280 32.64 45.93 7.02
N TRP D 281 33.75 46.58 7.36
CA TRP D 281 34.88 46.65 6.43
C TRP D 281 36.25 46.83 7.12
N ASN D 282 37.30 46.34 6.47
CA ASN D 282 38.66 46.46 6.97
C ASN D 282 39.60 46.01 5.87
N PRO D 283 40.38 46.94 5.31
CA PRO D 283 41.33 46.64 4.22
C PRO D 283 42.43 45.63 4.57
N ASP D 284 42.70 45.44 5.85
CA ASP D 284 43.73 44.47 6.26
C ASP D 284 43.14 43.08 6.42
N GLY D 285 41.85 42.95 6.16
CA GLY D 285 41.21 41.65 6.28
C GLY D 285 40.49 41.45 7.59
N ILE D 286 39.55 40.50 7.56
CA ILE D 286 38.76 40.14 8.71
C ILE D 286 38.90 38.63 8.85
N ASP D 287 39.06 38.15 10.07
CA ASP D 287 39.21 36.72 10.30
C ASP D 287 37.85 36.03 10.44
N PRO D 288 37.61 34.98 9.65
CA PRO D 288 36.34 34.24 9.69
C PRO D 288 35.97 33.67 11.05
N LYS D 289 36.95 33.11 11.78
CA LYS D 289 36.67 32.53 13.08
C LYS D 289 36.21 33.56 14.12
N GLU D 290 36.92 34.69 14.21
CA GLU D 290 36.54 35.73 15.17
C GLU D 290 35.16 36.31 14.86
N LEU D 291 34.92 36.59 13.58
CA LEU D 291 33.66 37.17 13.12
C LEU D 291 32.49 36.23 13.46
N GLU D 292 32.73 34.93 13.33
CA GLU D 292 31.67 33.97 13.62
C GLU D 292 31.32 33.97 15.11
N ASP D 293 32.34 34.13 15.97
CA ASP D 293 32.11 34.15 17.41
C ASP D 293 31.30 35.39 17.80
N PHE D 294 31.71 36.53 17.27
CA PHE D 294 31.03 37.78 17.57
C PHE D 294 29.56 37.63 17.17
N LYS D 295 29.33 37.18 15.95
CA LYS D 295 27.99 36.98 15.43
C LYS D 295 27.19 36.00 16.28
N LEU D 296 27.84 34.94 16.70
CA LEU D 296 27.22 33.91 17.53
C LEU D 296 26.76 34.45 18.87
N GLN D 297 27.59 35.26 19.52
CA GLN D 297 27.25 35.80 20.81
C GLN D 297 26.36 37.05 20.77
N HIS D 298 26.51 37.88 19.74
CA HIS D 298 25.73 39.10 19.63
C HIS D 298 24.58 39.11 18.64
N GLY D 299 24.47 38.07 17.83
CA GLY D 299 23.39 38.00 16.86
C GLY D 299 23.53 38.92 15.65
N THR D 300 24.67 39.62 15.54
CA THR D 300 24.89 40.52 14.43
C THR D 300 26.39 40.76 14.21
N ILE D 301 26.78 41.02 12.96
CA ILE D 301 28.19 41.27 12.65
C ILE D 301 28.54 42.73 12.91
N LEU D 302 27.52 43.58 12.87
CA LEU D 302 27.73 45.00 13.07
C LEU D 302 28.20 45.31 14.48
N GLY D 303 29.29 46.07 14.57
CA GLY D 303 29.84 46.41 15.86
C GLY D 303 31.06 45.57 16.17
N PHE D 304 31.48 44.76 15.21
CA PHE D 304 32.65 43.89 15.38
C PHE D 304 33.88 44.78 15.64
N PRO D 305 34.60 44.50 16.71
CA PRO D 305 35.79 45.30 17.03
C PRO D 305 36.92 45.37 16.00
N LYS D 306 37.33 44.25 15.41
CA LYS D 306 38.42 44.31 14.45
C LYS D 306 38.00 44.75 13.03
N ALA D 307 37.00 45.62 12.95
CA ALA D 307 36.50 46.14 11.68
C ALA D 307 35.61 47.35 11.92
N LYS D 308 35.23 48.05 10.85
CA LYS D 308 34.37 49.23 10.97
C LYS D 308 33.07 49.10 10.21
N ILE D 309 32.01 49.67 10.75
CA ILE D 309 30.71 49.63 10.09
C ILE D 309 30.79 50.40 8.78
N TYR D 310 30.71 49.67 7.67
CA TYR D 310 30.79 50.24 6.33
C TYR D 310 29.46 50.86 5.93
N GLU D 311 29.53 51.98 5.22
CA GLU D 311 28.33 52.65 4.80
C GLU D 311 28.42 52.89 3.29
N GLY D 312 27.91 51.94 2.51
CA GLY D 312 27.94 52.10 1.07
C GLY D 312 27.84 50.83 0.25
N SER D 313 26.81 50.02 0.50
CA SER D 313 26.59 48.79 -0.27
C SER D 313 27.81 47.86 -0.42
N ILE D 314 27.74 46.74 0.29
CA ILE D 314 28.78 45.71 0.30
C ILE D 314 29.16 45.27 -1.11
N LEU D 315 28.23 45.39 -2.04
CA LEU D 315 28.44 44.97 -3.43
C LEU D 315 29.36 45.91 -4.20
N GLU D 316 29.45 47.16 -3.75
CA GLU D 316 30.25 48.18 -4.41
C GLU D 316 31.64 48.36 -3.79
N VAL D 317 31.91 47.64 -2.71
CA VAL D 317 33.20 47.75 -2.06
C VAL D 317 34.33 47.43 -3.04
N ASP D 318 35.55 47.85 -2.70
CA ASP D 318 36.71 47.63 -3.56
C ASP D 318 37.39 46.32 -3.21
N CYS D 319 37.41 45.41 -4.17
CA CYS D 319 38.02 44.10 -3.97
C CYS D 319 38.16 43.37 -5.29
N ASP D 320 38.93 42.29 -5.25
CA ASP D 320 39.19 41.44 -6.39
C ASP D 320 38.00 40.54 -6.69
N ILE D 321 37.46 39.89 -5.65
CA ILE D 321 36.34 38.98 -5.82
C ILE D 321 35.12 39.32 -4.95
N LEU D 322 33.95 39.36 -5.58
CA LEU D 322 32.69 39.65 -4.88
C LEU D 322 31.81 38.40 -4.87
N ILE D 323 31.44 37.97 -3.67
CA ILE D 323 30.63 36.79 -3.52
C ILE D 323 29.24 37.07 -2.97
N PRO D 324 28.25 37.30 -3.84
CA PRO D 324 26.93 37.55 -3.26
C PRO D 324 26.37 36.21 -2.80
N ALA D 325 26.11 36.06 -1.49
CA ALA D 325 25.60 34.81 -0.96
C ALA D 325 24.36 35.04 -0.11
N ALA D 326 23.46 35.84 -0.63
CA ALA D 326 22.22 36.15 0.07
C ALA D 326 21.02 35.75 -0.80
N SER D 327 20.25 36.71 -1.26
CA SER D 327 19.10 36.37 -2.09
C SER D 327 19.30 36.82 -3.53
N GLU D 328 18.27 36.60 -4.34
CA GLU D 328 18.30 36.93 -5.75
C GLU D 328 18.19 38.42 -6.11
N LYS D 329 18.58 38.73 -7.35
CA LYS D 329 18.52 40.08 -7.86
C LYS D 329 19.13 41.16 -6.98
N GLN D 330 20.39 40.95 -6.58
CA GLN D 330 21.11 41.90 -5.74
C GLN D 330 22.05 42.77 -6.58
N LEU D 331 22.34 42.33 -7.80
CA LEU D 331 23.18 43.04 -8.78
C LEU D 331 22.31 43.30 -10.00
N THR D 332 21.99 44.57 -10.24
CA THR D 332 21.13 44.98 -11.34
C THR D 332 21.76 46.05 -12.24
N LYS D 333 20.98 46.57 -13.19
CA LYS D 333 21.46 47.60 -14.10
C LYS D 333 21.94 48.86 -13.36
N SER D 334 21.34 49.14 -12.20
CA SER D 334 21.70 50.30 -11.41
C SER D 334 23.05 50.24 -10.71
N ASN D 335 23.30 49.20 -9.92
CA ASN D 335 24.56 49.10 -9.21
C ASN D 335 25.70 48.42 -9.96
N ALA D 336 25.37 47.71 -11.05
CA ALA D 336 26.39 47.00 -11.83
C ALA D 336 27.63 47.81 -12.25
N PRO D 337 27.44 49.02 -12.79
CA PRO D 337 28.60 49.80 -13.21
C PRO D 337 29.52 50.15 -12.05
N ARG D 338 29.14 49.79 -10.83
CA ARG D 338 29.93 50.13 -9.65
C ARG D 338 30.53 48.97 -8.85
N VAL D 339 30.57 47.75 -9.38
CA VAL D 339 31.09 46.65 -8.58
C VAL D 339 32.56 46.68 -8.10
N LYS D 340 33.44 47.28 -8.89
CA LYS D 340 34.87 47.36 -8.54
C LYS D 340 35.56 45.99 -8.53
N ALA D 341 34.79 44.91 -8.54
CA ALA D 341 35.38 43.57 -8.53
C ALA D 341 35.51 43.04 -9.94
N LYS D 342 36.52 42.21 -10.18
CA LYS D 342 36.72 41.64 -11.51
C LYS D 342 36.04 40.30 -11.62
N ILE D 343 35.82 39.64 -10.48
CA ILE D 343 35.17 38.35 -10.46
C ILE D 343 33.91 38.33 -9.57
N ILE D 344 32.78 37.95 -10.16
CA ILE D 344 31.53 37.83 -9.41
C ILE D 344 31.30 36.33 -9.23
N ALA D 345 31.46 35.83 -8.01
CA ALA D 345 31.26 34.41 -7.72
C ALA D 345 29.88 34.26 -7.07
N GLU D 346 28.89 33.84 -7.87
CA GLU D 346 27.52 33.68 -7.37
C GLU D 346 27.27 32.52 -6.41
N GLY D 347 27.36 32.78 -5.11
CA GLY D 347 27.10 31.75 -4.13
C GLY D 347 25.59 31.53 -4.05
N ALA D 348 24.85 32.64 -4.07
CA ALA D 348 23.42 32.59 -4.00
C ALA D 348 22.81 32.22 -5.35
N ASN D 349 21.52 31.93 -5.34
CA ASN D 349 20.82 31.61 -6.57
C ASN D 349 20.26 32.89 -7.17
N GLY D 350 20.50 33.08 -8.47
CA GLY D 350 20.02 34.26 -9.17
C GLY D 350 20.33 35.63 -8.61
N PRO D 351 21.56 35.86 -8.11
CA PRO D 351 21.83 37.19 -7.57
C PRO D 351 22.04 38.31 -8.59
N THR D 352 22.25 37.98 -9.86
CA THR D 352 22.44 39.01 -10.87
C THR D 352 21.39 38.96 -11.97
N THR D 353 20.85 40.11 -12.31
CA THR D 353 19.83 40.25 -13.36
C THR D 353 20.44 40.09 -14.76
N PRO D 354 19.61 39.78 -15.76
CA PRO D 354 20.15 39.64 -17.11
C PRO D 354 20.77 40.94 -17.59
N GLU D 355 20.09 42.05 -17.30
CA GLU D 355 20.56 43.34 -17.71
C GLU D 355 21.88 43.69 -17.05
N ALA D 356 22.09 43.18 -15.85
CA ALA D 356 23.34 43.41 -15.11
C ALA D 356 24.44 42.57 -15.73
N ASP D 357 24.07 41.45 -16.33
CA ASP D 357 25.02 40.56 -16.96
C ASP D 357 25.73 41.22 -18.14
N LYS D 358 24.99 42.04 -18.88
CA LYS D 358 25.53 42.75 -20.04
C LYS D 358 26.62 43.70 -19.60
N ILE D 359 26.28 44.57 -18.67
CA ILE D 359 27.24 45.53 -18.14
C ILE D 359 28.49 44.79 -17.67
N PHE D 360 28.31 43.64 -17.06
CA PHE D 360 29.44 42.84 -16.57
C PHE D 360 30.29 42.28 -17.73
N LEU D 361 29.65 41.97 -18.86
CA LEU D 361 30.36 41.45 -20.03
C LEU D 361 31.16 42.59 -20.68
N GLU D 362 30.59 43.80 -20.68
CA GLU D 362 31.27 44.95 -21.25
C GLU D 362 32.44 45.39 -20.38
N ARG D 363 32.21 45.55 -19.07
CA ARG D 363 33.30 45.96 -18.19
C ARG D 363 34.35 44.85 -18.00
N ASN D 364 34.22 43.78 -18.78
CA ASN D 364 35.13 42.63 -18.69
C ASN D 364 35.22 42.02 -17.28
N ILE D 365 34.06 41.80 -16.67
CA ILE D 365 33.93 41.21 -15.35
C ILE D 365 33.46 39.76 -15.55
N MET D 366 34.20 38.79 -15.03
CA MET D 366 33.83 37.39 -15.18
C MET D 366 32.79 36.97 -14.13
N VAL D 367 31.65 36.50 -14.58
CA VAL D 367 30.61 36.05 -13.66
C VAL D 367 30.57 34.53 -13.66
N ILE D 368 31.07 33.92 -12.58
CA ILE D 368 31.06 32.47 -12.46
C ILE D 368 29.61 32.17 -12.06
N PRO D 369 28.84 31.59 -13.00
CA PRO D 369 27.42 31.28 -12.75
C PRO D 369 27.04 30.37 -11.58
N ASP D 370 25.89 30.71 -11.00
CA ASP D 370 25.35 30.00 -9.85
C ASP D 370 25.05 28.51 -10.06
N LEU D 371 24.53 28.16 -11.24
CA LEU D 371 24.19 26.77 -11.53
C LEU D 371 25.39 25.85 -11.58
N TYR D 372 26.58 26.41 -11.44
CA TYR D 372 27.80 25.63 -11.39
C TYR D 372 28.46 25.93 -10.05
N LEU D 373 28.68 27.20 -9.80
CA LEU D 373 29.37 27.64 -8.59
C LEU D 373 28.79 27.22 -7.23
N ASN D 374 27.47 27.26 -7.07
CA ASN D 374 26.94 26.87 -5.77
C ASN D 374 26.47 25.42 -5.67
N ALA D 375 26.61 24.67 -6.77
CA ALA D 375 26.19 23.27 -6.81
C ALA D 375 26.90 22.31 -5.85
N GLY D 376 27.83 22.82 -5.05
CA GLY D 376 28.50 21.95 -4.11
C GLY D 376 27.53 21.41 -3.06
N GLY D 377 26.46 22.16 -2.80
CA GLY D 377 25.47 21.75 -1.81
C GLY D 377 24.66 20.55 -2.25
N VAL D 378 24.13 20.60 -3.48
CA VAL D 378 23.33 19.50 -4.04
C VAL D 378 24.19 18.30 -4.27
N THR D 379 25.44 18.54 -4.67
CA THR D 379 26.35 17.44 -4.93
C THR D 379 26.54 16.64 -3.66
N VAL D 380 26.81 17.30 -2.56
CA VAL D 380 26.98 16.57 -1.33
C VAL D 380 25.63 16.03 -0.80
N SER D 381 24.53 16.68 -1.17
CA SER D 381 23.21 16.19 -0.77
C SER D 381 23.00 14.83 -1.47
N TYR D 382 23.52 14.71 -2.69
CA TYR D 382 23.41 13.49 -3.45
C TYR D 382 24.19 12.40 -2.71
N PHE D 383 25.34 12.77 -2.16
CA PHE D 383 26.13 11.79 -1.44
C PHE D 383 25.36 11.32 -0.19
N GLU D 384 24.69 12.26 0.50
CA GLU D 384 23.93 11.94 1.71
C GLU D 384 22.84 10.94 1.38
N TRP D 385 22.11 11.21 0.31
CA TRP D 385 21.04 10.35 -0.17
C TRP D 385 21.59 8.94 -0.43
N LEU D 386 22.67 8.85 -1.18
CA LEU D 386 23.32 7.57 -1.50
C LEU D 386 23.72 6.81 -0.22
N LYS D 387 24.25 7.54 0.76
CA LYS D 387 24.66 6.94 2.03
C LYS D 387 23.45 6.32 2.73
N ASN D 388 22.34 7.06 2.73
CA ASN D 388 21.12 6.57 3.34
C ASN D 388 20.60 5.27 2.67
N LEU D 389 20.75 5.19 1.34
CA LEU D 389 20.30 4.01 0.62
C LEU D 389 21.22 2.81 0.87
N ASN D 390 22.51 3.06 1.09
CA ASN D 390 23.44 1.96 1.36
C ASN D 390 23.47 1.48 2.82
N HIS D 391 22.96 2.27 3.75
CA HIS D 391 22.93 1.91 5.16
C HIS D 391 24.25 1.51 5.82
N VAL D 392 25.37 2.01 5.29
CA VAL D 392 26.69 1.73 5.85
C VAL D 392 27.55 2.98 5.81
N SER D 393 28.46 3.10 6.77
CA SER D 393 29.40 4.21 6.77
C SER D 393 30.43 3.78 5.74
N TYR D 394 30.72 4.65 4.78
CA TYR D 394 31.69 4.31 3.74
C TYR D 394 33.01 3.82 4.37
N GLY D 395 33.51 2.69 3.88
CA GLY D 395 34.77 2.14 4.37
C GLY D 395 34.69 1.12 5.49
N ARG D 396 33.67 1.22 6.32
CA ARG D 396 33.45 0.33 7.47
C ARG D 396 33.68 -1.15 7.18
N LEU D 397 33.21 -1.63 6.04
CA LEU D 397 33.41 -3.03 5.73
C LEU D 397 34.79 -3.35 5.14
N THR D 398 35.50 -2.32 4.67
CA THR D 398 36.77 -2.55 3.99
C THR D 398 38.08 -2.02 4.56
N PHE D 399 38.02 -1.24 5.64
CA PHE D 399 39.22 -0.67 6.24
C PHE D 399 40.36 -1.67 6.52
N LYS D 400 40.09 -2.69 7.33
CA LYS D 400 41.10 -3.67 7.65
C LYS D 400 41.55 -4.44 6.42
N TYR D 401 40.62 -4.80 5.54
CA TYR D 401 41.00 -5.55 4.36
C TYR D 401 41.95 -4.75 3.45
N GLU D 402 41.62 -3.49 3.17
CA GLU D 402 42.49 -2.68 2.31
C GLU D 402 43.81 -2.35 2.96
N ARG D 403 43.80 -2.20 4.28
CA ARG D 403 45.04 -1.88 4.98
C ARG D 403 45.97 -3.08 4.84
N ASP D 404 45.51 -4.24 5.30
CA ASP D 404 46.31 -5.47 5.23
C ASP D 404 46.73 -5.71 3.78
N SER D 405 45.84 -5.41 2.85
CA SER D 405 46.10 -5.60 1.43
C SER D 405 47.25 -4.73 0.89
N ASN D 406 47.25 -3.44 1.24
CA ASN D 406 48.29 -2.54 0.77
C ASN D 406 49.67 -2.88 1.31
N TYR D 407 49.72 -3.38 2.55
CA TYR D 407 50.99 -3.75 3.13
C TYR D 407 51.56 -5.00 2.43
N HIS D 408 50.70 -5.93 2.03
CA HIS D 408 51.14 -7.12 1.33
C HIS D 408 51.57 -6.78 -0.09
N LEU D 409 50.95 -5.74 -0.65
CA LEU D 409 51.29 -5.29 -2.00
C LEU D 409 52.69 -4.67 -1.94
N LEU D 410 52.91 -3.84 -0.94
CA LEU D 410 54.19 -3.19 -0.73
C LEU D 410 55.23 -4.25 -0.34
N MET D 411 54.80 -5.26 0.41
CA MET D 411 55.73 -6.32 0.82
C MET D 411 56.14 -7.13 -0.40
N SER D 412 55.25 -7.22 -1.40
CA SER D 412 55.54 -7.96 -2.61
C SER D 412 56.65 -7.31 -3.43
N VAL D 413 56.72 -5.98 -3.38
CA VAL D 413 57.77 -5.31 -4.13
C VAL D 413 59.04 -5.42 -3.30
N GLN D 414 58.90 -5.32 -1.97
CA GLN D 414 60.05 -5.43 -1.10
C GLN D 414 60.73 -6.79 -1.27
N GLU D 415 59.93 -7.86 -1.16
CA GLU D 415 60.48 -9.20 -1.28
C GLU D 415 61.02 -9.53 -2.64
N SER D 416 60.38 -9.01 -3.69
CA SER D 416 60.83 -9.26 -5.05
C SER D 416 62.22 -8.68 -5.28
N LEU D 417 62.46 -7.51 -4.71
CA LEU D 417 63.74 -6.82 -4.85
C LEU D 417 64.80 -7.45 -3.98
N GLU D 418 64.43 -7.91 -2.78
CA GLU D 418 65.40 -8.55 -1.90
C GLU D 418 65.79 -9.91 -2.52
N ARG D 419 64.85 -10.50 -3.25
CA ARG D 419 65.06 -11.76 -3.94
C ARG D 419 66.07 -11.53 -5.06
N LYS D 420 65.89 -10.44 -5.80
CA LYS D 420 66.80 -10.12 -6.90
C LYS D 420 68.15 -9.69 -6.35
N PHE D 421 68.17 -8.48 -5.78
CA PHE D 421 69.38 -7.91 -5.19
C PHE D 421 69.68 -8.63 -3.86
N GLY D 422 69.79 -9.95 -3.94
CA GLY D 422 70.05 -10.78 -2.78
C GLY D 422 70.66 -10.18 -1.52
N LYS D 423 71.98 -10.30 -1.40
CA LYS D 423 72.74 -9.80 -0.26
C LYS D 423 73.44 -8.50 -0.60
N HIS D 424 73.50 -8.18 -1.90
CA HIS D 424 74.12 -6.93 -2.36
C HIS D 424 73.37 -5.79 -1.67
N GLY D 425 72.06 -5.73 -1.89
CA GLY D 425 71.24 -4.69 -1.30
C GLY D 425 70.99 -4.78 0.20
N GLY D 426 70.61 -5.96 0.68
CA GLY D 426 70.32 -6.12 2.10
C GLY D 426 68.81 -6.00 2.32
N THR D 427 68.37 -5.34 3.39
CA THR D 427 66.94 -5.16 3.61
C THR D 427 66.59 -3.94 2.76
N ILE D 428 65.46 -4.01 2.08
CA ILE D 428 64.99 -2.91 1.23
C ILE D 428 63.57 -2.60 1.65
N PRO D 429 63.41 -1.92 2.81
CA PRO D 429 62.11 -1.53 3.35
C PRO D 429 61.29 -0.73 2.36
N ILE D 430 60.09 -1.21 2.07
CA ILE D 430 59.19 -0.50 1.17
C ILE D 430 58.11 -0.05 2.12
N VAL D 431 58.11 1.24 2.40
CA VAL D 431 57.18 1.83 3.35
C VAL D 431 56.32 2.93 2.76
N PRO D 432 55.09 3.09 3.27
CA PRO D 432 54.27 4.15 2.69
C PRO D 432 54.82 5.55 2.99
N THR D 433 54.55 6.51 2.11
CA THR D 433 54.96 7.88 2.36
C THR D 433 53.95 8.34 3.42
N ALA D 434 54.17 9.50 4.04
CA ALA D 434 53.24 9.98 5.06
C ALA D 434 51.83 10.13 4.46
N GLU D 435 51.76 10.65 3.25
CA GLU D 435 50.50 10.84 2.53
C GLU D 435 49.78 9.52 2.27
N PHE D 436 50.50 8.52 1.77
CA PHE D 436 49.87 7.25 1.50
C PHE D 436 49.48 6.55 2.79
N GLN D 437 50.17 6.87 3.89
CA GLN D 437 49.87 6.27 5.20
C GLN D 437 48.46 6.64 5.66
N ASP D 438 48.04 7.84 5.29
CA ASP D 438 46.73 8.37 5.64
C ASP D 438 45.65 7.81 4.73
N ARG D 439 46.08 7.18 3.64
CA ARG D 439 45.16 6.63 2.68
C ARG D 439 45.26 5.11 2.71
N ILE D 440 46.01 4.57 3.67
CA ILE D 440 46.27 3.13 3.76
C ILE D 440 45.05 2.20 3.92
N SER D 441 44.04 2.64 4.66
CA SER D 441 42.85 1.82 4.86
C SER D 441 41.75 2.14 3.85
N GLY D 442 42.06 2.98 2.88
CA GLY D 442 41.06 3.34 1.88
C GLY D 442 40.27 4.55 2.34
N ALA D 443 39.37 4.99 1.48
CA ALA D 443 38.53 6.16 1.75
C ALA D 443 37.47 5.99 2.83
N SER D 444 37.26 7.05 3.59
CA SER D 444 36.24 7.09 4.61
C SER D 444 35.18 8.04 4.08
N GLU D 445 34.17 8.28 4.90
CA GLU D 445 33.08 9.16 4.50
C GLU D 445 33.62 10.56 4.19
N LYS D 446 34.36 11.14 5.13
CA LYS D 446 34.93 12.47 4.96
C LYS D 446 35.77 12.53 3.68
N ASP D 447 36.56 11.49 3.45
CA ASP D 447 37.42 11.43 2.28
C ASP D 447 36.62 11.49 0.98
N ILE D 448 35.60 10.64 0.87
CA ILE D 448 34.75 10.59 -0.30
C ILE D 448 34.03 11.91 -0.59
N VAL D 449 33.58 12.59 0.46
CA VAL D 449 32.88 13.85 0.29
C VAL D 449 33.81 14.88 -0.33
N HIS D 450 34.98 15.05 0.28
CA HIS D 450 35.97 16.00 -0.20
C HIS D 450 36.46 15.73 -1.61
N SER D 451 36.94 14.52 -1.84
CA SER D 451 37.46 14.17 -3.14
C SER D 451 36.35 14.07 -4.17
N GLY D 452 35.16 13.67 -3.73
CA GLY D 452 34.05 13.57 -4.64
C GLY D 452 33.59 14.94 -5.10
N LEU D 453 33.56 15.89 -4.17
CA LEU D 453 33.16 17.25 -4.51
C LEU D 453 34.18 17.91 -5.43
N ALA D 454 35.46 17.87 -5.04
CA ALA D 454 36.53 18.47 -5.84
C ALA D 454 36.47 17.91 -7.25
N TYR D 455 36.31 16.60 -7.36
CA TYR D 455 36.24 15.96 -8.67
C TYR D 455 35.11 16.53 -9.51
N THR D 456 33.93 16.63 -8.90
CA THR D 456 32.75 17.12 -9.57
C THR D 456 32.93 18.57 -10.05
N MET D 457 33.39 19.43 -9.17
CA MET D 457 33.59 20.83 -9.52
C MET D 457 34.62 20.98 -10.63
N GLU D 458 35.62 20.10 -10.65
CA GLU D 458 36.65 20.14 -11.66
C GLU D 458 36.10 19.61 -12.99
N ARG D 459 35.46 18.44 -12.98
CA ARG D 459 34.90 17.89 -14.21
C ARG D 459 33.95 18.88 -14.88
N SER D 460 33.04 19.47 -14.10
CA SER D 460 32.08 20.43 -14.65
C SER D 460 32.73 21.74 -15.10
N ALA D 461 33.78 22.14 -14.42
CA ALA D 461 34.48 23.37 -14.78
C ALA D 461 35.08 23.21 -16.18
N ARG D 462 35.78 22.10 -16.42
CA ARG D 462 36.38 21.86 -17.74
C ARG D 462 35.29 21.85 -18.81
N GLN D 463 34.19 21.15 -18.51
CA GLN D 463 33.07 21.04 -19.43
C GLN D 463 32.58 22.42 -19.83
N ILE D 464 32.56 23.33 -18.87
CA ILE D 464 32.10 24.67 -19.14
C ILE D 464 33.13 25.44 -19.99
N MET D 465 34.42 25.29 -19.66
CA MET D 465 35.48 25.94 -20.43
C MET D 465 35.47 25.46 -21.88
N ARG D 466 35.41 24.14 -22.06
CA ARG D 466 35.37 23.57 -23.40
C ARG D 466 34.22 24.14 -24.20
N THR D 467 33.09 24.38 -23.54
CA THR D 467 31.90 24.90 -24.18
C THR D 467 32.01 26.39 -24.46
N ALA D 468 32.62 27.14 -23.54
CA ALA D 468 32.80 28.56 -23.75
C ALA D 468 33.69 28.74 -24.99
N MET D 469 34.66 27.85 -25.15
CA MET D 469 35.58 27.89 -26.28
C MET D 469 34.89 27.54 -27.60
N LYS D 470 34.24 26.39 -27.64
CA LYS D 470 33.55 25.91 -28.82
C LYS D 470 32.55 26.90 -29.42
N TYR D 471 32.10 27.84 -28.61
CA TYR D 471 31.12 28.83 -29.07
C TYR D 471 31.60 30.26 -28.92
N ASN D 472 32.89 30.40 -28.60
CA ASN D 472 33.51 31.72 -28.42
C ASN D 472 32.63 32.63 -27.58
N LEU D 473 32.26 32.15 -26.38
CA LEU D 473 31.40 32.92 -25.49
C LEU D 473 32.19 33.83 -24.56
N GLY D 474 33.51 33.74 -24.60
CA GLY D 474 34.33 34.60 -23.77
C GLY D 474 34.07 34.42 -22.28
N LEU D 475 33.70 35.51 -21.62
CA LEU D 475 33.43 35.46 -20.19
C LEU D 475 31.95 35.22 -19.87
N ASP D 476 31.22 34.68 -20.84
CA ASP D 476 29.81 34.39 -20.67
C ASP D 476 29.70 32.91 -20.24
N LEU D 477 30.16 32.63 -19.03
CA LEU D 477 30.14 31.28 -18.51
C LEU D 477 28.74 30.77 -18.21
N ARG D 478 27.84 31.69 -17.86
CA ARG D 478 26.47 31.32 -17.56
C ARG D 478 25.86 30.63 -18.75
N THR D 479 26.00 31.25 -19.91
CA THR D 479 25.45 30.69 -21.15
C THR D 479 26.12 29.35 -21.47
N ALA D 480 27.41 29.21 -21.19
CA ALA D 480 28.10 27.94 -21.45
C ALA D 480 27.48 26.87 -20.55
N ALA D 481 27.20 27.23 -19.30
CA ALA D 481 26.59 26.32 -18.33
C ALA D 481 25.20 25.87 -18.78
N TYR D 482 24.33 26.79 -19.17
CA TYR D 482 22.98 26.39 -19.62
C TYR D 482 23.06 25.53 -20.87
N VAL D 483 24.07 25.79 -21.70
CA VAL D 483 24.26 25.01 -22.92
C VAL D 483 24.55 23.56 -22.52
N ASN D 484 25.48 23.38 -21.58
CA ASN D 484 25.81 22.05 -21.10
C ASN D 484 24.58 21.37 -20.47
N ALA D 485 23.86 22.13 -19.66
CA ALA D 485 22.66 21.63 -18.98
C ALA D 485 21.55 21.21 -19.92
N ILE D 486 21.23 22.05 -20.91
CA ILE D 486 20.17 21.73 -21.87
C ILE D 486 20.58 20.46 -22.62
N GLU D 487 21.87 20.37 -22.92
CA GLU D 487 22.40 19.20 -23.65
C GLU D 487 22.10 17.93 -22.85
N LYS D 488 22.45 17.93 -21.57
CA LYS D 488 22.22 16.76 -20.72
C LYS D 488 20.74 16.44 -20.46
N VAL D 489 19.93 17.46 -20.21
CA VAL D 489 18.51 17.20 -19.96
C VAL D 489 17.86 16.77 -21.25
N PHE D 490 18.22 17.46 -22.31
CA PHE D 490 17.70 17.16 -23.62
C PHE D 490 18.02 15.73 -23.92
N ARG D 491 19.19 15.28 -23.50
CA ARG D 491 19.57 13.91 -23.79
C ARG D 491 18.56 12.85 -23.40
N VAL D 492 17.91 13.02 -22.26
CA VAL D 492 16.93 12.05 -21.79
C VAL D 492 15.64 12.12 -22.57
N TYR D 493 15.29 13.32 -23.03
CA TYR D 493 14.08 13.44 -23.83
C TYR D 493 14.34 12.90 -25.23
N ASN D 494 15.57 13.02 -25.71
CA ASN D 494 15.86 12.57 -27.06
C ASN D 494 16.00 11.05 -27.18
N GLU D 495 15.72 10.52 -28.36
CA GLU D 495 15.81 9.08 -28.59
C GLU D 495 14.79 8.44 -27.67
N ALA D 496 15.33 7.71 -26.70
CA ALA D 496 14.59 6.99 -25.67
C ALA D 496 13.65 7.98 -25.01
N GLY D 497 12.57 7.49 -24.38
CA GLY D 497 11.64 8.39 -23.76
C GLY D 497 10.70 8.97 -24.82
N VAL D 498 9.42 8.70 -24.67
CA VAL D 498 8.39 9.21 -25.60
C VAL D 498 8.87 10.43 -26.42
N THR D 499 9.30 10.24 -27.66
CA THR D 499 9.70 11.36 -28.53
C THR D 499 10.08 10.84 -29.91
N PHE D 500 10.18 9.52 -30.01
CA PHE D 500 10.58 8.80 -31.22
C PHE D 500 9.76 8.88 -32.51
N THR D 501 10.49 9.10 -33.60
CA THR D 501 9.96 9.24 -34.97
C THR D 501 8.45 9.17 -35.08
N ALA E 1 9.72 -24.51 -39.64
CA ALA E 1 9.97 -25.85 -39.03
C ALA E 1 10.64 -26.79 -40.04
N ASP E 2 10.64 -28.08 -39.72
CA ASP E 2 11.23 -29.12 -40.54
C ASP E 2 9.98 -29.92 -40.89
N ARG E 3 10.07 -31.24 -40.96
CA ARG E 3 8.89 -32.04 -41.25
C ARG E 3 8.83 -33.24 -40.30
N GLU E 4 9.77 -34.17 -40.42
CA GLU E 4 9.69 -35.28 -39.49
C GLU E 4 10.14 -34.93 -38.05
N ASP E 5 11.18 -34.10 -37.91
CA ASP E 5 11.70 -33.66 -36.60
C ASP E 5 11.07 -32.32 -36.20
N ASP E 6 10.32 -32.29 -35.11
CA ASP E 6 9.64 -31.06 -34.71
C ASP E 6 9.20 -31.20 -33.25
N PRO E 7 10.17 -31.14 -32.32
CA PRO E 7 9.78 -31.29 -30.92
C PRO E 7 9.01 -30.11 -30.33
N ASN E 8 8.12 -30.43 -29.41
CA ASN E 8 7.34 -29.42 -28.71
C ASN E 8 8.47 -28.72 -27.93
N PHE E 9 8.70 -27.44 -28.22
CA PHE E 9 9.79 -26.64 -27.60
C PHE E 9 9.93 -26.98 -26.10
N PHE E 10 8.83 -26.94 -25.34
CA PHE E 10 8.86 -27.21 -23.89
C PHE E 10 9.34 -28.63 -23.56
N LYS E 11 8.74 -29.63 -24.19
CA LYS E 11 9.11 -31.05 -23.95
C LYS E 11 10.59 -31.25 -24.28
N MET E 12 11.04 -30.57 -25.33
CA MET E 12 12.41 -30.64 -25.79
C MET E 12 13.39 -30.22 -24.69
N VAL E 13 13.05 -29.14 -23.99
CA VAL E 13 13.89 -28.65 -22.92
C VAL E 13 13.77 -29.59 -21.74
N GLU E 14 12.58 -30.12 -21.50
CA GLU E 14 12.40 -31.07 -20.42
C GLU E 14 13.28 -32.29 -20.69
N GLY E 15 13.48 -32.60 -21.96
CA GLY E 15 14.32 -33.71 -22.33
C GLY E 15 15.73 -33.38 -21.91
N PHE E 16 16.20 -32.19 -22.31
CA PHE E 16 17.54 -31.77 -21.95
C PHE E 16 17.68 -31.84 -20.42
N PHE E 17 16.66 -31.41 -19.70
CA PHE E 17 16.69 -31.43 -18.24
C PHE E 17 16.82 -32.84 -17.70
N ASP E 18 15.85 -33.69 -18.06
CA ASP E 18 15.84 -35.08 -17.60
C ASP E 18 17.15 -35.82 -17.84
N ARG E 19 17.85 -35.45 -18.91
CA ARG E 19 19.12 -36.08 -19.21
C ARG E 19 20.12 -35.78 -18.09
N GLY E 20 20.25 -34.50 -17.74
CA GLY E 20 21.16 -34.11 -16.67
C GLY E 20 20.67 -34.60 -15.32
N ALA E 21 19.35 -34.67 -15.17
CA ALA E 21 18.76 -35.14 -13.92
C ALA E 21 19.30 -36.53 -13.61
N SER E 22 19.47 -37.35 -14.64
CA SER E 22 19.99 -38.70 -14.43
C SER E 22 21.45 -38.67 -14.01
N ILE E 23 22.26 -37.96 -14.78
CA ILE E 23 23.67 -37.84 -14.51
C ILE E 23 24.04 -37.38 -13.08
N VAL E 24 23.29 -36.43 -12.50
CA VAL E 24 23.63 -35.94 -11.17
C VAL E 24 22.81 -36.49 -10.01
N GLU E 25 21.74 -37.22 -10.32
CA GLU E 25 20.88 -37.75 -9.28
C GLU E 25 21.64 -38.38 -8.11
N ASP E 26 22.82 -38.91 -8.37
CA ASP E 26 23.61 -39.54 -7.32
C ASP E 26 24.33 -38.53 -6.44
N LYS E 27 24.97 -37.54 -7.05
CA LYS E 27 25.70 -36.53 -6.29
C LYS E 27 24.69 -35.78 -5.42
N LEU E 28 23.41 -35.86 -5.79
CA LEU E 28 22.36 -35.19 -5.03
C LEU E 28 21.92 -35.96 -3.81
N VAL E 29 21.83 -37.28 -3.91
CA VAL E 29 21.42 -38.10 -2.78
C VAL E 29 22.58 -38.13 -1.79
N GLU E 30 23.76 -37.82 -2.32
CA GLU E 30 24.98 -37.76 -1.54
C GLU E 30 24.94 -36.48 -0.71
N ASP E 31 24.89 -35.35 -1.39
CA ASP E 31 24.83 -34.02 -0.75
C ASP E 31 23.51 -33.76 -0.04
N LEU E 32 22.56 -34.69 -0.14
CA LEU E 32 21.28 -34.50 0.52
C LEU E 32 21.54 -34.45 2.01
N LYS E 33 21.09 -33.35 2.62
CA LYS E 33 21.27 -33.12 4.05
C LYS E 33 20.12 -33.74 4.85
N THR E 34 19.94 -35.04 4.69
CA THR E 34 18.89 -35.75 5.39
C THR E 34 19.41 -36.79 6.36
N ARG E 35 18.70 -36.94 7.48
CA ARG E 35 19.03 -37.90 8.53
C ARG E 35 18.44 -39.24 8.11
N GLU E 36 17.42 -39.19 7.27
CA GLU E 36 16.79 -40.42 6.77
C GLU E 36 17.79 -41.02 5.78
N THR E 37 17.42 -42.10 5.10
CA THR E 37 18.36 -42.71 4.15
C THR E 37 17.75 -43.50 2.99
N GLU E 38 18.64 -44.12 2.22
CA GLU E 38 18.31 -44.96 1.06
C GLU E 38 17.32 -44.41 0.03
N GLU E 39 16.18 -45.11 -0.10
CA GLU E 39 15.14 -44.75 -1.05
C GLU E 39 14.41 -43.46 -0.73
N GLN E 40 14.36 -43.12 0.56
CA GLN E 40 13.68 -41.89 0.95
C GLN E 40 14.49 -40.71 0.45
N LYS E 41 15.82 -40.85 0.47
CA LYS E 41 16.70 -39.78 -0.01
C LYS E 41 16.63 -39.75 -1.52
N ARG E 42 16.50 -40.94 -2.11
CA ARG E 42 16.39 -41.09 -3.57
C ARG E 42 15.06 -40.46 -4.01
N ASN E 43 14.02 -40.75 -3.23
CA ASN E 43 12.69 -40.25 -3.51
C ASN E 43 12.54 -38.75 -3.38
N ARG E 44 13.16 -38.21 -2.33
CA ARG E 44 13.09 -36.78 -2.06
C ARG E 44 13.71 -35.98 -3.20
N VAL E 45 14.81 -36.47 -3.74
CA VAL E 45 15.47 -35.78 -4.84
C VAL E 45 14.51 -35.76 -6.03
N ARG E 46 13.89 -36.89 -6.31
CA ARG E 46 12.96 -36.96 -7.42
C ARG E 46 11.77 -36.01 -7.25
N GLY E 47 11.29 -35.88 -6.01
CA GLY E 47 10.18 -34.98 -5.75
C GLY E 47 10.56 -33.53 -6.00
N ILE E 48 11.74 -33.15 -5.53
CA ILE E 48 12.21 -31.79 -5.72
C ILE E 48 12.39 -31.48 -7.19
N LEU E 49 12.97 -32.42 -7.93
CA LEU E 49 13.19 -32.24 -9.36
C LEU E 49 11.87 -32.13 -10.11
N ARG E 50 10.85 -32.81 -9.59
CA ARG E 50 9.55 -32.75 -10.21
C ARG E 50 8.94 -31.36 -10.00
N ILE E 51 9.44 -30.63 -9.01
CA ILE E 51 8.91 -29.29 -8.74
C ILE E 51 9.53 -28.25 -9.67
N ILE E 52 10.84 -28.39 -9.88
CA ILE E 52 11.64 -27.50 -10.70
C ILE E 52 11.25 -27.48 -12.19
N LYS E 53 10.92 -28.64 -12.74
CA LYS E 53 10.57 -28.75 -14.16
C LYS E 53 9.36 -27.94 -14.63
N PRO E 54 8.21 -28.07 -13.96
CA PRO E 54 7.10 -27.28 -14.45
C PRO E 54 7.18 -25.80 -14.08
N CYS E 55 6.69 -24.97 -14.99
CA CYS E 55 6.62 -23.53 -14.78
C CYS E 55 5.61 -23.32 -13.67
N ASN E 56 5.90 -22.40 -12.75
CA ASN E 56 4.98 -22.14 -11.66
C ASN E 56 3.79 -21.30 -12.11
N HIS E 57 4.04 -20.27 -12.94
CA HIS E 57 2.95 -19.41 -13.41
C HIS E 57 2.98 -19.08 -14.88
N VAL E 58 1.79 -19.04 -15.48
CA VAL E 58 1.67 -18.67 -16.88
C VAL E 58 0.42 -17.84 -17.02
N LEU E 59 0.59 -16.63 -17.54
CA LEU E 59 -0.51 -15.71 -17.75
C LEU E 59 -0.72 -15.57 -19.26
N SER E 60 -1.94 -15.83 -19.69
CA SER E 60 -2.33 -15.70 -21.08
C SER E 60 -3.23 -14.46 -21.11
N LEU E 61 -2.97 -13.54 -22.03
CA LEU E 61 -3.75 -12.31 -22.12
C LEU E 61 -4.34 -12.08 -23.50
N SER E 62 -5.47 -11.39 -23.51
CA SER E 62 -6.17 -11.06 -24.72
C SER E 62 -6.68 -9.66 -24.48
N PHE E 63 -6.04 -8.67 -25.07
CA PHE E 63 -6.46 -7.29 -24.85
C PHE E 63 -6.65 -6.54 -26.17
N PRO E 64 -7.56 -5.58 -26.19
CA PRO E 64 -7.79 -4.83 -27.44
C PRO E 64 -6.98 -3.56 -27.57
N ILE E 65 -6.74 -3.16 -28.81
CA ILE E 65 -6.04 -1.91 -29.10
C ILE E 65 -6.69 -1.27 -30.30
N ARG E 66 -6.72 0.05 -30.30
CA ARG E 66 -7.31 0.80 -31.38
C ARG E 66 -6.22 1.07 -32.42
N ARG E 67 -6.36 0.45 -33.59
CA ARG E 67 -5.42 0.59 -34.71
C ARG E 67 -5.45 2.04 -35.22
N ASP E 68 -4.46 2.44 -35.99
CA ASP E 68 -4.42 3.80 -36.50
C ASP E 68 -5.59 4.19 -37.39
N ASP E 69 -6.15 3.23 -38.12
CA ASP E 69 -7.27 3.52 -39.00
C ASP E 69 -8.62 3.43 -38.30
N GLY E 70 -8.63 3.63 -36.97
CA GLY E 70 -9.87 3.59 -36.22
C GLY E 70 -10.39 2.23 -35.78
N SER E 71 -10.04 1.19 -36.53
CA SER E 71 -10.52 -0.17 -36.22
C SER E 71 -10.00 -0.77 -34.91
N TRP E 72 -10.75 -1.77 -34.42
CA TRP E 72 -10.40 -2.49 -33.20
C TRP E 72 -9.76 -3.83 -33.50
N GLU E 73 -8.76 -4.19 -32.71
CA GLU E 73 -8.05 -5.44 -32.90
C GLU E 73 -7.69 -6.08 -31.56
N VAL E 74 -7.82 -7.39 -31.48
CA VAL E 74 -7.49 -8.12 -30.26
C VAL E 74 -6.14 -8.79 -30.43
N ILE E 75 -5.19 -8.45 -29.55
CA ILE E 75 -3.89 -9.11 -29.66
C ILE E 75 -3.65 -10.04 -28.47
N GLU E 76 -2.96 -11.14 -28.72
CA GLU E 76 -2.68 -12.12 -27.68
C GLU E 76 -1.27 -11.99 -27.13
N GLY E 77 -1.12 -12.28 -25.84
CA GLY E 77 0.18 -12.20 -25.21
C GLY E 77 0.28 -13.18 -24.07
N TYR E 78 1.51 -13.53 -23.70
CA TYR E 78 1.74 -14.45 -22.60
C TYR E 78 3.03 -14.13 -21.86
N ARG E 79 3.05 -14.46 -20.59
CA ARG E 79 4.27 -14.35 -19.81
C ARG E 79 4.25 -15.50 -18.84
N ALA E 80 5.30 -16.29 -18.91
CA ALA E 80 5.42 -17.44 -18.05
C ALA E 80 6.54 -17.17 -17.06
N GLN E 81 6.36 -17.63 -15.83
CA GLN E 81 7.39 -17.50 -14.81
C GLN E 81 7.66 -18.96 -14.43
N HIS E 82 8.83 -19.44 -14.81
CA HIS E 82 9.19 -20.83 -14.57
C HIS E 82 9.46 -21.11 -13.09
N SER E 83 10.35 -20.30 -12.51
CA SER E 83 10.76 -20.47 -11.12
C SER E 83 10.88 -19.18 -10.30
N GLN E 84 10.57 -19.29 -9.01
CA GLN E 84 10.70 -18.14 -8.12
C GLN E 84 11.69 -18.54 -7.04
N HIS E 85 12.53 -19.54 -7.33
CA HIS E 85 13.50 -19.98 -6.32
C HIS E 85 14.44 -18.84 -5.97
N ARG E 86 14.52 -17.86 -6.87
CA ARG E 86 15.29 -16.63 -6.68
C ARG E 86 14.21 -15.59 -6.99
N THR E 87 13.88 -14.79 -5.99
CA THR E 87 12.80 -13.81 -6.03
C THR E 87 12.49 -13.04 -7.31
N PRO E 88 13.45 -12.29 -7.87
CA PRO E 88 12.99 -11.60 -9.11
C PRO E 88 13.11 -12.55 -10.31
N CYS E 89 12.02 -12.73 -11.04
CA CYS E 89 12.04 -13.55 -12.26
C CYS E 89 12.70 -12.67 -13.31
N LYS E 90 13.30 -13.27 -14.31
CA LYS E 90 13.98 -12.48 -15.33
C LYS E 90 13.80 -13.16 -16.67
N GLY E 91 13.50 -12.36 -17.70
CA GLY E 91 13.32 -12.91 -19.02
C GLY E 91 12.76 -11.88 -19.98
N GLY E 92 13.17 -11.98 -21.24
CA GLY E 92 12.74 -11.03 -22.25
C GLY E 92 11.33 -11.14 -22.78
N ILE E 93 11.03 -10.29 -23.75
CA ILE E 93 9.73 -10.22 -24.38
C ILE E 93 9.89 -10.33 -25.90
N ARG E 94 9.27 -11.37 -26.47
CA ARG E 94 9.36 -11.60 -27.91
C ARG E 94 8.13 -11.12 -28.66
N TYR E 95 8.34 -10.50 -29.83
CA TYR E 95 7.21 -10.09 -30.66
C TYR E 95 7.24 -10.90 -31.93
N SER E 96 6.34 -11.88 -32.04
CA SER E 96 6.31 -12.73 -33.23
C SER E 96 5.02 -13.53 -33.32
N THR E 97 4.68 -13.95 -34.53
CA THR E 97 3.49 -14.78 -34.72
C THR E 97 3.82 -16.20 -34.30
N ASP E 98 5.11 -16.51 -34.21
CA ASP E 98 5.52 -17.85 -33.79
C ASP E 98 5.28 -18.05 -32.29
N VAL E 99 5.02 -16.99 -31.54
CA VAL E 99 4.86 -17.18 -30.10
C VAL E 99 3.59 -17.94 -29.70
N SER E 100 3.72 -18.69 -28.62
CA SER E 100 2.62 -19.48 -28.09
C SER E 100 2.92 -19.87 -26.66
N VAL E 101 1.90 -20.33 -25.94
CA VAL E 101 2.04 -20.75 -24.56
C VAL E 101 3.27 -21.64 -24.38
N ASP E 102 3.42 -22.66 -25.21
CA ASP E 102 4.56 -23.57 -25.11
C ASP E 102 5.92 -22.97 -25.41
N GLU E 103 5.98 -22.12 -26.43
CA GLU E 103 7.25 -21.51 -26.78
C GLU E 103 7.74 -20.66 -25.59
N VAL E 104 6.81 -19.90 -25.01
CA VAL E 104 7.14 -19.03 -23.90
C VAL E 104 7.52 -19.82 -22.64
N LYS E 105 6.83 -20.94 -22.38
CA LYS E 105 7.16 -21.76 -21.22
C LYS E 105 8.57 -22.33 -21.37
N ALA E 106 8.87 -22.78 -22.58
CA ALA E 106 10.18 -23.35 -22.87
C ALA E 106 11.27 -22.31 -22.65
N LEU E 107 11.08 -21.16 -23.28
CA LEU E 107 12.02 -20.06 -23.15
C LEU E 107 12.21 -19.67 -21.68
N ALA E 108 11.10 -19.64 -20.94
CA ALA E 108 11.10 -19.26 -19.54
C ALA E 108 11.98 -20.19 -18.71
N SER E 109 11.83 -21.50 -18.94
CA SER E 109 12.62 -22.46 -18.21
C SER E 109 14.08 -22.40 -18.64
N LEU E 110 14.33 -22.08 -19.90
CA LEU E 110 15.71 -21.96 -20.34
C LEU E 110 16.36 -20.80 -19.62
N MET E 111 15.56 -19.79 -19.33
CA MET E 111 16.07 -18.61 -18.64
C MET E 111 16.56 -18.96 -17.23
N THR E 112 15.80 -19.78 -16.50
CA THR E 112 16.24 -20.10 -15.15
C THR E 112 17.45 -21.00 -15.14
N TYR E 113 17.53 -21.94 -16.09
CA TYR E 113 18.68 -22.82 -16.13
C TYR E 113 19.91 -22.02 -16.54
N LYS E 114 19.74 -21.10 -17.48
CA LYS E 114 20.87 -20.30 -17.92
C LYS E 114 21.36 -19.35 -16.81
N CYS E 115 20.43 -18.76 -16.06
CA CYS E 115 20.80 -17.87 -14.97
C CYS E 115 21.61 -18.64 -13.92
N ALA E 116 21.19 -19.89 -13.70
CA ALA E 116 21.89 -20.74 -12.73
C ALA E 116 23.31 -21.03 -13.23
N VAL E 117 23.44 -21.37 -14.50
CA VAL E 117 24.73 -21.68 -15.08
C VAL E 117 25.71 -20.51 -14.87
N VAL E 118 25.21 -19.32 -15.14
CA VAL E 118 25.98 -18.10 -15.10
C VAL E 118 25.96 -17.37 -13.75
N ASP E 119 25.36 -18.02 -12.76
CA ASP E 119 25.26 -17.51 -11.38
C ASP E 119 24.58 -16.14 -11.16
N VAL E 120 23.51 -15.93 -11.91
CA VAL E 120 22.72 -14.71 -11.81
C VAL E 120 21.52 -15.11 -10.97
N PRO E 121 21.28 -14.43 -9.84
CA PRO E 121 20.18 -14.74 -8.94
C PRO E 121 18.76 -14.39 -9.37
N PHE E 122 18.32 -14.96 -10.47
CA PHE E 122 16.97 -14.72 -10.95
C PHE E 122 16.36 -16.04 -11.37
N GLY E 123 15.07 -16.21 -11.11
CA GLY E 123 14.37 -17.38 -11.59
C GLY E 123 13.99 -16.99 -13.02
N GLY E 124 13.77 -17.94 -13.90
CA GLY E 124 13.42 -17.57 -15.27
C GLY E 124 11.98 -17.22 -15.60
N ALA E 125 11.83 -16.32 -16.57
CA ALA E 125 10.52 -15.87 -17.04
C ALA E 125 10.62 -15.50 -18.53
N LYS E 126 9.48 -15.42 -19.21
CA LYS E 126 9.49 -15.06 -20.63
C LYS E 126 8.14 -14.57 -21.09
N ALA E 127 8.14 -13.60 -21.99
CA ALA E 127 6.89 -13.07 -22.50
C ALA E 127 6.89 -13.06 -24.01
N GLY E 128 5.70 -13.16 -24.58
CA GLY E 128 5.56 -13.14 -26.02
C GLY E 128 4.23 -12.51 -26.39
N VAL E 129 4.28 -11.65 -27.41
CA VAL E 129 3.10 -11.00 -27.94
C VAL E 129 3.00 -11.48 -29.39
N LYS E 130 1.88 -12.12 -29.72
CA LYS E 130 1.67 -12.69 -31.06
C LYS E 130 1.36 -11.69 -32.18
N ILE E 131 2.38 -11.00 -32.64
CA ILE E 131 2.23 -10.04 -33.72
C ILE E 131 3.49 -10.02 -34.54
N ASN E 132 3.36 -9.52 -35.78
CA ASN E 132 4.51 -9.37 -36.65
C ASN E 132 4.62 -7.86 -36.59
N PRO E 133 5.64 -7.37 -35.89
CA PRO E 133 5.90 -5.93 -35.72
C PRO E 133 5.87 -5.11 -37.00
N LYS E 134 6.32 -5.70 -38.10
CA LYS E 134 6.38 -5.02 -39.40
C LYS E 134 5.01 -4.63 -39.98
N ASN E 135 3.94 -5.19 -39.42
CA ASN E 135 2.59 -4.89 -39.90
C ASN E 135 1.88 -3.85 -39.04
N TYR E 136 2.65 -3.14 -38.21
CA TYR E 136 2.11 -2.10 -37.34
C TYR E 136 2.98 -0.85 -37.40
N THR E 137 2.40 0.29 -37.09
CA THR E 137 3.13 1.56 -37.09
C THR E 137 3.83 1.73 -35.73
N ASP E 138 4.75 2.68 -35.62
CA ASP E 138 5.42 2.90 -34.35
C ASP E 138 4.39 3.25 -33.28
N ASN E 139 3.40 4.04 -33.66
CA ASN E 139 2.37 4.46 -32.73
C ASN E 139 1.51 3.31 -32.24
N GLU E 140 1.25 2.34 -33.11
CA GLU E 140 0.44 1.21 -32.71
C GLU E 140 1.29 0.30 -31.82
N LEU E 141 2.56 0.13 -32.16
CA LEU E 141 3.44 -0.70 -31.36
C LEU E 141 3.56 -0.13 -29.95
N GLU E 142 3.67 1.19 -29.84
CA GLU E 142 3.76 1.81 -28.52
C GLU E 142 2.52 1.49 -27.69
N LYS E 143 1.35 1.67 -28.30
CA LYS E 143 0.12 1.36 -27.59
C LYS E 143 0.14 -0.11 -27.19
N ILE E 144 0.62 -0.97 -28.08
CA ILE E 144 0.65 -2.38 -27.77
C ILE E 144 1.55 -2.69 -26.59
N THR E 145 2.77 -2.18 -26.57
CA THR E 145 3.64 -2.51 -25.46
C THR E 145 3.21 -1.86 -24.16
N ARG E 146 2.78 -0.60 -24.20
CA ARG E 146 2.34 0.06 -22.98
C ARG E 146 1.14 -0.64 -22.34
N ARG E 147 0.19 -1.03 -23.18
CA ARG E 147 -1.00 -1.69 -22.68
C ARG E 147 -0.62 -3.08 -22.12
N PHE E 148 0.32 -3.75 -22.78
CA PHE E 148 0.75 -5.07 -22.33
C PHE E 148 1.45 -4.97 -20.97
N THR E 149 2.18 -3.88 -20.76
CA THR E 149 2.86 -3.66 -19.49
C THR E 149 1.84 -3.54 -18.36
N MET E 150 0.84 -2.69 -18.55
CA MET E 150 -0.20 -2.50 -17.55
C MET E 150 -0.88 -3.81 -17.15
N GLU E 151 -1.26 -4.62 -18.14
CA GLU E 151 -1.91 -5.88 -17.85
C GLU E 151 -0.97 -6.78 -17.06
N LEU E 152 0.32 -6.76 -17.37
CA LEU E 152 1.27 -7.58 -16.63
C LEU E 152 1.42 -7.02 -15.21
N ALA E 153 1.51 -5.71 -15.11
CA ALA E 153 1.66 -5.08 -13.82
C ALA E 153 0.49 -5.37 -12.88
N LYS E 154 -0.74 -5.32 -13.38
CA LYS E 154 -1.89 -5.56 -12.52
C LYS E 154 -2.02 -6.98 -11.98
N LYS E 155 -1.36 -7.91 -12.65
CA LYS E 155 -1.43 -9.30 -12.25
C LYS E 155 -0.13 -9.79 -11.65
N GLY E 156 0.79 -8.87 -11.38
CA GLY E 156 2.06 -9.23 -10.79
C GLY E 156 3.05 -9.94 -11.70
N PHE E 157 3.12 -9.52 -12.96
CA PHE E 157 4.05 -10.12 -13.87
C PHE E 157 5.13 -9.15 -14.33
N ILE E 158 5.30 -8.09 -13.54
CA ILE E 158 6.37 -7.13 -13.79
C ILE E 158 6.52 -6.22 -12.58
N GLY E 159 7.77 -5.99 -12.17
CA GLY E 159 8.07 -5.17 -11.03
C GLY E 159 9.52 -5.41 -10.64
N PRO E 160 10.20 -4.40 -10.08
CA PRO E 160 11.60 -4.53 -9.67
C PRO E 160 11.94 -5.77 -8.87
N GLY E 161 11.05 -6.13 -7.96
CA GLY E 161 11.30 -7.31 -7.15
C GLY E 161 10.45 -8.53 -7.46
N VAL E 162 9.61 -8.49 -8.49
CA VAL E 162 8.81 -9.65 -8.83
C VAL E 162 9.21 -10.26 -10.18
N ASP E 163 9.31 -9.44 -11.22
CA ASP E 163 9.65 -9.94 -12.56
C ASP E 163 10.21 -8.80 -13.43
N VAL E 164 11.39 -9.01 -13.97
CA VAL E 164 12.06 -7.98 -14.78
C VAL E 164 12.31 -8.38 -16.23
N PRO E 165 11.45 -7.88 -17.17
CA PRO E 165 11.62 -8.20 -18.58
C PRO E 165 12.89 -7.60 -19.20
N ALA E 166 13.02 -7.81 -20.52
CA ALA E 166 14.16 -7.32 -21.30
C ALA E 166 13.87 -7.56 -22.78
N PRO E 167 14.79 -7.18 -23.67
CA PRO E 167 14.50 -7.43 -25.09
C PRO E 167 14.67 -8.89 -25.49
N ASP E 168 14.22 -9.20 -26.70
CA ASP E 168 14.35 -10.53 -27.29
C ASP E 168 14.02 -10.30 -28.76
N MET E 169 13.39 -11.27 -29.41
CA MET E 169 13.07 -11.09 -30.83
C MET E 169 12.12 -9.93 -31.15
N SER E 170 12.62 -9.02 -31.99
CA SER E 170 11.89 -7.86 -32.46
C SER E 170 11.54 -6.83 -31.40
N THR E 171 12.33 -6.77 -30.33
CA THR E 171 12.12 -5.78 -29.29
C THR E 171 13.50 -5.27 -28.91
N GLY E 172 13.59 -3.99 -28.55
CA GLY E 172 14.87 -3.45 -28.17
C GLY E 172 14.72 -2.32 -27.18
N GLU E 173 15.71 -1.46 -27.14
CA GLU E 173 15.71 -0.31 -26.26
C GLU E 173 14.38 0.44 -26.28
N ARG E 174 13.86 0.70 -27.46
CA ARG E 174 12.62 1.45 -27.63
C ARG E 174 11.49 0.86 -26.81
N GLU E 175 11.20 -0.42 -27.02
CA GLU E 175 10.14 -1.09 -26.26
C GLU E 175 10.41 -1.05 -24.74
N MET E 176 11.66 -1.33 -24.36
CA MET E 176 12.04 -1.32 -22.96
C MET E 176 11.76 0.06 -22.34
N SER E 177 11.99 1.09 -23.12
CA SER E 177 11.77 2.45 -22.65
C SER E 177 10.27 2.63 -22.39
N TRP E 178 9.45 2.17 -23.32
CA TRP E 178 8.02 2.29 -23.15
C TRP E 178 7.59 1.54 -21.89
N ILE E 179 8.11 0.33 -21.70
CA ILE E 179 7.78 -0.47 -20.53
C ILE E 179 8.11 0.26 -19.23
N ALA E 180 9.34 0.73 -19.10
CA ALA E 180 9.80 1.42 -17.91
C ALA E 180 8.92 2.63 -17.62
N ASP E 181 8.66 3.40 -18.67
CA ASP E 181 7.84 4.60 -18.54
C ASP E 181 6.42 4.28 -18.07
N THR E 182 5.83 3.25 -18.63
CA THR E 182 4.48 2.89 -18.25
C THR E 182 4.42 2.48 -16.80
N TYR E 183 5.38 1.66 -16.38
CA TYR E 183 5.45 1.18 -15.02
C TYR E 183 5.68 2.29 -14.01
N ALA E 184 6.72 3.08 -14.25
CA ALA E 184 7.10 4.18 -13.36
C ALA E 184 6.05 5.28 -13.27
N SER E 185 5.30 5.50 -14.35
CA SER E 185 4.26 6.54 -14.37
C SER E 185 2.96 6.09 -13.73
N THR E 186 2.79 4.79 -13.52
CA THR E 186 1.55 4.33 -12.93
C THR E 186 1.77 3.61 -11.61
N ILE E 187 1.79 2.28 -11.66
CA ILE E 187 1.98 1.49 -10.46
C ILE E 187 3.23 1.83 -9.65
N GLY E 188 4.39 1.95 -10.29
CA GLY E 188 5.58 2.25 -9.53
C GLY E 188 5.94 3.70 -9.34
N HIS E 189 4.97 4.60 -9.44
CA HIS E 189 5.30 6.01 -9.29
C HIS E 189 5.87 6.43 -7.93
N TYR E 190 5.69 5.62 -6.89
CA TYR E 190 6.24 5.96 -5.57
C TYR E 190 7.54 5.18 -5.31
N ASP E 191 7.76 4.13 -6.10
CA ASP E 191 8.92 3.23 -5.98
C ASP E 191 10.27 3.83 -6.39
N ILE E 192 11.17 3.94 -5.42
CA ILE E 192 12.48 4.50 -5.66
C ILE E 192 13.23 3.64 -6.69
N ASN E 193 12.86 2.36 -6.82
CA ASN E 193 13.51 1.44 -7.77
C ASN E 193 12.65 1.14 -9.00
N ALA E 194 11.65 1.97 -9.27
CA ALA E 194 10.75 1.78 -10.41
C ALA E 194 11.41 1.47 -11.75
N HIS E 195 12.54 2.11 -12.03
CA HIS E 195 13.18 1.87 -13.31
C HIS E 195 13.95 0.57 -13.44
N ALA E 196 14.02 -0.18 -12.34
CA ALA E 196 14.68 -1.48 -12.38
C ALA E 196 13.63 -2.53 -12.72
N CYS E 197 12.43 -2.08 -13.14
CA CYS E 197 11.36 -3.01 -13.48
C CYS E 197 11.66 -3.70 -14.81
N VAL E 198 12.60 -3.15 -15.57
CA VAL E 198 12.94 -3.77 -16.83
C VAL E 198 14.39 -3.45 -17.20
N THR E 199 15.01 -4.31 -17.99
CA THR E 199 16.40 -4.05 -18.41
C THR E 199 16.52 -3.95 -19.92
N GLY E 200 17.72 -3.58 -20.37
CA GLY E 200 17.95 -3.42 -21.80
C GLY E 200 17.41 -2.05 -22.16
N LYS E 201 17.31 -1.17 -21.18
CA LYS E 201 16.82 0.17 -21.40
C LYS E 201 17.88 1.03 -22.09
N PRO E 202 17.44 2.12 -22.75
CA PRO E 202 18.42 2.98 -23.42
C PRO E 202 19.30 3.58 -22.31
N ILE E 203 20.59 3.76 -22.60
CA ILE E 203 21.53 4.29 -21.61
C ILE E 203 21.06 5.57 -20.93
N SER E 204 20.45 6.48 -21.71
CA SER E 204 19.94 7.73 -21.17
C SER E 204 18.73 7.54 -20.25
N GLN E 205 18.16 6.33 -20.22
CA GLN E 205 16.99 6.07 -19.37
C GLN E 205 17.37 5.14 -18.20
N GLY E 206 18.65 4.99 -17.93
CA GLY E 206 19.04 4.12 -16.84
C GLY E 206 19.51 2.76 -17.32
N GLY E 207 19.75 2.66 -18.63
CA GLY E 207 20.25 1.43 -19.22
C GLY E 207 21.74 1.38 -18.89
N ILE E 208 22.41 0.31 -19.28
CA ILE E 208 23.83 0.17 -18.97
C ILE E 208 24.72 0.02 -20.19
N HIS E 209 25.95 0.52 -20.06
CA HIS E 209 26.93 0.43 -21.13
C HIS E 209 27.10 -1.00 -21.63
N GLY E 210 27.15 -1.15 -22.94
CA GLY E 210 27.34 -2.46 -23.55
C GLY E 210 26.28 -3.51 -23.38
N ARG E 211 25.05 -3.12 -23.07
CA ARG E 211 24.01 -4.14 -22.92
C ARG E 211 23.54 -4.63 -24.29
N ILE E 212 23.47 -3.70 -25.25
CA ILE E 212 23.03 -4.05 -26.59
C ILE E 212 23.94 -5.13 -27.20
N SER E 213 25.24 -4.91 -27.09
CA SER E 213 26.21 -5.85 -27.64
C SER E 213 26.65 -6.91 -26.63
N ALA E 214 26.07 -6.90 -25.44
CA ALA E 214 26.45 -7.87 -24.42
C ALA E 214 26.35 -9.33 -24.85
N THR E 215 25.31 -9.69 -25.60
CA THR E 215 25.21 -11.11 -25.99
C THR E 215 26.30 -11.51 -26.95
N GLY E 216 26.59 -10.65 -27.92
CA GLY E 216 27.65 -10.93 -28.88
C GLY E 216 28.99 -11.06 -28.18
N ARG E 217 29.28 -10.13 -27.27
CA ARG E 217 30.55 -10.11 -26.52
C ARG E 217 30.64 -11.44 -25.76
N GLY E 218 29.52 -11.85 -25.17
CA GLY E 218 29.47 -13.09 -24.41
C GLY E 218 29.66 -14.31 -25.30
N VAL E 219 29.11 -14.23 -26.51
CA VAL E 219 29.26 -15.32 -27.45
C VAL E 219 30.75 -15.47 -27.78
N PHE E 220 31.41 -14.34 -27.99
CA PHE E 220 32.84 -14.34 -28.27
C PHE E 220 33.59 -15.06 -27.16
N HIS E 221 33.36 -14.64 -25.91
CA HIS E 221 34.03 -15.24 -24.74
C HIS E 221 33.76 -16.71 -24.58
N GLY E 222 32.53 -17.12 -24.84
CA GLY E 222 32.18 -18.51 -24.68
C GLY E 222 32.90 -19.38 -25.67
N ILE E 223 33.13 -18.86 -26.88
CA ILE E 223 33.82 -19.61 -27.91
C ILE E 223 35.30 -19.60 -27.61
N GLU E 224 35.78 -18.48 -27.11
CA GLU E 224 37.17 -18.29 -26.77
C GLU E 224 37.63 -19.30 -25.70
N ASN E 225 36.82 -19.45 -24.66
CA ASN E 225 37.11 -20.36 -23.57
C ASN E 225 37.31 -21.81 -24.00
N PHE E 226 36.62 -22.24 -25.05
CA PHE E 226 36.78 -23.60 -25.52
C PHE E 226 37.76 -23.71 -26.68
N ILE E 227 37.73 -22.72 -27.57
CA ILE E 227 38.60 -22.72 -28.75
C ILE E 227 40.09 -22.56 -28.42
N ASN E 228 40.41 -22.41 -27.13
CA ASN E 228 41.80 -22.24 -26.71
C ASN E 228 42.23 -23.29 -25.70
N GLU E 229 41.59 -24.46 -25.75
CA GLU E 229 41.89 -25.53 -24.82
C GLU E 229 42.79 -26.65 -25.34
N ALA E 230 42.79 -26.84 -26.66
CA ALA E 230 43.59 -27.89 -27.31
C ALA E 230 43.07 -29.28 -26.91
N SER E 231 42.78 -29.45 -25.62
CA SER E 231 42.24 -30.69 -25.09
C SER E 231 40.86 -30.90 -25.71
N TYR E 232 40.35 -29.86 -26.37
CA TYR E 232 39.04 -29.91 -27.01
C TYR E 232 39.19 -29.76 -28.53
N MET E 233 40.11 -28.89 -28.94
CA MET E 233 40.34 -28.65 -30.36
C MET E 233 41.05 -29.81 -31.05
N SER E 234 41.77 -30.61 -30.28
CA SER E 234 42.46 -31.75 -30.86
C SER E 234 41.42 -32.76 -31.32
N ILE E 235 40.29 -32.80 -30.61
CA ILE E 235 39.22 -33.73 -30.92
C ILE E 235 38.37 -33.34 -32.11
N LEU E 236 38.47 -32.06 -32.50
CA LEU E 236 37.72 -31.53 -33.61
C LEU E 236 38.63 -31.46 -34.83
N GLY E 237 39.94 -31.52 -34.59
CA GLY E 237 40.91 -31.46 -35.66
C GLY E 237 41.25 -30.03 -36.02
N MET E 238 41.18 -29.15 -35.03
CA MET E 238 41.46 -27.73 -35.23
C MET E 238 42.58 -27.22 -34.34
N THR E 239 43.15 -26.10 -34.75
CA THR E 239 44.21 -25.45 -34.01
C THR E 239 43.52 -24.42 -33.11
N PRO E 240 44.10 -24.17 -31.92
CA PRO E 240 43.45 -23.16 -31.06
C PRO E 240 43.58 -21.75 -31.63
N GLY E 241 42.66 -20.88 -31.25
CA GLY E 241 42.74 -19.50 -31.71
C GLY E 241 41.68 -19.11 -32.72
N PHE E 242 41.63 -17.82 -32.99
CA PHE E 242 40.65 -17.26 -33.92
C PHE E 242 41.28 -16.86 -35.26
N GLY E 243 42.56 -16.49 -35.23
CA GLY E 243 43.30 -16.04 -36.40
C GLY E 243 43.11 -16.76 -37.72
N ASP E 244 42.96 -18.07 -37.69
CA ASP E 244 42.79 -18.84 -38.90
C ASP E 244 41.42 -19.53 -39.01
N LYS E 245 40.42 -18.94 -38.37
CA LYS E 245 39.09 -19.50 -38.39
C LYS E 245 38.11 -18.70 -39.26
N THR E 246 37.11 -19.39 -39.79
CA THR E 246 36.05 -18.79 -40.60
C THR E 246 34.73 -19.10 -39.88
N PHE E 247 33.73 -18.23 -40.01
CA PHE E 247 32.45 -18.50 -39.36
C PHE E 247 31.26 -18.04 -40.19
N ALA E 248 30.07 -18.52 -39.85
CA ALA E 248 28.85 -18.14 -40.54
C ALA E 248 27.78 -18.00 -39.47
N VAL E 249 27.06 -16.89 -39.51
CA VAL E 249 26.04 -16.64 -38.53
C VAL E 249 24.67 -16.51 -39.19
N GLN E 250 23.69 -17.20 -38.62
CA GLN E 250 22.33 -17.13 -39.10
C GLN E 250 21.63 -16.13 -38.19
N GLY E 251 21.33 -14.95 -38.72
CA GLY E 251 20.68 -13.90 -37.94
C GLY E 251 21.64 -12.73 -37.97
N PHE E 252 21.13 -11.54 -38.21
CA PHE E 252 21.97 -10.35 -38.25
C PHE E 252 21.34 -9.24 -37.39
N GLY E 253 20.84 -9.64 -36.22
CA GLY E 253 20.24 -8.70 -35.30
C GLY E 253 21.15 -8.43 -34.11
N ASN E 254 20.57 -8.12 -32.96
CA ASN E 254 21.36 -7.84 -31.76
C ASN E 254 22.38 -8.94 -31.42
N VAL E 255 22.01 -10.21 -31.55
CA VAL E 255 22.95 -11.31 -31.27
C VAL E 255 23.94 -11.49 -32.42
N GLY E 256 23.39 -11.82 -33.59
CA GLY E 256 24.19 -12.05 -34.77
C GLY E 256 25.15 -10.94 -35.16
N LEU E 257 24.67 -9.71 -35.23
CA LEU E 257 25.52 -8.56 -35.60
C LEU E 257 26.72 -8.42 -34.68
N HIS E 258 26.50 -8.47 -33.39
CA HIS E 258 27.61 -8.31 -32.46
C HIS E 258 28.50 -9.52 -32.30
N SER E 259 27.95 -10.72 -32.47
CA SER E 259 28.76 -11.92 -32.38
C SER E 259 29.78 -11.80 -33.50
N MET E 260 29.26 -11.42 -34.67
CA MET E 260 30.06 -11.23 -35.87
C MET E 260 31.10 -10.13 -35.66
N ARG E 261 30.69 -8.99 -35.09
CA ARG E 261 31.64 -7.91 -34.85
C ARG E 261 32.83 -8.37 -33.99
N TYR E 262 32.53 -9.03 -32.86
CA TYR E 262 33.60 -9.47 -31.96
C TYR E 262 34.50 -10.57 -32.52
N LEU E 263 33.94 -11.56 -33.22
CA LEU E 263 34.77 -12.61 -33.79
C LEU E 263 35.71 -12.02 -34.86
N HIS E 264 35.19 -11.10 -35.65
CA HIS E 264 35.96 -10.48 -36.69
C HIS E 264 37.12 -9.67 -36.12
N ARG E 265 36.92 -9.12 -34.93
CA ARG E 265 37.93 -8.31 -34.26
C ARG E 265 39.17 -9.09 -33.89
N PHE E 266 38.99 -10.34 -33.48
CA PHE E 266 40.14 -11.14 -33.09
C PHE E 266 40.73 -12.04 -34.20
N GLY E 267 40.52 -11.65 -35.46
CA GLY E 267 41.10 -12.41 -36.56
C GLY E 267 40.25 -13.38 -37.35
N ALA E 268 39.13 -13.81 -36.78
CA ALA E 268 38.25 -14.73 -37.49
C ALA E 268 37.57 -13.97 -38.62
N LYS E 269 37.36 -14.63 -39.75
CA LYS E 269 36.70 -13.96 -40.86
C LYS E 269 35.32 -14.54 -41.14
N CYS E 270 34.34 -13.65 -41.24
CA CYS E 270 32.96 -14.04 -41.50
C CYS E 270 32.79 -14.41 -42.97
N VAL E 271 32.38 -15.64 -43.19
CA VAL E 271 32.20 -16.16 -44.53
C VAL E 271 30.76 -16.04 -45.06
N ALA E 272 29.80 -15.95 -44.16
CA ALA E 272 28.41 -15.84 -44.60
C ALA E 272 27.45 -15.36 -43.51
N VAL E 273 26.53 -14.51 -43.91
CA VAL E 273 25.53 -13.95 -43.02
C VAL E 273 24.14 -14.30 -43.55
N GLY E 274 23.28 -14.80 -42.66
CA GLY E 274 21.95 -15.17 -43.10
C GLY E 274 20.81 -14.42 -42.44
N GLU E 275 19.69 -14.38 -43.15
CA GLU E 275 18.48 -13.73 -42.68
C GLU E 275 17.27 -14.51 -43.17
N SER E 276 16.08 -14.00 -42.89
CA SER E 276 14.84 -14.66 -43.30
C SER E 276 14.64 -14.65 -44.82
N ASP E 277 15.10 -13.59 -45.49
CA ASP E 277 14.97 -13.48 -46.95
C ASP E 277 15.88 -14.51 -47.58
N GLY E 278 17.08 -14.62 -47.04
CA GLY E 278 18.08 -15.54 -47.55
C GLY E 278 19.42 -15.21 -46.94
N SER E 279 20.50 -15.51 -47.63
CA SER E 279 21.84 -15.26 -47.11
C SER E 279 22.80 -14.78 -48.19
N ILE E 280 24.01 -14.41 -47.78
CA ILE E 280 25.03 -13.95 -48.70
C ILE E 280 26.31 -14.72 -48.36
N TRP E 281 27.31 -14.67 -49.24
CA TRP E 281 28.54 -15.43 -49.03
C TRP E 281 29.78 -14.85 -49.72
N ASN E 282 30.95 -15.11 -49.15
CA ASN E 282 32.23 -14.66 -49.70
C ASN E 282 33.33 -15.34 -48.91
N PRO E 283 34.08 -16.24 -49.58
CA PRO E 283 35.17 -16.97 -48.92
C PRO E 283 36.31 -16.10 -48.39
N ASP E 284 36.45 -14.88 -48.90
CA ASP E 284 37.51 -13.99 -48.41
C ASP E 284 37.07 -13.20 -47.19
N GLY E 285 35.84 -13.44 -46.76
CA GLY E 285 35.32 -12.73 -45.61
C GLY E 285 34.47 -11.51 -45.96
N ILE E 286 33.64 -11.14 -44.99
CA ILE E 286 32.75 -10.00 -45.11
C ILE E 286 33.02 -9.12 -43.89
N ASP E 287 33.06 -7.81 -44.10
CA ASP E 287 33.34 -6.89 -43.00
C ASP E 287 32.05 -6.51 -42.28
N PRO E 288 32.01 -6.68 -40.95
CA PRO E 288 30.83 -6.36 -40.15
C PRO E 288 30.34 -4.91 -40.25
N LYS E 289 31.26 -3.96 -40.28
CA LYS E 289 30.89 -2.55 -40.37
C LYS E 289 30.21 -2.21 -41.69
N GLU E 290 30.77 -2.62 -42.82
CA GLU E 290 30.19 -2.33 -44.13
C GLU E 290 28.80 -2.98 -44.26
N LEU E 291 28.71 -4.25 -43.86
CA LEU E 291 27.45 -5.00 -43.94
C LEU E 291 26.36 -4.33 -43.11
N GLU E 292 26.72 -3.77 -41.96
CA GLU E 292 25.74 -3.11 -41.11
C GLU E 292 25.22 -1.84 -41.78
N ASP E 293 26.09 -1.12 -42.50
CA ASP E 293 25.69 0.11 -43.17
C ASP E 293 24.71 -0.21 -44.30
N PHE E 294 25.07 -1.22 -45.10
CA PHE E 294 24.23 -1.62 -46.21
C PHE E 294 22.85 -1.97 -45.67
N LYS E 295 22.83 -2.83 -44.66
CA LYS E 295 21.58 -3.27 -44.02
C LYS E 295 20.78 -2.09 -43.49
N LEU E 296 21.48 -1.14 -42.88
CA LEU E 296 20.88 0.04 -42.29
C LEU E 296 20.19 0.91 -43.32
N GLN E 297 20.86 1.12 -44.45
CA GLN E 297 20.30 1.97 -45.50
C GLN E 297 19.29 1.26 -46.41
N HIS E 298 19.48 -0.04 -46.65
CA HIS E 298 18.60 -0.80 -47.55
C HIS E 298 17.60 -1.74 -46.90
N GLY E 299 17.69 -1.92 -45.59
CA GLY E 299 16.76 -2.79 -44.91
C GLY E 299 16.95 -4.28 -45.14
N THR E 300 18.02 -4.65 -45.85
CA THR E 300 18.31 -6.06 -46.13
C THR E 300 19.79 -6.27 -46.47
N ILE E 301 20.30 -7.45 -46.13
CA ILE E 301 21.70 -7.76 -46.41
C ILE E 301 21.87 -8.24 -47.84
N LEU E 302 20.79 -8.79 -48.40
CA LEU E 302 20.83 -9.31 -49.77
C LEU E 302 21.09 -8.21 -50.78
N GLY E 303 22.07 -8.45 -51.64
CA GLY E 303 22.42 -7.47 -52.64
C GLY E 303 23.65 -6.71 -52.24
N PHE E 304 24.26 -7.10 -51.14
CA PHE E 304 25.48 -6.46 -50.65
C PHE E 304 26.58 -6.59 -51.73
N PRO E 305 27.20 -5.47 -52.12
CA PRO E 305 28.26 -5.53 -53.14
C PRO E 305 29.47 -6.40 -52.86
N LYS E 306 30.06 -6.34 -51.67
CA LYS E 306 31.27 -7.14 -51.43
C LYS E 306 30.99 -8.61 -51.06
N ALA E 307 29.92 -9.15 -51.61
CA ALA E 307 29.54 -10.55 -51.37
C ALA E 307 28.50 -10.99 -52.41
N LYS E 308 28.19 -12.29 -52.45
CA LYS E 308 27.20 -12.81 -53.40
C LYS E 308 26.03 -13.49 -52.71
N ILE E 309 24.86 -13.37 -53.32
CA ILE E 309 23.66 -13.99 -52.77
C ILE E 309 23.82 -15.52 -52.78
N TYR E 310 23.96 -16.10 -51.60
CA TYR E 310 24.15 -17.55 -51.46
C TYR E 310 22.83 -18.29 -51.61
N GLU E 311 22.87 -19.45 -52.25
CA GLU E 311 21.68 -20.23 -52.45
C GLU E 311 21.92 -21.64 -51.93
N GLY E 312 21.62 -21.88 -50.66
CA GLY E 312 21.82 -23.20 -50.10
C GLY E 312 21.94 -23.29 -48.59
N SER E 313 20.97 -22.75 -47.87
CA SER E 313 20.97 -22.81 -46.39
C SER E 313 22.28 -22.39 -45.72
N ILE E 314 22.25 -21.23 -45.07
CA ILE E 314 23.38 -20.65 -44.35
C ILE E 314 23.98 -21.63 -43.33
N LEU E 315 23.16 -22.56 -42.85
CA LEU E 315 23.58 -23.54 -41.86
C LEU E 315 24.49 -24.62 -42.43
N GLU E 316 24.39 -24.84 -43.74
CA GLU E 316 25.18 -25.86 -44.42
C GLU E 316 26.43 -25.33 -45.09
N VAL E 317 26.64 -24.03 -45.02
CA VAL E 317 27.83 -23.44 -45.63
C VAL E 317 29.10 -24.08 -45.04
N ASP E 318 30.21 -23.92 -45.75
CA ASP E 318 31.49 -24.47 -45.33
C ASP E 318 32.23 -23.47 -44.46
N CYS E 319 32.48 -23.87 -43.22
CA CYS E 319 33.20 -23.01 -42.28
C CYS E 319 33.57 -23.76 -41.02
N ASP E 320 34.45 -23.16 -40.23
CA ASP E 320 34.93 -23.70 -38.98
C ASP E 320 33.88 -23.59 -37.88
N ILE E 321 33.28 -22.41 -37.74
CA ILE E 321 32.28 -22.16 -36.70
C ILE E 321 30.95 -21.64 -37.24
N LEU E 322 29.86 -22.28 -36.82
CA LEU E 322 28.50 -21.89 -37.21
C LEU E 322 27.75 -21.33 -36.01
N ILE E 323 27.29 -20.09 -36.15
CA ILE E 323 26.57 -19.42 -35.08
C ILE E 323 25.11 -19.16 -35.39
N PRO E 324 24.23 -20.10 -35.02
CA PRO E 324 22.83 -19.79 -35.31
C PRO E 324 22.35 -18.76 -34.29
N ALA E 325 21.97 -17.56 -34.75
CA ALA E 325 21.50 -16.50 -33.85
C ALA E 325 20.16 -15.98 -34.30
N ALA E 326 19.23 -16.88 -34.59
CA ALA E 326 17.90 -16.49 -35.01
C ALA E 326 16.86 -17.09 -34.07
N SER E 327 16.07 -18.04 -34.55
CA SER E 327 15.07 -18.64 -33.69
C SER E 327 15.39 -20.10 -33.41
N GLU E 328 14.51 -20.75 -32.65
CA GLU E 328 14.68 -22.13 -32.27
C GLU E 328 14.47 -23.19 -33.38
N LYS E 329 14.98 -24.39 -33.11
CA LYS E 329 14.86 -25.54 -34.00
C LYS E 329 15.24 -25.27 -35.45
N GLN E 330 16.44 -24.74 -35.65
CA GLN E 330 16.96 -24.44 -36.98
C GLN E 330 17.89 -25.55 -37.47
N LEU E 331 18.37 -26.35 -36.52
CA LEU E 331 19.24 -27.50 -36.80
C LEU E 331 18.52 -28.76 -36.30
N THR E 332 18.10 -29.61 -37.24
CA THR E 332 17.36 -30.83 -36.92
C THR E 332 17.99 -32.09 -37.52
N LYS E 333 17.28 -33.20 -37.39
CA LYS E 333 17.76 -34.49 -37.90
C LYS E 333 18.02 -34.45 -39.41
N SER E 334 17.27 -33.62 -40.12
CA SER E 334 17.41 -33.50 -41.57
C SER E 334 18.66 -32.78 -42.05
N ASN E 335 18.89 -31.55 -41.59
CA ASN E 335 20.08 -30.82 -42.03
C ASN E 335 21.36 -31.08 -41.24
N ALA E 336 21.23 -31.69 -40.07
CA ALA E 336 22.42 -31.93 -39.24
C ALA E 336 23.60 -32.64 -39.92
N PRO E 337 23.35 -33.70 -40.66
CA PRO E 337 24.47 -34.39 -41.32
C PRO E 337 25.22 -33.51 -42.33
N ARG E 338 24.73 -32.30 -42.55
CA ARG E 338 25.32 -31.39 -43.53
C ARG E 338 25.93 -30.08 -43.00
N VAL E 339 26.16 -29.94 -41.70
CA VAL E 339 26.68 -28.66 -41.20
C VAL E 339 28.06 -28.19 -41.68
N LYS E 340 28.98 -29.12 -41.95
CA LYS E 340 30.33 -28.77 -42.41
C LYS E 340 31.16 -28.06 -41.33
N ALA E 341 30.51 -27.54 -40.30
CA ALA E 341 31.22 -26.84 -39.22
C ALA E 341 31.57 -27.79 -38.10
N LYS E 342 32.69 -27.53 -37.43
CA LYS E 342 33.12 -28.40 -36.32
C LYS E 342 32.57 -27.85 -35.01
N ILE E 343 32.29 -26.55 -34.97
CA ILE E 343 31.77 -25.93 -33.77
C ILE E 343 30.44 -25.23 -33.99
N ILE E 344 29.42 -25.62 -33.21
CA ILE E 344 28.11 -24.98 -33.28
C ILE E 344 28.02 -24.08 -32.05
N ALA E 345 28.08 -22.76 -32.25
CA ALA E 345 27.98 -21.83 -31.13
C ALA E 345 26.54 -21.28 -31.08
N GLU E 346 25.73 -21.82 -30.19
CA GLU E 346 24.32 -21.40 -30.07
C GLU E 346 24.07 -20.00 -29.51
N GLY E 347 23.96 -19.01 -30.38
CA GLY E 347 23.68 -17.66 -29.94
C GLY E 347 22.22 -17.57 -29.57
N ALA E 348 21.37 -18.19 -30.39
CA ALA E 348 19.95 -18.19 -30.17
C ALA E 348 19.55 -19.21 -29.10
N ASN E 349 18.31 -19.13 -28.65
CA ASN E 349 17.80 -20.08 -27.67
C ASN E 349 17.20 -21.27 -28.39
N GLY E 350 17.58 -22.47 -27.97
CA GLY E 350 17.07 -23.69 -28.56
C GLY E 350 17.18 -23.85 -30.07
N PRO E 351 18.31 -23.47 -30.70
CA PRO E 351 18.37 -23.65 -32.16
C PRO E 351 18.58 -25.07 -32.66
N THR E 352 19.00 -25.98 -31.78
CA THR E 352 19.20 -27.37 -32.22
C THR E 352 18.31 -28.36 -31.47
N THR E 353 17.72 -29.28 -32.24
CA THR E 353 16.83 -30.30 -31.69
C THR E 353 17.61 -31.39 -30.96
N PRO E 354 16.94 -32.16 -30.09
CA PRO E 354 17.66 -33.21 -29.39
C PRO E 354 18.20 -34.23 -30.37
N GLU E 355 17.39 -34.57 -31.36
CA GLU E 355 17.76 -35.56 -32.36
C GLU E 355 18.96 -35.06 -33.18
N ALA E 356 19.06 -33.75 -33.35
CA ALA E 356 20.16 -33.17 -34.10
C ALA E 356 21.43 -33.22 -33.23
N ASP E 357 21.24 -33.21 -31.92
CA ASP E 357 22.36 -33.25 -30.99
C ASP E 357 23.14 -34.56 -31.09
N LYS E 358 22.42 -35.66 -31.33
CA LYS E 358 23.04 -36.97 -31.46
C LYS E 358 23.98 -37.01 -32.65
N ILE E 359 23.42 -36.64 -33.80
CA ILE E 359 24.19 -36.62 -35.04
C ILE E 359 25.44 -35.77 -34.82
N PHE E 360 25.31 -34.67 -34.09
CA PHE E 360 26.44 -33.80 -33.81
C PHE E 360 27.49 -34.48 -32.89
N LEU E 361 27.02 -35.34 -31.99
CA LEU E 361 27.92 -36.05 -31.08
C LEU E 361 28.68 -37.11 -31.86
N GLU E 362 28.00 -37.75 -32.82
CA GLU E 362 28.62 -38.78 -33.64
C GLU E 362 29.63 -38.17 -34.60
N ARG E 363 29.22 -37.14 -35.34
CA ARG E 363 30.13 -36.52 -36.30
C ARG E 363 31.26 -35.74 -35.60
N ASN E 364 31.34 -35.87 -34.27
CA ASN E 364 32.35 -35.18 -33.46
C ASN E 364 32.33 -33.65 -33.63
N ILE E 365 31.13 -33.09 -33.56
CA ILE E 365 30.90 -31.65 -33.67
C ILE E 365 30.61 -31.14 -32.25
N MET E 366 31.37 -30.16 -31.77
CA MET E 366 31.16 -29.62 -30.43
C MET E 366 30.04 -28.57 -30.42
N VAL E 367 29.01 -28.79 -29.63
CA VAL E 367 27.92 -27.83 -29.53
C VAL E 367 28.04 -27.08 -28.21
N ILE E 368 28.44 -25.81 -28.29
CA ILE E 368 28.56 -24.98 -27.10
C ILE E 368 27.12 -24.59 -26.81
N PRO E 369 26.52 -25.16 -25.76
CA PRO E 369 25.13 -24.87 -25.39
C PRO E 369 24.71 -23.44 -25.12
N ASP E 370 23.47 -23.15 -25.51
CA ASP E 370 22.86 -21.85 -25.37
C ASP E 370 22.73 -21.30 -23.95
N LEU E 371 22.43 -22.18 -23.00
CA LEU E 371 22.24 -21.77 -21.63
C LEU E 371 23.53 -21.28 -20.97
N TYR E 372 24.63 -21.37 -21.70
CA TYR E 372 25.91 -20.86 -21.24
C TYR E 372 26.34 -19.81 -22.23
N LEU E 373 26.42 -20.21 -23.49
CA LEU E 373 26.91 -19.34 -24.55
C LEU E 373 26.20 -18.00 -24.76
N ASN E 374 24.88 -17.96 -24.67
CA ASN E 374 24.22 -16.66 -24.89
C ASN E 374 23.90 -15.90 -23.60
N ALA E 375 24.24 -16.47 -22.45
CA ALA E 375 23.96 -15.82 -21.17
C ALA E 375 24.66 -14.47 -20.92
N GLY E 376 25.42 -13.98 -21.89
CA GLY E 376 26.05 -12.69 -21.70
C GLY E 376 25.02 -11.58 -21.58
N GLY E 377 23.88 -11.76 -22.24
CA GLY E 377 22.81 -10.77 -22.19
C GLY E 377 22.16 -10.62 -20.82
N VAL E 378 21.80 -11.74 -20.19
CA VAL E 378 21.20 -11.71 -18.86
C VAL E 378 22.20 -11.26 -17.83
N THR E 379 23.45 -11.66 -18.03
CA THR E 379 24.51 -11.28 -17.12
C THR E 379 24.62 -9.75 -17.05
N VAL E 380 24.66 -9.11 -18.20
CA VAL E 380 24.76 -7.69 -18.17
C VAL E 380 23.41 -7.06 -17.77
N SER E 381 22.31 -7.76 -17.99
CA SER E 381 21.00 -7.25 -17.56
C SER E 381 21.00 -7.18 -16.02
N TYR E 382 21.64 -8.18 -15.40
CA TYR E 382 21.80 -8.24 -13.94
C TYR E 382 22.59 -7.00 -13.49
N PHE E 383 23.61 -6.63 -14.26
CA PHE E 383 24.42 -5.46 -13.90
C PHE E 383 23.57 -4.18 -14.01
N GLU E 384 22.71 -4.12 -15.03
CA GLU E 384 21.84 -2.95 -15.21
C GLU E 384 20.92 -2.80 -14.00
N TRP E 385 20.30 -3.92 -13.62
CA TRP E 385 19.38 -3.95 -12.49
C TRP E 385 20.11 -3.44 -11.24
N LEU E 386 21.29 -3.97 -10.98
CA LEU E 386 22.10 -3.58 -9.82
C LEU E 386 22.40 -2.08 -9.82
N LYS E 387 22.73 -1.56 -11.00
CA LYS E 387 23.03 -0.15 -11.16
C LYS E 387 21.81 0.71 -10.81
N ASN E 388 20.63 0.29 -11.25
CA ASN E 388 19.40 1.00 -10.94
C ASN E 388 19.12 1.01 -9.42
N LEU E 389 19.42 -0.09 -8.72
CA LEU E 389 19.19 -0.17 -7.29
C LEU E 389 20.19 0.70 -6.52
N ASN E 390 21.42 0.86 -7.05
CA ASN E 390 22.42 1.68 -6.39
C ASN E 390 22.33 3.18 -6.70
N HIS E 391 21.60 3.55 -7.73
CA HIS E 391 21.45 4.96 -8.09
C HIS E 391 22.71 5.81 -8.27
N VAL E 392 23.83 5.18 -8.64
CA VAL E 392 25.10 5.89 -8.88
C VAL E 392 25.86 5.34 -10.09
N SER E 393 26.63 6.20 -10.81
CA SER E 393 27.48 5.78 -11.94
C SER E 393 28.72 5.17 -11.29
N TYR E 394 29.04 3.93 -11.66
CA TYR E 394 30.19 3.26 -11.06
C TYR E 394 31.44 4.11 -11.17
N GLY E 395 32.16 4.28 -10.05
CA GLY E 395 33.39 5.06 -10.04
C GLY E 395 33.29 6.53 -9.67
N ARG E 396 32.15 7.14 -9.96
CA ARG E 396 31.91 8.57 -9.68
C ARG E 396 32.36 9.05 -8.31
N LEU E 397 32.13 8.25 -7.27
CA LEU E 397 32.52 8.69 -5.94
C LEU E 397 34.00 8.43 -5.64
N THR E 398 34.62 7.56 -6.42
CA THR E 398 35.99 7.16 -6.15
C THR E 398 37.14 7.47 -7.10
N PHE E 399 36.85 8.00 -8.28
CA PHE E 399 37.88 8.32 -9.27
C PHE E 399 39.07 9.12 -8.73
N LYS E 400 38.82 10.31 -8.20
CA LYS E 400 39.89 11.14 -7.66
C LYS E 400 40.59 10.48 -6.49
N TYR E 401 39.84 9.82 -5.61
CA TYR E 401 40.48 9.20 -4.46
C TYR E 401 41.43 8.08 -4.88
N GLU E 402 40.99 7.20 -5.78
CA GLU E 402 41.85 6.11 -6.22
C GLU E 402 43.04 6.57 -7.05
N ARG E 403 42.85 7.63 -7.83
CA ARG E 403 43.92 8.18 -8.65
C ARG E 403 45.01 8.71 -7.72
N ASP E 404 44.63 9.63 -6.83
CA ASP E 404 45.57 10.22 -5.89
C ASP E 404 46.23 9.11 -5.08
N SER E 405 45.44 8.12 -4.74
CA SER E 405 45.91 6.99 -3.95
C SER E 405 47.00 6.16 -4.64
N ASN E 406 46.79 5.84 -5.92
CA ASN E 406 47.77 5.04 -6.65
C ASN E 406 49.10 5.77 -6.85
N TYR E 407 49.04 7.09 -7.01
CA TYR E 407 50.26 7.86 -7.20
C TYR E 407 51.07 7.89 -5.90
N HIS E 408 50.38 7.97 -4.76
CA HIS E 408 51.07 7.97 -3.48
C HIS E 408 51.63 6.58 -3.17
N LEU E 409 50.99 5.54 -3.68
CA LEU E 409 51.45 4.17 -3.48
C LEU E 409 52.75 4.02 -4.28
N LEU E 410 52.70 4.47 -5.52
CA LEU E 410 53.85 4.42 -6.41
C LEU E 410 54.95 5.33 -5.87
N MET E 411 54.55 6.44 -5.25
CA MET E 411 55.55 7.36 -4.72
C MET E 411 56.21 6.74 -3.50
N SER E 412 55.49 5.87 -2.81
CA SER E 412 56.04 5.19 -1.63
C SER E 412 57.16 4.22 -2.01
N VAL E 413 57.06 3.63 -3.20
CA VAL E 413 58.10 2.71 -3.60
C VAL E 413 59.24 3.55 -4.12
N GLN E 414 58.90 4.64 -4.83
CA GLN E 414 59.93 5.54 -5.36
C GLN E 414 60.78 6.11 -4.22
N GLU E 415 60.13 6.67 -3.20
CA GLU E 415 60.86 7.26 -2.07
C GLU E 415 61.61 6.26 -1.24
N SER E 416 61.06 5.06 -1.09
CA SER E 416 61.73 4.02 -0.30
C SER E 416 63.06 3.61 -0.94
N LEU E 417 63.07 3.55 -2.26
CA LEU E 417 64.25 3.17 -3.01
C LEU E 417 65.28 4.29 -3.09
N GLU E 418 64.80 5.54 -3.17
CA GLU E 418 65.70 6.67 -3.21
C GLU E 418 66.34 6.82 -1.82
N ARG E 419 65.59 6.40 -0.81
CA ARG E 419 66.04 6.45 0.58
C ARG E 419 67.16 5.42 0.74
N LYS E 420 66.94 4.23 0.17
CA LYS E 420 67.94 3.18 0.26
C LYS E 420 69.14 3.51 -0.60
N PHE E 421 68.95 3.42 -1.92
CA PHE E 421 69.97 3.73 -2.89
C PHE E 421 70.18 5.26 -2.96
N GLY E 422 70.47 5.85 -1.80
CA GLY E 422 70.67 7.29 -1.68
C GLY E 422 71.03 8.14 -2.90
N LYS E 423 72.33 8.35 -3.09
CA LYS E 423 72.83 9.15 -4.21
C LYS E 423 73.42 8.25 -5.30
N HIS E 424 73.61 6.97 -4.96
CA HIS E 424 74.12 6.00 -5.94
C HIS E 424 73.15 6.00 -7.11
N GLY E 425 71.88 5.70 -6.82
CA GLY E 425 70.86 5.64 -7.84
C GLY E 425 70.42 6.98 -8.43
N GLY E 426 70.12 7.96 -7.57
CA GLY E 426 69.67 9.27 -8.05
C GLY E 426 68.15 9.30 -7.99
N THR E 427 67.49 9.89 -9.00
CA THR E 427 66.03 9.89 -9.02
C THR E 427 65.65 8.55 -9.61
N ILE E 428 64.63 7.92 -9.02
CA ILE E 428 64.15 6.63 -9.48
C ILE E 428 62.65 6.76 -9.70
N PRO E 429 62.26 7.40 -10.82
CA PRO E 429 60.86 7.61 -11.19
C PRO E 429 60.10 6.29 -11.26
N ILE E 430 59.02 6.20 -10.49
CA ILE E 430 58.17 5.02 -10.51
C ILE E 430 56.91 5.56 -11.16
N VAL E 431 56.71 5.19 -12.42
CA VAL E 431 55.60 5.67 -13.21
C VAL E 431 54.71 4.56 -13.72
N PRO E 432 53.40 4.84 -13.88
CA PRO E 432 52.55 3.77 -14.38
C PRO E 432 52.90 3.39 -15.82
N THR E 433 52.59 2.14 -16.19
CA THR E 433 52.80 1.70 -17.56
C THR E 433 51.60 2.33 -18.26
N ALA E 434 51.59 2.31 -19.60
CA ALA E 434 50.48 2.90 -20.33
C ALA E 434 49.16 2.24 -19.93
N GLU E 435 49.20 0.91 -19.78
CA GLU E 435 48.03 0.13 -19.40
C GLU E 435 47.51 0.50 -18.03
N PHE E 436 48.42 0.60 -17.06
CA PHE E 436 48.00 0.96 -15.72
C PHE E 436 47.53 2.41 -15.64
N GLN E 437 48.01 3.24 -16.57
CA GLN E 437 47.62 4.66 -16.60
C GLN E 437 46.11 4.78 -16.90
N ASP E 438 45.60 3.84 -17.69
CA ASP E 438 44.21 3.81 -18.08
C ASP E 438 43.34 3.23 -17.00
N ARG E 439 43.98 2.63 -16.01
CA ARG E 439 43.27 2.02 -14.90
C ARG E 439 43.58 2.78 -13.62
N ILE E 440 44.25 3.92 -13.75
CA ILE E 440 44.65 4.72 -12.60
C ILE E 440 43.56 5.25 -11.67
N SER E 441 42.40 5.60 -12.22
CA SER E 441 41.32 6.12 -11.37
C SER E 441 40.33 5.04 -10.99
N GLY E 442 40.67 3.78 -11.27
CA GLY E 442 39.77 2.69 -10.96
C GLY E 442 38.77 2.45 -12.08
N ALA E 443 37.94 1.43 -11.88
CA ALA E 443 36.94 1.04 -12.87
C ALA E 443 35.75 1.98 -13.07
N SER E 444 35.32 2.09 -14.32
CA SER E 444 34.16 2.90 -14.68
C SER E 444 33.07 1.87 -15.03
N GLU E 445 31.85 2.31 -15.38
CA GLU E 445 30.73 1.43 -15.74
C GLU E 445 31.12 0.48 -16.87
N LYS E 446 31.68 1.04 -17.95
CA LYS E 446 32.10 0.24 -19.10
C LYS E 446 33.10 -0.84 -18.67
N ASP E 447 34.01 -0.47 -17.79
CA ASP E 447 35.03 -1.39 -17.31
C ASP E 447 34.42 -2.60 -16.60
N ILE E 448 33.52 -2.32 -15.66
CA ILE E 448 32.83 -3.37 -14.91
C ILE E 448 32.02 -4.33 -15.79
N VAL E 449 31.35 -3.79 -16.80
CA VAL E 449 30.56 -4.60 -17.69
C VAL E 449 31.46 -5.60 -18.42
N HIS E 450 32.50 -5.08 -19.05
CA HIS E 450 33.44 -5.91 -19.80
C HIS E 450 34.13 -6.95 -18.96
N SER E 451 34.79 -6.50 -17.90
CA SER E 451 35.51 -7.42 -17.03
C SER E 451 34.56 -8.32 -16.25
N GLY E 452 33.37 -7.83 -15.95
CA GLY E 452 32.40 -8.64 -15.23
C GLY E 452 31.89 -9.75 -16.12
N LEU E 453 31.60 -9.42 -17.38
CA LEU E 453 31.13 -10.42 -18.33
C LEU E 453 32.20 -11.48 -18.62
N ALA E 454 33.41 -11.03 -18.99
CA ALA E 454 34.50 -11.97 -19.27
C ALA E 454 34.69 -12.93 -18.08
N TYR E 455 34.68 -12.39 -16.87
CA TYR E 455 34.85 -13.18 -15.67
C TYR E 455 33.79 -14.25 -15.54
N THR E 456 32.55 -13.85 -15.76
CA THR E 456 31.41 -14.76 -15.66
C THR E 456 31.50 -15.88 -16.70
N MET E 457 31.73 -15.53 -17.96
CA MET E 457 31.83 -16.52 -19.02
C MET E 457 32.98 -17.52 -18.77
N GLU E 458 34.05 -17.02 -18.16
CA GLU E 458 35.22 -17.85 -17.86
C GLU E 458 34.91 -18.76 -16.67
N ARG E 459 34.38 -18.21 -15.59
CA ARG E 459 34.07 -19.03 -14.44
C ARG E 459 33.11 -20.17 -14.79
N SER E 460 32.06 -19.84 -15.55
CA SER E 460 31.08 -20.84 -15.96
C SER E 460 31.64 -21.85 -16.96
N ALA E 461 32.55 -21.39 -17.81
CA ALA E 461 33.17 -22.28 -18.79
C ALA E 461 33.96 -23.36 -18.06
N ARG E 462 34.81 -22.98 -17.11
CA ARG E 462 35.59 -23.96 -16.36
C ARG E 462 34.65 -24.95 -15.65
N GLN E 463 33.60 -24.42 -15.02
CA GLN E 463 32.63 -25.23 -14.30
C GLN E 463 32.06 -26.30 -15.21
N ILE E 464 31.79 -25.92 -16.45
CA ILE E 464 31.26 -26.85 -17.40
C ILE E 464 32.30 -27.89 -17.79
N MET E 465 33.54 -27.45 -18.05
CA MET E 465 34.62 -28.37 -18.40
C MET E 465 34.85 -29.40 -17.29
N ARG E 466 34.95 -28.91 -16.05
CA ARG E 466 35.17 -29.78 -14.90
C ARG E 466 34.07 -30.83 -14.82
N THR E 467 32.85 -30.42 -15.15
CA THR E 467 31.73 -31.34 -15.10
C THR E 467 31.72 -32.31 -16.28
N ALA E 468 32.11 -31.85 -17.46
CA ALA E 468 32.14 -32.72 -18.62
C ALA E 468 33.17 -33.82 -18.31
N MET E 469 34.25 -33.45 -17.62
CA MET E 469 35.31 -34.40 -17.25
C MET E 469 34.84 -35.42 -16.19
N LYS E 470 34.32 -34.91 -15.07
CA LYS E 470 33.86 -35.75 -13.97
C LYS E 470 32.85 -36.82 -14.38
N TYR E 471 32.18 -36.60 -15.52
CA TYR E 471 31.19 -37.57 -15.99
C TYR E 471 31.48 -38.14 -17.37
N ASN E 472 32.68 -37.85 -17.86
CA ASN E 472 33.15 -38.30 -19.16
C ASN E 472 32.08 -38.08 -20.22
N LEU E 473 31.60 -36.84 -20.32
CA LEU E 473 30.55 -36.51 -21.28
C LEU E 473 31.12 -36.12 -22.65
N GLY E 474 32.44 -36.02 -22.75
CA GLY E 474 33.06 -35.67 -24.00
C GLY E 474 32.62 -34.32 -24.54
N LEU E 475 32.05 -34.31 -25.74
CA LEU E 475 31.58 -33.05 -26.37
C LEU E 475 30.11 -32.78 -26.07
N ASP E 476 29.58 -33.38 -25.03
CA ASP E 476 28.20 -33.19 -24.63
C ASP E 476 28.19 -32.10 -23.56
N LEU E 477 28.50 -30.88 -23.98
CA LEU E 477 28.54 -29.75 -23.06
C LEU E 477 27.17 -29.34 -22.55
N ARG E 478 26.16 -29.53 -23.38
CA ARG E 478 24.80 -29.17 -22.99
C ARG E 478 24.43 -29.91 -21.71
N THR E 479 24.67 -31.20 -21.71
CA THR E 479 24.35 -32.02 -20.54
C THR E 479 25.17 -31.58 -19.33
N ALA E 480 26.42 -31.19 -19.56
CA ALA E 480 27.28 -30.75 -18.47
C ALA E 480 26.68 -29.47 -17.87
N ALA E 481 26.17 -28.61 -18.74
CA ALA E 481 25.54 -27.35 -18.33
C ALA E 481 24.28 -27.58 -17.49
N TYR E 482 23.37 -28.45 -17.97
CA TYR E 482 22.16 -28.71 -17.20
C TYR E 482 22.50 -29.35 -15.85
N VAL E 483 23.58 -30.15 -15.85
CA VAL E 483 24.01 -30.78 -14.63
C VAL E 483 24.39 -29.69 -13.63
N ASN E 484 25.19 -28.73 -14.08
CA ASN E 484 25.60 -27.63 -13.20
C ASN E 484 24.38 -26.84 -12.73
N ALA E 485 23.47 -26.57 -13.65
CA ALA E 485 22.26 -25.80 -13.35
C ALA E 485 21.33 -26.47 -12.36
N ILE E 486 21.06 -27.75 -12.57
CA ILE E 486 20.18 -28.48 -11.66
C ILE E 486 20.83 -28.49 -10.27
N GLU E 487 22.15 -28.61 -10.23
CA GLU E 487 22.88 -28.63 -8.96
C GLU E 487 22.61 -27.32 -8.21
N LYS E 488 22.79 -26.20 -8.89
CA LYS E 488 22.58 -24.91 -8.27
C LYS E 488 21.13 -24.62 -7.88
N VAL E 489 20.17 -24.99 -8.73
CA VAL E 489 18.78 -24.73 -8.40
C VAL E 489 18.37 -25.63 -7.25
N PHE E 490 19.00 -26.80 -7.19
CA PHE E 490 18.77 -27.80 -6.14
C PHE E 490 19.03 -27.32 -4.73
N ARG E 491 20.14 -26.59 -4.57
CA ARG E 491 20.51 -26.07 -3.27
C ARG E 491 19.43 -25.22 -2.62
N VAL E 492 18.96 -24.20 -3.32
CA VAL E 492 17.92 -23.35 -2.75
C VAL E 492 16.76 -24.19 -2.21
N TYR E 493 16.59 -25.39 -2.76
CA TYR E 493 15.51 -26.28 -2.36
C TYR E 493 15.82 -27.22 -1.16
N ASN E 494 17.09 -27.54 -0.93
CA ASN E 494 17.45 -28.40 0.21
C ASN E 494 17.30 -27.67 1.54
N GLU E 495 18.28 -27.89 2.42
CA GLU E 495 18.31 -27.29 3.76
C GLU E 495 17.26 -27.85 4.72
N ALA E 496 17.51 -27.61 6.00
CA ALA E 496 16.64 -28.03 7.09
C ALA E 496 15.25 -27.43 6.89
N GLY E 497 15.19 -26.10 7.00
CA GLY E 497 13.94 -25.36 6.89
C GLY E 497 13.06 -25.58 5.67
N VAL E 498 13.67 -25.64 4.49
CA VAL E 498 12.92 -25.82 3.23
C VAL E 498 12.27 -27.22 3.10
N THR E 499 13.04 -28.29 3.31
CA THR E 499 12.48 -29.66 3.24
C THR E 499 13.20 -30.77 4.05
N PHE E 500 13.28 -30.60 5.37
CA PHE E 500 13.92 -31.60 6.25
C PHE E 500 12.76 -32.38 6.87
N THR E 501 12.68 -33.67 6.50
CA THR E 501 11.63 -34.56 6.97
C THR E 501 10.33 -33.79 7.16
N ALA F 1 -11.28 0.82 48.42
CA ALA F 1 -11.12 -0.65 48.34
C ALA F 1 -11.62 -1.26 49.66
N ASP F 2 -11.05 -2.39 50.08
CA ASP F 2 -11.52 -3.03 51.29
C ASP F 2 -10.54 -4.11 51.80
N ARG F 3 -9.50 -4.37 51.01
CA ARG F 3 -8.41 -5.33 51.28
C ARG F 3 -8.68 -6.83 51.23
N GLU F 4 -9.95 -7.23 51.22
CA GLU F 4 -10.31 -8.66 51.24
C GLU F 4 -10.28 -9.45 49.91
N ASP F 5 -11.35 -9.44 49.13
CA ASP F 5 -11.33 -10.19 47.87
C ASP F 5 -11.14 -9.31 46.66
N ASP F 6 -9.88 -8.91 46.52
CA ASP F 6 -9.38 -8.09 45.45
C ASP F 6 -8.56 -9.07 44.67
N PRO F 7 -9.19 -9.72 43.70
CA PRO F 7 -8.57 -10.72 42.86
C PRO F 7 -8.03 -10.12 41.59
N ASN F 8 -7.23 -10.90 40.89
CA ASN F 8 -6.69 -10.48 39.63
C ASN F 8 -7.97 -10.32 38.79
N PHE F 9 -8.16 -9.10 38.29
CA PHE F 9 -9.33 -8.79 37.47
C PHE F 9 -9.47 -9.79 36.32
N PHE F 10 -8.37 -10.01 35.61
CA PHE F 10 -8.40 -10.97 34.50
C PHE F 10 -8.86 -12.35 34.97
N LYS F 11 -8.23 -12.87 36.03
CA LYS F 11 -8.58 -14.20 36.58
C LYS F 11 -10.05 -14.22 36.99
N MET F 12 -10.52 -13.09 37.51
CA MET F 12 -11.88 -12.93 37.94
C MET F 12 -12.88 -13.16 36.80
N VAL F 13 -12.58 -12.60 35.64
CA VAL F 13 -13.43 -12.75 34.49
C VAL F 13 -13.30 -14.19 33.97
N GLU F 14 -12.09 -14.74 34.04
CA GLU F 14 -11.88 -16.11 33.60
C GLU F 14 -12.74 -17.03 34.49
N GLY F 15 -12.94 -16.60 35.73
CA GLY F 15 -13.75 -17.37 36.64
C GLY F 15 -15.18 -17.32 36.13
N PHE F 16 -15.66 -16.11 35.86
CA PHE F 16 -17.01 -15.95 35.32
C PHE F 16 -17.16 -16.83 34.06
N PHE F 17 -16.14 -16.82 33.20
CA PHE F 17 -16.17 -17.61 31.97
C PHE F 17 -16.27 -19.11 32.25
N ASP F 18 -15.29 -19.63 32.99
CA ASP F 18 -15.26 -21.05 33.32
C ASP F 18 -16.58 -21.57 33.93
N ARG F 19 -17.28 -20.71 34.66
CA ARG F 19 -18.53 -21.10 35.26
C ARG F 19 -19.53 -21.44 34.17
N GLY F 20 -19.68 -20.54 33.21
CA GLY F 20 -20.58 -20.77 32.11
C GLY F 20 -20.10 -21.88 31.20
N ALA F 21 -18.78 -22.01 31.09
CA ALA F 21 -18.20 -23.05 30.26
C ALA F 21 -18.69 -24.41 30.72
N SER F 22 -18.88 -24.56 32.03
CA SER F 22 -19.36 -25.83 32.57
C SER F 22 -20.81 -26.05 32.21
N ILE F 23 -21.63 -25.05 32.51
CA ILE F 23 -23.06 -25.11 32.24
C ILE F 23 -23.43 -25.46 30.78
N VAL F 24 -22.69 -24.95 29.79
CA VAL F 24 -23.04 -25.24 28.38
C VAL F 24 -22.22 -26.30 27.68
N GLU F 25 -21.15 -26.75 28.32
CA GLU F 25 -20.30 -27.73 27.70
C GLU F 25 -21.03 -28.89 27.04
N ASP F 26 -22.21 -29.22 27.55
CA ASP F 26 -22.99 -30.32 26.99
C ASP F 26 -23.74 -29.93 25.72
N LYS F 27 -24.40 -28.78 25.74
CA LYS F 27 -25.12 -28.32 24.57
C LYS F 27 -24.13 -28.11 23.43
N LEU F 28 -22.85 -27.98 23.77
CA LEU F 28 -21.82 -27.77 22.76
C LEU F 28 -21.37 -29.08 22.10
N VAL F 29 -21.26 -30.14 22.89
CA VAL F 29 -20.85 -31.43 22.35
C VAL F 29 -22.00 -31.99 21.53
N GLU F 30 -23.18 -31.45 21.83
CA GLU F 30 -24.41 -31.83 21.17
C GLU F 30 -24.38 -31.19 19.78
N ASP F 31 -24.35 -29.85 19.77
CA ASP F 31 -24.32 -29.07 18.53
C ASP F 31 -23.00 -29.18 17.77
N LEU F 32 -22.05 -29.92 18.33
CA LEU F 32 -20.77 -30.10 17.66
C LEU F 32 -21.03 -30.82 16.36
N LYS F 33 -20.60 -30.21 15.25
CA LYS F 33 -20.78 -30.75 13.92
C LYS F 33 -19.65 -31.69 13.55
N THR F 34 -19.45 -32.72 14.37
CA THR F 34 -18.37 -33.68 14.12
C THR F 34 -18.89 -35.07 13.85
N ARG F 35 -18.18 -35.76 12.96
CA ARG F 35 -18.49 -37.14 12.57
C ARG F 35 -17.87 -38.06 13.62
N GLU F 36 -16.85 -37.56 14.31
CA GLU F 36 -16.21 -38.33 15.37
C GLU F 36 -17.18 -38.34 16.53
N THR F 37 -16.80 -38.92 17.67
CA THR F 37 -17.71 -38.94 18.81
C THR F 37 -17.09 -39.00 20.21
N GLU F 38 -17.97 -39.15 21.20
CA GLU F 38 -17.62 -39.24 22.63
C GLU F 38 -16.63 -38.23 23.21
N GLU F 39 -15.49 -38.73 23.66
CA GLU F 39 -14.45 -37.93 24.28
C GLU F 39 -13.73 -37.00 23.31
N GLN F 40 -13.70 -37.37 22.03
CA GLN F 40 -13.05 -36.52 21.05
C GLN F 40 -13.88 -35.26 20.87
N LYS F 41 -15.20 -35.40 20.93
CA LYS F 41 -16.10 -34.25 20.80
C LYS F 41 -16.01 -33.43 22.08
N ARG F 42 -15.85 -34.13 23.20
CA ARG F 42 -15.75 -33.51 24.52
C ARG F 42 -14.44 -32.73 24.55
N ASN F 43 -13.40 -33.35 24.04
CA ASN F 43 -12.06 -32.77 24.00
C ASN F 43 -11.95 -31.57 23.09
N ARG F 44 -12.57 -31.67 21.93
CA ARG F 44 -12.53 -30.59 20.96
C ARG F 44 -13.16 -29.31 21.52
N VAL F 45 -14.26 -29.47 22.24
CA VAL F 45 -14.92 -28.31 22.83
C VAL F 45 -13.96 -27.66 23.83
N ARG F 46 -13.32 -28.47 24.65
CA ARG F 46 -12.38 -27.93 25.63
C ARG F 46 -11.23 -27.20 24.95
N GLY F 47 -10.74 -27.72 23.83
CA GLY F 47 -9.64 -27.08 23.12
C GLY F 47 -10.05 -25.72 22.58
N ILE F 48 -11.23 -25.66 21.98
CA ILE F 48 -11.73 -24.42 21.44
C ILE F 48 -11.91 -23.39 22.55
N LEU F 49 -12.46 -23.81 23.68
CA LEU F 49 -12.69 -22.91 24.81
C LEU F 49 -11.37 -22.41 25.37
N ARG F 50 -10.35 -23.24 25.26
CA ARG F 50 -9.05 -22.84 25.75
C ARG F 50 -8.47 -21.76 24.85
N ILE F 51 -8.97 -21.66 23.61
CA ILE F 51 -8.47 -20.65 22.68
C ILE F 51 -9.11 -19.28 22.93
N ILE F 52 -10.41 -19.31 23.19
CA ILE F 52 -11.22 -18.12 23.43
C ILE F 52 -10.83 -17.34 24.69
N LYS F 53 -10.47 -18.04 25.78
CA LYS F 53 -10.13 -17.38 27.03
C LYS F 53 -8.93 -16.42 27.01
N PRO F 54 -7.78 -16.87 26.49
CA PRO F 54 -6.67 -15.92 26.49
C PRO F 54 -6.76 -14.86 25.39
N CYS F 55 -6.28 -13.66 25.73
CA CYS F 55 -6.25 -12.55 24.79
C CYS F 55 -5.25 -12.92 23.72
N ASN F 56 -5.57 -12.64 22.47
CA ASN F 56 -4.66 -12.97 21.38
C ASN F 56 -3.46 -12.01 21.31
N HIS F 57 -3.71 -10.70 21.49
CA HIS F 57 -2.64 -9.71 21.43
C HIS F 57 -2.67 -8.64 22.50
N VAL F 58 -1.49 -8.32 23.01
CA VAL F 58 -1.38 -7.25 24.00
C VAL F 58 -0.13 -6.43 23.67
N LEU F 59 -0.33 -5.14 23.48
CA LEU F 59 0.77 -4.25 23.15
C LEU F 59 0.97 -3.33 24.34
N SER F 60 2.21 -3.31 24.84
CA SER F 60 2.58 -2.47 25.97
C SER F 60 3.46 -1.37 25.34
N LEU F 61 3.17 -0.11 25.64
CA LEU F 61 3.94 0.99 25.07
C LEU F 61 4.53 1.91 26.11
N SER F 62 5.65 2.51 25.75
CA SER F 62 6.35 3.43 26.61
C SER F 62 6.83 4.52 25.64
N PHE F 63 6.18 5.67 25.64
CA PHE F 63 6.56 6.74 24.75
C PHE F 63 6.74 8.05 25.48
N PRO F 64 7.67 8.90 25.00
CA PRO F 64 7.88 10.19 25.66
C PRO F 64 7.03 11.34 25.12
N ILE F 65 6.79 12.34 25.96
CA ILE F 65 6.07 13.51 25.56
C ILE F 65 6.72 14.71 26.24
N ARG F 66 6.74 15.85 25.54
CA ARG F 66 7.31 17.06 26.05
C ARG F 66 6.22 17.81 26.82
N ARG F 67 6.38 17.90 28.14
CA ARG F 67 5.43 18.60 29.03
C ARG F 67 5.45 20.09 28.72
N ASP F 68 4.43 20.82 29.16
CA ASP F 68 4.38 22.25 28.88
C ASP F 68 5.56 23.05 29.43
N ASP F 69 6.12 22.62 30.56
CA ASP F 69 7.24 23.36 31.13
C ASP F 69 8.59 22.94 30.56
N GLY F 70 8.58 22.40 29.34
CA GLY F 70 9.82 21.98 28.69
C GLY F 70 10.37 20.60 29.04
N SER F 71 10.05 20.09 30.23
CA SER F 71 10.55 18.79 30.67
C SER F 71 10.04 17.58 29.89
N TRP F 72 10.80 16.49 29.98
CA TRP F 72 10.46 15.24 29.30
C TRP F 72 9.84 14.25 30.28
N GLU F 73 8.84 13.52 29.79
CA GLU F 73 8.16 12.53 30.62
C GLU F 73 7.81 11.28 29.83
N VAL F 74 7.96 10.12 30.45
CA VAL F 74 7.64 8.86 29.80
C VAL F 74 6.29 8.35 30.29
N ILE F 75 5.33 8.17 29.38
CA ILE F 75 4.05 7.66 29.83
C ILE F 75 3.82 6.23 29.31
N GLU F 76 3.13 5.43 30.10
CA GLU F 76 2.89 4.04 29.73
C GLU F 76 1.48 3.85 29.21
N GLY F 77 1.33 2.92 28.26
CA GLY F 77 0.05 2.63 27.69
C GLY F 77 -0.05 1.21 27.23
N TYR F 78 -1.28 0.71 27.12
CA TYR F 78 -1.50 -0.65 26.66
C TYR F 78 -2.80 -0.77 25.89
N ARG F 79 -2.82 -1.73 24.97
CA ARG F 79 -4.05 -2.05 24.26
C ARG F 79 -4.00 -3.55 24.03
N ALA F 80 -5.04 -4.20 24.54
CA ALA F 80 -5.15 -5.63 24.38
C ALA F 80 -6.27 -5.95 23.40
N GLN F 81 -6.07 -6.98 22.60
CA GLN F 81 -7.11 -7.41 21.67
C GLN F 81 -7.36 -8.85 22.13
N HIS F 82 -8.54 -9.08 22.72
CA HIS F 82 -8.87 -10.39 23.22
C HIS F 82 -9.15 -11.40 22.12
N SER F 83 -10.04 -11.01 21.20
CA SER F 83 -10.45 -11.91 20.12
C SER F 83 -10.58 -11.24 18.76
N GLN F 84 -10.28 -11.99 17.71
CA GLN F 84 -10.43 -11.51 16.35
C GLN F 84 -11.43 -12.41 15.65
N HIS F 85 -12.26 -13.12 16.42
CA HIS F 85 -13.21 -14.03 15.82
C HIS F 85 -14.18 -13.25 14.91
N ARG F 86 -14.29 -11.95 15.17
CA ARG F 86 -15.07 -11.02 14.37
C ARG F 86 -14.02 -9.96 14.08
N THR F 87 -13.71 -9.80 12.80
CA THR F 87 -12.62 -8.92 12.32
C THR F 87 -12.31 -7.60 12.99
N PRO F 88 -13.27 -6.66 13.11
CA PRO F 88 -12.83 -5.43 13.80
C PRO F 88 -12.94 -5.61 15.32
N CYS F 89 -11.86 -5.36 16.03
CA CYS F 89 -11.88 -5.45 17.49
C CYS F 89 -12.53 -4.15 17.91
N LYS F 90 -13.13 -4.15 19.10
CA LYS F 90 -13.81 -2.95 19.56
C LYS F 90 -13.61 -2.80 21.07
N GLY F 91 -13.32 -1.59 21.51
CA GLY F 91 -13.12 -1.36 22.92
C GLY F 91 -12.59 0.03 23.21
N GLY F 92 -12.98 0.57 24.35
CA GLY F 92 -12.57 1.90 24.75
C GLY F 92 -11.14 2.10 25.23
N ILE F 93 -10.86 3.34 25.61
CA ILE F 93 -9.56 3.76 26.07
C ILE F 93 -9.72 4.45 27.41
N ARG F 94 -9.10 3.89 28.43
CA ARG F 94 -9.17 4.44 29.79
C ARG F 94 -7.93 5.25 30.18
N TYR F 95 -8.14 6.41 30.82
CA TYR F 95 -7.01 7.21 31.29
C TYR F 95 -7.06 7.17 32.81
N SER F 96 -6.13 6.45 33.41
CA SER F 96 -6.08 6.31 34.87
C SER F 96 -4.78 5.68 35.35
N THR F 97 -4.42 5.97 36.60
CA THR F 97 -3.22 5.40 37.18
C THR F 97 -3.53 3.95 37.56
N ASP F 98 -4.81 3.61 37.68
CA ASP F 98 -5.17 2.25 38.03
C ASP F 98 -4.95 1.30 36.85
N VAL F 99 -4.71 1.81 35.64
CA VAL F 99 -4.55 0.89 34.51
C VAL F 99 -3.28 0.07 34.55
N SER F 100 -3.39 -1.16 34.04
CA SER F 100 -2.27 -2.09 33.99
C SER F 100 -2.58 -3.17 32.97
N VAL F 101 -1.55 -3.92 32.57
CA VAL F 101 -1.69 -5.00 31.63
C VAL F 101 -2.91 -5.86 31.93
N ASP F 102 -3.05 -6.31 33.18
CA ASP F 102 -4.17 -7.17 33.58
C ASP F 102 -5.54 -6.51 33.54
N GLU F 103 -5.60 -5.26 33.96
CA GLU F 103 -6.87 -4.57 33.96
C GLU F 103 -7.38 -4.47 32.53
N VAL F 104 -6.47 -4.12 31.61
CA VAL F 104 -6.82 -3.97 30.22
C VAL F 104 -7.21 -5.29 29.56
N LYS F 105 -6.51 -6.38 29.91
CA LYS F 105 -6.81 -7.70 29.36
C LYS F 105 -8.21 -8.10 29.80
N ALA F 106 -8.49 -7.89 31.08
CA ALA F 106 -9.80 -8.25 31.63
C ALA F 106 -10.91 -7.48 30.92
N LEU F 107 -10.75 -6.15 30.85
CA LEU F 107 -11.72 -5.28 30.17
C LEU F 107 -11.88 -5.73 28.70
N ALA F 108 -10.77 -6.06 28.06
CA ALA F 108 -10.80 -6.47 26.67
C ALA F 108 -11.64 -7.72 26.46
N SER F 109 -11.47 -8.71 27.34
CA SER F 109 -12.25 -9.93 27.21
C SER F 109 -13.72 -9.65 27.56
N LEU F 110 -13.98 -8.76 28.51
CA LEU F 110 -15.36 -8.45 28.82
C LEU F 110 -16.04 -7.84 27.58
N MET F 111 -15.26 -7.11 26.79
CA MET F 111 -15.78 -6.48 25.59
C MET F 111 -16.27 -7.52 24.58
N THR F 112 -15.49 -8.58 24.39
CA THR F 112 -15.91 -9.56 23.42
C THR F 112 -17.11 -10.36 23.91
N TYR F 113 -17.16 -10.68 25.21
CA TYR F 113 -18.31 -11.41 25.71
C TYR F 113 -19.56 -10.52 25.64
N LYS F 114 -19.40 -9.24 25.96
CA LYS F 114 -20.54 -8.34 25.93
C LYS F 114 -21.05 -8.11 24.49
N CYS F 115 -20.15 -8.00 23.53
CA CYS F 115 -20.55 -7.82 22.14
C CYS F 115 -21.32 -9.05 21.68
N ALA F 116 -20.89 -10.22 22.14
CA ALA F 116 -21.56 -11.45 21.78
C ALA F 116 -22.99 -11.47 22.36
N VAL F 117 -23.12 -11.09 23.62
CA VAL F 117 -24.41 -11.07 24.28
C VAL F 117 -25.39 -10.20 23.51
N VAL F 118 -24.90 -9.03 23.13
CA VAL F 118 -25.69 -8.02 22.46
C VAL F 118 -25.69 -8.11 20.92
N ASP F 119 -25.08 -9.18 20.38
CA ASP F 119 -25.01 -9.46 18.94
C ASP F 119 -24.35 -8.40 18.04
N VAL F 120 -23.28 -7.81 18.54
CA VAL F 120 -22.52 -6.81 17.83
C VAL F 120 -21.29 -7.56 17.33
N PRO F 121 -21.09 -7.58 15.99
CA PRO F 121 -19.98 -8.29 15.37
C PRO F 121 -18.56 -7.76 15.52
N PHE F 122 -18.12 -7.64 16.77
CA PHE F 122 -16.76 -7.18 17.05
C PHE F 122 -16.13 -8.06 18.09
N GLY F 123 -14.84 -8.31 17.95
CA GLY F 123 -14.12 -9.07 18.95
C GLY F 123 -13.74 -7.98 19.95
N GLY F 124 -13.49 -8.33 21.22
CA GLY F 124 -13.15 -7.32 22.20
C GLY F 124 -11.71 -6.81 22.25
N ALA F 125 -11.57 -5.54 22.65
CA ALA F 125 -10.27 -4.88 22.77
C ALA F 125 -10.39 -3.80 23.83
N LYS F 126 -9.26 -3.37 24.38
CA LYS F 126 -9.27 -2.31 25.39
C LYS F 126 -7.92 -1.65 25.51
N ALA F 127 -7.92 -0.35 25.78
CA ALA F 127 -6.67 0.38 25.93
C ALA F 127 -6.68 1.18 27.20
N GLY F 128 -5.47 1.41 27.72
CA GLY F 128 -5.32 2.19 28.93
C GLY F 128 -4.00 2.96 28.90
N VAL F 129 -4.08 4.21 29.31
CA VAL F 129 -2.90 5.05 29.41
C VAL F 129 -2.80 5.40 30.89
N LYS F 130 -1.68 5.03 31.52
CA LYS F 130 -1.45 5.26 32.94
C LYS F 130 -1.15 6.70 33.36
N ILE F 131 -2.19 7.52 33.40
CA ILE F 131 -2.04 8.91 33.81
C ILE F 131 -3.31 9.35 34.54
N ASN F 132 -3.18 10.40 35.33
CA ASN F 132 -4.34 10.98 36.02
C ASN F 132 -4.47 12.23 35.18
N PRO F 133 -5.49 12.28 34.32
CA PRO F 133 -5.79 13.41 33.43
C PRO F 133 -5.76 14.78 34.10
N LYS F 134 -6.19 14.84 35.36
CA LYS F 134 -6.24 16.09 36.10
C LYS F 134 -4.89 16.75 36.38
N ASN F 135 -3.81 16.01 36.18
CA ASN F 135 -2.47 16.53 36.42
C ASN F 135 -1.78 16.99 35.14
N TYR F 136 -2.57 17.14 34.07
CA TYR F 136 -2.06 17.58 32.77
C TYR F 136 -2.95 18.67 32.20
N THR F 137 -2.39 19.49 31.31
CA THR F 137 -3.15 20.56 30.66
C THR F 137 -3.83 19.99 29.42
N ASP F 138 -4.74 20.75 28.83
CA ASP F 138 -5.43 20.25 27.65
C ASP F 138 -4.42 19.98 26.54
N ASN F 139 -3.43 20.87 26.45
CA ASN F 139 -2.43 20.75 25.42
C ASN F 139 -1.54 19.52 25.60
N GLU F 140 -1.26 19.16 26.85
CA GLU F 140 -0.43 17.99 27.07
C GLU F 140 -1.29 16.74 26.80
N LEU F 141 -2.56 16.78 27.21
CA LEU F 141 -3.43 15.65 26.96
C LEU F 141 -3.56 15.38 25.46
N GLU F 142 -3.70 16.44 24.66
CA GLU F 142 -3.80 16.29 23.23
C GLU F 142 -2.56 15.59 22.66
N LYS F 143 -1.38 16.05 23.08
CA LYS F 143 -0.13 15.44 22.64
C LYS F 143 -0.12 13.99 23.07
N ILE F 144 -0.58 13.71 24.29
CA ILE F 144 -0.60 12.34 24.75
C ILE F 144 -1.53 11.45 23.91
N THR F 145 -2.76 11.86 23.64
CA THR F 145 -3.61 10.98 22.86
C THR F 145 -3.20 10.88 21.39
N ARG F 146 -2.79 11.97 20.79
CA ARG F 146 -2.37 11.91 19.40
C ARG F 146 -1.16 10.99 19.22
N ARG F 147 -0.16 11.13 20.10
CA ARG F 147 1.01 10.30 20.02
C ARG F 147 0.65 8.83 20.26
N PHE F 148 -0.25 8.58 21.21
CA PHE F 148 -0.67 7.23 21.53
C PHE F 148 -1.37 6.58 20.32
N THR F 149 -2.13 7.37 19.57
CA THR F 149 -2.83 6.88 18.38
C THR F 149 -1.82 6.41 17.34
N MET F 150 -0.84 7.26 17.05
CA MET F 150 0.20 6.90 16.07
C MET F 150 0.91 5.60 16.42
N GLU F 151 1.30 5.43 17.69
CA GLU F 151 1.98 4.20 18.10
C GLU F 151 1.05 3.00 17.90
N LEU F 152 -0.24 3.17 18.18
CA LEU F 152 -1.19 2.08 17.99
C LEU F 152 -1.36 1.81 16.49
N ALA F 153 -1.45 2.87 15.71
CA ALA F 153 -1.61 2.75 14.28
C ALA F 153 -0.43 2.03 13.61
N LYS F 154 0.79 2.36 13.99
CA LYS F 154 1.95 1.71 13.37
C LYS F 154 2.09 0.23 13.66
N LYS F 155 1.45 -0.23 14.74
CA LYS F 155 1.55 -1.63 15.11
C LYS F 155 0.25 -2.40 14.87
N GLY F 156 -0.68 -1.75 14.18
CA GLY F 156 -1.95 -2.38 13.86
C GLY F 156 -2.92 -2.51 15.02
N PHE F 157 -2.98 -1.51 15.88
CA PHE F 157 -3.91 -1.55 16.99
C PHE F 157 -5.01 -0.52 16.89
N ILE F 158 -5.22 -0.04 15.66
CA ILE F 158 -6.29 0.90 15.37
C ILE F 158 -6.46 1.04 13.86
N GLY F 159 -7.71 1.01 13.42
CA GLY F 159 -8.02 1.12 12.00
C GLY F 159 -9.48 0.70 11.82
N PRO F 160 -10.18 1.26 10.82
CA PRO F 160 -11.58 0.93 10.58
C PRO F 160 -11.89 -0.56 10.56
N GLY F 161 -11.00 -1.33 9.95
CA GLY F 161 -11.22 -2.76 9.86
C GLY F 161 -10.38 -3.64 10.76
N VAL F 162 -9.53 -3.05 11.60
CA VAL F 162 -8.72 -3.86 12.50
C VAL F 162 -9.09 -3.67 13.98
N ASP F 163 -9.22 -2.43 14.44
CA ASP F 163 -9.51 -2.17 15.84
C ASP F 163 -10.08 -0.76 16.00
N VAL F 164 -11.28 -0.65 16.57
CA VAL F 164 -11.96 0.64 16.73
C VAL F 164 -12.20 1.06 18.18
N PRO F 165 -11.36 1.98 18.70
CA PRO F 165 -11.51 2.44 20.08
C PRO F 165 -12.79 3.26 20.31
N ALA F 166 -12.93 3.77 21.53
CA ALA F 166 -14.06 4.58 21.96
C ALA F 166 -13.76 5.14 23.35
N PRO F 167 -14.68 5.93 23.93
CA PRO F 167 -14.38 6.45 25.26
C PRO F 167 -14.54 5.42 26.37
N ASP F 168 -14.04 5.78 27.54
CA ASP F 168 -14.13 4.96 28.75
C ASP F 168 -13.82 5.94 29.89
N MET F 169 -13.18 5.47 30.95
CA MET F 169 -12.86 6.36 32.05
C MET F 169 -11.93 7.52 31.73
N SER F 170 -12.45 8.73 31.95
CA SER F 170 -11.74 9.98 31.73
C SER F 170 -11.42 10.31 30.29
N THR F 171 -12.22 9.81 29.35
CA THR F 171 -12.00 10.10 27.94
C THR F 171 -13.39 10.32 27.37
N GLY F 172 -13.50 11.21 26.39
CA GLY F 172 -14.81 11.45 25.80
C GLY F 172 -14.68 11.88 24.37
N GLU F 173 -15.69 12.62 23.90
CA GLU F 173 -15.71 13.14 22.54
C GLU F 173 -14.40 13.79 22.15
N ARG F 174 -13.89 14.65 23.02
CA ARG F 174 -12.66 15.38 22.75
C ARG F 174 -11.52 14.46 22.35
N GLU F 175 -11.23 13.46 23.19
CA GLU F 175 -10.14 12.53 22.88
C GLU F 175 -10.42 11.76 21.59
N MET F 176 -11.66 11.33 21.42
CA MET F 176 -12.04 10.58 20.22
C MET F 176 -11.79 11.42 18.97
N SER F 177 -12.04 12.71 19.08
CA SER F 177 -11.83 13.64 17.99
C SER F 177 -10.35 13.67 17.63
N TRP F 178 -9.51 13.79 18.66
CA TRP F 178 -8.08 13.80 18.44
C TRP F 178 -7.63 12.50 17.76
N ILE F 179 -8.15 11.38 18.25
CA ILE F 179 -7.78 10.09 17.67
C ILE F 179 -8.12 10.02 16.18
N ALA F 180 -9.37 10.34 15.84
CA ALA F 180 -9.85 10.31 14.46
C ALA F 180 -9.00 11.20 13.57
N ASP F 181 -8.73 12.40 14.07
CA ASP F 181 -7.96 13.37 13.33
C ASP F 181 -6.53 12.91 13.06
N THR F 182 -5.91 12.31 14.06
CA THR F 182 -4.54 11.83 13.91
C THR F 182 -4.50 10.70 12.88
N TYR F 183 -5.44 9.77 13.00
CA TYR F 183 -5.48 8.65 12.09
C TYR F 183 -5.75 9.09 10.64
N ALA F 184 -6.80 9.87 10.45
CA ALA F 184 -7.20 10.33 9.11
C ALA F 184 -6.17 11.24 8.44
N SER F 185 -5.41 12.00 9.23
CA SER F 185 -4.40 12.90 8.70
C SER F 185 -3.09 12.21 8.37
N THR F 186 -2.90 11.00 8.88
CA THR F 186 -1.67 10.31 8.60
C THR F 186 -1.90 9.00 7.86
N ILE F 187 -1.89 7.89 8.59
CA ILE F 187 -2.06 6.58 7.99
C ILE F 187 -3.31 6.42 7.12
N GLY F 188 -4.47 6.84 7.62
CA GLY F 188 -5.68 6.68 6.83
C GLY F 188 -6.06 7.82 5.91
N HIS F 189 -5.10 8.66 5.51
CA HIS F 189 -5.45 9.78 4.64
C HIS F 189 -6.04 9.41 3.28
N TYR F 190 -5.84 8.19 2.81
CA TYR F 190 -6.40 7.78 1.53
C TYR F 190 -7.68 6.94 1.74
N ASP F 191 -7.88 6.46 2.97
CA ASP F 191 -9.02 5.62 3.34
C ASP F 191 -10.38 6.32 3.38
N ILE F 192 -11.28 5.89 2.51
CA ILE F 192 -12.60 6.47 2.44
C ILE F 192 -13.33 6.30 3.78
N ASN F 193 -12.95 5.27 4.54
CA ASN F 193 -13.58 4.99 5.84
C ASN F 193 -12.72 5.39 7.04
N ALA F 194 -11.74 6.25 6.82
CA ALA F 194 -10.83 6.67 7.89
C ALA F 194 -11.49 7.08 9.21
N HIS F 195 -12.61 7.78 9.15
CA HIS F 195 -13.25 8.24 10.37
C HIS F 195 -13.99 7.19 11.16
N ALA F 196 -14.06 5.98 10.61
CA ALA F 196 -14.70 4.87 11.29
C ALA F 196 -13.61 4.17 12.13
N CYS F 197 -12.44 4.80 12.24
CA CYS F 197 -11.34 4.19 12.99
C CYS F 197 -11.64 4.29 14.49
N VAL F 198 -12.59 5.13 14.86
CA VAL F 198 -12.91 5.28 16.27
C VAL F 198 -14.37 5.72 16.43
N THR F 199 -14.99 5.39 17.57
CA THR F 199 -16.37 5.81 17.80
C THR F 199 -16.48 6.67 19.05
N GLY F 200 -17.66 7.24 19.26
CA GLY F 200 -17.91 8.11 20.39
C GLY F 200 -17.41 9.49 20.00
N LYS F 201 -17.32 9.71 18.69
CA LYS F 201 -16.83 10.99 18.18
C LYS F 201 -17.90 12.06 18.34
N PRO F 202 -17.48 13.33 18.30
CA PRO F 202 -18.48 14.40 18.44
C PRO F 202 -19.38 14.29 17.20
N ILE F 203 -20.65 14.61 17.35
CA ILE F 203 -21.61 14.54 16.24
C ILE F 203 -21.16 15.27 15.00
N SER F 204 -20.58 16.45 15.18
CA SER F 204 -20.10 17.24 14.05
C SER F 204 -18.89 16.63 13.35
N GLN F 205 -18.29 15.59 13.94
CA GLN F 205 -17.13 14.93 13.35
C GLN F 205 -17.48 13.53 12.86
N GLY F 206 -18.76 13.24 12.72
CA GLY F 206 -19.13 11.91 12.24
C GLY F 206 -19.58 11.01 13.36
N GLY F 207 -19.82 11.59 14.54
CA GLY F 207 -20.29 10.82 15.67
C GLY F 207 -21.78 10.59 15.44
N ILE F 208 -22.43 9.87 16.34
CA ILE F 208 -23.86 9.59 16.17
C ILE F 208 -24.72 10.08 17.32
N HIS F 209 -25.96 10.43 17.00
CA HIS F 209 -26.91 10.88 18.01
C HIS F 209 -27.04 9.92 19.20
N GLY F 210 -27.11 10.48 20.39
CA GLY F 210 -27.27 9.66 21.59
C GLY F 210 -26.17 8.68 21.98
N ARG F 211 -24.95 8.86 21.49
CA ARG F 211 -23.90 7.93 21.88
C ARG F 211 -23.41 8.24 23.30
N ILE F 212 -23.34 9.52 23.66
CA ILE F 212 -22.88 9.92 24.98
C ILE F 212 -23.78 9.32 26.06
N SER F 213 -25.08 9.44 25.89
CA SER F 213 -26.03 8.91 26.86
C SER F 213 -26.46 7.48 26.54
N ALA F 214 -25.86 6.87 25.51
CA ALA F 214 -26.25 5.53 25.13
C ALA F 214 -26.13 4.49 26.26
N THR F 215 -25.10 4.57 27.08
CA THR F 215 -24.98 3.57 28.13
C THR F 215 -26.07 3.73 29.17
N GLY F 216 -26.35 4.97 29.55
CA GLY F 216 -27.39 5.22 30.54
C GLY F 216 -28.73 4.72 30.04
N ARG F 217 -29.05 5.04 28.77
CA ARG F 217 -30.32 4.65 28.16
C ARG F 217 -30.40 3.12 28.19
N GLY F 218 -29.28 2.48 27.89
CA GLY F 218 -29.24 1.03 27.88
C GLY F 218 -29.40 0.46 29.27
N VAL F 219 -28.84 1.12 30.26
CA VAL F 219 -28.94 0.68 31.65
C VAL F 219 -30.43 0.73 32.02
N PHE F 220 -31.11 1.79 31.59
CA PHE F 220 -32.53 1.92 31.86
C PHE F 220 -33.28 0.73 31.29
N HIS F 221 -33.08 0.45 30.01
CA HIS F 221 -33.75 -0.67 29.34
C HIS F 221 -33.46 -2.04 29.96
N GLY F 222 -32.21 -2.24 30.38
CA GLY F 222 -31.83 -3.50 30.97
C GLY F 222 -32.56 -3.74 32.28
N ILE F 223 -32.76 -2.67 33.04
CA ILE F 223 -33.43 -2.77 34.31
C ILE F 223 -34.92 -2.92 34.07
N GLU F 224 -35.42 -2.24 33.06
CA GLU F 224 -36.83 -2.27 32.68
C GLU F 224 -37.28 -3.68 32.32
N ASN F 225 -36.48 -4.34 31.48
CA ASN F 225 -36.76 -5.69 31.03
C ASN F 225 -36.93 -6.71 32.16
N PHE F 226 -36.23 -6.51 33.27
CA PHE F 226 -36.37 -7.44 34.38
C PHE F 226 -37.34 -6.95 35.45
N ILE F 227 -37.32 -5.65 35.71
CA ILE F 227 -38.18 -5.05 36.72
C ILE F 227 -39.66 -5.08 36.36
N ASN F 228 -40.00 -5.61 35.18
CA ASN F 228 -41.39 -5.71 34.76
C ASN F 228 -41.82 -7.15 34.45
N GLU F 229 -41.16 -8.11 35.08
CA GLU F 229 -41.46 -9.51 34.84
C GLU F 229 -42.34 -10.20 35.89
N ALA F 230 -42.32 -9.68 37.10
CA ALA F 230 -43.09 -10.25 38.22
C ALA F 230 -42.57 -11.64 38.59
N SER F 231 -42.28 -12.45 37.57
CA SER F 231 -41.74 -13.79 37.76
C SER F 231 -40.34 -13.63 38.38
N TYR F 232 -39.86 -12.39 38.38
CA TYR F 232 -38.55 -12.08 38.94
C TYR F 232 -38.67 -11.17 40.15
N MET F 233 -39.60 -10.22 40.09
CA MET F 233 -39.83 -9.28 41.18
C MET F 233 -40.51 -9.93 42.38
N SER F 234 -41.21 -11.03 42.14
CA SER F 234 -41.90 -11.71 43.23
C SER F 234 -40.84 -12.32 44.14
N ILE F 235 -39.72 -12.71 43.54
CA ILE F 235 -38.62 -13.35 44.28
C ILE F 235 -37.78 -12.37 45.07
N LEU F 236 -37.90 -11.09 44.73
CA LEU F 236 -37.14 -10.03 45.40
C LEU F 236 -38.04 -9.35 46.44
N GLY F 237 -39.34 -9.55 46.26
CA GLY F 237 -40.31 -8.95 47.17
C GLY F 237 -40.65 -7.53 46.75
N MET F 238 -40.60 -7.30 45.44
CA MET F 238 -40.91 -6.00 44.88
C MET F 238 -42.04 -6.03 43.87
N THR F 239 -42.63 -4.86 43.65
CA THR F 239 -43.70 -4.70 42.69
C THR F 239 -43.04 -4.27 41.38
N PRO F 240 -43.63 -4.67 40.24
CA PRO F 240 -43.01 -4.25 38.97
C PRO F 240 -43.16 -2.76 38.73
N GLY F 241 -42.26 -2.19 37.94
CA GLY F 241 -42.34 -0.78 37.63
C GLY F 241 -41.28 0.08 38.27
N PHE F 242 -41.23 1.34 37.82
CA PHE F 242 -40.26 2.29 38.32
C PHE F 242 -40.89 3.33 39.26
N GLY F 243 -42.18 3.62 39.05
CA GLY F 243 -42.89 4.61 39.86
C GLY F 243 -42.68 4.69 41.36
N ASP F 244 -42.51 3.54 42.01
CA ASP F 244 -42.34 3.52 43.46
C ASP F 244 -40.96 2.99 43.88
N LYS F 245 -39.98 3.17 43.00
CA LYS F 245 -38.62 2.70 43.28
C LYS F 245 -37.67 3.85 43.59
N THR F 246 -36.63 3.54 44.37
CA THR F 246 -35.59 4.49 44.75
C THR F 246 -34.27 3.85 44.28
N PHE F 247 -33.28 4.68 43.94
CA PHE F 247 -32.00 4.13 43.50
C PHE F 247 -30.80 4.97 43.95
N ALA F 248 -29.62 4.38 43.92
CA ALA F 248 -28.39 5.08 44.29
C ALA F 248 -27.33 4.66 43.27
N VAL F 249 -26.64 5.65 42.72
CA VAL F 249 -25.62 5.34 41.73
C VAL F 249 -24.26 5.79 42.21
N GLN F 250 -23.26 4.92 42.06
CA GLN F 250 -21.90 5.24 42.44
C GLN F 250 -21.21 5.62 41.13
N GLY F 251 -20.91 6.91 40.99
CA GLY F 251 -20.30 7.40 39.77
C GLY F 251 -21.29 8.40 39.18
N PHE F 252 -20.78 9.56 38.77
CA PHE F 252 -21.65 10.59 38.19
C PHE F 252 -21.03 11.11 36.89
N GLY F 253 -20.54 10.17 36.08
CA GLY F 253 -19.95 10.50 34.80
C GLY F 253 -20.88 10.09 33.66
N ASN F 254 -20.30 9.77 32.50
CA ASN F 254 -21.11 9.38 31.35
C ASN F 254 -22.12 8.26 31.63
N VAL F 255 -21.73 7.26 32.42
CA VAL F 255 -22.64 6.16 32.74
C VAL F 255 -23.62 6.60 33.82
N GLY F 256 -23.07 6.92 34.99
CA GLY F 256 -23.86 7.34 36.13
C GLY F 256 -24.84 8.47 35.90
N LEU F 257 -24.37 9.58 35.32
CA LEU F 257 -25.24 10.72 35.07
C LEU F 257 -26.45 10.36 34.22
N HIS F 258 -26.22 9.63 33.13
CA HIS F 258 -27.34 9.30 32.27
C HIS F 258 -28.24 8.19 32.78
N SER F 259 -27.66 7.26 33.54
CA SER F 259 -28.45 6.15 34.09
C SER F 259 -29.47 6.82 35.02
N MET F 260 -28.96 7.76 35.79
CA MET F 260 -29.75 8.54 36.73
C MET F 260 -30.80 9.36 35.99
N ARG F 261 -30.41 10.05 34.91
CA ARG F 261 -31.37 10.85 34.16
C ARG F 261 -32.55 10.00 33.67
N TYR F 262 -32.24 8.85 33.06
CA TYR F 262 -33.31 8.01 32.52
C TYR F 262 -34.20 7.34 33.59
N LEU F 263 -33.63 6.85 34.69
CA LEU F 263 -34.46 6.25 35.72
C LEU F 263 -35.39 7.30 36.33
N HIS F 264 -34.87 8.50 36.54
CA HIS F 264 -35.65 9.58 37.12
C HIS F 264 -36.81 9.98 36.22
N ARG F 265 -36.61 9.83 34.92
CA ARG F 265 -37.65 10.15 33.95
C ARG F 265 -38.89 9.28 34.07
N PHE F 266 -38.70 8.01 34.35
CA PHE F 266 -39.83 7.11 34.44
C PHE F 266 -40.40 6.90 35.86
N GLY F 267 -40.19 7.90 36.73
CA GLY F 267 -40.74 7.82 38.07
C GLY F 267 -39.88 7.40 39.25
N ALA F 268 -38.76 6.73 38.97
CA ALA F 268 -37.87 6.32 40.04
C ALA F 268 -37.20 7.57 40.61
N LYS F 269 -36.95 7.59 41.91
CA LYS F 269 -36.30 8.76 42.50
C LYS F 269 -34.91 8.41 43.02
N CYS F 270 -33.94 9.25 42.66
CA CYS F 270 -32.55 9.05 43.06
C CYS F 270 -32.35 9.50 44.48
N VAL F 271 -31.94 8.56 45.32
CA VAL F 271 -31.74 8.82 46.72
C VAL F 271 -30.30 9.18 47.09
N ALA F 272 -29.35 8.81 46.26
CA ALA F 272 -27.96 9.14 46.56
C ALA F 272 -27.02 8.98 45.37
N VAL F 273 -26.08 9.93 45.26
CA VAL F 273 -25.10 9.95 44.18
C VAL F 273 -23.72 9.93 44.79
N GLY F 274 -22.86 9.04 44.30
CA GLY F 274 -21.53 8.97 44.85
C GLY F 274 -20.40 9.28 43.89
N GLU F 275 -19.28 9.73 44.45
CA GLU F 275 -18.09 10.04 43.70
C GLU F 275 -16.85 9.64 44.51
N SER F 276 -15.66 9.93 43.97
CA SER F 276 -14.42 9.59 44.66
C SER F 276 -14.20 10.38 45.95
N ASP F 277 -14.67 11.63 45.98
CA ASP F 277 -14.53 12.48 47.16
C ASP F 277 -15.42 11.91 48.26
N GLY F 278 -16.63 11.52 47.87
CA GLY F 278 -17.60 10.99 48.79
C GLY F 278 -18.96 10.94 48.12
N SER F 279 -20.03 11.04 48.88
CA SER F 279 -21.38 10.98 48.30
C SER F 279 -22.34 11.96 48.99
N ILE F 280 -23.55 12.05 48.47
CA ILE F 280 -24.58 12.91 49.04
C ILE F 280 -25.85 12.07 49.17
N TRP F 281 -26.84 12.55 49.91
CA TRP F 281 -28.07 11.77 50.15
C TRP F 281 -29.30 12.63 50.46
N ASN F 282 -30.47 12.11 50.12
CA ASN F 282 -31.75 12.77 50.37
C ASN F 282 -32.85 11.77 50.07
N PRO F 283 -33.58 11.32 51.11
CA PRO F 283 -34.67 10.37 50.93
C PRO F 283 -35.83 10.82 50.03
N ASP F 284 -35.97 12.12 49.83
CA ASP F 284 -37.06 12.62 48.98
C ASP F 284 -36.64 12.68 47.53
N GLY F 285 -35.41 12.26 47.27
CA GLY F 285 -34.91 12.29 45.90
C GLY F 285 -34.07 13.50 45.56
N ILE F 286 -33.26 13.32 44.53
CA ILE F 286 -32.39 14.36 44.04
C ILE F 286 -32.67 14.47 42.56
N ASP F 287 -32.73 15.70 42.05
CA ASP F 287 -33.01 15.91 40.64
C ASP F 287 -31.73 15.88 39.81
N PRO F 288 -31.71 15.04 38.75
CA PRO F 288 -30.54 14.92 37.88
C PRO F 288 -30.08 16.23 37.21
N LYS F 289 -31.02 17.04 36.74
CA LYS F 289 -30.64 18.30 36.09
C LYS F 289 -29.96 19.29 37.03
N GLU F 290 -30.52 19.49 38.23
CA GLU F 290 -29.92 20.42 39.18
C GLU F 290 -28.53 19.96 39.61
N LEU F 291 -28.41 18.66 39.93
CA LEU F 291 -27.15 18.06 40.38
C LEU F 291 -26.06 18.23 39.31
N GLU F 292 -26.44 18.11 38.04
CA GLU F 292 -25.49 18.25 36.96
C GLU F 292 -24.98 19.69 36.85
N ASP F 293 -25.86 20.67 37.10
CA ASP F 293 -25.46 22.07 37.04
C ASP F 293 -24.47 22.37 38.17
N PHE F 294 -24.81 21.93 39.37
CA PHE F 294 -23.96 22.18 40.53
C PHE F 294 -22.57 21.60 40.23
N LYS F 295 -22.54 20.35 39.82
CA LYS F 295 -21.30 19.65 39.47
C LYS F 295 -20.53 20.39 38.39
N LEU F 296 -21.24 20.86 37.38
CA LEU F 296 -20.67 21.59 36.26
C LEU F 296 -19.98 22.88 36.69
N GLN F 297 -20.64 23.64 37.55
CA GLN F 297 -20.08 24.90 38.01
C GLN F 297 -19.07 24.77 39.15
N HIS F 298 -19.24 23.79 40.03
CA HIS F 298 -18.33 23.61 41.17
C HIS F 298 -17.32 22.48 41.09
N GLY F 299 -17.42 21.64 40.06
CA GLY F 299 -16.49 20.55 39.91
C GLY F 299 -16.66 19.39 40.90
N THR F 300 -17.71 19.44 41.70
CA THR F 300 -17.98 18.37 42.67
C THR F 300 -19.44 18.35 43.09
N ILE F 301 -19.95 17.17 43.43
CA ILE F 301 -21.34 17.04 43.85
C ILE F 301 -21.50 17.37 45.32
N LEU F 302 -20.41 17.21 46.06
CA LEU F 302 -20.42 17.47 47.49
C LEU F 302 -20.68 18.93 47.79
N GLY F 303 -21.65 19.17 48.66
CA GLY F 303 -21.99 20.54 49.03
C GLY F 303 -23.26 20.96 48.31
N PHE F 304 -23.87 20.04 47.59
CA PHE F 304 -25.11 20.33 46.86
C PHE F 304 -26.20 20.76 47.86
N PRO F 305 -26.82 21.92 47.62
CA PRO F 305 -27.86 22.38 48.53
C PRO F 305 -29.09 21.50 48.77
N LYS F 306 -29.70 20.93 47.72
CA LYS F 306 -30.89 20.11 47.94
C LYS F 306 -30.59 18.66 48.38
N ALA F 307 -29.49 18.47 49.11
CA ALA F 307 -29.11 17.17 49.63
C ALA F 307 -28.06 17.33 50.73
N LYS F 308 -27.74 16.24 51.42
CA LYS F 308 -26.73 16.29 52.50
C LYS F 308 -25.55 15.37 52.25
N ILE F 309 -24.36 15.80 52.69
CA ILE F 309 -23.16 14.99 52.53
C ILE F 309 -23.29 13.69 53.35
N TYR F 310 -23.45 12.57 52.65
CA TYR F 310 -23.62 11.25 53.27
C TYR F 310 -22.29 10.72 53.75
N GLU F 311 -22.32 10.06 54.90
CA GLU F 311 -21.10 9.50 55.46
C GLU F 311 -21.32 8.02 55.76
N GLY F 312 -21.03 7.17 54.78
CA GLY F 312 -21.22 5.74 54.98
C GLY F 312 -21.36 4.87 53.75
N SER F 313 -20.42 4.98 52.82
CA SER F 313 -20.42 4.17 51.60
C SER F 313 -21.73 4.17 50.82
N ILE F 314 -21.72 4.83 49.67
CA ILE F 314 -22.85 4.94 48.77
C ILE F 314 -23.45 3.58 48.41
N LEU F 315 -22.63 2.54 48.45
CA LEU F 315 -23.06 1.17 48.12
C LEU F 315 -23.95 0.54 49.20
N GLU F 316 -23.82 1.02 50.44
CA GLU F 316 -24.59 0.49 51.56
C GLU F 316 -25.86 1.28 51.87
N VAL F 317 -26.07 2.37 51.15
CA VAL F 317 -27.27 3.18 51.38
C VAL F 317 -28.53 2.33 51.22
N ASP F 318 -29.64 2.82 51.77
CA ASP F 318 -30.91 2.10 51.70
C ASP F 318 -31.68 2.51 50.44
N CYS F 319 -31.94 1.54 49.59
CA CYS F 319 -32.67 1.78 48.35
C CYS F 319 -33.05 0.46 47.69
N ASP F 320 -33.93 0.58 46.70
CA ASP F 320 -34.41 -0.55 45.92
C ASP F 320 -33.37 -1.02 44.90
N ILE F 321 -32.79 -0.06 44.18
CA ILE F 321 -31.81 -0.39 43.14
C ILE F 321 -30.47 0.34 43.31
N LEU F 322 -29.38 -0.43 43.27
CA LEU F 322 -28.03 0.12 43.37
C LEU F 322 -27.30 0.00 42.04
N ILE F 323 -26.85 1.13 41.52
CA ILE F 323 -26.16 1.17 40.24
C ILE F 323 -24.67 1.57 40.34
N PRO F 324 -23.79 0.57 40.51
CA PRO F 324 -22.38 1.00 40.59
C PRO F 324 -21.93 1.36 39.16
N ALA F 325 -21.59 2.62 38.94
CA ALA F 325 -21.13 3.06 37.62
C ALA F 325 -19.79 3.76 37.72
N ALA F 326 -18.85 3.13 38.41
CA ALA F 326 -17.51 3.70 38.56
C ALA F 326 -16.47 2.71 38.04
N SER F 327 -15.65 2.17 38.93
CA SER F 327 -14.67 1.20 38.49
C SER F 327 -14.98 -0.21 39.02
N GLU F 328 -14.09 -1.14 38.70
CA GLU F 328 -14.25 -2.54 39.09
C GLU F 328 -14.01 -2.86 40.58
N LYS F 329 -14.50 -4.03 40.99
CA LYS F 329 -14.35 -4.54 42.34
C LYS F 329 -14.72 -3.54 43.45
N GLN F 330 -15.95 -3.02 43.36
CA GLN F 330 -16.47 -2.07 44.33
C GLN F 330 -17.38 -2.77 45.35
N LEU F 331 -17.84 -3.96 44.97
CA LEU F 331 -18.69 -4.80 45.81
C LEU F 331 -17.96 -6.13 46.03
N THR F 332 -17.52 -6.35 47.26
CA THR F 332 -16.77 -7.55 47.62
C THR F 332 -17.37 -8.33 48.78
N LYS F 333 -16.66 -9.36 49.24
CA LYS F 333 -17.11 -10.20 50.36
C LYS F 333 -17.36 -9.37 51.62
N SER F 334 -16.60 -8.29 51.79
CA SER F 334 -16.73 -7.45 52.96
C SER F 334 -18.01 -6.60 53.02
N ASN F 335 -18.26 -5.79 52.00
CA ASN F 335 -19.44 -4.92 52.01
C ASN F 335 -20.72 -5.56 51.47
N ALA F 336 -20.60 -6.70 50.79
CA ALA F 336 -21.77 -7.35 50.22
C ALA F 336 -22.95 -7.60 51.19
N PRO F 337 -22.69 -8.13 52.38
CA PRO F 337 -23.79 -8.40 53.31
C PRO F 337 -24.55 -7.12 53.72
N ARG F 338 -24.07 -5.96 53.27
CA ARG F 338 -24.67 -4.69 53.65
C ARG F 338 -25.29 -3.84 52.53
N VAL F 339 -25.54 -4.40 51.35
CA VAL F 339 -26.09 -3.58 50.28
C VAL F 339 -27.48 -2.92 50.45
N LYS F 340 -28.38 -3.59 51.18
CA LYS F 340 -29.73 -3.06 51.41
C LYS F 340 -30.58 -3.01 50.14
N ALA F 341 -29.94 -3.12 48.98
CA ALA F 341 -30.67 -3.08 47.71
C ALA F 341 -31.02 -4.48 47.23
N LYS F 342 -32.15 -4.61 46.57
CA LYS F 342 -32.55 -5.92 46.05
C LYS F 342 -32.02 -6.14 44.63
N ILE F 343 -31.78 -5.04 43.92
CA ILE F 343 -31.28 -5.13 42.56
C ILE F 343 -29.94 -4.40 42.37
N ILE F 344 -28.93 -5.13 41.89
CA ILE F 344 -27.63 -4.53 41.61
C ILE F 344 -27.55 -4.44 40.07
N ALA F 345 -27.62 -3.22 39.54
CA ALA F 345 -27.56 -2.98 38.10
C ALA F 345 -26.14 -2.50 37.78
N GLU F 346 -25.31 -3.41 37.28
CA GLU F 346 -23.92 -3.10 36.96
C GLU F 346 -23.70 -2.19 35.74
N GLY F 347 -23.56 -0.89 35.98
CA GLY F 347 -23.32 0.04 34.89
C GLY F 347 -21.85 -0.07 34.51
N ALA F 348 -21.00 -0.14 35.52
CA ALA F 348 -19.57 -0.27 35.31
C ALA F 348 -19.18 -1.68 34.93
N ASN F 349 -17.94 -1.85 34.48
CA ASN F 349 -17.44 -3.18 34.12
C ASN F 349 -16.81 -3.81 35.36
N GLY F 350 -17.18 -5.07 35.62
CA GLY F 350 -16.66 -5.81 36.77
C GLY F 350 -16.73 -5.16 38.14
N PRO F 351 -17.85 -4.52 38.49
CA PRO F 351 -17.91 -3.90 39.82
C PRO F 351 -18.11 -4.86 40.99
N THR F 352 -18.51 -6.10 40.73
CA THR F 352 -18.69 -7.06 41.81
C THR F 352 -17.78 -8.29 41.67
N THR F 353 -17.17 -8.68 42.79
CA THR F 353 -16.27 -9.83 42.85
C THR F 353 -17.05 -11.13 42.82
N PRO F 354 -16.38 -12.24 42.44
CA PRO F 354 -17.10 -13.52 42.41
C PRO F 354 -17.62 -13.88 43.79
N GLU F 355 -16.78 -13.65 44.79
CA GLU F 355 -17.14 -13.98 46.17
C GLU F 355 -18.33 -13.15 46.63
N ALA F 356 -18.45 -11.94 46.09
CA ALA F 356 -19.56 -11.06 46.44
C ALA F 356 -20.83 -11.56 45.74
N ASP F 357 -20.65 -12.24 44.62
CA ASP F 357 -21.77 -12.76 43.85
C ASP F 357 -22.53 -13.83 44.62
N LYS F 358 -21.80 -14.64 45.39
CA LYS F 358 -22.40 -15.69 46.19
C LYS F 358 -23.32 -15.10 47.23
N ILE F 359 -22.77 -14.20 48.03
CA ILE F 359 -23.53 -13.55 49.08
C ILE F 359 -24.80 -12.95 48.48
N PHE F 360 -24.68 -12.39 47.28
CA PHE F 360 -25.83 -11.80 46.60
C PHE F 360 -26.87 -12.85 46.18
N LEU F 361 -26.40 -14.06 45.85
CA LEU F 361 -27.31 -15.14 45.45
C LEU F 361 -28.05 -15.67 46.68
N GLU F 362 -27.34 -15.70 47.82
CA GLU F 362 -27.94 -16.16 49.06
C GLU F 362 -28.96 -15.13 49.58
N ARG F 363 -28.54 -13.87 49.70
CA ARG F 363 -29.47 -12.86 50.20
C ARG F 363 -30.60 -12.57 49.21
N ASN F 364 -30.70 -13.39 48.16
CA ASN F 364 -31.71 -13.21 47.11
C ASN F 364 -31.71 -11.83 46.44
N ILE F 365 -30.51 -11.36 46.08
CA ILE F 365 -30.32 -10.07 45.43
C ILE F 365 -30.04 -10.36 43.94
N MET F 366 -30.84 -9.78 43.05
CA MET F 366 -30.64 -10.01 41.61
C MET F 366 -29.54 -9.10 41.04
N VAL F 367 -28.51 -9.70 40.47
CA VAL F 367 -27.42 -8.92 39.87
C VAL F 367 -27.56 -8.96 38.35
N ILE F 368 -27.99 -7.84 37.77
CA ILE F 368 -28.13 -7.75 36.31
C ILE F 368 -26.70 -7.52 35.85
N PRO F 369 -26.09 -8.57 35.23
CA PRO F 369 -24.71 -8.51 34.76
C PRO F 369 -24.30 -7.42 33.76
N ASP F 370 -23.07 -6.96 33.95
CA ASP F 370 -22.47 -5.90 33.14
C ASP F 370 -22.38 -6.19 31.65
N LEU F 371 -22.07 -7.43 31.29
CA LEU F 371 -21.91 -7.78 29.88
C LEU F 371 -23.21 -7.71 29.08
N TYR F 372 -24.31 -7.42 29.78
CA TYR F 372 -25.58 -7.24 29.12
C TYR F 372 -26.07 -5.83 29.43
N LEU F 373 -26.10 -5.51 30.72
CA LEU F 373 -26.59 -4.22 31.19
C LEU F 373 -25.88 -2.96 30.67
N ASN F 374 -24.56 -2.95 30.56
CA ASN F 374 -23.93 -1.74 30.07
C ASN F 374 -23.62 -1.75 28.56
N ALA F 375 -23.97 -2.83 27.89
CA ALA F 375 -23.71 -2.95 26.46
C ALA F 375 -24.41 -1.94 25.55
N GLY F 376 -25.16 -1.00 26.13
CA GLY F 376 -25.82 0.00 25.31
C GLY F 376 -24.80 0.89 24.62
N GLY F 377 -23.65 1.06 25.24
CA GLY F 377 -22.61 1.90 24.68
C GLY F 377 -21.99 1.33 23.40
N VAL F 378 -21.62 0.04 23.45
CA VAL F 378 -21.00 -0.61 22.30
C VAL F 378 -22.02 -0.77 21.19
N THR F 379 -23.26 -1.03 21.58
CA THR F 379 -24.33 -1.19 20.61
C THR F 379 -24.46 0.07 19.78
N VAL F 380 -24.49 1.22 20.43
CA VAL F 380 -24.63 2.44 19.67
C VAL F 380 -23.29 2.79 18.99
N SER F 381 -22.18 2.27 19.51
CA SER F 381 -20.88 2.51 18.86
C SER F 381 -20.92 1.79 17.53
N TYR F 382 -21.56 0.63 17.51
CA TYR F 382 -21.71 -0.18 16.30
C TYR F 382 -22.51 0.63 15.27
N PHE F 383 -23.53 1.33 15.75
CA PHE F 383 -24.34 2.14 14.84
C PHE F 383 -23.49 3.29 14.27
N GLU F 384 -22.64 3.90 15.11
CA GLU F 384 -21.78 5.00 14.64
C GLU F 384 -20.86 4.50 13.53
N TRP F 385 -20.25 3.35 13.78
CA TRP F 385 -19.34 2.74 12.82
C TRP F 385 -20.07 2.52 11.49
N LEU F 386 -21.25 1.90 11.55
CA LEU F 386 -22.07 1.63 10.36
C LEU F 386 -22.41 2.94 9.60
N LYS F 387 -22.73 3.98 10.36
CA LYS F 387 -23.04 5.28 9.77
C LYS F 387 -21.82 5.83 8.99
N ASN F 388 -20.64 5.69 9.57
CA ASN F 388 -19.41 6.16 8.94
C ASN F 388 -19.15 5.39 7.63
N LEU F 389 -19.43 4.09 7.61
CA LEU F 389 -19.22 3.30 6.39
C LEU F 389 -20.25 3.63 5.31
N ASN F 390 -21.47 4.01 5.69
CA ASN F 390 -22.50 4.37 4.69
C ASN F 390 -22.42 5.82 4.18
N HIS F 391 -21.71 6.70 4.88
CA HIS F 391 -21.56 8.08 4.47
C HIS F 391 -22.82 8.88 4.19
N VAL F 392 -23.93 8.50 4.83
CA VAL F 392 -25.21 9.21 4.67
C VAL F 392 -25.94 9.32 5.98
N SER F 393 -26.76 10.35 6.07
CA SER F 393 -27.59 10.52 7.26
C SER F 393 -28.79 9.63 7.01
N TYR F 394 -29.05 8.73 7.94
CA TYR F 394 -30.16 7.83 7.81
C TYR F 394 -31.46 8.60 7.50
N GLY F 395 -32.19 8.13 6.48
CA GLY F 395 -33.45 8.78 6.09
C GLY F 395 -33.39 9.84 5.00
N ARG F 396 -32.26 10.55 4.90
CA ARG F 396 -32.06 11.61 3.93
C ARG F 396 -32.52 11.29 2.50
N LEU F 397 -32.28 10.08 2.03
CA LEU F 397 -32.71 9.75 0.69
C LEU F 397 -34.16 9.32 0.60
N THR F 398 -34.75 8.99 1.74
CA THR F 398 -36.12 8.47 1.74
C THR F 398 -37.27 9.22 2.40
N PHE F 399 -36.97 10.30 3.11
CA PHE F 399 -38.00 11.06 3.81
C PHE F 399 -39.22 11.43 2.97
N LYS F 400 -39.01 12.17 1.89
CA LYS F 400 -40.11 12.58 1.03
C LYS F 400 -40.81 11.39 0.41
N TYR F 401 -40.06 10.38 -0.02
CA TYR F 401 -40.69 9.23 -0.66
C TYR F 401 -41.59 8.48 0.29
N GLU F 402 -41.12 8.22 1.52
CA GLU F 402 -41.96 7.51 2.47
C GLU F 402 -43.14 8.32 2.96
N ARG F 403 -42.96 9.62 3.07
CA ARG F 403 -44.04 10.49 3.50
C ARG F 403 -45.16 10.44 2.46
N ASP F 404 -44.79 10.75 1.22
CA ASP F 404 -45.78 10.75 0.13
C ASP F 404 -46.42 9.37 0.03
N SER F 405 -45.60 8.36 0.25
CA SER F 405 -46.06 6.98 0.17
C SER F 405 -47.10 6.62 1.21
N ASN F 406 -46.86 7.00 2.46
CA ASN F 406 -47.81 6.70 3.53
C ASN F 406 -49.17 7.38 3.35
N TYR F 407 -49.15 8.61 2.81
CA TYR F 407 -50.38 9.34 2.58
C TYR F 407 -51.20 8.68 1.47
N HIS F 408 -50.53 8.15 0.45
CA HIS F 408 -51.25 7.47 -0.64
C HIS F 408 -51.78 6.12 -0.16
N LEU F 409 -51.10 5.52 0.81
CA LEU F 409 -51.52 4.23 1.36
C LEU F 409 -52.81 4.49 2.16
N LEU F 410 -52.78 5.53 2.97
CA LEU F 410 -53.90 5.92 3.79
C LEU F 410 -55.04 6.40 2.87
N MET F 411 -54.67 7.05 1.77
CA MET F 411 -55.69 7.53 0.85
C MET F 411 -56.36 6.35 0.16
N SER F 412 -55.62 5.25 0.01
CA SER F 412 -56.14 4.06 -0.62
C SER F 412 -57.24 3.41 0.22
N VAL F 413 -57.11 3.51 1.53
CA VAL F 413 -58.12 2.92 2.37
C VAL F 413 -59.30 3.90 2.41
N GLN F 414 -58.99 5.19 2.43
CA GLN F 414 -60.04 6.21 2.43
C GLN F 414 -60.90 6.08 1.17
N GLU F 415 -60.26 6.04 0.01
CA GLU F 415 -61.01 5.95 -1.23
C GLU F 415 -61.76 4.65 -1.41
N SER F 416 -61.18 3.56 -0.91
CA SER F 416 -61.81 2.25 -1.03
C SER F 416 -63.13 2.21 -0.26
N LEU F 417 -63.11 2.84 0.90
CA LEU F 417 -64.28 2.88 1.76
C LEU F 417 -65.33 3.87 1.28
N GLU F 418 -64.90 4.97 0.67
CA GLU F 418 -65.83 5.95 0.14
C GLU F 418 -66.49 5.34 -1.10
N ARG F 419 -65.73 4.48 -1.77
CA ARG F 419 -66.21 3.78 -2.96
C ARG F 419 -67.29 2.80 -2.54
N LYS F 420 -67.03 2.08 -1.45
CA LYS F 420 -68.00 1.12 -0.93
C LYS F 420 -69.20 1.83 -0.35
N PHE F 421 -69.00 2.44 0.82
CA PHE F 421 -70.05 3.19 1.51
C PHE F 421 -70.27 4.53 0.77
N GLY F 422 -70.59 4.43 -0.51
CA GLY F 422 -70.83 5.59 -1.37
C GLY F 422 -71.20 6.93 -0.76
N LYS F 423 -72.50 7.19 -0.70
CA LYS F 423 -73.03 8.44 -0.15
C LYS F 423 -73.58 8.23 1.27
N HIS F 424 -73.73 6.96 1.66
CA HIS F 424 -74.22 6.63 3.01
C HIS F 424 -73.22 7.27 4.00
N GLY F 425 -71.95 6.88 3.87
CA GLY F 425 -70.91 7.38 4.75
C GLY F 425 -70.50 8.84 4.56
N GLY F 426 -70.25 9.23 3.30
CA GLY F 426 -69.82 10.61 3.02
C GLY F 426 -68.31 10.65 2.91
N THR F 427 -67.66 11.68 3.45
CA THR F 427 -66.20 11.72 3.42
C THR F 427 -65.77 10.90 4.62
N ILE F 428 -64.75 10.08 4.43
CA ILE F 428 -64.23 9.23 5.50
C ILE F 428 -62.72 9.46 5.60
N PRO F 429 -62.34 10.61 6.19
CA PRO F 429 -60.94 11.01 6.37
C PRO F 429 -60.14 9.95 7.10
N ILE F 430 -59.08 9.49 6.46
CA ILE F 430 -58.19 8.51 7.07
C ILE F 430 -56.95 9.32 7.31
N VAL F 431 -56.73 9.66 8.57
CA VAL F 431 -55.62 10.50 8.96
C VAL F 431 -54.67 9.84 9.96
N PRO F 432 -53.40 10.20 9.93
CA PRO F 432 -52.50 9.55 10.89
C PRO F 432 -52.81 9.96 12.32
N THR F 433 -52.49 9.10 13.28
CA THR F 433 -52.67 9.44 14.68
C THR F 433 -51.49 10.37 14.93
N ALA F 434 -51.47 11.06 16.07
CA ALA F 434 -50.36 11.96 16.38
C ALA F 434 -49.03 11.22 16.35
N GLU F 435 -49.02 10.02 16.92
CA GLU F 435 -47.84 9.19 16.97
C GLU F 435 -47.36 8.78 15.58
N PHE F 436 -48.27 8.34 14.74
CA PHE F 436 -47.86 7.94 13.39
C PHE F 436 -47.44 9.17 12.57
N GLN F 437 -47.92 10.36 12.93
CA GLN F 437 -47.58 11.58 12.21
C GLN F 437 -46.08 11.86 12.36
N ASP F 438 -45.54 11.50 13.53
CA ASP F 438 -44.14 11.70 13.83
C ASP F 438 -43.27 10.65 13.19
N ARG F 439 -43.91 9.61 12.67
CA ARG F 439 -43.20 8.51 12.03
C ARG F 439 -43.53 8.49 10.54
N ILE F 440 -44.22 9.52 10.09
CA ILE F 440 -44.66 9.61 8.70
C ILE F 440 -43.60 9.59 7.61
N SER F 441 -42.45 10.19 7.86
CA SER F 441 -41.37 10.21 6.86
C SER F 441 -40.36 9.11 7.08
N GLY F 442 -40.66 8.21 7.99
CA GLY F 442 -39.73 7.12 8.25
C GLY F 442 -38.71 7.50 9.31
N ALA F 443 -37.86 6.55 9.65
CA ALA F 443 -36.86 6.73 10.68
C ALA F 443 -35.71 7.67 10.32
N SER F 444 -35.28 8.44 11.31
CA SER F 444 -34.15 9.33 11.15
C SER F 444 -33.05 8.66 11.96
N GLU F 445 -31.88 9.26 11.98
CA GLU F 445 -30.79 8.69 12.74
C GLU F 445 -31.20 8.46 14.21
N LYS F 446 -31.74 9.50 14.84
CA LYS F 446 -32.16 9.42 16.23
C LYS F 446 -33.15 8.27 16.44
N ASP F 447 -34.08 8.11 15.49
CA ASP F 447 -35.07 7.05 15.58
C ASP F 447 -34.44 5.66 15.60
N ILE F 448 -33.53 5.42 14.66
CA ILE F 448 -32.83 4.15 14.56
C ILE F 448 -32.00 3.81 15.81
N VAL F 449 -31.33 4.81 16.37
CA VAL F 449 -30.53 4.59 17.56
C VAL F 449 -31.42 4.12 18.72
N HIS F 450 -32.49 4.87 18.99
CA HIS F 450 -33.42 4.56 20.07
C HIS F 450 -34.10 3.21 19.91
N SER F 451 -34.75 3.02 18.78
CA SER F 451 -35.45 1.77 18.54
C SER F 451 -34.48 0.61 18.35
N GLY F 452 -33.30 0.88 17.82
CA GLY F 452 -32.32 -0.18 17.63
C GLY F 452 -31.79 -0.63 18.97
N LEU F 453 -31.52 0.32 19.86
CA LEU F 453 -31.02 -0.03 21.17
C LEU F 453 -32.09 -0.80 21.97
N ALA F 454 -33.29 -0.24 22.06
CA ALA F 454 -34.38 -0.90 22.80
C ALA F 454 -34.56 -2.33 22.31
N TYR F 455 -34.56 -2.50 21.00
CA TYR F 455 -34.70 -3.82 20.40
C TYR F 455 -33.61 -4.78 20.86
N THR F 456 -32.37 -4.31 20.81
CA THR F 456 -31.23 -5.13 21.20
C THR F 456 -31.29 -5.53 22.68
N MET F 457 -31.54 -4.57 23.55
CA MET F 457 -31.61 -4.86 24.98
C MET F 457 -32.74 -5.85 25.30
N GLU F 458 -33.82 -5.77 24.52
CA GLU F 458 -34.96 -6.64 24.71
C GLU F 458 -34.65 -8.04 24.18
N ARG F 459 -34.13 -8.12 22.97
CA ARG F 459 -33.81 -9.43 22.41
C ARG F 459 -32.84 -10.19 23.30
N SER F 460 -31.79 -9.52 23.78
CA SER F 460 -30.80 -10.15 24.63
C SER F 460 -31.34 -10.48 26.01
N ALA F 461 -32.26 -9.66 26.50
CA ALA F 461 -32.85 -9.90 27.82
C ALA F 461 -33.63 -11.21 27.79
N ARG F 462 -34.46 -11.40 26.77
CA ARG F 462 -35.23 -12.64 26.66
C ARG F 462 -34.29 -13.83 26.57
N GLN F 463 -33.25 -13.69 25.74
CA GLN F 463 -32.27 -14.76 25.56
C GLN F 463 -31.67 -15.18 26.88
N ILE F 464 -31.40 -14.21 27.74
CA ILE F 464 -30.84 -14.49 29.04
C ILE F 464 -31.89 -15.18 29.93
N MET F 465 -33.13 -14.70 29.91
CA MET F 465 -34.20 -15.30 30.72
C MET F 465 -34.41 -16.76 30.30
N ARG F 466 -34.52 -16.98 29.00
CA ARG F 466 -34.72 -18.33 28.47
C ARG F 466 -33.60 -19.27 28.94
N THR F 467 -32.40 -18.72 29.03
CA THR F 467 -31.24 -19.50 29.46
C THR F 467 -31.20 -19.72 30.96
N ALA F 468 -31.60 -18.71 31.72
CA ALA F 468 -31.64 -18.86 33.17
C ALA F 468 -32.66 -19.97 33.50
N MET F 469 -33.74 -20.04 32.73
CA MET F 469 -34.78 -21.05 32.92
C MET F 469 -34.30 -22.44 32.54
N LYS F 470 -33.80 -22.59 31.32
CA LYS F 470 -33.31 -23.88 30.82
C LYS F 470 -32.28 -24.56 31.73
N TYR F 471 -31.61 -23.79 32.58
CA TYR F 471 -30.61 -24.35 33.47
C TYR F 471 -30.91 -24.09 34.94
N ASN F 472 -32.11 -23.61 35.21
CA ASN F 472 -32.55 -23.31 36.57
C ASN F 472 -31.45 -22.56 37.34
N LEU F 473 -31.02 -21.44 36.78
CA LEU F 473 -29.98 -20.65 37.42
C LEU F 473 -30.55 -19.59 38.37
N GLY F 474 -31.88 -19.48 38.42
CA GLY F 474 -32.50 -18.52 39.30
C GLY F 474 -32.08 -17.09 39.05
N LEU F 475 -31.52 -16.45 40.06
CA LEU F 475 -31.08 -15.05 39.94
C LEU F 475 -29.61 -14.93 39.53
N ASP F 476 -29.08 -16.00 38.94
CA ASP F 476 -27.69 -16.01 38.49
C ASP F 476 -27.69 -15.65 36.99
N LEU F 477 -28.03 -14.40 36.72
CA LEU F 477 -28.10 -13.92 35.34
C LEU F 477 -26.73 -13.82 34.67
N ARG F 478 -25.71 -13.53 35.47
CA ARG F 478 -24.36 -13.42 34.95
C ARG F 478 -23.97 -14.70 34.25
N THR F 479 -24.19 -15.82 34.93
CA THR F 479 -23.86 -17.11 34.36
C THR F 479 -24.69 -17.38 33.12
N ALA F 480 -25.96 -16.96 33.12
CA ALA F 480 -26.81 -17.17 31.94
C ALA F 480 -26.20 -16.38 30.76
N ALA F 481 -25.71 -15.18 31.05
CA ALA F 481 -25.12 -14.32 30.04
C ALA F 481 -23.86 -14.95 29.43
N TYR F 482 -22.94 -15.42 30.28
CA TYR F 482 -21.73 -16.03 29.77
C TYR F 482 -22.05 -17.27 28.96
N VAL F 483 -23.11 -17.96 29.37
CA VAL F 483 -23.55 -19.16 28.67
C VAL F 483 -23.93 -18.78 27.25
N ASN F 484 -24.75 -17.73 27.13
CA ASN F 484 -25.19 -17.26 25.82
C ASN F 484 -23.99 -16.82 24.98
N ALA F 485 -23.09 -16.08 25.63
CA ALA F 485 -21.89 -15.57 24.97
C ALA F 485 -20.94 -16.66 24.47
N ILE F 486 -20.65 -17.64 25.32
CA ILE F 486 -19.76 -18.72 24.92
C ILE F 486 -20.40 -19.46 23.75
N GLU F 487 -21.71 -19.62 23.79
CA GLU F 487 -22.44 -20.29 22.72
C GLU F 487 -22.21 -19.57 21.39
N LYS F 488 -22.39 -18.26 21.40
CA LYS F 488 -22.21 -17.49 20.16
C LYS F 488 -20.77 -17.41 19.67
N VAL F 489 -19.80 -17.23 20.56
CA VAL F 489 -18.41 -17.18 20.13
C VAL F 489 -18.01 -18.54 19.62
N PHE F 490 -18.65 -19.56 20.19
CA PHE F 490 -18.38 -20.94 19.81
C PHE F 490 -18.67 -21.20 18.34
N ARG F 491 -19.83 -20.74 17.88
CA ARG F 491 -20.28 -20.92 16.51
C ARG F 491 -19.32 -20.53 15.39
N VAL F 492 -18.46 -19.54 15.63
CA VAL F 492 -17.51 -19.15 14.59
C VAL F 492 -16.34 -20.10 14.64
N TYR F 493 -16.08 -20.69 15.82
CA TYR F 493 -14.99 -21.64 15.94
C TYR F 493 -15.40 -23.03 15.48
N ASN F 494 -16.66 -23.38 15.69
CA ASN F 494 -17.12 -24.72 15.31
C ASN F 494 -16.89 -25.00 13.84
N GLU F 495 -17.83 -24.56 13.02
CA GLU F 495 -17.77 -24.72 11.57
C GLU F 495 -16.58 -25.46 10.93
N ALA F 496 -16.87 -26.49 10.13
CA ALA F 496 -15.87 -27.30 9.42
C ALA F 496 -14.84 -26.47 8.65
N GLY F 497 -13.59 -26.89 8.75
CA GLY F 497 -12.52 -26.17 8.09
C GLY F 497 -11.98 -25.24 9.14
N VAL F 498 -12.87 -24.49 9.79
CA VAL F 498 -12.45 -23.55 10.82
C VAL F 498 -11.62 -24.26 11.92
N THR F 499 -12.24 -25.02 12.83
CA THR F 499 -11.48 -25.78 13.83
C THR F 499 -11.17 -27.13 13.18
N PHE F 500 -11.26 -27.13 11.84
CA PHE F 500 -11.05 -28.30 10.99
C PHE F 500 -12.20 -29.29 11.11
N THR F 501 -12.42 -30.08 10.06
CA THR F 501 -13.54 -31.03 10.09
C THR F 501 -13.59 -31.84 11.40
#